data_6HLR
#
_entry.id   6HLR
#
_cell.length_a   1.00
_cell.length_b   1.00
_cell.length_c   1.00
_cell.angle_alpha   90.00
_cell.angle_beta   90.00
_cell.angle_gamma   90.00
#
_symmetry.space_group_name_H-M   'P 1'
#
loop_
_entity.id
_entity.type
_entity.pdbx_description
1 polymer 'DNA-directed RNA polymerase I subunit RPA190'
2 polymer 'DNA-directed RNA polymerase I subunit RPA135'
3 polymer 'DNA-directed RNA polymerases I and III subunit RPAC1'
4 polymer 'DNA-directed RNA polymerase I subunit RPA14'
5 polymer 'DNA-directed RNA polymerases I, II, and III subunit RPABC1'
6 polymer 'DNA-directed RNA polymerases I, II, and III subunit RPABC2'
7 polymer 'DNA-directed RNA polymerase I subunit RPA43'
8 polymer 'DNA-directed RNA polymerases I, II, and III subunit RPABC3'
9 polymer 'DNA-directed RNA polymerase I subunit RPA12'
10 polymer 'DNA-directed RNA polymerases I, II, and III subunit RPABC5'
11 polymer 'DNA-directed RNA polymerases I and III subunit RPAC2'
12 polymer 'DNA-directed RNA polymerases I, II, and III subunit RPABC4'
13 polymer RNA
14 polymer 'Non-template strand'
15 polymer 'Template strand'
16 non-polymer 'MAGNESIUM ION'
17 non-polymer 'ZINC ION'
18 non-polymer 'PHOSPHOMETHYLPHOSPHONIC ACID GUANYLATE ESTER'
#
loop_
_entity_poly.entity_id
_entity_poly.type
_entity_poly.pdbx_seq_one_letter_code
_entity_poly.pdbx_strand_id
1 'polypeptide(L)'
;MDISKPVGSEITSVDFGILTAKEIRNLSAKQITNPTVLDNLGHPVSGGLYDLALGAFLRNLCSTCGLDEKFCPGHQGHIE
LPVPCYNPLFFNQLYIYLRASCLFCHHFRLKSVEVHRYACKLRLLQYGLIDESYKLDEITLGSLNSSMYTDDEAIEDNED
EMDGEGSKQSKDISSTLLNELKSKRSEYVDMAIAKALSDGRTTERGSFTATVNDERKKLVHEFHKKLLSRGKCDNCGMFS
PKFRKDGFTKIFETALNEKQITNNRVKGFIRQDMIKKQKQAKKLDGSNEASANDEESFDVGRNPTTRPKTGSTYILSTEV
KNILDTVFRKEQCVLQYVFHSRPNLSRKLVKADSFFMDVLVVPPTRFRLPSKLGEEVHENSQNQLLSKVLTTSLLIRDLN
DDLSKLQKDKVSLEDRRVIFSRLMNAFVTIQNDVNAFIDSTKAQGRTSGKVPIPGVKQALEKKEGLFRKHMMGKRVNYAA
RSVISPDPNIETNEIGVPPVFAVKLTYPEPVTAYNIAELRQAVINGPDKWPGATQIQNEDGSLVSLIGMSVEQRKALANQ
LLTPSSNVSTHTLNKKVYRHIKNRDVVLMNRQPTLHKASMMGHKVRVLPNEKTLRLHYANTGAYNADFDGDEMNMHFPQN
ENARAEALNLANTDSQYLTPTSGSPVRGLIQDHISAGVWLTSKDSFFTREQYQQYIYGCIRPEDGHTTRSKIVTLPPTIF
KPYPLWTGKQIITTVLLNVTPPDMPGINLISKNKIKNEYWGKGSLENEVLFKDGALLCGILDKSQYGASKYGIVHSLHEV
YGPEVAAKVLSVLGRLFTNYITATAFTCGMDDLRLTAEGNKWRTDILKTSVDTGREAAAEVTNLDKDTPADDPELLKRLQ
EILRDNNKSGILDAVTSSKVNAITSQVVSKCVPDGTMKKFPCNSMQAMALSGAKGSNVNVSQIMCLLGQQALEGRRVPVM
VSGKTLPSFKPYETDAMAGGYVKGRFYSGIKPQEYYFHCMAGREGLIDTAVKTSRSGYLQRCLTKQLEGVHVSYDNSIRD
ADGTLVQFMYGGDAIDITKESHMTQFEFCLDNYYALLKKYNPSALIEHLDVESALKYSKKTLKYRKKHSKEPHYKQSVKY
DPVLAKYNPAKYLGSVSENFQDKLESFLDKNSKLFKSSDGVNEKKFRALMQLKYMRSLINPGEAVGIIASQSVGEPSTQM
TLNTFHFAGHGAANVTLGIPRLREIVMTASAAIKTPQMTLPIWNDVSDEQADTFCKSISKVLLSEVIDKVIVTETTGTSN
TAGGNAARSYVIHMRFFDNNEYSEEYDVSKEELQNVISNQFIHLLEAAIVKEIKKQKRTTGPDIGVAVPRLQTDVANSSS
NSKRLEEDNDEEQSHKKTKQAVSYDEPDEDEIETMREAEKSSDEEGIDSDKESDSDSEDEDVDMNEQINKSIVEANNNMN
KVQRDRQSAIISHHRFITKYNFDDESGKWCEFKLELAADTEKLLMVNIVEEICRKSIIRQIPHIDRCVHPEPENGKRVLV
TEGVNFQAMWDQEAFIDVDGITSNDVAAVLKTYGVEAARNTIVNEINNVFSRYAISVSFRHLDLIADMMTRQGTYLAFNR
QGMETSTSSFMKMSYETTCQFLTKAVLDNEREQLDSPSARIVVGKLNNVGTGSFDVLAKVPNAA
;
A
2 'polypeptide(L)'
;MSKVIKPPGQARTADFRTLERESRFINPPKDKSAFPLLQEAVQPHIGSFNALTEGPDGGLLNLGVKDIGEKVIFDGKPLN
SEDEISNSGYLGNKLSVSVEQVSIAKPMSNDGVSSAVERKVYPSESRQRLTSYRGKLLLKLKWSVNNGEENLFEVRDCGG
LPVMLQSNRCHLNKMSPYELVQHKEESDEIGGYFIVNGIEKLIRMLIVQRRNHPMAIIRPSFANRGASYSHYGIQIRSVR
PDQTSQTNVLHYLNDGQVTFRFSWRKNEYLVPVVMILKALCHTSDREIFDGIIGNDVKDSFLTDRLELLLRGFKKRYPHL
QNRTQVLQYLGDKFRVVFQASPDQSDLEVGQEVLDRIVLVHLGKDGSQDKFRMLLFMIRKLYSLVAGECSPDNPDATQHQ
EVLLGGFLYGMILKEKIDEYLQNIIAQVRMDINRGMAINFKDKRYMSRVLMRVNENIGSKMQYFLSTGNLVSQSGLDLQQ
VSGYTVVAEKINFYRFISHFRMVHRGSFFAQLKTTTVRKLLPESWGFLCPVHTPDGSPCGLLNHFAHKCRISTQQSDVSR
IPSILYSLGVAPASHTFAAGPSLCCVQIDGKIIGWVSHEQGKIIADTLRYWKVEGKTPGLPIDLEIGYVPPSTRGQYPGL
YLFGGHSRMLRPVRYLPLDKEDIVGPFEQVYMNIAVTPQEIQNNVHTHVEFTPTNILSILANLTPFSDFNQSPRNMYQCQ
MGKQTMGTPGVALCHRSDNKLYRLQTGQTPIVKANLYDDYGMDNFPNGFNAVVAVISYTGYDMDDAMIINKSADERGFGY
GTMYKTEKVDLALNRNRGDPITQHFGFGNDEWPKEWLEKLDEDGLPYIGTYVEEGDPICAYFDDTLNKTKIKTYHSSEPA
YIEEVNLIGDESNKFQELQTVSIKYRIRRTPQIGDKFSSRHGQKGVCSRKWPTIDMPFSETGIQPDIIINPHAFPSRMTI
GMFVESLAGKAGALHGIAQDSTPWIFNEDDTPADYFGEQLAKAGYNYHGNEPMYSGATGEELRADIYVGVVYYQRLRHMV
NDKFQVRSTGPVNSLTMQPVKGRKRHGGIRVGEMERDALIGHGTSFLLQDRLLNSSDYTQASVCRECGSILTTQQSVPRI
GSISTVCCRRCSMRFEDAKKLLTKSEDGEKIFIDDSQIWEDGQGNKFVGGNETTTVAIPFVLKYLDSELSAMGIRLRYNV
EPK
;
B
3 'polypeptide(L)'
;MSNIVGIEYNRVTNTTSTDFPGFSKDAENEWNVEKFKKDFEVNISSLDAREANFDLINIDTSIANAFRRIMISEVPSVAA
EYVYFFNNTSVIQDEVLAHRIGLVPLKVDPDMLTWVDSNLPDDEKFTDENTIVLSLNVKCTRNPDAPKGSTDPKELYNNA
HVYARDLKFEPQGRQSTTFADCPVVPADPDILLAKLRPGQEISLKAHCILGIGGDHAKFSPVSTASYRLLPQINILQPIK
GESARRFQKCFPPGVIGIDEGSDEAYVKDARKDTVSREVLRYEEFADKVKLGRVRNHFIFNVESAGAMTPEEIFFKSVRI
LKNKAEYLKNCPITQ
;
C
4 'polypeptide(L)'
;MMKGSRRTGNNTATTLNTPVVIHATQLPQHVSTDEVLQFLESFIDEKENIIDSTTMNTISGNAADADAAAVANTSLNIDT
NLSSSISQLKRIQRDFKGLPPAQDFSAAPIQVSTTEKKETSIGVSATGGKKTTFADE
;
D
5 'polypeptide(L)'
;MDQENERNISRLWRAFRTVKEMVKDRGYFITQEEVELPLEDFKAKYCDSMGRPQRKMMSFQANPTEESISKFPDMGSLWV
EFCDEPSVGVKTMKTFVIHIQEKNFQTGIFVYQNNITPSAMKLVPSIPPATIETFNEAALVVNITHHELVPKHIRLSSDE
KRELLKRYRLKESQLPRIQRADPVALYLGLKRGEVVKIIRKSETSGRYASYRICM
;
E
6 'polypeptide(L)'
;MSDYEEAFNDGNENFEDFDVEHFSDEETYEEKPQFKDGETTDANGKTIVTGGNGPEDFQQHEQIRRKTLKEKAIPKDQRA
TTPYMTKYERARILGTRALQISMNAPVFVDLEGETDPLRIAMKELAEKKIPLVIRRYLPDGSFEDWSVEELIVDL
;
F
7 'polypeptide(L)'
;MSQVKRANENRETARFIKKHKKQVTNPIDEKNGTSNCIVRVPIALYVSLAPMYLENPLQGVMKQHLNPLVMKYNNKVGGV
VLGYEGLKILDADPLSKEDTSEKLIKITPDTPFGFTWCHVNLYVWQPQVGDVLEGYIFIQSASHIGLLIHDAFNASIKKN
NIPVDWTFVHNDVEEDADVINTDENNGNNNNEDNKDSNGGSNSLGKFSFGNRSLGHWVDSNGEPIDGKLRFTVRNVHTTG
RVVSVDGTLISDADEEGNGYNSSRSQAESLPIVSNKKIVFDDEVSIENKESHKELDLPEVKEDNGSEIVYEENTSESNDG
ESSDSD
;
G
8 'polypeptide(L)'
;MSNTLFDDIFQVSEVDPGRYNKVCRIEAASTTQDQCKLTLDINVELFPVAAQDSLTVTIASSLNLEDTPANDSSATRSWR
PPQAGDRSLADDYDYVMYGTAYKFEEVSKDLIAVYYSFGGLLMRLEGNYRNLNNLKQENAYLLIRR
;
H
9 'polypeptide(L)'
;MSVVGSLIFCLDCGDLLENPNAVLGSNVECSQCKAIYPKSQFSNLKVVTTTADDAFPSSLRAKKSVVKTSLKKNELKDGA
TIKEKCPQCGNEEMNYHTLQLRSADEGATVFYTCTSCGYKFRTNN
;
I
10 'polypeptide(L)' MIVPVRCFSCGKVVGDKWESYLNLLQEDELDEGTALSRLGLKRYCCRRMILTHVDLIEKFLRYNPLEKRD J
11 'polypeptide(L)'
;MTEDIEQKKTATEVTPQEPKHIQEEEEQDVDMTGDEEQEEEPDREKIKLLTQATSEDGTSASFQIVEEDHTLGNALRYVI
MKNPDVEFCGYSIPHPSENLLNIRIQTYGETTAVDALQKGLKDLMDLCDVVESKFTEKIKSM
;
K
12 'polypeptide(L)' MSREGFQIPTNLDAAAAGTSQARTATLKYICAECSSKLSLSRTDAVRCKDCGHRILLKARTKRLVQFEAR L
13 'polyribonucleotide' UAUAUGCAUAAAGACCAGGC R
14 'polydeoxyribonucleotide'
;(DG)(DG)(DC)(DA)(DG)(DT)(DA)(DC)(DT)(DA)(DG)(DT)(DA)(DA)(DA)(DC)(DT)(DA)(DG)(DT)
(DA)(DT)(DT)(DG)(DA)(DA)(DA)(DG)(DT)(DA)(DC)(DT)(DT)(DG)(DA)(DC)(DT)(DT)
;
S
15 'polydeoxyribonucleotide'
;(DA)(DA)(DG)(DT)(DC)(DA)(DA)(DG)(DT)(DA)(DC)(DT)(DT)(DA)(DC)(DG)(DC)(DC)(DT)(DG)
(DG)(DT)(DC)(DA)(DT)(DT)(DA)(DC)(DT)(DA)(DG)(DT)(DA)(DC)(DT)(DG)(DC)(DC)
;
T
#
# COMPACT_ATOMS: atom_id res chain seq x y z
N MET A 1 22.35 -3.92 -19.60
CA MET A 1 22.24 -4.07 -21.04
C MET A 1 23.07 -3.01 -21.73
N ASP A 2 23.89 -3.46 -22.66
CA ASP A 2 24.68 -2.58 -23.51
C ASP A 2 23.97 -2.49 -24.85
N ILE A 3 23.70 -1.27 -25.31
CA ILE A 3 23.10 -1.11 -26.64
C ILE A 3 24.10 -1.43 -27.72
N SER A 4 25.38 -1.46 -27.38
CA SER A 4 26.45 -1.78 -28.30
C SER A 4 26.83 -3.25 -28.24
N LYS A 5 26.02 -4.08 -27.59
CA LYS A 5 26.19 -5.53 -27.60
C LYS A 5 24.84 -6.14 -27.95
N PRO A 6 24.54 -6.23 -29.24
CA PRO A 6 23.27 -6.83 -29.65
C PRO A 6 23.29 -8.33 -29.43
N VAL A 7 22.11 -8.92 -29.46
CA VAL A 7 21.99 -10.35 -29.30
C VAL A 7 21.18 -10.87 -30.49
N GLY A 8 21.53 -12.06 -30.96
CA GLY A 8 21.09 -12.52 -32.26
C GLY A 8 19.79 -13.28 -32.30
N SER A 9 19.68 -14.28 -31.44
CA SER A 9 18.50 -15.14 -31.41
C SER A 9 17.49 -14.59 -30.41
N GLU A 10 16.28 -15.16 -30.44
CA GLU A 10 15.17 -14.75 -29.58
C GLU A 10 14.39 -15.99 -29.19
N ILE A 11 14.02 -16.10 -27.91
CA ILE A 11 13.07 -17.15 -27.54
C ILE A 11 11.69 -16.78 -28.06
N THR A 12 11.18 -17.60 -28.97
CA THR A 12 9.85 -17.36 -29.52
C THR A 12 8.77 -18.08 -28.71
N SER A 13 9.05 -19.29 -28.23
CA SER A 13 8.09 -20.07 -27.47
C SER A 13 8.82 -20.86 -26.40
N VAL A 14 8.04 -21.43 -25.48
CA VAL A 14 8.51 -22.48 -24.58
C VAL A 14 7.45 -23.56 -24.59
N ASP A 15 7.82 -24.73 -24.09
CA ASP A 15 6.85 -25.78 -23.81
C ASP A 15 7.36 -26.65 -22.67
N PHE A 16 6.42 -27.33 -22.04
CA PHE A 16 6.65 -28.04 -20.79
C PHE A 16 6.71 -29.54 -21.07
N GLY A 17 7.66 -30.21 -20.41
CA GLY A 17 7.82 -31.64 -20.57
C GLY A 17 8.50 -32.16 -19.32
N ILE A 18 8.64 -33.48 -19.26
CA ILE A 18 9.17 -34.15 -18.08
C ILE A 18 10.53 -34.73 -18.42
N LEU A 19 11.52 -34.49 -17.55
CA LEU A 19 12.82 -35.12 -17.71
C LEU A 19 12.70 -36.61 -17.54
N THR A 20 13.00 -37.36 -18.59
CA THR A 20 13.19 -38.79 -18.42
C THR A 20 14.55 -39.05 -17.80
N ALA A 21 14.72 -40.25 -17.25
CA ALA A 21 15.95 -40.57 -16.54
C ALA A 21 17.14 -40.78 -17.47
N LYS A 22 16.90 -41.07 -18.75
CA LYS A 22 18.01 -41.25 -19.68
C LYS A 22 18.64 -39.91 -20.06
N GLU A 23 17.84 -38.85 -20.08
CA GLU A 23 18.37 -37.52 -20.35
C GLU A 23 19.25 -37.02 -19.21
N ILE A 24 18.84 -37.24 -17.96
CA ILE A 24 19.56 -36.70 -16.81
C ILE A 24 20.62 -37.65 -16.30
N ARG A 25 21.03 -38.60 -17.14
CA ARG A 25 22.31 -39.26 -17.01
C ARG A 25 23.29 -38.84 -18.11
N ASN A 26 22.78 -38.28 -19.20
CA ASN A 26 23.61 -37.70 -20.26
C ASN A 26 23.86 -36.21 -20.02
N LEU A 27 22.83 -35.50 -19.56
CA LEU A 27 22.94 -34.11 -19.14
C LEU A 27 23.93 -33.92 -18.00
N SER A 28 24.09 -34.93 -17.15
CA SER A 28 24.72 -34.77 -15.85
C SER A 28 26.20 -34.48 -15.94
N ALA A 29 26.70 -33.78 -14.93
CA ALA A 29 28.13 -33.56 -14.79
C ALA A 29 28.80 -34.69 -14.02
N LYS A 30 28.21 -35.11 -12.90
CA LYS A 30 28.80 -36.16 -12.07
C LYS A 30 27.73 -36.70 -11.14
N GLN A 31 27.59 -38.02 -11.05
CA GLN A 31 26.65 -38.58 -10.09
C GLN A 31 27.27 -38.41 -8.72
N ILE A 32 26.52 -37.82 -7.81
CA ILE A 32 27.00 -37.55 -6.47
C ILE A 32 26.38 -38.56 -5.52
N THR A 33 27.19 -39.07 -4.59
CA THR A 33 26.84 -40.30 -3.90
C THR A 33 27.02 -40.30 -2.39
N ASN A 34 27.86 -39.44 -1.79
CA ASN A 34 27.95 -39.62 -0.34
C ASN A 34 27.32 -38.46 0.41
N PRO A 35 26.64 -38.73 1.55
CA PRO A 35 25.91 -37.66 2.23
C PRO A 35 26.75 -36.85 3.20
N THR A 36 27.95 -36.47 2.78
CA THR A 36 28.80 -35.54 3.51
C THR A 36 29.13 -34.38 2.59
N VAL A 37 28.91 -33.17 3.07
CA VAL A 37 28.88 -32.02 2.16
C VAL A 37 30.28 -31.48 1.92
N LEU A 38 31.04 -31.26 2.99
CA LEU A 38 32.44 -30.86 2.86
C LEU A 38 33.17 -31.35 4.10
N ASP A 39 34.41 -31.78 3.90
CA ASP A 39 35.18 -32.42 4.98
C ASP A 39 35.96 -31.35 5.74
N ASN A 40 36.95 -31.78 6.52
CA ASN A 40 37.79 -30.87 7.28
C ASN A 40 38.65 -30.03 6.35
N LEU A 41 39.10 -28.88 6.88
CA LEU A 41 39.81 -27.82 6.16
C LEU A 41 38.96 -27.26 4.99
N GLY A 42 37.64 -27.35 5.14
CA GLY A 42 36.70 -26.68 4.25
C GLY A 42 36.72 -27.14 2.81
N HIS A 43 37.17 -28.36 2.53
CA HIS A 43 37.21 -28.69 1.12
C HIS A 43 35.95 -29.46 0.72
N PRO A 44 35.37 -29.16 -0.45
CA PRO A 44 34.24 -29.96 -0.93
C PRO A 44 34.71 -31.32 -1.39
N VAL A 45 34.19 -32.37 -0.75
CA VAL A 45 34.64 -33.73 -0.99
C VAL A 45 34.11 -34.21 -2.34
N SER A 46 34.93 -34.98 -3.06
CA SER A 46 34.59 -35.43 -4.40
C SER A 46 33.50 -36.49 -4.34
N GLY A 47 32.38 -36.21 -4.99
CA GLY A 47 31.21 -37.09 -4.93
C GLY A 47 30.12 -36.60 -4.00
N GLY A 48 30.30 -35.47 -3.34
CA GLY A 48 29.32 -34.94 -2.42
C GLY A 48 28.42 -33.92 -3.07
N LEU A 49 27.59 -33.29 -2.23
CA LEU A 49 26.67 -32.27 -2.71
C LEU A 49 27.41 -31.05 -3.22
N TYR A 50 28.47 -30.65 -2.53
CA TYR A 50 29.42 -29.69 -3.06
C TYR A 50 30.54 -30.49 -3.71
N ASP A 51 30.60 -30.42 -5.04
CA ASP A 51 31.65 -31.06 -5.80
C ASP A 51 32.18 -30.03 -6.78
N LEU A 52 33.44 -30.18 -7.17
CA LEU A 52 33.99 -29.26 -8.16
C LEU A 52 33.53 -29.57 -9.57
N ALA A 53 32.89 -30.71 -9.78
CA ALA A 53 32.30 -31.01 -11.08
C ALA A 53 30.96 -30.34 -11.28
N LEU A 54 30.32 -29.87 -10.21
CA LEU A 54 29.02 -29.23 -10.29
C LEU A 54 29.12 -27.73 -10.26
N GLY A 55 30.33 -27.19 -10.30
CA GLY A 55 30.54 -25.76 -10.36
C GLY A 55 31.68 -25.34 -9.47
N ALA A 56 32.24 -24.18 -9.78
CA ALA A 56 33.32 -23.62 -8.97
C ALA A 56 32.75 -23.18 -7.62
N PHE A 57 33.42 -23.57 -6.54
CA PHE A 57 32.92 -23.33 -5.20
C PHE A 57 34.03 -22.75 -4.34
N LEU A 58 33.89 -21.47 -4.00
CA LEU A 58 34.62 -20.82 -2.90
C LEU A 58 36.13 -20.82 -3.14
N ARG A 59 36.52 -20.11 -4.20
CA ARG A 59 37.90 -19.91 -4.63
C ARG A 59 38.57 -21.26 -4.96
N ASN A 60 37.92 -21.98 -5.86
CA ASN A 60 38.36 -23.31 -6.28
C ASN A 60 37.73 -23.58 -7.64
N LEU A 61 38.56 -23.86 -8.64
CA LEU A 61 38.11 -23.92 -10.02
C LEU A 61 37.20 -25.13 -10.26
N CYS A 62 36.30 -24.98 -11.22
CA CYS A 62 35.39 -26.06 -11.58
C CYS A 62 36.15 -27.19 -12.26
N SER A 63 35.64 -28.41 -12.07
CA SER A 63 36.25 -29.57 -12.71
C SER A 63 35.65 -29.90 -14.07
N THR A 64 34.58 -29.22 -14.46
CA THR A 64 33.93 -29.47 -15.75
C THR A 64 34.38 -28.48 -16.82
N CYS A 65 34.30 -27.18 -16.55
CA CYS A 65 34.71 -26.17 -17.51
C CYS A 65 36.02 -25.48 -17.14
N GLY A 66 36.51 -25.65 -15.92
CA GLY A 66 37.78 -25.06 -15.54
C GLY A 66 37.77 -23.57 -15.31
N LEU A 67 36.60 -22.98 -15.09
CA LEU A 67 36.49 -21.55 -14.86
C LEU A 67 36.33 -21.27 -13.37
N ASP A 68 36.54 -20.01 -12.99
CA ASP A 68 36.47 -19.62 -11.59
C ASP A 68 35.02 -19.35 -11.19
N GLU A 69 34.83 -18.66 -10.06
CA GLU A 69 33.50 -18.39 -9.54
C GLU A 69 32.70 -17.45 -10.45
N LYS A 70 33.38 -16.48 -11.06
CA LYS A 70 32.69 -15.44 -11.81
C LYS A 70 32.20 -15.88 -13.17
N PHE A 71 32.77 -16.95 -13.73
CA PHE A 71 32.48 -17.33 -15.10
C PHE A 71 31.93 -18.73 -15.25
N CYS A 72 31.91 -19.53 -14.19
CA CYS A 72 31.26 -20.82 -14.24
C CYS A 72 29.75 -20.63 -14.14
N PRO A 73 28.96 -21.15 -15.08
CA PRO A 73 27.51 -21.00 -14.95
C PRO A 73 26.91 -21.93 -13.91
N GLY A 74 27.62 -22.96 -13.49
CA GLY A 74 27.04 -23.98 -12.63
C GLY A 74 26.58 -25.15 -13.45
N HIS A 75 26.77 -26.37 -12.94
CA HIS A 75 26.51 -27.58 -13.70
C HIS A 75 25.62 -28.51 -12.90
N GLN A 76 24.70 -29.18 -13.58
CA GLN A 76 23.81 -30.11 -12.92
C GLN A 76 24.42 -31.51 -12.83
N GLY A 77 24.14 -32.18 -11.72
CA GLY A 77 24.48 -33.57 -11.58
C GLY A 77 23.25 -34.39 -11.27
N HIS A 78 23.42 -35.60 -10.78
CA HIS A 78 22.26 -36.40 -10.43
C HIS A 78 22.61 -37.35 -9.30
N ILE A 79 21.59 -37.95 -8.71
CA ILE A 79 21.77 -39.07 -7.80
C ILE A 79 21.05 -40.26 -8.40
N GLU A 80 21.33 -41.44 -7.89
CA GLU A 80 20.68 -42.66 -8.35
C GLU A 80 19.76 -43.15 -7.24
N LEU A 81 18.48 -42.90 -7.39
CA LEU A 81 17.50 -43.50 -6.50
C LEU A 81 17.37 -44.98 -6.86
N PRO A 82 17.47 -45.87 -5.88
CA PRO A 82 17.49 -47.31 -6.19
C PRO A 82 16.12 -47.86 -6.54
N VAL A 83 15.07 -47.30 -5.94
CA VAL A 83 13.71 -47.73 -6.27
C VAL A 83 13.03 -46.60 -7.02
N PRO A 84 12.18 -46.91 -8.00
CA PRO A 84 11.40 -45.85 -8.65
C PRO A 84 10.37 -45.30 -7.69
N CYS A 85 10.51 -44.02 -7.38
CA CYS A 85 9.69 -43.40 -6.35
C CYS A 85 8.71 -42.42 -6.98
N TYR A 86 7.69 -42.06 -6.21
CA TYR A 86 6.63 -41.22 -6.72
C TYR A 86 7.08 -39.78 -6.84
N ASN A 87 6.73 -39.15 -7.94
CA ASN A 87 6.87 -37.71 -8.05
C ASN A 87 5.64 -37.07 -7.42
N PRO A 88 5.79 -36.29 -6.35
CA PRO A 88 4.61 -35.73 -5.67
C PRO A 88 3.83 -34.71 -6.46
N LEU A 89 4.37 -34.18 -7.56
CA LEU A 89 3.56 -33.32 -8.40
C LEU A 89 2.51 -34.10 -9.17
N PHE A 90 2.78 -35.37 -9.47
CA PHE A 90 1.93 -36.13 -10.37
C PHE A 90 1.21 -37.26 -9.66
N PHE A 91 1.20 -37.26 -8.33
CA PHE A 91 0.63 -38.38 -7.59
C PHE A 91 -0.89 -38.37 -7.64
N ASN A 92 -1.51 -37.18 -7.69
CA ASN A 92 -2.95 -37.12 -7.82
C ASN A 92 -3.41 -37.59 -9.20
N GLN A 93 -2.60 -37.34 -10.23
CA GLN A 93 -2.93 -37.84 -11.55
C GLN A 93 -2.43 -39.24 -11.81
N LEU A 94 -1.43 -39.70 -11.05
CA LEU A 94 -1.07 -41.10 -11.13
C LEU A 94 -2.14 -41.97 -10.51
N TYR A 95 -2.72 -41.51 -9.39
CA TYR A 95 -3.68 -42.29 -8.63
C TYR A 95 -5.01 -42.45 -9.37
N ILE A 96 -5.29 -41.60 -10.35
CA ILE A 96 -6.45 -41.84 -11.21
C ILE A 96 -6.18 -43.00 -12.14
N TYR A 97 -5.02 -43.03 -12.78
CA TYR A 97 -4.69 -44.15 -13.66
C TYR A 97 -4.19 -45.36 -12.89
N LEU A 98 -3.77 -45.18 -11.63
CA LEU A 98 -3.49 -46.31 -10.76
C LEU A 98 -4.76 -47.09 -10.48
N ARG A 99 -5.83 -46.37 -10.14
CA ARG A 99 -7.17 -46.90 -10.19
C ARG A 99 -7.65 -46.97 -11.63
N ALA A 100 -8.93 -47.32 -11.81
CA ALA A 100 -9.63 -47.28 -13.10
C ALA A 100 -9.04 -48.17 -14.19
N SER A 101 -8.08 -49.02 -13.83
CA SER A 101 -7.41 -49.90 -14.78
C SER A 101 -7.55 -51.34 -14.30
N CYS A 102 -7.71 -52.24 -15.25
CA CYS A 102 -7.86 -53.65 -14.93
C CYS A 102 -6.49 -54.26 -14.66
N LEU A 103 -6.41 -55.03 -13.58
CA LEU A 103 -5.17 -55.67 -13.17
C LEU A 103 -4.99 -57.03 -13.82
N PHE A 104 -5.85 -57.38 -14.78
CA PHE A 104 -5.87 -58.69 -15.41
C PHE A 104 -5.62 -58.63 -16.91
N CYS A 105 -6.31 -57.72 -17.63
CA CYS A 105 -6.09 -57.55 -19.05
C CYS A 105 -5.36 -56.27 -19.40
N HIS A 106 -5.18 -55.37 -18.43
CA HIS A 106 -4.38 -54.15 -18.52
C HIS A 106 -4.94 -53.16 -19.54
N HIS A 107 -6.27 -53.15 -19.69
CA HIS A 107 -6.97 -52.01 -20.25
C HIS A 107 -7.59 -51.23 -19.11
N PHE A 108 -8.27 -50.14 -19.42
CA PHE A 108 -9.10 -49.55 -18.40
C PHE A 108 -10.36 -50.37 -18.23
N ARG A 109 -11.09 -50.11 -17.15
CA ARG A 109 -12.28 -50.90 -16.87
C ARG A 109 -13.50 -50.44 -17.66
N LEU A 110 -13.37 -49.46 -18.54
CA LEU A 110 -14.47 -49.20 -19.47
C LEU A 110 -14.44 -50.20 -20.61
N LYS A 111 -15.51 -50.20 -21.39
CA LYS A 111 -15.49 -50.90 -22.66
C LYS A 111 -14.55 -50.17 -23.61
N SER A 112 -13.88 -50.93 -24.46
CA SER A 112 -12.83 -50.38 -25.29
C SER A 112 -13.36 -49.56 -26.47
N VAL A 113 -14.67 -49.60 -26.72
CA VAL A 113 -15.24 -48.78 -27.79
C VAL A 113 -15.61 -47.40 -27.27
N GLU A 114 -15.77 -47.23 -25.96
CA GLU A 114 -16.05 -45.92 -25.40
C GLU A 114 -14.77 -45.18 -25.02
N VAL A 115 -13.70 -45.91 -24.70
CA VAL A 115 -12.39 -45.28 -24.53
C VAL A 115 -11.88 -44.77 -25.87
N HIS A 116 -12.17 -45.51 -26.95
CA HIS A 116 -11.83 -45.04 -28.30
C HIS A 116 -12.65 -43.82 -28.69
N ARG A 117 -13.84 -43.64 -28.10
CA ARG A 117 -14.68 -42.51 -28.44
C ARG A 117 -14.08 -41.20 -27.94
N TYR A 118 -13.29 -41.26 -26.86
CA TYR A 118 -12.60 -40.06 -26.41
C TYR A 118 -11.30 -39.83 -27.15
N ALA A 119 -10.65 -40.90 -27.63
CA ALA A 119 -9.41 -40.73 -28.40
C ALA A 119 -9.70 -40.06 -29.73
N CYS A 120 -10.85 -40.31 -30.32
CA CYS A 120 -11.21 -39.65 -31.56
C CYS A 120 -11.92 -38.31 -31.34
N LYS A 121 -12.36 -38.01 -30.12
CA LYS A 121 -12.85 -36.65 -29.84
C LYS A 121 -11.74 -35.71 -29.42
N LEU A 122 -10.71 -36.23 -28.76
CA LEU A 122 -9.60 -35.39 -28.33
C LEU A 122 -8.59 -35.17 -29.45
N ARG A 123 -8.55 -36.04 -30.46
CA ARG A 123 -7.74 -35.77 -31.64
C ARG A 123 -8.34 -34.61 -32.43
N LEU A 124 -9.66 -34.53 -32.48
CA LEU A 124 -10.32 -33.41 -33.13
C LEU A 124 -10.11 -32.12 -32.35
N LEU A 125 -10.03 -32.19 -31.03
CA LEU A 125 -9.80 -30.98 -30.24
C LEU A 125 -8.33 -30.56 -30.21
N GLN A 126 -7.40 -31.43 -30.62
CA GLN A 126 -6.03 -30.98 -30.83
C GLN A 126 -5.96 -29.98 -31.97
N TYR A 127 -6.67 -30.27 -33.05
CA TYR A 127 -6.84 -29.33 -34.14
C TYR A 127 -7.98 -28.39 -33.78
N GLY A 128 -8.26 -27.40 -34.62
CA GLY A 128 -9.33 -26.48 -34.30
C GLY A 128 -10.68 -26.96 -34.76
N LEU A 129 -11.14 -28.11 -34.24
CA LEU A 129 -12.32 -28.79 -34.72
C LEU A 129 -13.29 -29.05 -33.57
N ILE A 130 -13.61 -27.97 -32.84
CA ILE A 130 -14.54 -28.03 -31.72
C ILE A 130 -15.96 -28.36 -32.18
N ASP A 131 -16.30 -28.06 -33.44
CA ASP A 131 -17.65 -28.33 -33.92
C ASP A 131 -17.83 -29.79 -34.30
N GLU A 132 -16.84 -30.37 -34.99
CA GLU A 132 -16.96 -31.73 -35.51
C GLU A 132 -16.85 -32.79 -34.43
N SER A 133 -16.39 -32.42 -33.24
CA SER A 133 -16.31 -33.37 -32.15
C SER A 133 -17.68 -33.69 -31.55
N TYR A 134 -18.68 -32.85 -31.79
CA TYR A 134 -20.03 -33.16 -31.39
C TYR A 134 -20.80 -33.89 -32.47
N LYS A 135 -20.38 -33.78 -33.73
CA LYS A 135 -20.95 -34.59 -34.80
C LYS A 135 -20.49 -36.04 -34.75
N LEU A 136 -19.53 -36.36 -33.88
CA LEU A 136 -18.97 -37.70 -33.79
C LEU A 136 -19.78 -38.61 -32.87
N ASP A 137 -20.61 -38.04 -32.01
CA ASP A 137 -21.59 -38.84 -31.30
C ASP A 137 -22.73 -39.27 -32.21
N GLU A 138 -22.91 -38.59 -33.34
CA GLU A 138 -23.94 -38.98 -34.30
C GLU A 138 -23.61 -40.31 -34.97
N ILE A 139 -22.34 -40.68 -35.04
CA ILE A 139 -21.95 -42.00 -35.52
C ILE A 139 -22.32 -43.01 -34.43
N THR A 140 -23.33 -43.82 -34.69
CA THR A 140 -23.82 -44.77 -33.69
C THR A 140 -24.17 -46.11 -34.32
N ASP A 172 -23.86 -59.47 -25.20
CA ASP A 172 -24.93 -58.52 -25.47
C ASP A 172 -24.80 -57.99 -26.89
N ILE A 173 -23.67 -57.34 -27.16
CA ILE A 173 -23.39 -56.76 -28.47
C ILE A 173 -22.12 -57.42 -29.00
N SER A 174 -22.21 -57.95 -30.22
CA SER A 174 -21.08 -58.66 -30.80
C SER A 174 -20.00 -57.69 -31.23
N SER A 175 -18.78 -58.21 -31.34
CA SER A 175 -17.63 -57.42 -31.76
C SER A 175 -17.49 -57.32 -33.27
N THR A 176 -18.48 -57.82 -34.03
CA THR A 176 -18.45 -57.67 -35.47
C THR A 176 -18.72 -56.23 -35.86
N LEU A 177 -19.65 -55.57 -35.18
CA LEU A 177 -20.02 -54.20 -35.47
C LEU A 177 -19.28 -53.18 -34.62
N LEU A 178 -18.81 -53.57 -33.43
CA LEU A 178 -17.99 -52.65 -32.64
C LEU A 178 -16.61 -52.47 -33.26
N ASN A 179 -16.11 -53.50 -33.95
CA ASN A 179 -14.93 -53.32 -34.79
C ASN A 179 -15.26 -52.45 -35.99
N GLU A 180 -16.52 -52.50 -36.44
CA GLU A 180 -16.96 -51.69 -37.56
C GLU A 180 -17.35 -50.29 -37.10
N LEU A 181 -17.78 -50.13 -35.84
CA LEU A 181 -18.08 -48.80 -35.32
C LEU A 181 -16.81 -47.99 -35.08
N LYS A 182 -15.74 -48.65 -34.65
CA LYS A 182 -14.46 -47.96 -34.50
C LYS A 182 -13.85 -47.56 -35.83
N SER A 183 -14.21 -48.24 -36.92
CA SER A 183 -13.73 -47.82 -38.22
C SER A 183 -14.48 -46.61 -38.73
N LYS A 184 -15.78 -46.50 -38.42
CA LYS A 184 -16.55 -45.37 -38.89
C LYS A 184 -16.22 -44.09 -38.11
N ARG A 185 -15.90 -44.23 -36.83
CA ARG A 185 -15.51 -43.06 -36.05
C ARG A 185 -14.10 -42.60 -36.40
N SER A 186 -13.22 -43.53 -36.74
CA SER A 186 -11.85 -43.15 -37.09
C SER A 186 -11.74 -42.62 -38.52
N GLU A 187 -12.52 -43.16 -39.45
CA GLU A 187 -12.52 -42.59 -40.80
C GLU A 187 -13.24 -41.26 -40.86
N TYR A 188 -14.16 -41.00 -39.92
CA TYR A 188 -14.78 -39.67 -39.87
C TYR A 188 -13.79 -38.62 -39.42
N VAL A 189 -12.92 -38.97 -38.48
CA VAL A 189 -11.89 -38.02 -38.03
C VAL A 189 -10.86 -37.78 -39.12
N ASP A 190 -10.43 -38.85 -39.79
CA ASP A 190 -9.45 -38.71 -40.88
C ASP A 190 -10.01 -37.95 -42.07
N MET A 191 -11.33 -37.94 -42.25
CA MET A 191 -11.93 -37.08 -43.25
C MET A 191 -12.13 -35.66 -42.73
N ALA A 192 -12.37 -35.51 -41.42
CA ALA A 192 -12.60 -34.18 -40.86
C ALA A 192 -11.30 -33.39 -40.74
N ILE A 193 -10.22 -34.05 -40.36
CA ILE A 193 -8.93 -33.36 -40.19
C ILE A 193 -8.37 -32.94 -41.55
N ALA A 194 -8.47 -33.82 -42.54
CA ALA A 194 -7.90 -33.53 -43.85
C ALA A 194 -8.66 -32.43 -44.58
N LYS A 195 -9.96 -32.30 -44.32
CA LYS A 195 -10.73 -31.25 -44.96
C LYS A 195 -10.42 -29.89 -44.36
N ALA A 196 -10.33 -29.82 -43.03
CA ALA A 196 -10.08 -28.54 -42.36
C ALA A 196 -8.65 -28.06 -42.57
N LEU A 197 -7.72 -28.98 -42.78
CA LEU A 197 -6.34 -28.60 -43.05
C LEU A 197 -6.18 -28.10 -44.49
N SER A 198 -7.09 -28.49 -45.38
CA SER A 198 -7.11 -27.96 -46.74
C SER A 198 -8.05 -26.78 -46.92
N ASP A 199 -9.05 -26.64 -46.06
CA ASP A 199 -9.96 -25.49 -46.13
C ASP A 199 -9.46 -24.35 -45.23
N GLY A 200 -8.17 -24.02 -45.38
CA GLY A 200 -7.48 -22.90 -44.75
C GLY A 200 -7.72 -22.61 -43.29
N ARG A 201 -8.02 -23.63 -42.51
CA ARG A 201 -8.52 -23.44 -41.15
C ARG A 201 -7.53 -23.87 -40.08
N THR A 202 -6.79 -24.95 -40.30
CA THR A 202 -5.93 -25.50 -39.27
C THR A 202 -4.59 -25.90 -39.88
N THR A 203 -3.51 -25.42 -39.27
CA THR A 203 -2.18 -25.86 -39.64
C THR A 203 -1.97 -27.27 -39.10
N GLU A 204 -0.97 -27.98 -39.63
CA GLU A 204 -0.61 -29.28 -39.09
C GLU A 204 -0.01 -29.20 -37.69
N ARG A 205 0.38 -28.02 -37.23
CA ARG A 205 0.72 -27.80 -35.83
C ARG A 205 -0.52 -27.60 -34.96
N GLY A 206 -1.72 -27.57 -35.54
CA GLY A 206 -2.95 -27.57 -34.79
C GLY A 206 -3.37 -26.22 -34.24
N SER A 207 -4.66 -25.92 -34.34
CA SER A 207 -5.20 -24.66 -33.83
C SER A 207 -5.63 -24.84 -32.40
N PHE A 208 -5.10 -24.02 -31.50
CA PHE A 208 -5.40 -24.10 -30.07
C PHE A 208 -5.68 -22.70 -29.58
N THR A 209 -6.94 -22.44 -29.25
CA THR A 209 -7.40 -21.15 -28.75
C THR A 209 -7.90 -21.33 -27.33
N ALA A 210 -8.52 -20.28 -26.79
CA ALA A 210 -8.98 -20.34 -25.40
C ALA A 210 -10.24 -21.19 -25.28
N THR A 211 -11.16 -21.07 -26.24
CA THR A 211 -12.43 -21.78 -26.10
C THR A 211 -12.34 -23.23 -26.55
N VAL A 212 -11.23 -23.66 -27.18
CA VAL A 212 -11.02 -25.10 -27.35
C VAL A 212 -10.24 -25.68 -26.20
N ASN A 213 -9.63 -24.82 -25.36
CA ASN A 213 -9.10 -25.28 -24.08
C ASN A 213 -10.22 -25.49 -23.08
N ASP A 214 -11.37 -24.83 -23.30
CA ASP A 214 -12.54 -25.04 -22.45
C ASP A 214 -13.09 -26.43 -22.65
N GLU A 215 -13.37 -26.80 -23.90
CA GLU A 215 -13.99 -28.08 -24.21
C GLU A 215 -13.00 -29.23 -24.17
N ARG A 216 -11.71 -28.95 -24.01
CA ARG A 216 -10.75 -30.02 -23.78
C ARG A 216 -10.66 -30.37 -22.30
N LYS A 217 -10.56 -29.35 -21.43
CA LYS A 217 -10.60 -29.59 -19.98
C LYS A 217 -11.95 -30.13 -19.54
N LYS A 218 -13.02 -29.75 -20.23
CA LYS A 218 -14.34 -30.29 -19.94
C LYS A 218 -14.44 -31.75 -20.33
N LEU A 219 -13.72 -32.17 -21.38
CA LEU A 219 -13.86 -33.53 -21.88
C LEU A 219 -12.93 -34.49 -21.15
N VAL A 220 -11.76 -34.02 -20.70
CA VAL A 220 -10.87 -34.86 -19.92
C VAL A 220 -11.44 -35.09 -18.53
N HIS A 221 -12.08 -34.07 -17.96
CA HIS A 221 -12.76 -34.24 -16.67
C HIS A 221 -14.01 -35.11 -16.79
N GLU A 222 -14.62 -35.21 -17.97
CA GLU A 222 -15.63 -36.22 -18.20
C GLU A 222 -15.01 -37.60 -18.35
N PHE A 223 -13.79 -37.65 -18.89
CA PHE A 223 -13.11 -38.91 -19.13
C PHE A 223 -12.64 -39.55 -17.83
N HIS A 224 -12.00 -38.76 -16.96
CA HIS A 224 -11.48 -39.32 -15.70
C HIS A 224 -12.59 -39.65 -14.72
N LYS A 225 -13.67 -38.88 -14.72
CA LYS A 225 -14.76 -39.17 -13.79
C LYS A 225 -15.50 -40.44 -14.17
N LYS A 226 -15.49 -40.79 -15.46
CA LYS A 226 -16.14 -42.00 -15.89
C LYS A 226 -15.22 -43.21 -15.84
N LEU A 227 -13.90 -43.00 -15.89
CA LEU A 227 -12.97 -44.11 -15.66
C LEU A 227 -13.05 -44.61 -14.23
N LEU A 228 -13.11 -43.69 -13.27
CA LEU A 228 -13.07 -44.06 -11.87
C LEU A 228 -14.35 -44.72 -11.38
N SER A 229 -15.45 -44.57 -12.10
CA SER A 229 -16.73 -45.16 -11.69
C SER A 229 -16.97 -46.41 -12.53
N ARG A 230 -16.34 -47.51 -12.11
CA ARG A 230 -16.49 -48.79 -12.78
C ARG A 230 -16.46 -49.90 -11.75
N GLY A 231 -17.31 -50.91 -11.95
CA GLY A 231 -17.22 -52.09 -11.12
C GLY A 231 -16.38 -53.18 -11.74
N LYS A 232 -16.75 -53.62 -12.94
CA LYS A 232 -16.04 -54.66 -13.65
C LYS A 232 -15.39 -54.09 -14.90
N CYS A 233 -14.30 -54.72 -15.33
CA CYS A 233 -13.72 -54.42 -16.62
C CYS A 233 -14.70 -54.86 -17.71
N ASP A 234 -15.09 -53.93 -18.56
CA ASP A 234 -16.10 -54.23 -19.58
C ASP A 234 -15.50 -54.84 -20.84
N ASN A 235 -14.24 -55.28 -20.78
CA ASN A 235 -13.62 -56.05 -21.85
C ASN A 235 -13.60 -57.54 -21.51
N CYS A 236 -13.02 -57.90 -20.37
CA CYS A 236 -13.22 -59.20 -19.75
C CYS A 236 -13.82 -58.97 -18.38
N GLY A 237 -14.99 -59.55 -18.14
CA GLY A 237 -15.83 -59.13 -17.05
C GLY A 237 -15.48 -59.67 -15.67
N MET A 238 -14.43 -59.15 -15.04
CA MET A 238 -14.17 -59.50 -13.65
C MET A 238 -13.51 -58.32 -12.95
N PHE A 239 -13.66 -58.31 -11.63
CA PHE A 239 -13.31 -57.20 -10.76
C PHE A 239 -11.80 -57.08 -10.59
N SER A 240 -11.38 -55.88 -10.19
CA SER A 240 -10.03 -55.60 -9.77
C SER A 240 -10.04 -55.10 -8.32
N PRO A 241 -9.05 -55.50 -7.52
CA PRO A 241 -9.06 -55.10 -6.10
C PRO A 241 -8.76 -53.62 -5.95
N LYS A 242 -9.60 -52.94 -5.17
CA LYS A 242 -9.56 -51.48 -5.12
C LYS A 242 -8.35 -51.00 -4.33
N PHE A 243 -8.02 -49.74 -4.54
CA PHE A 243 -6.82 -49.14 -3.99
C PHE A 243 -7.18 -48.10 -2.95
N ARG A 244 -6.29 -47.96 -1.96
CA ARG A 244 -6.50 -47.07 -0.83
C ARG A 244 -5.32 -46.13 -0.73
N LYS A 245 -5.57 -44.84 -0.86
CA LYS A 245 -4.55 -43.81 -0.72
C LYS A 245 -4.59 -43.34 0.73
N ASP A 246 -3.60 -43.77 1.51
CA ASP A 246 -3.52 -43.38 2.93
C ASP A 246 -3.23 -41.89 3.08
N GLY A 247 -2.48 -41.33 2.17
CA GLY A 247 -2.07 -39.94 2.20
C GLY A 247 -1.09 -39.82 1.07
N PHE A 248 0.08 -39.26 1.32
CA PHE A 248 1.16 -39.43 0.38
C PHE A 248 2.10 -40.50 0.94
N THR A 249 3.16 -40.79 0.18
CA THR A 249 4.23 -41.75 0.46
C THR A 249 3.82 -43.21 0.47
N LYS A 250 2.53 -43.52 0.38
CA LYS A 250 2.08 -44.90 0.53
C LYS A 250 0.89 -45.17 -0.39
N ILE A 251 0.60 -46.46 -0.55
CA ILE A 251 -0.47 -46.95 -1.40
C ILE A 251 -0.87 -48.32 -0.87
N PHE A 252 -2.17 -48.59 -0.85
CA PHE A 252 -2.66 -49.82 -0.27
C PHE A 252 -3.73 -50.42 -1.17
N GLU A 253 -3.61 -51.70 -1.48
CA GLU A 253 -4.69 -52.41 -2.15
C GLU A 253 -5.61 -53.01 -1.10
N THR A 254 -6.91 -52.90 -1.34
CA THR A 254 -7.89 -53.38 -0.38
C THR A 254 -8.31 -54.81 -0.69
N ALA A 255 -9.02 -55.41 0.26
CA ALA A 255 -9.35 -56.83 0.18
C ALA A 255 -10.51 -57.04 -0.79
N LEU A 256 -10.29 -57.89 -1.79
CA LEU A 256 -11.36 -58.24 -2.72
C LEU A 256 -12.31 -59.22 -2.05
N ASN A 257 -13.60 -58.86 -2.02
CA ASN A 257 -14.58 -59.53 -1.18
C ASN A 257 -14.88 -60.96 -1.64
N GLU A 258 -15.49 -61.74 -0.75
CA GLU A 258 -15.80 -63.12 -1.05
C GLU A 258 -16.99 -63.25 -2.00
N LYS A 259 -17.81 -62.21 -2.14
CA LYS A 259 -18.97 -62.30 -3.01
C LYS A 259 -18.57 -62.29 -4.47
N GLN A 260 -17.44 -61.66 -4.81
CA GLN A 260 -17.08 -61.45 -6.21
C GLN A 260 -15.73 -62.07 -6.58
N ILE A 261 -15.21 -62.99 -5.76
CA ILE A 261 -14.14 -63.87 -6.23
C ILE A 261 -14.68 -65.02 -7.07
N THR A 262 -16.01 -65.20 -7.10
CA THR A 262 -16.62 -66.19 -7.98
C THR A 262 -16.45 -65.81 -9.44
N ASN A 263 -16.47 -64.51 -9.74
CA ASN A 263 -16.32 -64.08 -11.12
C ASN A 263 -14.90 -64.29 -11.62
N ASN A 264 -13.92 -64.28 -10.71
CA ASN A 264 -12.57 -64.66 -11.07
C ASN A 264 -12.42 -66.17 -11.27
N ARG A 265 -13.37 -66.96 -10.78
CA ARG A 265 -13.31 -68.41 -10.89
C ARG A 265 -14.21 -68.96 -11.99
N VAL A 266 -14.94 -68.10 -12.70
CA VAL A 266 -15.74 -68.52 -13.85
C VAL A 266 -15.24 -67.91 -15.15
N LYS A 267 -14.06 -67.27 -15.12
CA LYS A 267 -13.50 -66.65 -16.31
C LYS A 267 -12.82 -67.64 -17.24
N GLY A 268 -12.66 -68.89 -16.82
CA GLY A 268 -11.98 -69.89 -17.63
C GLY A 268 -12.91 -70.98 -18.11
N SER A 312 -5.16 -52.81 2.56
CA SER A 312 -4.65 -53.90 3.37
C SER A 312 -3.15 -54.10 3.15
N THR A 313 -2.77 -54.54 1.95
CA THR A 313 -1.39 -54.84 1.64
C THR A 313 -0.73 -53.61 1.02
N TYR A 314 0.35 -53.15 1.63
CA TYR A 314 1.17 -52.09 1.05
C TYR A 314 1.88 -52.65 -0.18
N ILE A 315 1.43 -52.24 -1.36
CA ILE A 315 2.11 -52.65 -2.57
C ILE A 315 3.30 -51.73 -2.83
N LEU A 316 4.33 -52.27 -3.46
CA LEU A 316 5.56 -51.55 -3.68
C LEU A 316 5.39 -50.53 -4.80
N SER A 317 6.24 -49.50 -4.77
CA SER A 317 6.27 -48.55 -5.87
C SER A 317 6.85 -49.17 -7.13
N THR A 318 7.68 -50.21 -6.98
CA THR A 318 8.15 -50.96 -8.14
C THR A 318 7.05 -51.76 -8.80
N GLU A 319 6.01 -52.11 -8.04
CA GLU A 319 4.89 -52.87 -8.59
C GLU A 319 3.91 -51.97 -9.34
N VAL A 320 3.73 -50.74 -8.85
CA VAL A 320 2.83 -49.79 -9.50
C VAL A 320 3.37 -49.39 -10.88
N LYS A 321 4.69 -49.22 -10.98
CA LYS A 321 5.30 -48.98 -12.28
C LYS A 321 5.21 -50.19 -13.19
N ASN A 322 5.20 -51.40 -12.62
CA ASN A 322 5.05 -52.60 -13.44
C ASN A 322 3.65 -52.70 -14.02
N ILE A 323 2.63 -52.28 -13.26
CA ILE A 323 1.26 -52.30 -13.76
C ILE A 323 1.08 -51.27 -14.86
N LEU A 324 1.51 -50.04 -14.60
CA LEU A 324 1.20 -48.92 -15.47
C LEU A 324 2.09 -48.84 -16.70
N ASP A 325 3.22 -49.54 -16.73
CA ASP A 325 3.93 -49.69 -17.99
C ASP A 325 3.18 -50.60 -18.95
N THR A 326 2.39 -51.53 -18.41
CA THR A 326 1.62 -52.43 -19.24
C THR A 326 0.31 -51.80 -19.68
N VAL A 327 -0.28 -50.96 -18.82
CA VAL A 327 -1.51 -50.27 -19.17
C VAL A 327 -1.27 -49.26 -20.27
N PHE A 328 -0.14 -48.54 -20.20
CA PHE A 328 0.11 -47.50 -21.19
C PHE A 328 0.57 -48.04 -22.54
N ARG A 329 0.79 -49.36 -22.67
CA ARG A 329 1.06 -49.96 -23.97
C ARG A 329 -0.17 -50.58 -24.60
N LYS A 330 -1.05 -51.19 -23.78
CA LYS A 330 -2.32 -51.67 -24.30
C LYS A 330 -3.24 -50.51 -24.68
N GLU A 331 -3.04 -49.35 -24.05
CA GLU A 331 -3.85 -48.18 -24.32
C GLU A 331 -3.00 -46.96 -24.64
N GLN A 332 -2.02 -47.15 -25.53
CA GLN A 332 -1.19 -46.03 -25.97
C GLN A 332 -1.99 -45.08 -26.85
N CYS A 333 -2.89 -45.61 -27.69
CA CYS A 333 -3.58 -44.85 -28.73
C CYS A 333 -4.62 -43.89 -28.19
N VAL A 334 -4.85 -43.85 -26.89
CA VAL A 334 -5.76 -42.88 -26.28
C VAL A 334 -4.99 -41.81 -25.54
N LEU A 335 -3.92 -42.18 -24.85
CA LEU A 335 -3.18 -41.26 -24.01
C LEU A 335 -2.20 -40.39 -24.79
N GLN A 336 -2.04 -40.62 -26.10
CA GLN A 336 -1.37 -39.63 -26.93
C GLN A 336 -2.16 -38.34 -27.02
N TYR A 337 -3.49 -38.43 -26.89
CA TYR A 337 -4.36 -37.28 -27.02
C TYR A 337 -4.82 -36.72 -25.67
N VAL A 338 -4.65 -37.48 -24.60
CA VAL A 338 -4.95 -36.97 -23.26
C VAL A 338 -3.78 -36.13 -22.74
N PHE A 339 -2.55 -36.52 -23.08
CA PHE A 339 -1.36 -35.84 -22.61
C PHE A 339 -0.79 -34.85 -23.62
N HIS A 340 -1.56 -34.45 -24.63
CA HIS A 340 -1.07 -33.48 -25.60
C HIS A 340 -2.19 -32.55 -26.03
N SER A 341 -1.94 -31.24 -25.94
CA SER A 341 -2.92 -30.24 -26.34
C SER A 341 -2.86 -29.98 -27.84
N ARG A 342 -1.70 -29.82 -28.36
CA ARG A 342 -1.34 -29.64 -29.75
C ARG A 342 -0.93 -30.99 -30.34
N PRO A 343 -1.00 -31.18 -31.66
CA PRO A 343 -0.70 -32.50 -32.23
C PRO A 343 0.76 -32.90 -32.04
N ASN A 344 0.95 -34.14 -31.61
CA ASN A 344 2.28 -34.66 -31.30
C ASN A 344 3.07 -34.86 -32.57
N LEU A 345 3.85 -33.84 -32.95
CA LEU A 345 4.64 -33.92 -34.17
C LEU A 345 5.89 -34.78 -33.99
N SER A 346 6.40 -34.86 -32.76
CA SER A 346 7.58 -35.67 -32.49
C SER A 346 7.28 -37.16 -32.44
N ARG A 347 6.00 -37.53 -32.31
CA ARG A 347 5.52 -38.92 -32.29
C ARG A 347 6.16 -39.74 -31.18
N LYS A 348 6.45 -39.12 -30.04
CA LYS A 348 7.01 -39.84 -28.92
C LYS A 348 5.92 -40.58 -28.15
N LEU A 349 6.33 -41.64 -27.48
CA LEU A 349 5.41 -42.39 -26.64
C LEU A 349 5.20 -41.65 -25.32
N VAL A 350 4.05 -41.85 -24.71
CA VAL A 350 3.84 -41.43 -23.33
C VAL A 350 4.00 -42.66 -22.45
N LYS A 351 4.77 -42.51 -21.37
CA LYS A 351 5.23 -43.64 -20.59
C LYS A 351 4.88 -43.43 -19.12
N ALA A 352 4.76 -44.53 -18.40
CA ALA A 352 4.45 -44.47 -16.98
C ALA A 352 5.67 -44.16 -16.14
N ASP A 353 6.87 -44.36 -16.69
CA ASP A 353 8.10 -43.89 -16.06
C ASP A 353 8.11 -42.37 -15.90
N SER A 354 7.38 -41.67 -16.77
CA SER A 354 7.30 -40.21 -16.72
C SER A 354 6.51 -39.70 -15.52
N PHE A 355 5.67 -40.52 -14.92
CA PHE A 355 5.01 -40.15 -13.66
C PHE A 355 5.89 -40.38 -12.45
N PHE A 356 6.74 -41.39 -12.49
CA PHE A 356 7.66 -41.67 -11.41
C PHE A 356 8.92 -40.85 -11.59
N MET A 357 9.85 -41.01 -10.67
CA MET A 357 11.18 -40.45 -10.85
C MET A 357 12.19 -41.42 -10.25
N ASP A 358 13.14 -41.83 -11.06
CA ASP A 358 14.15 -42.79 -10.67
C ASP A 358 15.49 -42.13 -10.41
N VAL A 359 15.60 -40.84 -10.73
CA VAL A 359 16.82 -40.07 -10.63
C VAL A 359 16.43 -38.65 -10.20
N LEU A 360 16.96 -38.19 -9.07
CA LEU A 360 16.83 -36.79 -8.69
C LEU A 360 17.90 -35.94 -9.36
N VAL A 361 17.51 -34.75 -9.78
CA VAL A 361 18.45 -33.78 -10.35
C VAL A 361 18.89 -32.86 -9.23
N VAL A 362 20.17 -32.90 -8.89
CA VAL A 362 20.68 -31.94 -7.92
C VAL A 362 20.97 -30.65 -8.66
N PRO A 363 20.55 -29.51 -8.14
CA PRO A 363 20.80 -28.24 -8.80
C PRO A 363 22.28 -27.88 -8.75
N PRO A 364 22.75 -26.96 -9.59
CA PRO A 364 24.17 -26.58 -9.53
C PRO A 364 24.52 -25.91 -8.21
N THR A 365 25.79 -26.03 -7.83
CA THR A 365 26.23 -25.48 -6.56
C THR A 365 26.28 -23.96 -6.55
N ARG A 366 26.08 -23.29 -7.68
CA ARG A 366 25.86 -21.85 -7.65
C ARG A 366 24.53 -21.53 -6.99
N PHE A 367 23.49 -22.31 -7.29
CA PHE A 367 22.15 -22.02 -6.82
C PHE A 367 21.86 -22.62 -5.45
N ARG A 368 22.85 -23.22 -4.80
CA ARG A 368 22.72 -23.72 -3.44
C ARG A 368 24.00 -23.45 -2.65
N LEU A 369 24.50 -22.23 -2.77
CA LEU A 369 25.61 -21.76 -1.95
C LEU A 369 25.20 -21.68 -0.48
N PRO A 370 26.13 -21.85 0.46
CA PRO A 370 25.76 -21.88 1.87
C PRO A 370 25.41 -20.49 2.38
N SER A 371 24.67 -20.49 3.50
CA SER A 371 24.21 -19.25 4.13
C SER A 371 25.36 -18.67 4.91
N LYS A 372 26.07 -17.72 4.30
CA LYS A 372 27.25 -17.13 4.90
C LYS A 372 26.87 -15.87 5.67
N LEU A 373 27.20 -15.84 6.95
CA LEU A 373 27.03 -14.64 7.77
C LEU A 373 28.15 -14.65 8.80
N GLY A 374 29.24 -13.95 8.48
CA GLY A 374 30.43 -13.92 9.32
C GLY A 374 31.06 -15.29 9.48
N GLU A 375 31.03 -15.82 10.70
CA GLU A 375 31.46 -17.17 10.97
C GLU A 375 30.28 -18.15 10.98
N GLU A 376 29.06 -17.65 11.12
CA GLU A 376 27.86 -18.48 11.24
C GLU A 376 27.49 -19.11 9.89
N VAL A 377 28.34 -19.98 9.38
CA VAL A 377 28.16 -20.56 8.06
C VAL A 377 27.26 -21.77 8.20
N HIS A 378 26.06 -21.70 7.63
CA HIS A 378 25.14 -22.82 7.58
C HIS A 378 24.97 -23.24 6.13
N GLU A 379 24.90 -24.55 5.91
CA GLU A 379 24.64 -25.08 4.59
C GLU A 379 23.21 -24.75 4.17
N ASN A 380 22.97 -24.80 2.86
CA ASN A 380 21.68 -24.39 2.34
C ASN A 380 20.63 -25.42 2.71
N SER A 381 19.37 -24.99 2.70
CA SER A 381 18.25 -25.84 3.08
C SER A 381 18.06 -26.99 2.10
N GLN A 382 18.47 -26.83 0.84
CA GLN A 382 18.40 -27.94 -0.09
C GLN A 382 19.47 -28.98 0.19
N ASN A 383 20.63 -28.58 0.68
CA ASN A 383 21.65 -29.54 1.05
C ASN A 383 21.22 -30.39 2.23
N GLN A 384 20.43 -29.82 3.15
CA GLN A 384 19.95 -30.59 4.29
C GLN A 384 18.88 -31.58 3.89
N LEU A 385 18.14 -31.30 2.80
CA LEU A 385 17.14 -32.23 2.31
C LEU A 385 17.76 -33.28 1.39
N LEU A 386 18.72 -32.89 0.56
CA LEU A 386 19.39 -33.83 -0.32
C LEU A 386 20.37 -34.73 0.43
N SER A 387 20.85 -34.30 1.61
CA SER A 387 21.67 -35.18 2.42
C SER A 387 20.86 -36.35 2.97
N LYS A 388 19.60 -36.11 3.30
CA LYS A 388 18.78 -37.17 3.85
C LYS A 388 18.36 -38.17 2.77
N VAL A 389 18.34 -37.74 1.51
CA VAL A 389 18.04 -38.67 0.43
C VAL A 389 19.24 -39.57 0.18
N LEU A 390 20.45 -39.03 0.29
CA LEU A 390 21.64 -39.83 0.10
C LEU A 390 21.92 -40.73 1.29
N THR A 391 21.57 -40.29 2.50
CA THR A 391 21.72 -41.13 3.69
C THR A 391 20.78 -42.34 3.61
N THR A 392 19.57 -42.12 3.11
CA THR A 392 18.64 -43.22 2.95
C THR A 392 19.01 -44.10 1.77
N SER A 393 19.64 -43.53 0.74
CA SER A 393 20.04 -44.31 -0.42
C SER A 393 21.24 -45.20 -0.13
N LEU A 394 22.08 -44.86 0.84
CA LEU A 394 23.13 -45.77 1.25
C LEU A 394 22.70 -46.72 2.34
N LEU A 395 21.62 -46.40 3.05
CA LEU A 395 21.05 -47.36 3.99
C LEU A 395 20.45 -48.54 3.24
N ILE A 396 19.69 -48.25 2.19
CA ILE A 396 19.02 -49.29 1.42
C ILE A 396 20.01 -50.08 0.57
N ARG A 397 21.16 -49.47 0.21
CA ARG A 397 22.22 -50.23 -0.43
C ARG A 397 22.86 -51.21 0.55
N ASP A 398 22.95 -50.82 1.81
CA ASP A 398 23.45 -51.69 2.87
C ASP A 398 22.36 -52.59 3.43
N LEU A 399 21.10 -52.38 3.06
CA LEU A 399 20.05 -53.34 3.37
C LEU A 399 19.92 -54.42 2.31
N ASN A 400 20.20 -54.11 1.05
CA ASN A 400 20.20 -55.11 0.00
C ASN A 400 21.53 -55.85 -0.09
N ASP A 401 22.48 -55.57 0.79
CA ASP A 401 23.70 -56.35 0.88
C ASP A 401 23.51 -57.58 1.77
N ASP A 402 22.36 -57.70 2.44
CA ASP A 402 22.08 -58.90 3.21
C ASP A 402 21.30 -59.92 2.37
N LEU A 403 20.59 -59.45 1.34
CA LEU A 403 19.92 -60.37 0.41
C LEU A 403 20.92 -61.16 -0.41
N SER A 404 22.13 -60.64 -0.61
CA SER A 404 23.19 -61.43 -1.23
C SER A 404 23.82 -62.41 -0.26
N LYS A 405 23.73 -62.14 1.05
CA LYS A 405 24.22 -63.07 2.05
C LYS A 405 23.31 -64.27 2.23
N LEU A 406 22.07 -64.18 1.77
CA LEU A 406 21.10 -65.24 1.98
C LEU A 406 20.72 -65.92 0.66
N LEU A 413 16.38 -68.16 8.60
CA LEU A 413 15.15 -67.57 8.07
C LEU A 413 14.87 -66.26 8.80
N GLU A 414 15.32 -66.18 10.06
CA GLU A 414 15.17 -64.94 10.82
C GLU A 414 16.05 -63.83 10.26
N ASP A 415 17.18 -64.19 9.66
CA ASP A 415 18.00 -63.22 8.95
C ASP A 415 17.30 -62.66 7.72
N ARG A 416 16.32 -63.40 7.17
CA ARG A 416 15.45 -62.90 6.12
C ARG A 416 14.15 -62.30 6.68
N ARG A 417 13.77 -62.69 7.89
CA ARG A 417 12.50 -62.24 8.46
C ARG A 417 12.54 -60.78 8.89
N VAL A 418 13.65 -60.35 9.49
CA VAL A 418 13.76 -58.99 9.99
C VAL A 418 14.37 -58.04 8.96
N ILE A 419 15.15 -58.55 8.00
CA ILE A 419 15.85 -57.65 7.10
C ILE A 419 14.92 -57.14 6.00
N PHE A 420 13.78 -57.78 5.79
CA PHE A 420 12.83 -57.34 4.77
C PHE A 420 11.81 -56.38 5.33
N SER A 421 11.45 -56.52 6.61
CA SER A 421 10.56 -55.58 7.27
C SER A 421 11.22 -54.23 7.48
N ARG A 422 12.55 -54.18 7.51
CA ARG A 422 13.26 -52.91 7.58
C ARG A 422 13.62 -52.38 6.20
N LEU A 423 13.69 -53.27 5.20
CA LEU A 423 13.87 -52.83 3.83
C LEU A 423 12.62 -52.13 3.30
N MET A 424 11.45 -52.68 3.62
CA MET A 424 10.21 -52.03 3.23
C MET A 424 9.96 -50.76 4.03
N ASN A 425 10.54 -50.67 5.23
CA ASN A 425 10.54 -49.41 5.95
C ASN A 425 11.41 -48.37 5.25
N ALA A 426 12.50 -48.81 4.63
CA ALA A 426 13.37 -47.91 3.88
C ALA A 426 12.78 -47.50 2.53
N PHE A 427 11.80 -48.25 2.02
CA PHE A 427 11.11 -47.82 0.81
C PHE A 427 10.24 -46.60 1.08
N VAL A 428 9.66 -46.52 2.29
CA VAL A 428 8.77 -45.42 2.62
C VAL A 428 9.55 -44.15 2.92
N THR A 429 10.70 -44.28 3.60
CA THR A 429 11.45 -43.11 4.00
C THR A 429 12.21 -42.46 2.86
N ILE A 430 12.57 -43.21 1.82
CA ILE A 430 13.19 -42.54 0.68
C ILE A 430 12.13 -41.86 -0.18
N GLN A 431 10.90 -42.36 -0.16
CA GLN A 431 9.79 -41.62 -0.74
C GLN A 431 9.46 -40.40 0.10
N ASN A 432 9.49 -40.54 1.43
CA ASN A 432 9.24 -39.42 2.32
C ASN A 432 10.35 -38.37 2.24
N ASP A 433 11.53 -38.73 1.74
CA ASP A 433 12.57 -37.74 1.51
C ASP A 433 12.41 -37.05 0.16
N VAL A 434 12.01 -37.79 -0.87
CA VAL A 434 11.82 -37.17 -2.17
C VAL A 434 10.54 -36.34 -2.19
N ASN A 435 9.62 -36.58 -1.25
CA ASN A 435 8.53 -35.64 -1.01
C ASN A 435 9.06 -34.33 -0.44
N ALA A 436 9.83 -34.40 0.64
CA ALA A 436 10.26 -33.22 1.38
C ALA A 436 11.19 -32.32 0.58
N PHE A 437 11.93 -32.90 -0.36
CA PHE A 437 12.76 -32.08 -1.24
C PHE A 437 11.90 -31.27 -2.19
N ILE A 438 10.88 -31.89 -2.77
CA ILE A 438 10.03 -31.17 -3.72
C ILE A 438 8.99 -30.34 -3.00
N ASP A 439 8.27 -30.92 -2.05
CA ASP A 439 7.17 -30.23 -1.38
C ASP A 439 7.23 -30.49 0.12
N SER A 440 7.34 -29.42 0.90
CA SER A 440 7.47 -29.53 2.34
C SER A 440 6.17 -29.85 3.05
N THR A 441 5.03 -29.75 2.38
CA THR A 441 3.75 -30.04 3.02
C THR A 441 3.20 -31.42 2.68
N LYS A 442 3.82 -32.13 1.73
CA LYS A 442 3.47 -33.51 1.46
C LYS A 442 4.38 -34.47 2.22
N ALA A 443 5.09 -33.99 3.22
CA ALA A 443 6.11 -34.75 3.94
C ALA A 443 5.71 -34.83 5.40
N GLN A 444 5.43 -36.04 5.87
CA GLN A 444 5.07 -36.23 7.27
C GLN A 444 6.30 -36.10 8.16
N GLY A 445 6.16 -35.34 9.24
CA GLY A 445 7.27 -35.07 10.13
C GLY A 445 6.77 -34.67 11.50
N VAL A 451 8.59 -24.86 10.93
CA VAL A 451 9.27 -25.99 11.57
C VAL A 451 9.86 -27.01 10.54
N PRO A 452 9.18 -27.40 9.45
CA PRO A 452 9.88 -28.16 8.42
C PRO A 452 10.67 -27.28 7.46
N ILE A 453 11.63 -27.91 6.80
CA ILE A 453 12.50 -27.23 5.83
C ILE A 453 11.71 -27.03 4.53
N PRO A 454 11.73 -25.82 3.95
CA PRO A 454 10.92 -25.57 2.75
C PRO A 454 11.46 -26.29 1.53
N GLY A 455 10.53 -26.76 0.69
CA GLY A 455 10.87 -27.54 -0.47
C GLY A 455 10.99 -26.69 -1.72
N VAL A 456 11.10 -27.38 -2.86
CA VAL A 456 11.23 -26.71 -4.15
C VAL A 456 9.91 -26.06 -4.55
N LYS A 457 8.78 -26.65 -4.16
CA LYS A 457 7.48 -26.06 -4.48
C LYS A 457 7.27 -24.74 -3.78
N GLN A 458 7.74 -24.64 -2.56
CA GLN A 458 7.43 -23.50 -1.71
C GLN A 458 8.42 -22.36 -1.86
N ALA A 459 9.39 -22.48 -2.77
CA ALA A 459 10.21 -21.38 -3.20
C ALA A 459 9.62 -20.67 -4.40
N LEU A 460 8.40 -21.01 -4.77
CA LEU A 460 7.75 -20.54 -5.99
C LEU A 460 6.36 -19.99 -5.77
N GLU A 461 5.71 -20.30 -4.65
CA GLU A 461 4.25 -20.23 -4.57
C GLU A 461 3.70 -18.82 -4.38
N LYS A 462 3.92 -18.24 -3.22
CA LYS A 462 3.09 -17.14 -2.78
C LYS A 462 3.83 -15.83 -3.00
N LYS A 463 3.31 -14.76 -2.41
CA LYS A 463 4.16 -13.60 -2.17
C LYS A 463 5.32 -14.04 -1.28
N GLU A 464 6.51 -13.55 -1.59
CA GLU A 464 7.78 -14.21 -1.30
C GLU A 464 7.76 -15.63 -1.88
N GLY A 465 7.69 -15.64 -3.20
CA GLY A 465 7.86 -16.86 -3.96
C GLY A 465 9.00 -16.68 -4.93
N LEU A 466 8.79 -16.96 -6.21
CA LEU A 466 9.79 -16.64 -7.20
C LEU A 466 9.14 -15.83 -8.31
N PHE A 467 7.89 -16.16 -8.63
CA PHE A 467 7.16 -15.45 -9.66
C PHE A 467 6.76 -14.06 -9.19
N ARG A 468 6.24 -13.96 -7.97
CA ARG A 468 5.73 -12.68 -7.51
C ARG A 468 6.83 -11.81 -6.92
N LYS A 469 7.85 -12.40 -6.32
CA LYS A 469 8.86 -11.62 -5.65
C LYS A 469 10.05 -11.27 -6.54
N HIS A 470 10.40 -12.13 -7.49
CA HIS A 470 11.59 -11.92 -8.29
C HIS A 470 11.36 -11.93 -9.79
N MET A 471 10.13 -12.13 -10.26
CA MET A 471 9.86 -12.06 -11.68
C MET A 471 8.87 -10.97 -12.05
N MET A 472 7.73 -10.89 -11.37
CA MET A 472 6.79 -9.81 -11.62
C MET A 472 7.22 -8.52 -10.95
N GLY A 473 8.03 -8.60 -9.92
CA GLY A 473 8.63 -7.42 -9.33
C GLY A 473 10.10 -7.66 -9.12
N LYS A 474 10.90 -6.62 -9.34
CA LYS A 474 12.35 -6.75 -9.20
C LYS A 474 12.94 -5.50 -8.60
N ARG A 475 13.98 -5.70 -7.79
CA ARG A 475 14.86 -4.62 -7.38
C ARG A 475 15.61 -4.11 -8.61
N VAL A 476 15.84 -2.80 -8.68
CA VAL A 476 16.40 -2.22 -9.89
C VAL A 476 17.64 -1.40 -9.58
N ASN A 477 18.53 -1.35 -10.57
CA ASN A 477 19.65 -0.41 -10.56
C ASN A 477 19.20 0.93 -11.12
N TYR A 478 20.05 1.94 -10.89
CA TYR A 478 19.90 3.30 -11.42
C TYR A 478 18.57 3.91 -11.01
N ALA A 479 18.34 3.92 -9.70
CA ALA A 479 17.04 4.31 -9.17
C ALA A 479 17.22 4.86 -7.76
N ALA A 480 16.47 5.92 -7.47
CA ALA A 480 16.63 6.67 -6.22
C ALA A 480 15.31 6.78 -5.46
N ARG A 481 15.43 7.14 -4.19
CA ARG A 481 14.28 7.33 -3.31
C ARG A 481 14.68 8.29 -2.21
N SER A 482 13.91 9.36 -2.03
CA SER A 482 14.14 10.31 -0.95
C SER A 482 12.84 11.03 -0.64
N VAL A 483 12.83 11.72 0.50
CA VAL A 483 11.65 12.47 0.93
C VAL A 483 11.41 13.63 -0.03
N ILE A 484 10.16 14.04 -0.18
CA ILE A 484 9.84 15.16 -1.05
C ILE A 484 9.47 16.38 -0.23
N SER A 485 9.92 17.53 -0.70
CA SER A 485 9.57 18.86 -0.24
C SER A 485 8.98 19.61 -1.42
N PRO A 486 8.05 20.54 -1.20
CA PRO A 486 7.43 21.22 -2.33
C PRO A 486 8.36 22.24 -2.94
N ASP A 487 8.10 22.55 -4.19
CA ASP A 487 8.92 23.52 -4.87
C ASP A 487 8.10 24.20 -5.95
N PRO A 488 7.75 25.48 -5.81
CA PRO A 488 7.37 26.28 -6.97
C PRO A 488 8.61 26.67 -7.76
N ASN A 489 8.44 27.51 -8.79
CA ASN A 489 9.53 27.99 -9.65
C ASN A 489 10.20 26.82 -10.38
N ILE A 490 9.42 25.76 -10.57
CA ILE A 490 9.76 24.56 -11.33
C ILE A 490 8.64 24.42 -12.34
N GLU A 491 8.99 24.09 -13.58
CA GLU A 491 8.08 24.34 -14.71
C GLU A 491 7.06 23.23 -14.92
N THR A 492 6.69 22.49 -13.85
CA THR A 492 5.48 21.68 -13.69
C THR A 492 5.57 20.38 -14.49
N ASN A 493 6.60 20.26 -15.33
CA ASN A 493 6.93 19.02 -15.99
C ASN A 493 8.32 18.56 -15.58
N GLU A 494 8.80 19.05 -14.45
CA GLU A 494 10.13 18.75 -13.97
C GLU A 494 10.08 18.19 -12.55
N ILE A 495 11.15 17.52 -12.16
CA ILE A 495 11.42 17.14 -10.79
C ILE A 495 12.72 17.82 -10.37
N GLY A 496 12.80 18.26 -9.13
CA GLY A 496 13.99 18.92 -8.67
C GLY A 496 14.93 17.95 -8.01
N VAL A 497 16.03 17.59 -8.67
CA VAL A 497 16.87 16.53 -8.14
C VAL A 497 17.99 17.13 -7.31
N PRO A 498 18.33 16.50 -6.19
CA PRO A 498 19.43 16.97 -5.34
C PRO A 498 20.77 16.85 -6.02
N PRO A 499 21.82 17.47 -5.47
CA PRO A 499 23.15 17.22 -6.02
C PRO A 499 23.63 15.81 -5.76
N VAL A 500 23.21 15.20 -4.65
CA VAL A 500 23.70 13.87 -4.29
C VAL A 500 23.08 12.76 -5.12
N PHE A 501 21.94 13.00 -5.75
CA PHE A 501 21.51 12.08 -6.79
C PHE A 501 22.02 12.50 -8.15
N ALA A 502 22.39 13.76 -8.32
CA ALA A 502 22.97 14.24 -9.58
C ALA A 502 24.38 13.77 -9.79
N VAL A 503 25.03 13.24 -8.76
CA VAL A 503 26.39 12.73 -8.85
C VAL A 503 26.44 11.22 -8.96
N LYS A 504 25.57 10.51 -8.24
CA LYS A 504 25.59 9.06 -8.26
C LYS A 504 24.89 8.50 -9.50
N LEU A 505 23.74 9.04 -9.85
CA LEU A 505 23.02 8.55 -11.02
C LEU A 505 23.72 8.98 -12.29
N THR A 506 23.86 8.05 -13.25
CA THR A 506 24.67 8.30 -14.42
C THR A 506 24.02 7.69 -15.65
N TYR A 507 24.47 8.14 -16.83
CA TYR A 507 23.85 7.76 -18.11
C TYR A 507 24.92 7.51 -19.17
N PRO A 508 24.87 6.38 -19.87
CA PRO A 508 25.86 6.12 -20.92
C PRO A 508 25.59 6.86 -22.23
N GLU A 509 26.36 7.91 -22.49
CA GLU A 509 26.36 8.53 -23.80
C GLU A 509 27.48 7.97 -24.64
N PRO A 510 27.20 7.31 -25.76
CA PRO A 510 28.26 6.98 -26.71
C PRO A 510 28.75 8.24 -27.42
N VAL A 511 30.06 8.30 -27.65
CA VAL A 511 30.68 9.51 -28.16
C VAL A 511 30.52 9.59 -29.66
N THR A 512 30.30 10.81 -30.16
CA THR A 512 30.14 11.08 -31.57
C THR A 512 30.87 12.37 -31.90
N ALA A 513 30.63 12.91 -33.09
CA ALA A 513 31.22 14.18 -33.47
C ALA A 513 30.55 15.36 -32.79
N TYR A 514 29.32 15.20 -32.30
CA TYR A 514 28.59 16.30 -31.69
C TYR A 514 28.61 16.29 -30.17
N ASN A 515 29.13 15.25 -29.54
CA ASN A 515 29.22 15.21 -28.09
C ASN A 515 30.57 15.68 -27.55
N ILE A 516 31.62 15.67 -28.36
CA ILE A 516 32.97 15.92 -27.86
C ILE A 516 33.21 17.37 -27.47
N ALA A 517 32.23 18.23 -27.69
CA ALA A 517 32.26 19.53 -27.02
C ALA A 517 31.88 19.38 -25.56
N GLU A 518 30.68 18.86 -25.29
CA GLU A 518 30.17 18.84 -23.93
C GLU A 518 30.58 17.60 -23.14
N LEU A 519 30.94 16.51 -23.81
CA LEU A 519 31.27 15.27 -23.12
C LEU A 519 32.75 15.12 -22.89
N ARG A 520 33.56 16.00 -23.48
CA ARG A 520 34.96 16.13 -23.10
C ARG A 520 35.09 16.93 -21.83
N GLN A 521 34.22 17.91 -21.62
CA GLN A 521 34.23 18.66 -20.38
C GLN A 521 33.58 17.86 -19.26
N ALA A 522 32.69 16.93 -19.60
CA ALA A 522 32.06 16.10 -18.59
C ALA A 522 33.05 15.09 -18.01
N VAL A 523 33.94 14.56 -18.84
CA VAL A 523 34.92 13.61 -18.31
C VAL A 523 36.02 14.34 -17.55
N ILE A 524 36.36 15.57 -17.96
CA ILE A 524 37.40 16.34 -17.27
C ILE A 524 36.93 16.76 -15.87
N ASN A 525 35.63 17.06 -15.72
CA ASN A 525 35.10 17.45 -14.41
C ASN A 525 35.18 16.33 -13.39
N GLY A 526 35.13 15.08 -13.83
CA GLY A 526 35.35 13.98 -12.92
C GLY A 526 34.09 13.52 -12.23
N PRO A 527 34.22 12.56 -11.32
CA PRO A 527 33.04 11.94 -10.73
C PRO A 527 32.35 12.80 -9.68
N ASP A 528 32.92 13.92 -9.26
CA ASP A 528 32.37 14.68 -8.15
C ASP A 528 31.94 16.09 -8.52
N LYS A 529 32.28 16.58 -9.70
CA LYS A 529 31.89 17.91 -10.13
C LYS A 529 30.65 17.82 -11.02
N TRP A 530 29.61 18.56 -10.66
CA TRP A 530 28.52 18.54 -11.61
C TRP A 530 28.68 19.71 -12.59
N PRO A 531 28.44 19.52 -13.90
CA PRO A 531 28.13 18.27 -14.61
C PRO A 531 29.38 17.47 -14.95
N GLY A 532 29.37 16.19 -14.61
CA GLY A 532 30.54 15.38 -14.79
C GLY A 532 30.27 13.99 -15.30
N ALA A 533 31.25 13.09 -15.11
CA ALA A 533 31.12 11.72 -15.53
C ALA A 533 31.91 10.84 -14.58
N THR A 534 31.50 9.58 -14.46
CA THR A 534 32.13 8.70 -13.49
C THR A 534 32.87 7.52 -14.08
N GLN A 535 32.55 7.08 -15.29
CA GLN A 535 33.19 5.93 -15.91
C GLN A 535 33.25 6.15 -17.41
N ILE A 536 34.26 5.54 -18.05
CA ILE A 536 34.34 5.43 -19.50
C ILE A 536 34.28 3.96 -19.86
N GLN A 537 33.32 3.59 -20.67
CA GLN A 537 33.31 2.26 -21.28
C GLN A 537 34.05 2.34 -22.61
N ASN A 538 35.08 1.52 -22.75
CA ASN A 538 35.87 1.48 -23.97
C ASN A 538 35.09 0.77 -25.08
N GLU A 539 35.70 0.71 -26.26
CA GLU A 539 35.10 -0.04 -27.36
C GLU A 539 35.09 -1.54 -27.05
N ASP A 540 36.12 -2.01 -26.34
CA ASP A 540 36.37 -3.41 -26.07
C ASP A 540 35.42 -4.01 -25.05
N GLY A 541 34.45 -3.25 -24.54
CA GLY A 541 33.68 -3.65 -23.38
C GLY A 541 34.36 -3.35 -22.07
N SER A 542 35.64 -2.97 -22.09
CA SER A 542 36.36 -2.61 -20.88
C SER A 542 35.79 -1.33 -20.30
N LEU A 543 35.99 -1.17 -19.00
CA LEU A 543 35.33 -0.11 -18.25
C LEU A 543 36.35 0.51 -17.30
N VAL A 544 36.56 1.82 -17.45
CA VAL A 544 37.61 2.53 -16.73
C VAL A 544 36.96 3.48 -15.74
N SER A 545 37.25 3.30 -14.47
CA SER A 545 36.68 4.16 -13.45
C SER A 545 37.49 5.44 -13.31
N LEU A 546 36.79 6.54 -13.05
CA LEU A 546 37.41 7.85 -12.88
C LEU A 546 37.55 8.24 -11.43
N ILE A 547 37.24 7.33 -10.50
CA ILE A 547 37.12 7.71 -9.10
C ILE A 547 38.49 7.98 -8.49
N GLY A 548 39.42 7.04 -8.64
CA GLY A 548 40.72 7.21 -8.03
C GLY A 548 41.74 7.89 -8.91
N MET A 549 41.34 8.93 -9.64
CA MET A 549 42.22 9.58 -10.61
C MET A 549 42.37 11.06 -10.28
N SER A 550 43.47 11.63 -10.76
CA SER A 550 43.77 13.05 -10.64
C SER A 550 43.43 13.75 -11.94
N VAL A 551 43.43 15.09 -11.90
CA VAL A 551 42.95 15.88 -13.03
C VAL A 551 43.94 15.85 -14.20
N GLU A 552 45.22 15.59 -13.95
CA GLU A 552 46.17 15.53 -15.05
C GLU A 552 46.06 14.21 -15.80
N GLN A 553 45.84 13.11 -15.07
CA GLN A 553 45.51 11.84 -15.71
C GLN A 553 44.17 11.88 -16.40
N ARG A 554 43.26 12.73 -15.93
CA ARG A 554 41.89 12.77 -16.42
C ARG A 554 41.76 13.62 -17.69
N LYS A 555 42.66 14.58 -17.90
CA LYS A 555 42.71 15.29 -19.17
C LYS A 555 43.34 14.46 -20.28
N ALA A 556 44.13 13.44 -19.92
CA ALA A 556 44.70 12.57 -20.94
C ALA A 556 43.64 11.64 -21.52
N LEU A 557 42.72 11.16 -20.68
CA LEU A 557 41.64 10.31 -21.14
C LEU A 557 40.58 11.07 -21.91
N ALA A 558 40.56 12.40 -21.82
CA ALA A 558 39.59 13.18 -22.58
C ALA A 558 40.01 13.38 -24.03
N ASN A 559 41.31 13.36 -24.31
CA ASN A 559 41.79 13.44 -25.67
C ASN A 559 41.84 12.08 -26.34
N GLN A 560 41.97 11.01 -25.55
CA GLN A 560 41.88 9.62 -26.00
C GLN A 560 40.43 9.20 -26.23
N LEU A 561 39.47 10.09 -25.95
CA LEU A 561 38.07 9.74 -25.93
C LEU A 561 37.49 9.52 -27.33
N LEU A 562 37.86 10.36 -28.29
CA LEU A 562 37.38 10.21 -29.66
C LEU A 562 38.62 9.90 -30.50
N THR A 563 38.95 8.62 -30.57
CA THR A 563 40.05 8.09 -31.34
C THR A 563 39.56 6.93 -32.19
N PRO A 564 40.11 6.73 -33.38
CA PRO A 564 39.74 5.55 -34.17
C PRO A 564 40.25 4.27 -33.53
N SER A 565 39.56 3.18 -33.82
CA SER A 565 39.84 1.91 -33.16
C SER A 565 41.13 1.29 -33.70
N SER A 566 41.92 0.74 -32.80
CA SER A 566 43.11 -0.04 -33.15
C SER A 566 42.81 -1.53 -33.15
N ASN A 567 41.54 -1.89 -33.38
CA ASN A 567 41.13 -3.28 -33.47
C ASN A 567 40.08 -3.38 -34.55
N VAL A 568 40.21 -4.42 -35.39
CA VAL A 568 39.33 -4.56 -36.54
C VAL A 568 37.94 -5.02 -36.10
N SER A 569 37.89 -5.93 -35.14
CA SER A 569 36.65 -6.52 -34.64
C SER A 569 35.79 -5.55 -33.84
N THR A 570 36.27 -4.34 -33.60
CA THR A 570 35.55 -3.34 -32.82
C THR A 570 35.62 -2.00 -33.54
N HIS A 571 35.65 -2.04 -34.87
CA HIS A 571 35.90 -0.83 -35.65
C HIS A 571 34.68 0.06 -35.77
N THR A 572 33.48 -0.49 -35.58
CA THR A 572 32.26 0.26 -35.74
C THR A 572 31.68 0.72 -34.41
N LEU A 573 32.39 0.50 -33.32
CA LEU A 573 31.95 0.88 -31.99
C LEU A 573 32.63 2.17 -31.57
N ASN A 574 32.04 2.82 -30.59
CA ASN A 574 32.58 4.04 -30.01
C ASN A 574 32.53 3.97 -28.50
N LYS A 575 33.31 4.83 -27.85
CA LYS A 575 33.37 4.82 -26.40
C LYS A 575 32.09 5.39 -25.81
N LYS A 576 31.69 4.86 -24.66
CA LYS A 576 30.55 5.36 -23.92
C LYS A 576 31.05 6.04 -22.67
N VAL A 577 30.65 7.28 -22.46
CA VAL A 577 31.02 8.05 -21.29
C VAL A 577 29.82 8.10 -20.36
N TYR A 578 29.97 7.56 -19.17
CA TYR A 578 28.85 7.55 -18.21
C TYR A 578 28.77 8.93 -17.58
N ARG A 579 28.12 9.86 -18.29
CA ARG A 579 27.95 11.21 -17.77
C ARG A 579 26.94 11.23 -16.64
N HIS A 580 27.02 12.29 -15.83
CA HIS A 580 26.03 12.51 -14.79
C HIS A 580 24.70 12.92 -15.40
N ILE A 581 23.65 12.87 -14.58
CA ILE A 581 22.33 13.32 -15.03
C ILE A 581 22.33 14.84 -15.10
N LYS A 582 21.83 15.37 -16.22
CA LYS A 582 21.90 16.77 -16.57
C LYS A 582 20.52 17.39 -16.46
N ASN A 583 20.38 18.62 -16.96
CA ASN A 583 19.07 19.26 -17.00
C ASN A 583 18.22 18.82 -18.18
N ARG A 584 18.72 17.91 -19.03
CA ARG A 584 17.99 17.49 -20.21
C ARG A 584 17.49 16.06 -20.14
N ASP A 585 17.84 15.33 -19.09
CA ASP A 585 17.47 13.93 -19.00
C ASP A 585 16.00 13.77 -18.62
N VAL A 586 15.59 12.51 -18.46
CA VAL A 586 14.21 12.17 -18.14
C VAL A 586 14.27 11.34 -16.87
N VAL A 587 13.18 11.31 -16.13
CA VAL A 587 13.09 10.62 -14.85
C VAL A 587 11.67 10.12 -14.65
N LEU A 588 11.53 8.87 -14.22
CA LEU A 588 10.28 8.34 -13.72
C LEU A 588 10.13 8.63 -12.24
N MET A 589 9.07 9.33 -11.87
CA MET A 589 8.74 9.51 -10.47
C MET A 589 7.57 8.61 -10.12
N ASN A 590 7.50 8.20 -8.85
CA ASN A 590 6.63 7.09 -8.47
C ASN A 590 6.39 7.13 -6.97
N ARG A 591 5.13 7.18 -6.56
CA ARG A 591 4.76 7.07 -5.15
C ARG A 591 3.89 5.83 -4.95
N GLN A 592 4.18 5.06 -3.89
CA GLN A 592 3.37 3.91 -3.54
C GLN A 592 2.23 4.32 -2.59
N PRO A 593 1.01 3.79 -2.78
CA PRO A 593 0.61 2.82 -3.80
C PRO A 593 0.34 3.45 -5.16
N THR A 594 0.80 2.79 -6.21
CA THR A 594 0.50 3.22 -7.58
C THR A 594 -0.84 2.61 -8.00
N LEU A 595 -1.90 3.21 -7.46
CA LEU A 595 -3.23 2.68 -7.66
C LEU A 595 -3.76 2.90 -9.08
N HIS A 596 -3.21 3.87 -9.80
CA HIS A 596 -3.54 4.07 -11.20
C HIS A 596 -2.28 4.51 -11.92
N LYS A 597 -2.35 4.59 -13.26
CA LYS A 597 -1.14 4.75 -14.04
C LYS A 597 -0.57 6.16 -13.93
N ALA A 598 -1.36 7.14 -13.54
CA ALA A 598 -0.87 8.50 -13.36
C ALA A 598 -0.13 8.70 -12.06
N SER A 599 -0.04 7.68 -11.22
CA SER A 599 0.82 7.69 -10.05
C SER A 599 2.23 7.25 -10.37
N MET A 600 2.58 7.13 -11.65
CA MET A 600 3.94 6.85 -12.10
C MET A 600 4.13 7.57 -13.43
N MET A 601 4.66 8.78 -13.37
CA MET A 601 4.77 9.65 -14.53
C MET A 601 6.24 9.87 -14.88
N GLY A 602 6.45 10.57 -15.98
CA GLY A 602 7.79 10.93 -16.41
C GLY A 602 8.03 12.42 -16.36
N HIS A 603 9.01 12.84 -15.58
CA HIS A 603 9.34 14.25 -15.40
C HIS A 603 10.65 14.59 -16.07
N LYS A 604 10.79 15.84 -16.47
CA LYS A 604 12.11 16.35 -16.81
C LYS A 604 12.90 16.57 -15.53
N VAL A 605 14.18 16.85 -15.67
CA VAL A 605 15.03 17.09 -14.51
C VAL A 605 15.62 18.48 -14.58
N ARG A 606 15.69 19.12 -13.42
CA ARG A 606 16.35 20.40 -13.22
C ARG A 606 17.06 20.25 -11.89
N VAL A 607 18.38 20.27 -11.90
CA VAL A 607 19.12 20.03 -10.66
C VAL A 607 19.01 21.26 -9.77
N LEU A 608 19.04 21.02 -8.48
CA LEU A 608 19.06 22.12 -7.53
C LEU A 608 20.29 21.99 -6.66
N PRO A 609 20.89 23.09 -6.22
CA PRO A 609 22.24 23.02 -5.65
C PRO A 609 22.36 22.84 -4.14
N ASN A 610 21.27 22.62 -3.40
CA ASN A 610 21.38 22.76 -1.96
C ASN A 610 21.20 21.48 -1.15
N GLU A 611 20.03 20.84 -1.16
CA GLU A 611 19.80 19.81 -0.15
C GLU A 611 19.31 18.51 -0.78
N LYS A 612 19.12 17.52 0.09
CA LYS A 612 18.98 16.12 -0.27
C LYS A 612 17.52 15.68 -0.34
N THR A 613 16.68 16.35 -1.12
CA THR A 613 15.30 15.95 -1.22
C THR A 613 14.76 16.19 -2.64
N LEU A 614 13.89 15.30 -3.07
CA LEU A 614 13.23 15.49 -4.36
C LEU A 614 12.22 16.63 -4.22
N ARG A 615 12.05 17.40 -5.28
CA ARG A 615 11.29 18.65 -5.19
C ARG A 615 10.24 18.70 -6.28
N LEU A 616 8.97 18.74 -5.87
CA LEU A 616 7.84 18.50 -6.74
C LEU A 616 6.95 19.73 -6.80
N HIS A 617 6.40 20.02 -7.97
CA HIS A 617 5.45 21.11 -8.10
C HIS A 617 4.06 20.64 -7.64
N TYR A 618 3.23 21.61 -7.26
CA TYR A 618 1.94 21.31 -6.65
C TYR A 618 0.89 20.78 -7.62
N ALA A 619 1.11 20.89 -8.93
CA ALA A 619 0.13 20.30 -9.83
C ALA A 619 0.24 18.79 -9.88
N ASN A 620 1.38 18.24 -9.46
CA ASN A 620 1.58 16.81 -9.44
C ASN A 620 1.04 16.15 -8.17
N THR A 621 0.62 16.92 -7.18
CA THR A 621 0.23 16.34 -5.91
C THR A 621 -1.16 15.72 -5.94
N GLY A 622 -1.95 16.00 -6.96
CA GLY A 622 -3.30 15.49 -7.03
C GLY A 622 -3.33 14.12 -7.66
N ALA A 623 -2.32 13.85 -8.49
CA ALA A 623 -2.22 12.57 -9.16
C ALA A 623 -1.48 11.53 -8.33
N TYR A 624 -0.38 11.93 -7.69
CA TYR A 624 0.34 11.00 -6.83
C TYR A 624 -0.33 10.81 -5.49
N ASN A 625 -1.28 11.67 -5.14
CA ASN A 625 -1.91 11.75 -3.81
C ASN A 625 -0.82 11.90 -2.74
N ALA A 626 -0.08 12.99 -2.86
CA ALA A 626 1.17 13.17 -2.13
C ALA A 626 1.15 14.50 -1.38
N ASP A 627 0.83 14.45 -0.10
CA ASP A 627 1.05 15.58 0.80
C ASP A 627 2.53 15.62 1.18
N PHE A 628 2.92 16.50 2.08
CA PHE A 628 4.33 16.62 2.42
C PHE A 628 4.55 16.41 3.91
N ASP A 629 3.84 15.46 4.49
CA ASP A 629 4.07 15.07 5.87
C ASP A 629 5.00 13.88 5.98
N GLY A 630 6.13 13.92 5.27
CA GLY A 630 7.06 12.82 5.31
C GLY A 630 6.92 11.81 4.19
N ASP A 631 6.31 12.18 3.07
CA ASP A 631 6.26 11.27 1.92
C ASP A 631 7.62 11.18 1.26
N GLU A 632 8.05 9.97 0.97
CA GLU A 632 9.15 9.74 0.07
C GLU A 632 8.64 8.95 -1.13
N MET A 633 9.17 9.27 -2.30
CA MET A 633 8.68 8.68 -3.52
C MET A 633 9.85 8.39 -4.44
N ASN A 634 9.72 7.34 -5.23
CA ASN A 634 10.84 6.76 -5.94
C ASN A 634 11.22 7.61 -7.14
N MET A 635 12.41 7.35 -7.66
CA MET A 635 12.93 8.04 -8.84
C MET A 635 13.72 7.06 -9.68
N HIS A 636 13.21 6.73 -10.85
CA HIS A 636 13.85 5.78 -11.75
C HIS A 636 14.43 6.50 -12.96
N PHE A 637 15.67 6.19 -13.29
CA PHE A 637 16.37 6.90 -14.36
C PHE A 637 16.66 5.97 -15.53
N PRO A 638 15.96 6.13 -16.66
CA PRO A 638 16.12 5.19 -17.78
C PRO A 638 17.46 5.34 -18.50
N GLN A 639 17.92 4.22 -19.07
CA GLN A 639 19.32 4.06 -19.46
C GLN A 639 19.52 3.89 -20.97
N ASN A 640 18.53 4.22 -21.78
CA ASN A 640 18.70 4.19 -23.23
C ASN A 640 17.72 5.16 -23.88
N GLU A 641 17.86 5.34 -25.19
CA GLU A 641 17.07 6.33 -25.89
C GLU A 641 15.67 5.84 -26.24
N ASN A 642 15.43 4.53 -26.24
CA ASN A 642 14.07 4.05 -26.42
C ASN A 642 13.21 4.35 -25.21
N ALA A 643 13.79 4.34 -24.02
CA ALA A 643 13.03 4.64 -22.82
C ALA A 643 13.04 6.13 -22.48
N ARG A 644 14.02 6.88 -22.98
CA ARG A 644 13.93 8.33 -22.85
C ARG A 644 12.84 8.89 -23.76
N ALA A 645 12.61 8.25 -24.89
CA ALA A 645 11.61 8.76 -25.83
C ALA A 645 10.20 8.44 -25.37
N GLU A 646 10.04 7.41 -24.54
CA GLU A 646 8.72 7.07 -24.02
C GLU A 646 8.36 7.91 -22.80
N ALA A 647 9.30 8.16 -21.92
CA ALA A 647 8.99 8.93 -20.73
C ALA A 647 8.97 10.43 -20.98
N LEU A 648 9.25 10.88 -22.21
CA LEU A 648 9.02 12.26 -22.61
C LEU A 648 7.81 12.45 -23.50
N ASN A 649 7.39 11.42 -24.22
CA ASN A 649 6.27 11.55 -25.15
C ASN A 649 5.04 10.78 -24.74
N LEU A 650 5.22 9.65 -24.08
CA LEU A 650 4.16 8.67 -23.95
C LEU A 650 3.67 8.54 -22.52
N ALA A 651 4.57 8.27 -21.58
CA ALA A 651 4.25 8.33 -20.15
C ALA A 651 4.57 9.69 -19.54
N ASN A 652 4.55 10.73 -20.36
CA ASN A 652 4.89 12.08 -19.95
C ASN A 652 3.85 12.61 -18.97
N THR A 653 4.26 13.60 -18.18
CA THR A 653 3.36 14.22 -17.22
C THR A 653 2.49 15.30 -17.84
N ASP A 654 2.79 15.76 -19.05
CA ASP A 654 1.89 16.68 -19.73
C ASP A 654 0.79 15.93 -20.46
N SER A 655 1.04 14.68 -20.84
CA SER A 655 0.02 13.84 -21.45
C SER A 655 -1.01 13.39 -20.44
N GLN A 656 -0.66 13.36 -19.16
CA GLN A 656 -1.53 12.82 -18.11
C GLN A 656 -2.33 13.92 -17.41
N TYR A 657 -2.76 14.95 -18.14
CA TYR A 657 -3.62 15.95 -17.53
C TYR A 657 -5.00 15.38 -17.22
N LEU A 658 -5.57 14.61 -18.14
CA LEU A 658 -6.86 13.98 -17.95
C LEU A 658 -6.65 12.53 -17.53
N THR A 659 -7.32 12.12 -16.47
CA THR A 659 -7.24 10.71 -16.12
C THR A 659 -8.23 9.92 -16.98
N PRO A 660 -7.92 8.67 -17.33
CA PRO A 660 -8.86 7.89 -18.15
C PRO A 660 -9.97 7.20 -17.37
N THR A 661 -10.10 7.46 -16.07
CA THR A 661 -11.23 6.92 -15.32
C THR A 661 -12.53 7.56 -15.76
N SER A 662 -12.62 8.88 -15.62
CA SER A 662 -13.80 9.63 -16.02
C SER A 662 -13.57 10.56 -17.20
N GLY A 663 -12.33 10.93 -17.46
CA GLY A 663 -12.03 12.03 -18.35
C GLY A 663 -11.89 13.35 -17.63
N SER A 664 -12.06 13.36 -16.32
CA SER A 664 -11.89 14.56 -15.51
C SER A 664 -10.40 14.80 -15.25
N PRO A 665 -9.97 16.05 -15.16
CA PRO A 665 -8.55 16.31 -14.91
C PRO A 665 -8.14 15.97 -13.49
N VAL A 666 -6.84 15.71 -13.34
CA VAL A 666 -6.26 15.49 -12.03
C VAL A 666 -5.18 16.50 -11.68
N ARG A 667 -4.69 17.29 -12.64
CA ARG A 667 -3.60 18.21 -12.40
C ARG A 667 -4.13 19.62 -12.21
N GLY A 668 -3.65 20.31 -11.18
CA GLY A 668 -4.07 21.66 -10.94
C GLY A 668 -3.55 22.17 -9.62
N LEU A 669 -3.58 23.49 -9.49
CA LEU A 669 -3.09 24.19 -8.31
C LEU A 669 -4.01 23.92 -7.13
N ILE A 670 -3.47 24.00 -5.90
CA ILE A 670 -4.19 23.37 -4.81
C ILE A 670 -4.72 24.27 -3.70
N GLN A 671 -3.87 24.91 -2.90
CA GLN A 671 -4.37 25.46 -1.64
C GLN A 671 -4.14 26.95 -1.52
N ASP A 672 -2.90 27.42 -1.66
CA ASP A 672 -2.69 28.87 -1.60
C ASP A 672 -3.02 29.53 -2.91
N HIS A 673 -2.84 28.84 -4.03
CA HIS A 673 -3.09 29.44 -5.32
C HIS A 673 -4.57 29.64 -5.59
N ILE A 674 -5.43 28.87 -4.93
CA ILE A 674 -6.86 29.01 -5.15
C ILE A 674 -7.45 30.11 -4.27
N SER A 675 -6.96 30.25 -3.04
CA SER A 675 -7.38 31.37 -2.20
C SER A 675 -6.78 32.69 -2.67
N ALA A 676 -5.70 32.68 -3.42
CA ALA A 676 -5.17 33.92 -3.97
C ALA A 676 -6.02 34.42 -5.14
N GLY A 677 -6.46 33.50 -6.00
CA GLY A 677 -7.27 33.86 -7.14
C GLY A 677 -8.66 34.36 -6.78
N VAL A 678 -9.13 34.07 -5.58
CA VAL A 678 -10.35 34.68 -5.10
C VAL A 678 -10.11 36.15 -4.79
N TRP A 679 -8.95 36.47 -4.22
CA TRP A 679 -8.63 37.85 -3.92
C TRP A 679 -8.11 38.61 -5.13
N LEU A 680 -7.36 37.94 -6.00
CA LEU A 680 -6.77 38.66 -7.13
C LEU A 680 -7.82 39.01 -8.18
N THR A 681 -8.79 38.12 -8.41
CA THR A 681 -9.82 38.38 -9.39
C THR A 681 -11.04 39.07 -8.80
N SER A 682 -10.94 39.58 -7.57
CA SER A 682 -12.07 40.30 -6.99
C SER A 682 -12.24 41.65 -7.66
N LYS A 683 -13.40 42.27 -7.45
CA LYS A 683 -13.60 43.62 -7.95
C LYS A 683 -12.80 44.64 -7.17
N ASP A 684 -12.41 44.33 -5.93
CA ASP A 684 -11.63 45.26 -5.14
C ASP A 684 -10.18 45.36 -5.56
N SER A 685 -9.67 44.38 -6.29
CA SER A 685 -8.24 44.34 -6.58
C SER A 685 -7.93 45.31 -7.72
N PHE A 686 -7.27 46.41 -7.39
CA PHE A 686 -6.76 47.37 -8.35
C PHE A 686 -5.26 47.49 -8.20
N PHE A 687 -4.57 47.61 -9.33
CA PHE A 687 -3.12 47.61 -9.34
C PHE A 687 -2.63 48.81 -10.12
N THR A 688 -1.68 49.54 -9.55
CA THR A 688 -1.06 50.63 -10.27
C THR A 688 -0.03 50.09 -11.24
N ARG A 689 0.57 51.01 -12.00
CA ARG A 689 1.40 50.63 -13.15
C ARG A 689 2.70 49.96 -12.72
N GLU A 690 3.27 50.36 -11.59
CA GLU A 690 4.44 49.66 -11.08
C GLU A 690 4.07 48.27 -10.56
N GLN A 691 2.89 48.15 -9.95
CA GLN A 691 2.45 46.84 -9.47
C GLN A 691 2.04 45.94 -10.63
N TYR A 692 1.35 46.51 -11.62
CA TYR A 692 0.84 45.74 -12.76
C TYR A 692 1.97 45.13 -13.57
N GLN A 693 3.01 45.89 -13.84
CA GLN A 693 4.11 45.36 -14.64
C GLN A 693 5.05 44.49 -13.80
N GLN A 694 4.95 44.53 -12.48
CA GLN A 694 5.75 43.64 -11.67
C GLN A 694 5.16 42.23 -11.61
N TYR A 695 3.83 42.13 -11.56
CA TYR A 695 3.22 40.81 -11.51
C TYR A 695 3.32 40.07 -12.83
N ILE A 696 3.46 40.78 -13.94
CA ILE A 696 3.53 40.09 -15.23
C ILE A 696 4.93 39.55 -15.48
N TYR A 697 5.96 40.36 -15.23
CA TYR A 697 7.31 39.86 -15.42
C TYR A 697 7.72 38.87 -14.34
N GLY A 698 7.09 38.93 -13.17
CA GLY A 698 7.35 37.93 -12.15
C GLY A 698 6.84 36.54 -12.48
N CYS A 699 5.99 36.40 -13.48
CA CYS A 699 5.45 35.10 -13.88
C CYS A 699 5.76 34.72 -15.31
N ILE A 700 5.99 35.68 -16.21
CA ILE A 700 6.25 35.33 -17.61
C ILE A 700 7.73 35.03 -17.83
N ARG A 701 8.60 36.04 -17.63
CA ARG A 701 10.06 35.94 -17.80
C ARG A 701 10.44 35.45 -19.20
N PRO A 702 10.41 36.34 -20.21
CA PRO A 702 10.56 35.90 -21.62
C PRO A 702 11.84 35.17 -21.99
N GLU A 703 12.92 35.33 -21.23
CA GLU A 703 14.17 34.66 -21.59
C GLU A 703 14.13 33.16 -21.33
N ASP A 704 13.24 32.69 -20.46
CA ASP A 704 13.02 31.25 -20.31
C ASP A 704 11.96 30.73 -21.27
N GLY A 705 11.51 31.55 -22.20
CA GLY A 705 10.60 31.13 -23.24
C GLY A 705 9.19 30.81 -22.81
N HIS A 706 8.67 31.49 -21.79
CA HIS A 706 7.26 31.31 -21.48
C HIS A 706 6.39 32.18 -22.36
N THR A 707 6.91 33.32 -22.81
CA THR A 707 6.16 34.16 -23.72
C THR A 707 6.21 33.56 -25.13
N THR A 708 5.37 34.09 -26.00
CA THR A 708 5.36 33.71 -27.41
C THR A 708 5.61 34.89 -28.32
N ARG A 709 6.12 36.00 -27.80
CA ARG A 709 6.32 37.22 -28.57
C ARG A 709 7.69 37.85 -28.43
N SER A 710 8.53 37.36 -27.50
CA SER A 710 9.84 37.92 -27.14
C SER A 710 9.78 39.38 -26.68
N LYS A 711 8.59 39.85 -26.27
CA LYS A 711 8.35 41.18 -25.75
C LYS A 711 7.00 41.18 -25.04
N ILE A 712 6.98 41.56 -23.78
CA ILE A 712 5.76 41.50 -22.99
C ILE A 712 4.83 42.61 -23.43
N VAL A 713 3.68 42.24 -23.97
CA VAL A 713 2.66 43.21 -24.33
C VAL A 713 1.73 43.38 -23.13
N THR A 714 1.17 44.58 -23.02
CA THR A 714 0.27 44.91 -21.92
C THR A 714 -1.06 45.41 -22.50
N LEU A 715 -1.93 45.84 -21.61
CA LEU A 715 -3.24 46.37 -21.95
C LEU A 715 -3.35 47.79 -21.47
N PRO A 716 -4.26 48.59 -22.05
CA PRO A 716 -4.58 49.88 -21.44
C PRO A 716 -5.24 49.67 -20.09
N PRO A 717 -5.09 50.61 -19.16
CA PRO A 717 -5.70 50.42 -17.84
C PRO A 717 -7.21 50.51 -17.89
N THR A 718 -7.82 49.93 -16.87
CA THR A 718 -9.27 49.99 -16.76
C THR A 718 -9.74 51.41 -16.48
N ILE A 719 -9.10 52.09 -15.55
CA ILE A 719 -9.46 53.42 -15.12
C ILE A 719 -8.35 54.35 -15.55
N PHE A 720 -8.67 55.35 -16.38
CA PHE A 720 -7.62 56.29 -16.76
C PHE A 720 -7.47 57.40 -15.73
N LYS A 721 -8.57 58.08 -15.39
CA LYS A 721 -8.49 59.21 -14.48
C LYS A 721 -9.12 58.88 -13.13
N PRO A 722 -8.62 59.44 -12.02
CA PRO A 722 -7.50 60.38 -11.79
C PRO A 722 -6.10 59.81 -12.05
N TYR A 723 -5.87 58.53 -11.76
CA TYR A 723 -4.60 57.90 -12.04
C TYR A 723 -4.86 56.49 -12.56
N PRO A 724 -3.97 55.94 -13.38
CA PRO A 724 -4.23 54.63 -13.99
C PRO A 724 -4.23 53.50 -12.98
N LEU A 725 -5.22 52.61 -13.12
CA LEU A 725 -5.34 51.41 -12.31
C LEU A 725 -5.77 50.25 -13.19
N TRP A 726 -5.23 49.07 -12.90
CA TRP A 726 -5.58 47.85 -13.59
C TRP A 726 -6.32 46.94 -12.62
N THR A 727 -7.50 46.47 -13.02
CA THR A 727 -8.24 45.52 -12.23
C THR A 727 -7.53 44.17 -12.28
N GLY A 728 -7.72 43.36 -11.25
CA GLY A 728 -7.07 42.07 -11.20
C GLY A 728 -7.63 41.01 -12.13
N LYS A 729 -8.82 41.24 -12.69
CA LYS A 729 -9.25 40.47 -13.86
C LYS A 729 -8.24 40.60 -14.99
N GLN A 730 -7.75 41.81 -15.20
CA GLN A 730 -6.90 42.19 -16.31
C GLN A 730 -5.47 41.74 -16.13
N ILE A 731 -5.09 41.26 -14.94
CA ILE A 731 -3.82 40.58 -14.76
C ILE A 731 -3.81 39.28 -15.54
N ILE A 732 -4.83 38.44 -15.32
CA ILE A 732 -4.90 37.14 -15.97
C ILE A 732 -5.29 37.26 -17.43
N THR A 733 -5.85 38.40 -17.83
CA THR A 733 -6.10 38.66 -19.25
C THR A 733 -4.79 38.74 -20.03
N THR A 734 -3.82 39.50 -19.52
CA THR A 734 -2.53 39.61 -20.19
C THR A 734 -1.54 38.52 -19.79
N VAL A 735 -1.83 37.77 -18.74
CA VAL A 735 -1.13 36.50 -18.53
C VAL A 735 -1.50 35.52 -19.63
N LEU A 736 -2.80 35.42 -19.92
CA LEU A 736 -3.31 34.51 -20.93
C LEU A 736 -3.18 35.07 -22.34
N LEU A 737 -2.55 36.24 -22.49
CA LEU A 737 -2.24 36.84 -23.76
C LEU A 737 -0.80 36.62 -24.19
N ASN A 738 0.12 36.54 -23.22
CA ASN A 738 1.53 36.35 -23.52
C ASN A 738 1.87 34.88 -23.70
N VAL A 739 1.25 33.98 -22.92
CA VAL A 739 1.56 32.55 -23.00
C VAL A 739 0.78 31.85 -24.09
N THR A 740 -0.09 32.52 -24.75
CA THR A 740 -0.88 31.93 -25.81
C THR A 740 -0.22 32.21 -27.15
N PRO A 741 -0.43 31.38 -28.18
CA PRO A 741 0.18 31.68 -29.49
C PRO A 741 -0.52 32.83 -30.18
N PRO A 742 0.24 33.77 -30.72
CA PRO A 742 -0.35 34.86 -31.50
C PRO A 742 -0.80 34.36 -32.87
N ASP A 743 -1.64 35.18 -33.51
CA ASP A 743 -2.35 34.84 -34.74
C ASP A 743 -3.14 33.55 -34.60
N MET A 744 -3.71 33.34 -33.41
CA MET A 744 -4.68 32.32 -33.11
C MET A 744 -5.54 33.06 -32.10
N PRO A 745 -6.86 33.09 -32.28
CA PRO A 745 -7.70 33.98 -31.48
C PRO A 745 -7.80 33.53 -30.03
N GLY A 746 -8.24 34.46 -29.19
CA GLY A 746 -8.36 34.19 -27.78
C GLY A 746 -9.49 33.22 -27.48
N ILE A 747 -9.43 32.64 -26.29
CA ILE A 747 -10.36 31.58 -25.92
C ILE A 747 -11.70 32.20 -25.52
N ASN A 748 -12.78 31.49 -25.83
CA ASN A 748 -14.13 31.89 -25.45
C ASN A 748 -14.69 30.82 -24.52
N LEU A 749 -15.14 31.23 -23.34
CA LEU A 749 -15.44 30.28 -22.30
C LEU A 749 -16.52 30.86 -21.40
N ILE A 750 -17.62 30.13 -21.24
CA ILE A 750 -18.71 30.51 -20.36
C ILE A 750 -18.90 29.40 -19.35
N SER A 751 -18.45 29.64 -18.11
CA SER A 751 -18.54 28.67 -17.03
C SER A 751 -18.95 29.39 -15.76
N LYS A 752 -19.03 28.64 -14.68
CA LYS A 752 -19.40 29.17 -13.37
C LYS A 752 -18.39 28.70 -12.35
N ASN A 753 -18.53 29.17 -11.11
CA ASN A 753 -17.60 28.79 -10.06
C ASN A 753 -18.36 28.43 -8.79
N LYS A 754 -17.60 28.10 -7.75
CA LYS A 754 -18.18 27.51 -6.55
C LYS A 754 -18.78 28.54 -5.59
N ILE A 755 -18.57 29.83 -5.82
CA ILE A 755 -19.06 30.86 -4.91
C ILE A 755 -20.33 31.44 -5.49
N LYS A 756 -21.40 31.48 -4.67
CA LYS A 756 -22.65 32.03 -5.13
C LYS A 756 -22.57 33.55 -5.24
N ASN A 757 -23.57 34.13 -5.92
CA ASN A 757 -23.65 35.58 -6.03
C ASN A 757 -24.07 36.25 -4.74
N GLU A 758 -24.69 35.51 -3.82
CA GLU A 758 -25.15 36.09 -2.57
C GLU A 758 -24.01 36.35 -1.61
N TYR A 759 -22.89 35.65 -1.76
CA TYR A 759 -21.75 35.91 -0.89
C TYR A 759 -21.06 37.21 -1.23
N TRP A 760 -21.17 37.68 -2.48
CA TRP A 760 -20.56 38.95 -2.81
C TRP A 760 -21.48 40.11 -2.40
N GLY A 761 -22.64 40.21 -3.00
CA GLY A 761 -23.55 41.29 -2.65
C GLY A 761 -24.81 41.20 -3.47
N LYS A 762 -25.68 42.18 -3.26
CA LYS A 762 -26.93 42.25 -4.02
C LYS A 762 -26.63 42.64 -5.46
N GLY A 763 -27.04 41.80 -6.40
CA GLY A 763 -26.87 42.11 -7.80
C GLY A 763 -25.51 41.80 -8.38
N SER A 764 -24.71 40.98 -7.72
CA SER A 764 -23.43 40.58 -8.29
C SER A 764 -23.63 39.51 -9.34
N LEU A 765 -22.76 39.51 -10.34
CA LEU A 765 -22.73 38.48 -11.37
C LEU A 765 -21.45 37.66 -11.33
N GLU A 766 -20.76 37.64 -10.19
CA GLU A 766 -19.45 37.01 -10.08
C GLU A 766 -19.50 35.49 -10.03
N ASN A 767 -20.68 34.88 -10.11
CA ASN A 767 -20.74 33.42 -10.16
C ASN A 767 -20.34 32.90 -11.53
N GLU A 768 -20.92 33.45 -12.59
CA GLU A 768 -20.54 33.03 -13.93
C GLU A 768 -19.22 33.67 -14.33
N VAL A 769 -18.35 32.90 -14.94
CA VAL A 769 -17.10 33.41 -15.45
C VAL A 769 -17.26 33.60 -16.95
N LEU A 770 -16.49 34.52 -17.51
CA LEU A 770 -16.68 34.93 -18.90
C LEU A 770 -15.33 35.30 -19.48
N PHE A 771 -14.77 34.41 -20.27
CA PHE A 771 -13.61 34.72 -21.10
C PHE A 771 -14.14 34.99 -22.50
N LYS A 772 -13.89 36.18 -23.00
CA LYS A 772 -14.32 36.56 -24.35
C LYS A 772 -13.12 37.16 -25.06
N ASP A 773 -12.68 36.49 -26.13
CA ASP A 773 -11.45 36.80 -26.85
C ASP A 773 -10.25 36.78 -25.90
N GLY A 774 -10.21 35.78 -25.03
CA GLY A 774 -9.11 35.62 -24.12
C GLY A 774 -9.06 36.60 -22.97
N ALA A 775 -10.15 37.33 -22.72
CA ALA A 775 -10.18 38.37 -21.70
C ALA A 775 -11.18 38.01 -20.63
N LEU A 776 -10.73 37.92 -19.39
CA LEU A 776 -11.61 37.65 -18.26
C LEU A 776 -12.46 38.89 -18.01
N LEU A 777 -13.74 38.81 -18.36
CA LEU A 777 -14.63 39.96 -18.24
C LEU A 777 -15.55 39.89 -17.04
N CYS A 778 -15.68 38.73 -16.40
CA CYS A 778 -16.64 38.56 -15.32
C CYS A 778 -16.26 37.33 -14.53
N GLY A 779 -16.48 37.38 -13.22
CA GLY A 779 -16.44 36.18 -12.43
C GLY A 779 -15.08 35.90 -11.81
N ILE A 780 -15.10 35.11 -10.76
CA ILE A 780 -13.92 34.78 -9.96
C ILE A 780 -13.33 33.48 -10.48
N LEU A 781 -12.01 33.44 -10.67
CA LEU A 781 -11.34 32.19 -10.93
C LEU A 781 -11.14 31.43 -9.63
N ASP A 782 -11.43 30.14 -9.65
CA ASP A 782 -11.66 29.39 -8.43
C ASP A 782 -11.00 28.02 -8.60
N LYS A 783 -11.33 27.07 -7.72
CA LYS A 783 -10.95 25.68 -7.92
C LYS A 783 -11.58 25.13 -9.20
N SER A 784 -12.80 25.57 -9.50
CA SER A 784 -13.51 25.07 -10.66
C SER A 784 -12.90 25.58 -11.97
N GLN A 785 -12.08 26.62 -11.93
CA GLN A 785 -11.45 27.16 -13.13
C GLN A 785 -10.06 26.60 -13.35
N TYR A 786 -9.14 26.85 -12.43
CA TYR A 786 -7.85 26.17 -12.40
C TYR A 786 -7.86 25.21 -11.23
N GLY A 787 -7.36 23.99 -11.45
CA GLY A 787 -7.51 22.92 -10.49
C GLY A 787 -8.07 21.68 -11.15
N ALA A 788 -8.15 20.62 -10.36
CA ALA A 788 -8.65 19.34 -10.84
C ALA A 788 -10.17 19.43 -10.94
N SER A 789 -10.63 20.01 -12.05
CA SER A 789 -12.05 20.28 -12.23
C SER A 789 -12.34 20.42 -13.72
N LYS A 790 -13.46 19.83 -14.15
CA LYS A 790 -13.80 19.85 -15.57
C LYS A 790 -14.33 21.20 -16.01
N TYR A 791 -14.06 21.53 -17.27
CA TYR A 791 -14.62 22.66 -18.00
C TYR A 791 -14.28 24.01 -17.36
N GLY A 792 -13.11 24.10 -16.75
CA GLY A 792 -12.58 25.35 -16.28
C GLY A 792 -11.90 26.11 -17.38
N ILE A 793 -11.02 27.04 -16.98
CA ILE A 793 -10.23 27.71 -18.01
C ILE A 793 -9.03 26.87 -18.41
N VAL A 794 -8.37 26.19 -17.46
CA VAL A 794 -7.18 25.40 -17.78
C VAL A 794 -7.57 24.15 -18.56
N HIS A 795 -8.72 23.57 -18.23
CA HIS A 795 -9.24 22.45 -19.00
C HIS A 795 -9.65 22.87 -20.40
N SER A 796 -10.01 24.14 -20.58
CA SER A 796 -10.37 24.63 -21.90
C SER A 796 -9.14 25.10 -22.68
N LEU A 797 -8.07 25.49 -21.99
CA LEU A 797 -6.79 25.70 -22.66
C LEU A 797 -6.22 24.38 -23.16
N HIS A 798 -6.52 23.28 -22.47
CA HIS A 798 -6.03 21.97 -22.85
C HIS A 798 -6.67 21.48 -24.15
N GLU A 799 -7.90 21.91 -24.43
CA GLU A 799 -8.59 21.47 -25.63
C GLU A 799 -8.32 22.38 -26.82
N VAL A 800 -8.38 23.69 -26.62
CA VAL A 800 -8.25 24.62 -27.74
C VAL A 800 -6.80 24.73 -28.19
N TYR A 801 -5.86 24.82 -27.24
CA TYR A 801 -4.48 25.12 -27.57
C TYR A 801 -3.53 23.96 -27.45
N GLY A 802 -3.89 22.91 -26.70
CA GLY A 802 -3.06 21.74 -26.62
C GLY A 802 -2.56 21.47 -25.22
N PRO A 803 -1.98 20.29 -25.00
CA PRO A 803 -1.51 19.94 -23.65
C PRO A 803 -0.23 20.62 -23.25
N GLU A 804 0.56 21.11 -24.21
CA GLU A 804 1.81 21.78 -23.85
C GLU A 804 1.54 23.20 -23.41
N VAL A 805 0.46 23.82 -23.90
CA VAL A 805 0.08 25.15 -23.48
C VAL A 805 -0.52 25.13 -22.08
N ALA A 806 -1.43 24.19 -21.82
CA ALA A 806 -2.13 24.13 -20.54
C ALA A 806 -1.22 23.75 -19.38
N ALA A 807 -0.13 23.04 -19.65
CA ALA A 807 0.87 22.80 -18.61
C ALA A 807 1.72 24.03 -18.36
N LYS A 808 1.84 24.90 -19.35
CA LYS A 808 2.59 26.13 -19.18
C LYS A 808 1.78 27.19 -18.42
N VAL A 809 0.46 27.20 -18.60
CA VAL A 809 -0.39 28.16 -17.90
C VAL A 809 -0.46 27.85 -16.41
N LEU A 810 -0.38 26.57 -16.03
CA LEU A 810 -0.28 26.24 -14.61
C LEU A 810 1.05 26.67 -14.01
N SER A 811 2.12 26.67 -14.81
CA SER A 811 3.40 27.19 -14.33
C SER A 811 3.33 28.69 -14.12
N VAL A 812 2.68 29.40 -15.02
CA VAL A 812 2.61 30.86 -14.93
C VAL A 812 1.66 31.29 -13.83
N LEU A 813 0.47 30.67 -13.78
CA LEU A 813 -0.45 30.93 -12.68
C LEU A 813 0.05 30.38 -11.35
N GLY A 814 0.96 29.41 -11.38
CA GLY A 814 1.60 28.99 -10.14
C GLY A 814 2.57 30.02 -9.62
N ARG A 815 3.22 30.77 -10.52
CA ARG A 815 4.15 31.82 -10.14
C ARG A 815 3.46 33.17 -9.95
N LEU A 816 2.40 33.44 -10.71
CA LEU A 816 1.67 34.69 -10.54
C LEU A 816 0.94 34.72 -9.21
N PHE A 817 0.34 33.60 -8.82
CA PHE A 817 -0.34 33.53 -7.54
C PHE A 817 0.60 33.27 -6.38
N THR A 818 1.88 32.99 -6.63
CA THR A 818 2.84 32.89 -5.54
C THR A 818 3.43 34.25 -5.22
N ASN A 819 3.76 35.03 -6.26
CA ASN A 819 4.31 36.36 -6.03
C ASN A 819 3.25 37.34 -5.56
N TYR A 820 1.99 37.08 -5.88
CA TYR A 820 0.91 37.90 -5.31
C TYR A 820 0.71 37.60 -3.83
N ILE A 821 1.03 36.38 -3.41
CA ILE A 821 0.89 36.04 -2.00
C ILE A 821 2.04 36.58 -1.17
N THR A 822 3.26 36.57 -1.69
CA THR A 822 4.37 37.15 -0.94
C THR A 822 4.40 38.67 -0.96
N ALA A 823 3.45 39.32 -1.65
CA ALA A 823 3.27 40.76 -1.57
C ALA A 823 1.93 41.16 -0.99
N THR A 824 0.95 40.27 -0.97
CA THR A 824 -0.40 40.52 -0.47
C THR A 824 -0.87 39.18 0.10
N ALA A 825 -0.69 39.01 1.41
CA ALA A 825 -0.70 37.66 1.96
C ALA A 825 -2.08 37.26 2.49
N PHE A 826 -2.17 35.99 2.88
CA PHE A 826 -3.42 35.34 3.24
C PHE A 826 -3.22 34.65 4.58
N THR A 827 -4.14 34.86 5.52
CA THR A 827 -4.02 34.28 6.85
C THR A 827 -5.39 33.90 7.40
N CYS A 828 -5.38 32.96 8.34
CA CYS A 828 -6.57 32.57 9.10
C CYS A 828 -6.25 32.61 10.58
N GLY A 829 -7.23 32.96 11.40
CA GLY A 829 -7.00 33.07 12.83
C GLY A 829 -8.18 32.68 13.70
N MET A 830 -8.09 33.03 14.99
CA MET A 830 -9.20 32.82 15.91
C MET A 830 -10.35 33.77 15.62
N ASP A 831 -10.07 34.86 14.91
CA ASP A 831 -11.05 35.87 14.57
C ASP A 831 -12.08 35.32 13.58
N ASP A 832 -11.70 34.33 12.80
CA ASP A 832 -12.51 33.78 11.73
C ASP A 832 -13.47 32.69 12.19
N LEU A 833 -13.48 32.38 13.47
CA LEU A 833 -14.23 31.23 13.97
C LEU A 833 -15.40 31.63 14.85
N ARG A 834 -15.59 32.92 15.09
CA ARG A 834 -16.57 33.41 16.06
C ARG A 834 -17.87 33.76 15.37
N LEU A 835 -18.98 33.41 16.00
CA LEU A 835 -20.30 33.89 15.62
C LEU A 835 -20.60 35.21 16.32
N THR A 836 -21.69 35.84 15.91
CA THR A 836 -22.10 37.09 16.53
C THR A 836 -22.73 36.80 17.89
N ALA A 837 -23.07 37.88 18.61
CA ALA A 837 -23.94 37.74 19.76
C ALA A 837 -25.34 37.30 19.34
N GLU A 838 -25.78 37.71 18.16
CA GLU A 838 -27.06 37.26 17.62
C GLU A 838 -26.95 35.83 17.08
N GLY A 839 -25.79 35.45 16.56
CA GLY A 839 -25.62 34.11 16.04
C GLY A 839 -25.55 33.05 17.12
N ASN A 840 -24.88 33.35 18.23
CA ASN A 840 -24.87 32.44 19.37
C ASN A 840 -26.23 32.36 20.02
N LYS A 841 -27.00 33.45 20.02
CA LYS A 841 -28.36 33.41 20.52
C LYS A 841 -29.25 32.53 19.64
N TRP A 842 -29.00 32.56 18.33
CA TRP A 842 -29.69 31.64 17.42
C TRP A 842 -29.33 30.20 17.73
N ARG A 843 -28.03 29.91 17.87
CA ARG A 843 -27.55 28.54 18.03
C ARG A 843 -28.06 27.89 19.30
N THR A 844 -28.08 28.63 20.41
CA THR A 844 -28.48 28.02 21.67
C THR A 844 -29.99 27.94 21.86
N ASP A 845 -30.80 28.34 20.87
CA ASP A 845 -32.24 28.17 20.95
C ASP A 845 -32.79 27.08 20.07
N ILE A 846 -32.16 26.80 18.93
CA ILE A 846 -32.48 25.58 18.20
C ILE A 846 -31.95 24.37 18.96
N LEU A 847 -30.83 24.51 19.64
CA LEU A 847 -30.30 23.41 20.45
C LEU A 847 -31.08 23.18 21.73
N LYS A 848 -31.97 24.10 22.14
CA LYS A 848 -32.90 23.80 23.22
C LYS A 848 -34.08 22.96 22.75
N THR A 849 -34.31 22.88 21.44
CA THR A 849 -35.33 21.97 20.93
C THR A 849 -34.86 20.52 21.01
N SER A 850 -33.55 20.29 20.96
CA SER A 850 -33.00 18.94 20.96
C SER A 850 -33.07 18.24 22.32
N VAL A 851 -33.50 18.93 23.38
CA VAL A 851 -33.49 18.33 24.71
C VAL A 851 -34.63 17.35 24.91
N ASP A 852 -35.63 17.37 24.03
CA ASP A 852 -36.77 16.47 24.13
C ASP A 852 -36.88 15.56 22.91
N THR A 853 -35.92 15.66 21.99
CA THR A 853 -35.96 14.91 20.74
C THR A 853 -35.72 13.41 20.95
N GLY A 854 -34.79 13.07 21.86
CA GLY A 854 -34.49 11.68 22.11
C GLY A 854 -35.61 10.90 22.76
N ARG A 855 -36.56 11.59 23.39
CA ARG A 855 -37.74 10.95 23.96
C ARG A 855 -38.86 10.83 22.95
N GLU A 856 -39.06 11.89 22.14
CA GLU A 856 -40.06 11.85 21.07
C GLU A 856 -39.70 10.81 20.02
N ALA A 857 -38.41 10.61 19.76
CA ALA A 857 -37.98 9.56 18.84
C ALA A 857 -38.13 8.19 19.47
N ALA A 858 -37.93 8.09 20.78
CA ALA A 858 -38.06 6.79 21.43
C ALA A 858 -39.50 6.35 21.52
N ALA A 859 -40.41 7.30 21.82
CA ALA A 859 -41.82 6.98 21.96
C ALA A 859 -42.47 6.61 20.64
N GLU A 860 -41.91 7.05 19.51
CA GLU A 860 -42.40 6.62 18.20
C GLU A 860 -42.05 5.16 17.95
N VAL A 861 -40.79 4.78 18.20
CA VAL A 861 -40.33 3.43 17.91
C VAL A 861 -40.96 2.42 18.85
N THR A 862 -41.10 2.77 20.12
CA THR A 862 -41.69 1.86 21.10
C THR A 862 -43.21 1.84 21.04
N ASN A 863 -43.83 2.70 20.23
CA ASN A 863 -45.28 2.81 20.04
C ASN A 863 -46.02 3.14 21.34
N LEU A 864 -45.39 3.90 22.23
CA LEU A 864 -46.12 4.49 23.35
C LEU A 864 -46.87 5.74 22.87
N ASP A 865 -48.01 6.00 23.52
CA ASP A 865 -49.10 6.76 22.91
C ASP A 865 -48.78 8.21 22.59
N LYS A 866 -48.67 9.06 23.61
CA LYS A 866 -48.67 10.51 23.42
C LYS A 866 -48.01 11.17 24.62
N ASP A 867 -46.87 11.82 24.39
CA ASP A 867 -46.20 12.68 25.38
C ASP A 867 -45.85 11.91 26.65
N THR A 868 -45.43 10.66 26.48
CA THR A 868 -45.13 9.82 27.63
C THR A 868 -43.84 10.29 28.30
N PRO A 869 -43.77 10.28 29.62
CA PRO A 869 -42.56 10.77 30.31
C PRO A 869 -41.39 9.82 30.12
N ALA A 870 -40.20 10.34 30.40
CA ALA A 870 -38.98 9.60 30.15
C ALA A 870 -38.80 8.45 31.15
N ASP A 871 -39.41 8.54 32.32
CA ASP A 871 -39.34 7.50 33.33
C ASP A 871 -40.60 6.65 33.41
N ASP A 872 -41.32 6.51 32.31
CA ASP A 872 -42.51 5.68 32.30
C ASP A 872 -42.10 4.22 32.36
N PRO A 873 -42.63 3.43 33.31
CA PRO A 873 -42.22 2.02 33.40
C PRO A 873 -42.63 1.16 32.22
N GLU A 874 -43.60 1.59 31.42
CA GLU A 874 -43.86 0.91 30.17
C GLU A 874 -42.86 1.33 29.09
N LEU A 875 -42.40 2.57 29.13
CA LEU A 875 -41.34 3.03 28.23
C LEU A 875 -40.03 2.31 28.54
N LEU A 876 -39.65 2.24 29.82
CA LEU A 876 -38.40 1.60 30.21
C LEU A 876 -38.43 0.10 30.02
N LYS A 877 -39.63 -0.50 30.00
CA LYS A 877 -39.72 -1.93 29.77
C LYS A 877 -39.37 -2.28 28.33
N ARG A 878 -39.95 -1.56 27.37
CA ARG A 878 -39.76 -1.93 25.99
C ARG A 878 -38.43 -1.46 25.43
N LEU A 879 -37.83 -0.43 26.02
CA LEU A 879 -36.47 -0.04 25.62
C LEU A 879 -35.45 -1.10 26.00
N GLN A 880 -35.70 -1.84 27.07
CA GLN A 880 -34.87 -2.99 27.37
C GLN A 880 -35.11 -4.11 26.38
N GLU A 881 -36.35 -4.26 25.90
CA GLU A 881 -36.64 -5.22 24.85
C GLU A 881 -35.98 -4.82 23.53
N ILE A 882 -35.90 -3.52 23.26
CA ILE A 882 -35.25 -3.02 22.05
C ILE A 882 -33.75 -3.26 22.10
N LEU A 883 -33.15 -3.12 23.28
CA LEU A 883 -31.70 -3.22 23.43
C LEU A 883 -31.20 -4.64 23.18
N ARG A 884 -31.93 -5.64 23.66
CA ARG A 884 -31.48 -7.03 23.56
C ARG A 884 -31.57 -7.57 22.14
N ASP A 885 -32.31 -6.91 21.25
CA ASP A 885 -32.43 -7.33 19.86
C ASP A 885 -31.60 -6.42 18.97
N ASN A 886 -30.94 -7.02 17.98
CA ASN A 886 -30.00 -6.27 17.16
C ASN A 886 -30.74 -5.38 16.17
N ASN A 887 -31.84 -5.86 15.60
CA ASN A 887 -32.54 -5.09 14.59
C ASN A 887 -33.48 -4.05 15.19
N LYS A 888 -34.08 -4.35 16.35
CA LYS A 888 -34.91 -3.37 17.03
C LYS A 888 -34.08 -2.19 17.54
N SER A 889 -32.84 -2.45 17.95
CA SER A 889 -31.92 -1.37 18.27
C SER A 889 -31.41 -0.66 17.04
N GLY A 890 -31.47 -1.30 15.88
CA GLY A 890 -31.06 -0.63 14.65
C GLY A 890 -32.07 0.36 14.14
N ILE A 891 -33.36 0.14 14.41
CA ILE A 891 -34.39 1.09 14.01
C ILE A 891 -34.69 2.10 15.12
N LEU A 892 -34.13 1.92 16.31
CA LEU A 892 -34.12 3.02 17.26
C LEU A 892 -33.01 4.00 16.92
N ASP A 893 -31.87 3.48 16.50
CA ASP A 893 -30.71 4.30 16.17
C ASP A 893 -30.81 4.93 14.79
N ALA A 894 -31.85 4.66 14.03
CA ALA A 894 -32.06 5.27 12.72
C ALA A 894 -33.15 6.32 12.74
N VAL A 895 -34.18 6.13 13.56
CA VAL A 895 -35.21 7.15 13.72
C VAL A 895 -34.68 8.30 14.58
N THR A 896 -33.93 7.98 15.64
CA THR A 896 -33.42 9.03 16.53
C THR A 896 -32.31 9.81 15.85
N SER A 897 -31.49 9.14 15.03
CA SER A 897 -30.47 9.84 14.26
C SER A 897 -31.10 10.75 13.22
N SER A 898 -32.25 10.35 12.66
CA SER A 898 -32.89 11.15 11.62
C SER A 898 -33.46 12.45 12.18
N LYS A 899 -33.90 12.45 13.43
CA LYS A 899 -34.49 13.64 14.02
C LYS A 899 -33.43 14.60 14.53
N VAL A 900 -32.29 14.09 15.00
CA VAL A 900 -31.25 14.98 15.50
C VAL A 900 -30.40 15.56 14.38
N ASN A 901 -30.37 14.92 13.20
CA ASN A 901 -29.77 15.58 12.04
C ASN A 901 -30.70 16.61 11.42
N ALA A 902 -31.98 16.61 11.79
CA ALA A 902 -32.85 17.72 11.41
C ALA A 902 -32.57 18.94 12.28
N ILE A 903 -32.28 18.73 13.56
CA ILE A 903 -31.88 19.82 14.45
C ILE A 903 -30.51 20.36 14.05
N THR A 904 -29.64 19.50 13.56
CA THR A 904 -28.32 19.92 13.12
C THR A 904 -28.41 20.83 11.89
N SER A 905 -29.28 20.49 10.94
CA SER A 905 -29.43 21.29 9.73
C SER A 905 -30.11 22.62 9.98
N GLN A 906 -30.90 22.74 11.05
CA GLN A 906 -31.51 24.02 11.36
C GLN A 906 -30.49 25.00 11.96
N VAL A 907 -29.48 24.49 12.66
CA VAL A 907 -28.41 25.34 13.16
C VAL A 907 -27.56 25.83 12.01
N VAL A 908 -27.24 24.96 11.06
CA VAL A 908 -26.30 25.29 10.00
C VAL A 908 -26.93 26.20 8.96
N SER A 909 -28.22 26.01 8.68
CA SER A 909 -28.88 26.86 7.69
C SER A 909 -29.12 28.27 8.21
N LYS A 910 -29.08 28.48 9.52
CA LYS A 910 -29.29 29.79 10.10
C LYS A 910 -27.99 30.48 10.51
N CYS A 911 -27.16 29.80 11.29
CA CYS A 911 -26.02 30.45 11.94
C CYS A 911 -24.83 30.70 11.02
N VAL A 912 -24.86 30.21 9.79
CA VAL A 912 -23.78 30.45 8.83
C VAL A 912 -24.36 30.46 7.43
N PRO A 913 -24.06 31.48 6.60
CA PRO A 913 -23.22 32.67 6.75
C PRO A 913 -23.81 33.81 7.56
N ASP A 914 -25.06 33.69 7.97
CA ASP A 914 -25.80 34.86 8.44
C ASP A 914 -25.40 35.27 9.86
N GLY A 915 -24.99 34.33 10.70
CA GLY A 915 -24.75 34.65 12.08
C GLY A 915 -23.27 34.69 12.42
N THR A 916 -22.43 34.77 11.41
CA THR A 916 -20.99 34.75 11.61
C THR A 916 -20.48 36.18 11.79
N MET A 917 -19.50 36.35 12.69
CA MET A 917 -19.06 37.68 13.07
C MET A 917 -18.30 38.37 11.94
N LYS A 918 -17.21 37.75 11.50
CA LYS A 918 -16.52 38.20 10.31
C LYS A 918 -17.07 37.41 9.13
N LYS A 919 -17.27 38.09 8.00
CA LYS A 919 -17.94 37.46 6.88
C LYS A 919 -17.08 37.49 5.63
N PHE A 920 -17.56 36.79 4.60
CA PHE A 920 -16.85 36.66 3.35
C PHE A 920 -16.74 38.02 2.66
N PRO A 921 -15.60 38.37 2.05
CA PRO A 921 -14.36 37.61 1.87
C PRO A 921 -13.39 37.65 3.04
N CYS A 922 -13.70 38.47 4.05
CA CYS A 922 -12.76 38.64 5.16
C CYS A 922 -12.68 37.40 6.04
N ASN A 923 -13.77 36.66 6.17
CA ASN A 923 -13.77 35.42 6.96
C ASN A 923 -12.99 34.38 6.20
N SER A 924 -11.74 34.19 6.60
CA SER A 924 -10.82 33.36 5.84
C SER A 924 -11.08 31.88 6.01
N MET A 925 -11.60 31.46 7.17
CA MET A 925 -12.00 30.07 7.36
C MET A 925 -13.13 29.70 6.42
N GLN A 926 -14.12 30.58 6.29
CA GLN A 926 -15.24 30.37 5.41
C GLN A 926 -14.88 30.61 3.95
N ALA A 927 -13.87 31.43 3.67
CA ALA A 927 -13.52 31.75 2.30
C ALA A 927 -12.82 30.58 1.61
N MET A 928 -12.07 29.78 2.35
CA MET A 928 -11.35 28.67 1.75
C MET A 928 -12.16 27.38 1.74
N ALA A 929 -13.39 27.42 2.23
CA ALA A 929 -14.31 26.29 2.09
C ALA A 929 -15.32 26.50 0.97
N LEU A 930 -15.76 27.73 0.76
CA LEU A 930 -16.59 28.04 -0.39
C LEU A 930 -15.80 27.93 -1.68
N SER A 931 -14.54 28.35 -1.63
CA SER A 931 -13.69 28.31 -2.81
C SER A 931 -13.13 26.92 -3.08
N GLY A 932 -13.28 25.99 -2.16
CA GLY A 932 -12.74 24.67 -2.38
C GLY A 932 -11.24 24.59 -2.30
N ALA A 933 -10.59 25.59 -1.71
CA ALA A 933 -9.15 25.56 -1.54
C ALA A 933 -8.74 24.43 -0.61
N LYS A 934 -9.21 24.49 0.63
CA LYS A 934 -9.05 23.36 1.54
C LYS A 934 -10.20 23.42 2.53
N GLY A 935 -10.95 22.33 2.64
CA GLY A 935 -12.01 22.23 3.61
C GLY A 935 -13.35 21.97 2.96
N SER A 936 -14.38 21.94 3.81
CA SER A 936 -15.74 21.65 3.38
C SER A 936 -16.69 22.52 4.19
N ASN A 937 -17.95 22.53 3.77
CA ASN A 937 -18.97 23.25 4.53
C ASN A 937 -19.33 22.49 5.80
N VAL A 938 -19.15 21.17 5.80
CA VAL A 938 -19.37 20.39 7.01
C VAL A 938 -18.23 20.56 8.00
N ASN A 939 -17.06 21.02 7.55
CA ASN A 939 -15.95 21.25 8.46
C ASN A 939 -16.14 22.53 9.25
N VAL A 940 -16.57 23.62 8.60
CA VAL A 940 -16.81 24.86 9.33
C VAL A 940 -18.12 24.80 10.10
N SER A 941 -19.00 23.86 9.76
CA SER A 941 -20.15 23.56 10.60
C SER A 941 -19.72 23.04 11.96
N GLN A 942 -18.77 22.11 11.97
CA GLN A 942 -18.33 21.50 13.23
C GLN A 942 -17.44 22.43 14.04
N ILE A 943 -16.80 23.40 13.39
CA ILE A 943 -16.01 24.38 14.13
C ILE A 943 -16.91 25.46 14.71
N MET A 944 -17.74 26.07 13.87
CA MET A 944 -18.44 27.27 14.27
C MET A 944 -19.83 27.03 14.83
N CYS A 945 -20.51 25.96 14.45
CA CYS A 945 -21.89 25.78 14.89
C CYS A 945 -22.09 24.56 15.77
N LEU A 946 -21.78 23.37 15.29
CA LEU A 946 -22.35 22.17 15.88
C LEU A 946 -21.60 20.94 15.37
N LEU A 947 -21.06 20.12 16.27
CA LEU A 947 -20.21 19.02 15.84
C LEU A 947 -21.02 17.87 15.25
N GLY A 948 -22.19 17.58 15.80
CA GLY A 948 -23.16 16.73 15.13
C GLY A 948 -23.31 15.38 15.82
N GLN A 949 -24.16 14.56 15.21
CA GLN A 949 -24.34 13.18 15.64
C GLN A 949 -23.10 12.37 15.32
N GLN A 950 -22.50 11.77 16.35
CA GLN A 950 -21.36 10.88 16.18
C GLN A 950 -21.91 9.48 15.89
N ALA A 951 -21.72 9.02 14.67
CA ALA A 951 -22.31 7.78 14.21
C ALA A 951 -21.25 6.71 14.04
N LEU A 952 -21.59 5.52 14.48
CA LEU A 952 -20.77 4.32 14.38
C LEU A 952 -21.12 3.64 13.05
N GLU A 953 -20.88 2.33 12.92
CA GLU A 953 -21.12 1.62 11.66
C GLU A 953 -22.62 1.58 11.38
N GLY A 954 -23.14 2.72 10.90
CA GLY A 954 -24.55 2.93 10.67
C GLY A 954 -25.33 3.36 11.90
N ARG A 955 -24.95 2.87 13.07
CA ARG A 955 -25.71 3.02 14.30
C ARG A 955 -25.23 4.24 15.09
N ARG A 956 -25.76 4.38 16.30
CA ARG A 956 -25.32 5.38 17.25
C ARG A 956 -24.21 4.77 18.11
N VAL A 957 -23.91 5.40 19.24
CA VAL A 957 -22.90 4.91 20.18
C VAL A 957 -23.37 3.60 20.80
N PRO A 958 -22.54 2.56 20.89
CA PRO A 958 -22.98 1.29 21.46
C PRO A 958 -23.28 1.36 22.94
N VAL A 959 -24.18 0.49 23.38
CA VAL A 959 -24.74 0.49 24.71
C VAL A 959 -24.24 -0.74 25.46
N MET A 960 -24.04 -0.60 26.77
CA MET A 960 -23.62 -1.72 27.62
C MET A 960 -24.74 -2.74 27.78
N VAL A 961 -24.48 -3.74 28.64
CA VAL A 961 -25.53 -4.69 29.00
C VAL A 961 -26.60 -4.02 29.83
N SER A 962 -26.20 -3.05 30.66
CA SER A 962 -27.09 -2.46 31.64
C SER A 962 -28.03 -1.42 31.07
N GLY A 963 -27.89 -1.06 29.80
CA GLY A 963 -28.66 0.02 29.23
C GLY A 963 -27.98 1.36 29.29
N LYS A 964 -26.95 1.49 30.13
CA LYS A 964 -26.13 2.68 30.09
C LYS A 964 -25.30 2.71 28.82
N THR A 965 -25.21 3.88 28.22
CA THR A 965 -24.37 4.10 27.07
C THR A 965 -22.97 4.49 27.50
N LEU A 966 -22.80 4.79 28.78
CA LEU A 966 -21.59 5.31 29.41
C LEU A 966 -21.91 5.36 30.90
N PRO A 967 -20.93 5.30 31.80
CA PRO A 967 -21.26 5.35 33.24
C PRO A 967 -21.84 6.67 33.71
N SER A 968 -21.70 7.74 32.94
CA SER A 968 -22.20 9.04 33.35
C SER A 968 -23.72 9.13 33.27
N PHE A 969 -24.34 8.37 32.38
CA PHE A 969 -25.77 8.48 32.14
C PHE A 969 -26.51 7.38 32.88
N LYS A 970 -27.78 7.62 33.15
CA LYS A 970 -28.60 6.63 33.82
C LYS A 970 -29.00 5.54 32.82
N PRO A 971 -29.39 4.35 33.28
CA PRO A 971 -29.75 3.29 32.33
C PRO A 971 -31.05 3.59 31.60
N TYR A 972 -30.98 3.45 30.27
CA TYR A 972 -32.12 3.61 29.36
C TYR A 972 -32.72 5.01 29.41
N GLU A 973 -31.87 6.04 29.34
CA GLU A 973 -32.44 7.37 29.28
C GLU A 973 -32.66 7.75 27.83
N THR A 974 -33.74 8.50 27.61
CA THR A 974 -34.09 8.94 26.27
C THR A 974 -33.61 10.37 26.06
N ASP A 975 -32.30 10.53 26.15
CA ASP A 975 -31.64 11.80 25.88
C ASP A 975 -30.83 11.66 24.60
N ALA A 976 -30.86 12.68 23.76
CA ALA A 976 -30.08 12.65 22.54
C ALA A 976 -28.59 12.78 22.83
N MET A 977 -28.23 13.48 23.90
CA MET A 977 -26.83 13.60 24.29
C MET A 977 -26.26 12.26 24.74
N ALA A 978 -27.09 11.42 25.36
CA ALA A 978 -26.63 10.12 25.83
C ALA A 978 -26.33 9.15 24.71
N GLY A 979 -26.90 9.36 23.53
CA GLY A 979 -26.69 8.45 22.43
C GLY A 979 -25.79 8.98 21.34
N GLY A 980 -24.91 9.90 21.68
CA GLY A 980 -23.86 10.31 20.77
C GLY A 980 -24.05 11.66 20.11
N TYR A 981 -25.24 12.25 20.17
CA TYR A 981 -25.45 13.58 19.59
C TYR A 981 -24.77 14.61 20.47
N VAL A 982 -23.70 15.20 19.99
CA VAL A 982 -22.96 16.17 20.76
C VAL A 982 -23.42 17.56 20.34
N LYS A 983 -23.45 18.47 21.31
CA LYS A 983 -23.90 19.82 21.07
C LYS A 983 -22.79 20.85 21.14
N GLY A 984 -21.61 20.46 21.65
CA GLY A 984 -20.49 21.36 21.65
C GLY A 984 -19.87 21.49 20.29
N ARG A 985 -19.01 22.49 20.15
CA ARG A 985 -18.30 22.75 18.91
C ARG A 985 -16.81 22.87 19.19
N PHE A 986 -16.02 22.75 18.12
CA PHE A 986 -14.57 22.82 18.26
C PHE A 986 -14.06 24.19 18.64
N TYR A 987 -14.85 25.24 18.42
CA TYR A 987 -14.51 26.56 18.93
C TYR A 987 -14.61 26.61 20.45
N SER A 988 -15.78 26.29 20.99
CA SER A 988 -16.01 26.42 22.42
C SER A 988 -15.58 25.21 23.21
N GLY A 989 -15.73 24.01 22.67
CA GLY A 989 -15.31 22.82 23.37
C GLY A 989 -16.35 21.75 23.53
N ILE A 990 -15.91 20.51 23.65
CA ILE A 990 -16.80 19.37 23.82
C ILE A 990 -16.66 18.85 25.25
N LYS A 991 -17.80 18.44 25.81
CA LYS A 991 -17.89 17.93 27.17
C LYS A 991 -17.17 16.58 27.27
N PRO A 992 -16.81 16.12 28.49
CA PRO A 992 -16.01 14.88 28.59
C PRO A 992 -16.70 13.62 28.10
N GLN A 993 -18.03 13.61 28.05
CA GLN A 993 -18.74 12.50 27.45
C GLN A 993 -19.11 12.76 26.00
N GLU A 994 -19.15 14.02 25.58
CA GLU A 994 -19.13 14.33 24.16
C GLU A 994 -17.78 14.02 23.56
N TYR A 995 -16.71 14.18 24.35
CA TYR A 995 -15.37 13.85 23.92
C TYR A 995 -15.21 12.35 23.70
N TYR A 996 -15.74 11.54 24.61
CA TYR A 996 -15.52 10.10 24.58
C TYR A 996 -16.28 9.44 23.44
N PHE A 997 -17.49 9.92 23.17
CA PHE A 997 -18.26 9.42 22.04
C PHE A 997 -17.60 9.79 20.73
N HIS A 998 -17.00 10.98 20.66
CA HIS A 998 -16.29 11.41 19.48
C HIS A 998 -14.97 10.66 19.30
N CYS A 999 -14.42 10.10 20.38
CA CYS A 999 -13.25 9.23 20.24
C CYS A 999 -13.62 7.89 19.61
N MET A 1000 -14.87 7.45 19.77
CA MET A 1000 -15.30 6.19 19.16
C MET A 1000 -15.40 6.31 17.65
N ALA A 1001 -15.95 7.43 17.17
CA ALA A 1001 -16.10 7.62 15.73
C ALA A 1001 -14.76 7.92 15.07
N GLY A 1002 -13.82 8.48 15.81
CA GLY A 1002 -12.52 8.78 15.22
C GLY A 1002 -11.67 7.55 15.02
N ARG A 1003 -11.75 6.59 15.96
CA ARG A 1003 -11.01 5.35 15.83
C ARG A 1003 -11.59 4.48 14.73
N GLU A 1004 -12.94 4.47 14.63
CA GLU A 1004 -13.65 3.70 13.61
C GLU A 1004 -13.24 4.13 12.21
N GLY A 1005 -13.08 5.42 11.99
CA GLY A 1005 -12.60 5.90 10.71
C GLY A 1005 -11.17 5.51 10.40
N LEU A 1006 -10.36 5.27 11.43
CA LEU A 1006 -8.99 4.85 11.22
C LEU A 1006 -8.84 3.35 11.06
N ILE A 1007 -9.76 2.56 11.61
CA ILE A 1007 -9.74 1.12 11.39
C ILE A 1007 -10.17 0.80 9.97
N ASP A 1008 -11.25 1.44 9.50
CA ASP A 1008 -11.72 1.23 8.15
C ASP A 1008 -10.76 1.81 7.11
N THR A 1009 -9.98 2.82 7.49
CA THR A 1009 -8.93 3.32 6.62
C THR A 1009 -7.79 2.31 6.52
N ALA A 1010 -7.33 1.79 7.65
CA ALA A 1010 -6.11 1.00 7.65
C ALA A 1010 -6.36 -0.45 7.21
N VAL A 1011 -7.14 -1.20 8.00
CA VAL A 1011 -7.18 -2.65 7.85
C VAL A 1011 -8.24 -3.11 6.85
N LYS A 1012 -8.98 -2.18 6.24
CA LYS A 1012 -10.02 -2.55 5.29
C LYS A 1012 -9.67 -2.21 3.85
N THR A 1013 -8.44 -1.77 3.57
CA THR A 1013 -7.97 -1.61 2.20
C THR A 1013 -7.23 -2.83 1.69
N SER A 1014 -7.16 -3.89 2.47
CA SER A 1014 -6.71 -5.18 1.99
C SER A 1014 -7.77 -5.90 1.18
N ARG A 1015 -8.99 -5.35 1.18
CA ARG A 1015 -10.10 -5.89 0.41
C ARG A 1015 -10.26 -5.21 -0.95
N SER A 1016 -9.96 -3.92 -1.02
CA SER A 1016 -9.95 -3.21 -2.29
C SER A 1016 -8.68 -3.45 -3.08
N GLY A 1017 -7.55 -3.68 -2.40
CA GLY A 1017 -6.30 -3.93 -3.07
C GLY A 1017 -6.22 -5.31 -3.70
N TYR A 1018 -7.01 -6.25 -3.22
CA TYR A 1018 -7.09 -7.56 -3.86
C TYR A 1018 -8.22 -7.63 -4.87
N LEU A 1019 -9.13 -6.65 -4.88
CA LEU A 1019 -10.01 -6.46 -6.02
C LEU A 1019 -9.21 -6.08 -7.26
N GLN A 1020 -8.21 -5.22 -7.10
CA GLN A 1020 -7.48 -4.72 -8.25
C GLN A 1020 -6.47 -5.72 -8.77
N ARG A 1021 -5.90 -6.56 -7.89
CA ARG A 1021 -5.00 -7.61 -8.34
C ARG A 1021 -5.72 -8.64 -9.20
N CYS A 1022 -6.92 -9.04 -8.78
CA CYS A 1022 -7.71 -10.00 -9.55
C CYS A 1022 -8.16 -9.42 -10.88
N LEU A 1023 -8.42 -8.12 -10.93
CA LEU A 1023 -8.79 -7.47 -12.17
C LEU A 1023 -7.62 -7.37 -13.13
N THR A 1024 -6.44 -6.97 -12.64
CA THR A 1024 -5.31 -6.71 -13.54
C THR A 1024 -4.68 -7.97 -14.11
N LYS A 1025 -4.87 -9.12 -13.49
CA LYS A 1025 -4.24 -10.32 -14.04
C LYS A 1025 -5.00 -10.83 -15.24
N GLN A 1026 -6.33 -10.72 -15.22
CA GLN A 1026 -7.12 -11.18 -16.35
C GLN A 1026 -7.04 -10.20 -17.52
N LEU A 1027 -6.84 -8.92 -17.23
CA LEU A 1027 -6.97 -7.85 -18.21
C LEU A 1027 -5.62 -7.22 -18.56
N GLU A 1028 -4.51 -7.88 -18.27
CA GLU A 1028 -3.21 -7.29 -18.55
C GLU A 1028 -2.87 -7.31 -20.03
N GLY A 1029 -3.48 -8.20 -20.81
CA GLY A 1029 -3.12 -8.33 -22.21
C GLY A 1029 -4.15 -7.75 -23.14
N VAL A 1030 -5.27 -7.30 -22.59
CA VAL A 1030 -6.33 -6.74 -23.43
C VAL A 1030 -5.92 -5.36 -23.92
N HIS A 1031 -6.00 -5.16 -25.22
CA HIS A 1031 -5.48 -3.95 -25.84
C HIS A 1031 -6.20 -3.69 -27.15
N VAL A 1032 -6.10 -2.45 -27.62
CA VAL A 1032 -6.65 -2.10 -28.92
C VAL A 1032 -5.76 -2.69 -30.00
N SER A 1033 -6.37 -3.37 -30.97
CA SER A 1033 -5.64 -3.81 -32.13
C SER A 1033 -5.76 -2.81 -33.26
N TYR A 1034 -5.03 -3.06 -34.34
CA TYR A 1034 -5.10 -2.23 -35.53
C TYR A 1034 -6.37 -2.46 -36.35
N ASP A 1035 -7.20 -3.43 -35.96
CA ASP A 1035 -8.56 -3.60 -36.46
C ASP A 1035 -9.55 -2.66 -35.83
N ASN A 1036 -9.10 -1.78 -34.92
CA ASN A 1036 -9.96 -1.03 -33.99
C ASN A 1036 -10.90 -1.97 -33.22
N SER A 1037 -10.36 -3.12 -32.84
CA SER A 1037 -11.14 -4.20 -32.28
C SER A 1037 -10.36 -4.75 -31.09
N ILE A 1038 -10.79 -4.41 -29.89
CA ILE A 1038 -10.00 -4.69 -28.70
C ILE A 1038 -10.09 -6.18 -28.34
N ARG A 1039 -8.98 -6.74 -27.90
CA ARG A 1039 -8.88 -8.19 -27.83
C ARG A 1039 -7.78 -8.58 -26.86
N ASP A 1040 -7.74 -9.86 -26.53
CA ASP A 1040 -6.80 -10.38 -25.56
C ASP A 1040 -5.46 -10.66 -26.24
N ALA A 1041 -4.44 -10.96 -25.43
CA ALA A 1041 -3.08 -11.05 -25.94
C ALA A 1041 -2.87 -12.30 -26.78
N ASP A 1042 -3.56 -13.39 -26.47
CA ASP A 1042 -3.43 -14.61 -27.26
C ASP A 1042 -4.15 -14.54 -28.60
N GLY A 1043 -5.00 -13.55 -28.80
CA GLY A 1043 -5.70 -13.36 -30.05
C GLY A 1043 -7.21 -13.43 -29.95
N THR A 1044 -7.76 -13.96 -28.86
CA THR A 1044 -9.21 -14.05 -28.74
C THR A 1044 -9.80 -12.66 -28.51
N LEU A 1045 -11.04 -12.51 -28.95
CA LEU A 1045 -11.65 -11.20 -29.15
C LEU A 1045 -12.59 -10.89 -27.99
N VAL A 1046 -12.37 -9.78 -27.32
CA VAL A 1046 -13.25 -9.38 -26.21
C VAL A 1046 -14.39 -8.51 -26.71
N GLN A 1047 -14.08 -7.44 -27.45
CA GLN A 1047 -15.10 -6.63 -28.09
C GLN A 1047 -14.72 -6.40 -29.53
N PHE A 1048 -15.68 -5.92 -30.31
CA PHE A 1048 -15.41 -5.60 -31.71
C PHE A 1048 -14.99 -4.15 -31.91
N MET A 1049 -15.16 -3.32 -30.89
CA MET A 1049 -14.85 -1.90 -30.92
C MET A 1049 -14.93 -1.40 -29.48
N TYR A 1050 -14.01 -0.51 -29.11
CA TYR A 1050 -13.89 -0.06 -27.73
C TYR A 1050 -15.06 0.81 -27.35
N GLY A 1051 -15.95 0.30 -26.51
CA GLY A 1051 -17.11 1.03 -26.06
C GLY A 1051 -18.19 1.18 -27.10
N GLY A 1052 -18.08 0.52 -28.24
CA GLY A 1052 -18.99 0.72 -29.33
C GLY A 1052 -18.71 1.92 -30.20
N ASP A 1053 -17.75 2.76 -29.82
CA ASP A 1053 -17.42 3.92 -30.63
C ASP A 1053 -15.93 4.20 -30.78
N ALA A 1054 -15.05 3.45 -30.10
CA ALA A 1054 -13.59 3.48 -30.28
C ALA A 1054 -12.98 4.84 -29.98
N ILE A 1055 -13.48 5.56 -29.00
CA ILE A 1055 -12.90 6.86 -28.71
C ILE A 1055 -12.35 6.86 -27.29
N ASP A 1056 -11.27 7.62 -27.12
CA ASP A 1056 -10.55 7.66 -25.85
C ASP A 1056 -11.33 8.49 -24.86
N ILE A 1057 -11.25 8.11 -23.58
CA ILE A 1057 -11.92 8.86 -22.53
C ILE A 1057 -11.22 10.19 -22.31
N THR A 1058 -9.90 10.22 -22.45
CA THR A 1058 -9.13 11.45 -22.29
C THR A 1058 -9.18 12.35 -23.52
N LYS A 1059 -10.10 12.11 -24.46
CA LYS A 1059 -10.30 12.98 -25.60
C LYS A 1059 -11.75 13.31 -25.88
N GLU A 1060 -12.70 12.63 -25.22
CA GLU A 1060 -14.12 12.86 -25.45
C GLU A 1060 -14.72 13.87 -24.49
N SER A 1061 -13.90 14.76 -23.91
CA SER A 1061 -14.40 15.74 -22.96
C SER A 1061 -15.23 16.81 -23.67
N HIS A 1062 -14.61 17.55 -24.59
CA HIS A 1062 -15.31 18.56 -25.37
C HIS A 1062 -15.83 18.03 -26.69
N MET A 1063 -16.16 16.75 -26.77
CA MET A 1063 -16.66 16.21 -28.02
C MET A 1063 -18.11 16.58 -28.24
N THR A 1064 -18.92 16.53 -27.19
CA THR A 1064 -20.32 16.94 -27.26
C THR A 1064 -20.55 18.31 -26.64
N GLN A 1065 -19.49 19.07 -26.37
CA GLN A 1065 -19.60 20.45 -25.90
C GLN A 1065 -19.62 21.34 -27.14
N PHE A 1066 -20.78 21.42 -27.77
CA PHE A 1066 -20.83 22.00 -29.11
C PHE A 1066 -20.82 23.53 -29.06
N GLU A 1067 -21.50 24.13 -28.07
CA GLU A 1067 -21.51 25.58 -27.97
C GLU A 1067 -20.17 26.13 -27.51
N PHE A 1068 -19.35 25.32 -26.85
CA PHE A 1068 -17.96 25.71 -26.61
C PHE A 1068 -17.17 25.69 -27.90
N CYS A 1069 -17.32 24.63 -28.68
CA CYS A 1069 -16.52 24.46 -29.88
C CYS A 1069 -16.96 25.37 -31.02
N LEU A 1070 -18.17 25.90 -30.96
CA LEU A 1070 -18.61 26.86 -31.97
C LEU A 1070 -18.04 28.24 -31.70
N ASP A 1071 -17.98 28.65 -30.42
CA ASP A 1071 -17.42 29.94 -30.07
C ASP A 1071 -15.91 29.97 -30.31
N ASN A 1072 -15.26 28.82 -30.23
CA ASN A 1072 -13.83 28.68 -30.44
C ASN A 1072 -13.53 27.97 -31.77
N TYR A 1073 -14.29 28.30 -32.81
CA TYR A 1073 -14.16 27.57 -34.07
C TYR A 1073 -12.86 27.88 -34.78
N TYR A 1074 -12.52 29.17 -34.91
CA TYR A 1074 -11.32 29.56 -35.66
C TYR A 1074 -10.04 29.20 -34.94
N ALA A 1075 -10.10 28.94 -33.63
CA ALA A 1075 -8.93 28.49 -32.91
C ALA A 1075 -8.81 26.98 -32.87
N LEU A 1076 -9.94 26.26 -32.87
CA LEU A 1076 -9.89 24.81 -33.01
C LEU A 1076 -9.60 24.37 -34.45
N LEU A 1077 -9.86 25.23 -35.43
CA LEU A 1077 -9.53 24.90 -36.81
C LEU A 1077 -8.03 24.93 -37.05
N LYS A 1078 -7.26 25.59 -36.20
CA LYS A 1078 -5.82 25.61 -36.36
C LYS A 1078 -5.16 24.34 -35.86
N LYS A 1079 -5.82 23.57 -35.00
CA LYS A 1079 -5.22 22.35 -34.50
C LYS A 1079 -5.77 21.10 -35.16
N TYR A 1080 -6.91 21.17 -35.81
CA TYR A 1080 -7.41 20.03 -36.56
C TYR A 1080 -7.17 20.16 -38.05
N ASN A 1081 -7.18 21.39 -38.59
CA ASN A 1081 -6.73 21.78 -39.93
C ASN A 1081 -7.41 20.98 -41.03
N PRO A 1082 -8.68 21.27 -41.33
CA PRO A 1082 -9.48 20.34 -42.16
C PRO A 1082 -9.00 20.17 -43.59
N SER A 1083 -8.72 21.27 -44.30
CA SER A 1083 -8.39 21.19 -45.71
C SER A 1083 -7.02 20.57 -45.96
N ALA A 1084 -6.10 20.66 -45.01
CA ALA A 1084 -4.78 20.04 -45.17
C ALA A 1084 -4.82 18.52 -45.03
N LEU A 1085 -5.92 17.96 -44.53
CA LEU A 1085 -6.02 16.53 -44.27
C LEU A 1085 -7.06 15.85 -45.15
N ILE A 1086 -7.53 16.53 -46.20
CA ILE A 1086 -8.46 15.90 -47.14
C ILE A 1086 -7.75 14.85 -47.99
N GLU A 1087 -6.45 15.04 -48.22
CA GLU A 1087 -5.72 14.28 -49.23
C GLU A 1087 -5.54 12.82 -48.83
N HIS A 1088 -5.22 12.57 -47.55
CA HIS A 1088 -4.90 11.24 -47.08
C HIS A 1088 -6.13 10.48 -46.57
N LEU A 1089 -7.33 10.91 -46.95
CA LEU A 1089 -8.55 10.40 -46.37
C LEU A 1089 -9.60 10.15 -47.44
N ASP A 1090 -10.66 9.48 -47.03
CA ASP A 1090 -11.87 9.29 -47.83
C ASP A 1090 -12.97 10.12 -47.18
N VAL A 1091 -13.42 11.15 -47.87
CA VAL A 1091 -14.49 12.01 -47.38
C VAL A 1091 -15.83 11.64 -48.00
N GLU A 1092 -15.83 11.10 -49.22
CA GLU A 1092 -17.05 10.95 -49.99
C GLU A 1092 -17.88 9.76 -49.54
N SER A 1093 -17.24 8.67 -49.12
CA SER A 1093 -17.95 7.40 -48.99
C SER A 1093 -18.72 7.27 -47.69
N ALA A 1094 -18.10 7.61 -46.56
CA ALA A 1094 -18.74 7.36 -45.27
C ALA A 1094 -19.87 8.34 -44.97
N LEU A 1095 -19.86 9.51 -45.60
CA LEU A 1095 -20.93 10.47 -45.38
C LEU A 1095 -22.21 10.09 -46.09
N LYS A 1096 -22.12 9.34 -47.20
CA LYS A 1096 -23.32 8.89 -47.89
C LYS A 1096 -24.07 7.86 -47.08
N TYR A 1097 -23.36 6.86 -46.56
CA TYR A 1097 -23.97 5.79 -45.78
C TYR A 1097 -24.37 6.27 -44.40
N SER A 1098 -23.81 7.38 -43.93
CA SER A 1098 -24.29 8.01 -42.70
C SER A 1098 -25.61 8.73 -42.92
N LYS A 1099 -25.95 9.07 -44.16
CA LYS A 1099 -27.26 9.63 -44.45
C LYS A 1099 -28.27 8.58 -44.86
N LYS A 1100 -27.84 7.41 -45.31
CA LYS A 1100 -28.75 6.33 -45.64
C LYS A 1100 -29.19 5.52 -44.42
N THR A 1101 -28.54 5.71 -43.27
CA THR A 1101 -28.95 5.07 -42.04
C THR A 1101 -29.56 6.02 -41.03
N LEU A 1102 -29.21 7.31 -41.10
CA LEU A 1102 -29.89 8.30 -40.28
C LEU A 1102 -31.32 8.51 -40.77
N LYS A 1103 -31.49 8.62 -42.08
CA LYS A 1103 -32.83 8.79 -42.65
C LYS A 1103 -33.66 7.51 -42.51
N TYR A 1104 -33.01 6.34 -42.52
CA TYR A 1104 -33.74 5.10 -42.35
C TYR A 1104 -34.24 4.93 -40.93
N ARG A 1105 -33.42 5.35 -39.95
CA ARG A 1105 -33.78 5.14 -38.56
C ARG A 1105 -34.82 6.14 -38.06
N LYS A 1106 -34.83 7.36 -38.59
CA LYS A 1106 -35.87 8.31 -38.22
C LYS A 1106 -37.23 7.88 -38.78
N LYS A 1107 -37.23 7.17 -39.91
CA LYS A 1107 -38.47 6.62 -40.44
C LYS A 1107 -38.98 5.47 -39.57
N HIS A 1108 -38.07 4.65 -39.10
CA HIS A 1108 -38.38 3.55 -38.18
C HIS A 1108 -38.24 4.06 -36.74
N SER A 1109 -38.09 3.13 -35.80
CA SER A 1109 -37.81 3.39 -34.38
C SER A 1109 -38.99 4.05 -33.68
N LYS A 1110 -40.20 3.71 -34.13
CA LYS A 1110 -41.39 3.78 -33.29
C LYS A 1110 -41.70 2.44 -32.67
N GLU A 1111 -41.41 1.36 -33.37
CA GLU A 1111 -41.55 0.01 -32.85
C GLU A 1111 -40.38 -0.32 -31.94
N PRO A 1112 -40.54 -1.28 -31.02
CA PRO A 1112 -39.40 -1.70 -30.19
C PRO A 1112 -38.34 -2.50 -30.94
N HIS A 1113 -37.34 -2.97 -30.19
CA HIS A 1113 -36.11 -3.46 -30.81
C HIS A 1113 -36.27 -4.82 -31.46
N TYR A 1114 -37.16 -5.67 -30.95
CA TYR A 1114 -37.30 -7.00 -31.54
C TYR A 1114 -38.04 -6.97 -32.88
N LYS A 1115 -38.81 -5.92 -33.14
CA LYS A 1115 -39.55 -5.81 -34.39
C LYS A 1115 -38.71 -5.27 -35.53
N GLN A 1116 -37.56 -4.66 -35.24
CA GLN A 1116 -36.83 -3.89 -36.23
C GLN A 1116 -36.11 -4.81 -37.22
N SER A 1117 -36.66 -4.93 -38.41
CA SER A 1117 -35.93 -5.49 -39.55
C SER A 1117 -34.93 -4.43 -39.96
N VAL A 1118 -33.66 -4.64 -39.59
CA VAL A 1118 -32.74 -3.53 -39.46
C VAL A 1118 -32.20 -3.07 -40.82
N LYS A 1119 -31.79 -4.02 -41.68
CA LYS A 1119 -31.46 -3.81 -43.11
C LYS A 1119 -30.21 -2.95 -43.33
N TYR A 1120 -29.65 -2.37 -42.27
CA TYR A 1120 -28.54 -1.43 -42.36
C TYR A 1120 -27.73 -1.52 -41.09
N ASP A 1121 -26.45 -1.81 -41.22
CA ASP A 1121 -25.55 -1.75 -40.09
C ASP A 1121 -25.30 -0.29 -39.71
N PRO A 1122 -24.88 -0.02 -38.49
CA PRO A 1122 -24.36 1.33 -38.19
C PRO A 1122 -23.09 1.58 -38.98
N VAL A 1123 -22.83 2.86 -39.25
CA VAL A 1123 -21.78 3.27 -40.17
C VAL A 1123 -20.40 3.08 -39.57
N LEU A 1124 -20.33 2.79 -38.28
CA LEU A 1124 -19.10 2.69 -37.54
C LEU A 1124 -18.54 1.28 -37.57
N ALA A 1125 -19.38 0.30 -37.90
CA ALA A 1125 -18.96 -1.08 -38.08
C ALA A 1125 -18.69 -1.45 -39.53
N LYS A 1126 -19.20 -0.67 -40.48
CA LYS A 1126 -18.93 -0.90 -41.89
C LYS A 1126 -17.69 -0.18 -42.37
N TYR A 1127 -17.40 0.99 -41.82
CA TYR A 1127 -16.24 1.78 -42.21
C TYR A 1127 -15.32 1.98 -41.02
N ASN A 1128 -14.04 2.10 -41.33
CA ASN A 1128 -13.02 2.38 -40.31
C ASN A 1128 -13.11 3.84 -39.90
N PRO A 1129 -13.43 4.15 -38.65
CA PRO A 1129 -13.60 5.55 -38.24
C PRO A 1129 -12.31 6.33 -38.18
N ALA A 1130 -11.16 5.65 -38.13
CA ALA A 1130 -9.88 6.35 -38.10
C ALA A 1130 -9.37 6.70 -39.48
N LYS A 1131 -10.07 6.32 -40.52
CA LYS A 1131 -9.68 6.52 -41.91
C LYS A 1131 -10.74 7.22 -42.73
N TYR A 1132 -12.01 6.92 -42.50
CA TYR A 1132 -13.12 7.50 -43.25
C TYR A 1132 -13.70 8.66 -42.45
N LEU A 1133 -13.73 9.84 -43.05
CA LEU A 1133 -14.32 11.00 -42.39
C LEU A 1133 -15.84 10.89 -42.43
N GLY A 1134 -16.46 10.94 -41.25
CA GLY A 1134 -17.90 10.87 -41.15
C GLY A 1134 -18.44 9.58 -40.57
N SER A 1135 -17.58 8.60 -40.32
CA SER A 1135 -17.97 7.36 -39.65
C SER A 1135 -17.99 7.63 -38.14
N VAL A 1136 -19.14 8.09 -37.66
CA VAL A 1136 -19.32 8.42 -36.26
C VAL A 1136 -20.30 7.44 -35.64
N SER A 1137 -20.45 7.54 -34.32
CA SER A 1137 -21.48 6.79 -33.62
C SER A 1137 -22.85 7.41 -33.88
N GLU A 1138 -23.90 6.70 -33.45
CA GLU A 1138 -25.24 7.19 -33.76
C GLU A 1138 -25.68 8.30 -32.80
N ASN A 1139 -25.35 8.20 -31.52
CA ASN A 1139 -25.70 9.32 -30.66
C ASN A 1139 -24.76 10.51 -30.79
N PHE A 1140 -23.60 10.34 -31.41
CA PHE A 1140 -22.88 11.55 -31.79
C PHE A 1140 -23.51 12.19 -33.03
N GLN A 1141 -24.07 11.38 -33.91
CA GLN A 1141 -24.75 11.93 -35.08
C GLN A 1141 -26.10 12.51 -34.69
N ASP A 1142 -26.77 11.93 -33.70
CA ASP A 1142 -28.07 12.43 -33.27
C ASP A 1142 -27.94 13.68 -32.40
N LYS A 1143 -26.85 13.81 -31.64
CA LYS A 1143 -26.67 15.00 -30.82
C LYS A 1143 -26.06 16.15 -31.60
N LEU A 1144 -25.32 15.86 -32.68
CA LEU A 1144 -24.81 16.94 -33.51
C LEU A 1144 -25.95 17.62 -34.25
N GLU A 1145 -26.81 16.83 -34.90
CA GLU A 1145 -27.93 17.37 -35.63
C GLU A 1145 -29.02 17.92 -34.72
N SER A 1146 -29.03 17.54 -33.45
CA SER A 1146 -29.95 18.20 -32.52
C SER A 1146 -29.43 19.56 -32.11
N PHE A 1147 -28.12 19.69 -31.89
CA PHE A 1147 -27.53 21.01 -31.67
C PHE A 1147 -27.65 21.88 -32.91
N LEU A 1148 -27.53 21.28 -34.09
CA LEU A 1148 -27.47 22.03 -35.33
C LEU A 1148 -28.86 22.33 -35.89
N ASP A 1149 -29.90 22.08 -35.10
CA ASP A 1149 -31.29 22.35 -35.43
C ASP A 1149 -31.95 23.31 -34.45
N LYS A 1150 -31.63 23.22 -33.16
CA LYS A 1150 -32.28 24.06 -32.15
C LYS A 1150 -31.86 25.51 -32.28
N ASN A 1151 -30.57 25.78 -32.16
CA ASN A 1151 -30.06 27.15 -32.29
C ASN A 1151 -29.31 27.30 -33.61
N SER A 1152 -29.94 28.01 -34.55
CA SER A 1152 -29.37 28.29 -35.86
C SER A 1152 -28.75 29.68 -35.81
N LYS A 1153 -27.44 29.76 -35.98
CA LYS A 1153 -26.73 31.04 -35.96
C LYS A 1153 -25.85 31.21 -37.20
N GLY A 1160 -17.79 34.67 -39.07
CA GLY A 1160 -18.88 34.15 -39.88
C GLY A 1160 -18.67 32.71 -40.30
N VAL A 1161 -19.13 31.78 -39.47
CA VAL A 1161 -19.08 30.35 -39.74
C VAL A 1161 -20.49 29.86 -40.02
N ASN A 1162 -20.65 29.12 -41.11
CA ASN A 1162 -21.96 28.64 -41.51
C ASN A 1162 -22.20 27.25 -40.93
N GLU A 1163 -23.23 26.57 -41.44
CA GLU A 1163 -23.66 25.31 -40.85
C GLU A 1163 -22.80 24.13 -41.31
N LYS A 1164 -22.35 24.14 -42.56
CA LYS A 1164 -21.63 22.97 -43.09
C LYS A 1164 -20.16 22.96 -42.66
N LYS A 1165 -19.58 24.12 -42.36
CA LYS A 1165 -18.21 24.11 -41.86
C LYS A 1165 -18.14 23.62 -40.42
N PHE A 1166 -19.23 23.75 -39.67
CA PHE A 1166 -19.21 23.31 -38.28
C PHE A 1166 -19.37 21.81 -38.16
N ARG A 1167 -20.21 21.18 -38.99
CA ARG A 1167 -20.34 19.74 -38.90
C ARG A 1167 -19.16 19.02 -39.55
N ALA A 1168 -18.42 19.69 -40.42
CA ALA A 1168 -17.23 19.09 -41.02
C ALA A 1168 -15.99 19.25 -40.16
N LEU A 1169 -16.10 19.95 -39.04
CA LEU A 1169 -15.03 20.07 -38.08
C LEU A 1169 -15.26 19.20 -36.86
N MET A 1170 -16.52 18.94 -36.50
CA MET A 1170 -16.80 17.99 -35.44
C MET A 1170 -16.53 16.57 -35.90
N GLN A 1171 -16.69 16.29 -37.19
CA GLN A 1171 -16.42 14.97 -37.70
C GLN A 1171 -14.93 14.70 -37.85
N LEU A 1172 -14.11 15.73 -37.95
CA LEU A 1172 -12.68 15.52 -37.90
C LEU A 1172 -12.18 15.54 -36.46
N LYS A 1173 -12.88 16.24 -35.57
CA LYS A 1173 -12.56 16.19 -34.15
C LYS A 1173 -12.91 14.84 -33.55
N TYR A 1174 -14.03 14.24 -33.99
CA TYR A 1174 -14.36 12.89 -33.58
C TYR A 1174 -13.31 11.90 -34.06
N MET A 1175 -12.92 12.03 -35.33
CA MET A 1175 -11.94 11.13 -35.92
C MET A 1175 -10.58 11.27 -35.25
N ARG A 1176 -10.23 12.48 -34.83
CA ARG A 1176 -8.99 12.66 -34.10
C ARG A 1176 -9.12 12.24 -32.64
N SER A 1177 -10.34 12.12 -32.12
CA SER A 1177 -10.55 11.63 -30.78
C SER A 1177 -10.69 10.11 -30.72
N LEU A 1178 -10.39 9.42 -31.81
CA LEU A 1178 -10.33 7.96 -31.83
C LEU A 1178 -9.23 7.45 -30.90
N ILE A 1179 -9.43 6.25 -30.38
CA ILE A 1179 -8.41 5.63 -29.54
C ILE A 1179 -7.33 5.05 -30.44
N ASN A 1180 -6.09 5.11 -29.97
CA ASN A 1180 -4.97 4.62 -30.78
C ASN A 1180 -4.84 3.11 -30.64
N PRO A 1181 -4.42 2.43 -31.70
CA PRO A 1181 -4.18 0.99 -31.59
C PRO A 1181 -2.93 0.70 -30.79
N GLY A 1182 -3.07 -0.14 -29.76
CA GLY A 1182 -2.01 -0.44 -28.84
C GLY A 1182 -2.26 0.01 -27.42
N GLU A 1183 -3.35 0.75 -27.17
CA GLU A 1183 -3.69 1.21 -25.82
C GLU A 1183 -3.98 0.03 -24.91
N ALA A 1184 -3.25 -0.05 -23.79
CA ALA A 1184 -3.47 -1.13 -22.84
C ALA A 1184 -4.77 -0.89 -22.10
N VAL A 1185 -5.87 -1.32 -22.69
CA VAL A 1185 -7.18 -0.89 -22.26
C VAL A 1185 -7.61 -1.64 -21.00
N GLY A 1186 -7.37 -2.94 -20.96
CA GLY A 1186 -7.77 -3.73 -19.80
C GLY A 1186 -7.06 -3.38 -18.52
N ILE A 1187 -5.84 -2.87 -18.62
CA ILE A 1187 -5.17 -2.31 -17.45
C ILE A 1187 -5.86 -1.02 -17.03
N ILE A 1188 -6.17 -0.14 -18.00
CA ILE A 1188 -6.88 1.10 -17.72
C ILE A 1188 -8.26 0.81 -17.15
N ALA A 1189 -8.94 -0.20 -17.69
CA ALA A 1189 -10.26 -0.56 -17.21
C ALA A 1189 -10.23 -1.23 -15.85
N SER A 1190 -9.10 -1.80 -15.46
CA SER A 1190 -8.96 -2.37 -14.13
C SER A 1190 -8.44 -1.38 -13.12
N GLN A 1191 -7.72 -0.35 -13.55
CA GLN A 1191 -7.34 0.73 -12.67
C GLN A 1191 -8.43 1.79 -12.53
N SER A 1192 -9.41 1.79 -13.41
CA SER A 1192 -10.57 2.67 -13.30
C SER A 1192 -11.62 2.13 -12.35
N VAL A 1193 -11.40 0.95 -11.78
CA VAL A 1193 -12.29 0.39 -10.78
C VAL A 1193 -11.56 0.24 -9.44
N GLY A 1194 -10.32 -0.24 -9.46
CA GLY A 1194 -9.60 -0.46 -8.22
C GLY A 1194 -9.16 0.82 -7.53
N GLU A 1195 -8.87 1.86 -8.30
CA GLU A 1195 -8.53 3.14 -7.69
C GLU A 1195 -9.75 3.92 -7.20
N PRO A 1196 -10.88 4.02 -7.93
CA PRO A 1196 -12.06 4.62 -7.30
C PRO A 1196 -12.70 3.76 -6.23
N SER A 1197 -12.38 2.46 -6.15
CA SER A 1197 -12.79 1.67 -5.01
C SER A 1197 -12.11 2.12 -3.72
N THR A 1198 -10.95 2.76 -3.84
CA THR A 1198 -10.25 3.34 -2.71
C THR A 1198 -10.67 4.80 -2.49
N GLN A 1199 -11.79 5.21 -3.10
CA GLN A 1199 -12.52 6.39 -2.67
C GLN A 1199 -13.64 6.05 -1.70
N MET A 1200 -13.88 4.75 -1.48
CA MET A 1200 -14.84 4.26 -0.50
C MET A 1200 -14.17 4.03 0.85
N THR A 1201 -12.91 3.59 0.84
CA THR A 1201 -12.07 3.43 2.03
C THR A 1201 -10.83 4.30 1.86
N LEU A 1202 -9.90 4.13 2.80
CA LEU A 1202 -8.62 4.87 2.89
C LEU A 1202 -8.78 6.39 2.87
N ASN A 1214 -31.90 -2.55 2.02
CA ASN A 1214 -31.50 -3.86 2.50
C ASN A 1214 -30.76 -4.68 1.45
N VAL A 1215 -29.92 -4.02 0.67
CA VAL A 1215 -29.12 -4.66 -0.36
C VAL A 1215 -27.65 -4.40 -0.04
N THR A 1216 -26.79 -5.32 -0.44
CA THR A 1216 -25.36 -5.16 -0.20
C THR A 1216 -24.81 -4.05 -1.10
N LEU A 1217 -23.69 -3.49 -0.67
CA LEU A 1217 -23.32 -2.17 -1.17
C LEU A 1217 -21.82 -1.94 -0.98
N GLY A 1218 -21.18 -1.35 -1.98
CA GLY A 1218 -19.78 -0.98 -1.87
C GLY A 1218 -18.82 -2.07 -2.28
N ILE A 1219 -17.68 -2.14 -1.60
CA ILE A 1219 -16.67 -3.16 -1.86
C ILE A 1219 -17.11 -4.60 -1.54
N PRO A 1220 -18.05 -4.92 -0.63
CA PRO A 1220 -18.58 -6.30 -0.65
C PRO A 1220 -19.47 -6.61 -1.83
N ARG A 1221 -20.06 -5.61 -2.47
CA ARG A 1221 -20.84 -5.87 -3.68
C ARG A 1221 -19.94 -6.17 -4.87
N LEU A 1222 -18.81 -5.48 -4.98
CA LEU A 1222 -17.84 -5.80 -6.01
C LEU A 1222 -17.14 -7.12 -5.77
N ARG A 1223 -17.10 -7.58 -4.51
CA ARG A 1223 -16.58 -8.91 -4.21
C ARG A 1223 -17.46 -10.00 -4.80
N GLU A 1224 -18.77 -9.78 -4.84
CA GLU A 1224 -19.72 -10.75 -5.34
C GLU A 1224 -19.82 -10.73 -6.86
N ILE A 1225 -19.86 -9.55 -7.46
CA ILE A 1225 -19.96 -9.45 -8.91
C ILE A 1225 -18.67 -9.87 -9.56
N VAL A 1226 -17.59 -9.14 -9.28
CA VAL A 1226 -16.37 -9.22 -10.06
C VAL A 1226 -15.51 -10.42 -9.68
N MET A 1227 -15.35 -10.64 -8.38
CA MET A 1227 -14.32 -11.57 -7.90
C MET A 1227 -14.82 -12.99 -7.73
N THR A 1228 -16.00 -13.18 -7.15
CA THR A 1228 -16.47 -14.54 -6.90
C THR A 1228 -17.44 -15.05 -7.94
N ALA A 1229 -18.18 -14.14 -8.58
CA ALA A 1229 -19.27 -14.44 -9.52
C ALA A 1229 -20.29 -15.40 -8.89
N SER A 1230 -20.85 -14.95 -7.77
CA SER A 1230 -21.65 -15.83 -6.93
C SER A 1230 -23.04 -16.00 -7.51
N ALA A 1231 -23.40 -17.25 -7.79
CA ALA A 1231 -24.79 -17.59 -8.03
C ALA A 1231 -25.58 -17.68 -6.74
N ALA A 1232 -24.90 -17.91 -5.62
CA ALA A 1232 -25.50 -17.83 -4.30
C ALA A 1232 -25.25 -16.43 -3.74
N ILE A 1233 -25.90 -15.46 -4.40
CA ILE A 1233 -25.80 -14.06 -4.02
C ILE A 1233 -26.44 -13.84 -2.65
N LYS A 1234 -25.89 -12.90 -1.89
CA LYS A 1234 -26.26 -12.72 -0.50
C LYS A 1234 -27.67 -12.15 -0.36
N THR A 1235 -28.04 -11.21 -1.22
CA THR A 1235 -29.36 -10.59 -1.18
C THR A 1235 -29.93 -10.43 -2.58
N PRO A 1236 -30.53 -11.49 -3.13
CA PRO A 1236 -31.13 -11.38 -4.46
C PRO A 1236 -32.41 -10.58 -4.41
N GLN A 1237 -32.62 -9.78 -5.44
CA GLN A 1237 -33.84 -9.02 -5.59
C GLN A 1237 -34.36 -9.15 -7.01
N MET A 1238 -35.49 -8.50 -7.24
CA MET A 1238 -36.20 -8.52 -8.52
C MET A 1238 -37.17 -7.36 -8.53
N THR A 1239 -37.13 -6.54 -9.56
CA THR A 1239 -37.94 -5.33 -9.64
C THR A 1239 -39.07 -5.58 -10.61
N LEU A 1240 -40.30 -5.30 -10.17
CA LEU A 1240 -41.49 -5.65 -10.92
C LEU A 1240 -42.24 -4.38 -11.28
N PRO A 1241 -42.25 -3.96 -12.54
CA PRO A 1241 -42.97 -2.74 -12.91
C PRO A 1241 -44.47 -2.97 -12.88
N ILE A 1242 -45.17 -2.09 -12.18
CA ILE A 1242 -46.63 -2.15 -12.08
C ILE A 1242 -47.22 -1.55 -13.35
N TRP A 1243 -48.28 -2.16 -13.87
CA TRP A 1243 -49.03 -1.54 -14.94
C TRP A 1243 -49.70 -0.26 -14.45
N ASN A 1244 -49.89 0.69 -15.38
CA ASN A 1244 -50.54 1.94 -15.00
C ASN A 1244 -52.04 1.81 -14.82
N ASP A 1245 -52.64 0.70 -15.27
CA ASP A 1245 -54.07 0.50 -15.11
C ASP A 1245 -54.44 0.16 -13.68
N VAL A 1246 -53.61 -0.64 -13.02
CA VAL A 1246 -53.86 -1.08 -11.66
C VAL A 1246 -53.29 -0.06 -10.68
N SER A 1247 -53.99 0.12 -9.57
CA SER A 1247 -53.69 1.20 -8.63
C SER A 1247 -52.88 0.68 -7.46
N ASP A 1248 -52.53 1.60 -6.54
CA ASP A 1248 -51.67 1.27 -5.41
C ASP A 1248 -52.37 0.40 -4.38
N GLU A 1249 -53.70 0.38 -4.35
CA GLU A 1249 -54.41 -0.52 -3.46
C GLU A 1249 -54.45 -1.93 -4.04
N GLN A 1250 -54.41 -2.05 -5.36
CA GLN A 1250 -54.33 -3.36 -6.02
C GLN A 1250 -52.91 -3.89 -6.09
N ALA A 1251 -51.94 -3.20 -5.49
CA ALA A 1251 -50.55 -3.62 -5.47
C ALA A 1251 -50.13 -4.16 -4.11
N ASP A 1252 -50.46 -3.46 -3.04
CA ASP A 1252 -50.10 -3.93 -1.71
C ASP A 1252 -51.00 -5.06 -1.20
N THR A 1253 -52.15 -5.27 -1.82
CA THR A 1253 -52.93 -6.48 -1.61
C THR A 1253 -52.49 -7.60 -2.52
N PHE A 1254 -51.63 -7.31 -3.50
CA PHE A 1254 -51.05 -8.30 -4.38
C PHE A 1254 -49.74 -8.85 -3.84
N CYS A 1255 -48.98 -8.04 -3.11
CA CYS A 1255 -47.71 -8.48 -2.55
C CYS A 1255 -47.90 -9.46 -1.40
N LYS A 1256 -49.10 -9.53 -0.81
CA LYS A 1256 -49.36 -10.53 0.21
C LYS A 1256 -49.48 -11.92 -0.38
N SER A 1257 -49.92 -12.03 -1.64
CA SER A 1257 -50.00 -13.33 -2.30
C SER A 1257 -48.63 -13.85 -2.70
N ILE A 1258 -47.65 -12.97 -2.87
CA ILE A 1258 -46.31 -13.41 -3.24
C ILE A 1258 -45.44 -13.67 -2.02
N SER A 1259 -45.53 -12.79 -1.02
CA SER A 1259 -44.71 -12.92 0.18
C SER A 1259 -45.09 -14.18 0.96
N LYS A 1260 -44.07 -14.91 1.41
CA LYS A 1260 -44.31 -16.23 1.94
C LYS A 1260 -44.90 -16.13 3.34
N VAL A 1261 -45.67 -17.15 3.69
CA VAL A 1261 -46.30 -17.27 5.00
C VAL A 1261 -45.85 -18.59 5.59
N LEU A 1262 -45.22 -18.52 6.76
CA LEU A 1262 -44.80 -19.73 7.43
C LEU A 1262 -45.89 -20.21 8.35
N LEU A 1263 -45.83 -21.49 8.71
CA LEU A 1263 -46.69 -21.99 9.79
C LEU A 1263 -46.26 -21.43 11.13
N SER A 1264 -44.99 -21.01 11.24
CA SER A 1264 -44.53 -20.28 12.42
C SER A 1264 -45.23 -18.94 12.59
N GLU A 1265 -45.67 -18.33 11.50
CA GLU A 1265 -46.23 -16.98 11.53
C GLU A 1265 -47.73 -16.96 11.82
N VAL A 1266 -48.28 -18.05 12.35
CA VAL A 1266 -49.73 -18.11 12.57
C VAL A 1266 -50.00 -18.66 13.97
N ILE A 1267 -48.96 -19.16 14.63
CA ILE A 1267 -49.09 -19.89 15.89
C ILE A 1267 -48.80 -18.95 17.05
N ASP A 1268 -49.72 -18.89 18.02
CA ASP A 1268 -49.48 -18.17 19.25
C ASP A 1268 -48.55 -18.96 20.16
N LYS A 1269 -48.93 -20.19 20.48
CA LYS A 1269 -48.14 -21.06 21.36
C LYS A 1269 -48.51 -22.50 21.10
N VAL A 1270 -47.60 -23.41 21.45
CA VAL A 1270 -47.79 -24.84 21.35
C VAL A 1270 -47.52 -25.45 22.72
N ILE A 1271 -48.43 -26.30 23.18
CA ILE A 1271 -48.30 -26.99 24.45
C ILE A 1271 -48.30 -28.49 24.18
N VAL A 1272 -47.16 -29.13 24.39
CA VAL A 1272 -47.14 -30.60 24.38
C VAL A 1272 -47.59 -31.11 25.74
N THR A 1273 -48.01 -32.37 25.76
CA THR A 1273 -48.41 -33.03 27.01
C THR A 1273 -47.95 -34.48 26.89
N GLU A 1274 -46.77 -34.76 27.44
CA GLU A 1274 -46.17 -36.08 27.37
C GLU A 1274 -46.64 -36.91 28.56
N THR A 1275 -47.39 -37.97 28.29
CA THR A 1275 -47.83 -38.89 29.33
C THR A 1275 -47.26 -40.27 29.05
N THR A 1276 -46.75 -40.90 30.10
CA THR A 1276 -46.11 -42.21 30.00
C THR A 1276 -46.46 -43.00 31.25
N GLY A 1277 -47.00 -44.20 31.07
CA GLY A 1277 -47.41 -45.02 32.18
C GLY A 1277 -48.64 -44.49 32.89
N ALA A 1287 -45.84 -47.02 26.28
CA ALA A 1287 -46.76 -46.14 25.58
C ALA A 1287 -46.45 -44.67 25.88
N ARG A 1288 -45.67 -44.04 25.00
CA ARG A 1288 -45.33 -42.63 25.13
C ARG A 1288 -46.33 -41.82 24.33
N SER A 1289 -47.16 -41.04 25.03
CA SER A 1289 -48.29 -40.34 24.42
C SER A 1289 -48.01 -38.85 24.45
N TYR A 1290 -47.88 -38.25 23.26
CA TYR A 1290 -47.68 -36.81 23.12
C TYR A 1290 -48.96 -36.16 22.63
N VAL A 1291 -49.50 -35.24 23.41
CA VAL A 1291 -50.68 -34.46 23.03
C VAL A 1291 -50.17 -33.12 22.51
N ILE A 1292 -50.07 -33.00 21.19
CA ILE A 1292 -49.56 -31.77 20.58
C ILE A 1292 -50.75 -30.83 20.38
N HIS A 1293 -50.89 -29.85 21.25
CA HIS A 1293 -51.94 -28.84 21.15
C HIS A 1293 -51.29 -27.54 20.69
N MET A 1294 -51.65 -27.08 19.51
CA MET A 1294 -51.06 -25.89 18.91
C MET A 1294 -52.10 -24.79 18.79
N ARG A 1295 -51.85 -23.67 19.47
CA ARG A 1295 -52.81 -22.60 19.63
C ARG A 1295 -52.45 -21.46 18.68
N PHE A 1296 -53.41 -21.06 17.87
CA PHE A 1296 -53.17 -20.07 16.83
C PHE A 1296 -53.57 -18.68 17.32
N PHE A 1297 -53.50 -17.72 16.42
CA PHE A 1297 -54.14 -16.44 16.64
C PHE A 1297 -55.62 -16.55 16.26
N ASP A 1298 -56.36 -15.47 16.43
CA ASP A 1298 -57.77 -15.46 16.08
C ASP A 1298 -57.94 -15.49 14.56
N ASN A 1299 -59.04 -16.09 14.10
CA ASN A 1299 -59.32 -16.14 12.67
C ASN A 1299 -59.62 -14.75 12.12
N ASN A 1300 -60.07 -13.83 12.96
CA ASN A 1300 -60.20 -12.42 12.62
C ASN A 1300 -58.86 -11.68 12.71
N GLU A 1301 -57.76 -12.39 12.93
CA GLU A 1301 -56.46 -11.78 13.12
C GLU A 1301 -55.41 -12.25 12.13
N TYR A 1302 -55.35 -13.55 11.81
CA TYR A 1302 -54.37 -14.02 10.83
C TYR A 1302 -54.92 -14.08 9.42
N SER A 1303 -56.23 -14.13 9.24
CA SER A 1303 -56.84 -14.07 7.91
C SER A 1303 -56.99 -12.64 7.42
N GLU A 1304 -56.49 -11.67 8.17
CA GLU A 1304 -56.40 -10.28 7.77
C GLU A 1304 -54.97 -9.84 7.52
N GLU A 1305 -54.04 -10.28 8.38
CA GLU A 1305 -52.63 -9.98 8.20
C GLU A 1305 -52.06 -10.71 6.98
N TYR A 1306 -52.16 -12.03 6.97
CA TYR A 1306 -51.59 -12.85 5.91
C TYR A 1306 -52.62 -13.34 4.91
N ASP A 1307 -53.92 -13.10 5.19
CA ASP A 1307 -55.05 -13.59 4.38
C ASP A 1307 -55.01 -15.11 4.22
N VAL A 1308 -54.63 -15.81 5.27
CA VAL A 1308 -54.63 -17.26 5.29
C VAL A 1308 -55.99 -17.72 5.78
N SER A 1309 -56.69 -18.50 4.95
CA SER A 1309 -58.02 -18.93 5.32
C SER A 1309 -57.96 -20.06 6.34
N LYS A 1310 -59.13 -20.39 6.86
CA LYS A 1310 -59.23 -21.44 7.87
C LYS A 1310 -59.01 -22.82 7.26
N GLU A 1311 -59.56 -23.05 6.07
CA GLU A 1311 -59.45 -24.36 5.43
C GLU A 1311 -58.07 -24.61 4.84
N GLU A 1312 -57.37 -23.54 4.43
CA GLU A 1312 -56.02 -23.72 3.94
C GLU A 1312 -55.06 -24.04 5.07
N LEU A 1313 -55.33 -23.52 6.27
CA LEU A 1313 -54.49 -23.81 7.43
C LEU A 1313 -54.62 -25.26 7.88
N GLN A 1314 -55.79 -25.87 7.65
CA GLN A 1314 -56.00 -27.26 8.04
C GLN A 1314 -55.23 -28.22 7.14
N ASN A 1315 -55.08 -27.89 5.85
CA ASN A 1315 -54.38 -28.80 4.96
C ASN A 1315 -52.87 -28.72 5.10
N VAL A 1316 -52.34 -27.59 5.56
CA VAL A 1316 -50.91 -27.51 5.84
C VAL A 1316 -50.56 -28.39 7.03
N ILE A 1317 -51.43 -28.41 8.04
CA ILE A 1317 -51.25 -29.32 9.15
C ILE A 1317 -51.42 -30.76 8.69
N SER A 1318 -52.39 -31.00 7.81
CA SER A 1318 -52.68 -32.36 7.38
C SER A 1318 -51.63 -32.89 6.40
N ASN A 1319 -51.29 -32.11 5.38
CA ASN A 1319 -50.51 -32.59 4.25
C ASN A 1319 -49.10 -32.03 4.17
N GLN A 1320 -48.73 -31.09 5.01
CA GLN A 1320 -47.41 -30.48 4.91
C GLN A 1320 -46.65 -30.49 6.23
N PHE A 1321 -47.34 -30.29 7.36
CA PHE A 1321 -46.66 -30.21 8.64
C PHE A 1321 -46.33 -31.58 9.20
N ILE A 1322 -47.31 -32.49 9.19
CA ILE A 1322 -47.13 -33.79 9.84
C ILE A 1322 -46.18 -34.67 9.05
N HIS A 1323 -46.15 -34.54 7.71
CA HIS A 1323 -45.20 -35.29 6.89
C HIS A 1323 -43.75 -34.92 7.20
N LEU A 1324 -43.50 -33.68 7.63
CA LEU A 1324 -42.17 -33.30 8.06
C LEU A 1324 -41.90 -33.63 9.51
N LEU A 1325 -42.93 -33.54 10.36
CA LEU A 1325 -42.77 -33.84 11.78
C LEU A 1325 -42.50 -35.32 12.00
N GLU A 1326 -43.24 -36.18 11.30
CA GLU A 1326 -43.02 -37.62 11.43
C GLU A 1326 -41.67 -38.04 10.86
N ALA A 1327 -41.15 -37.31 9.86
CA ALA A 1327 -39.85 -37.64 9.31
C ALA A 1327 -38.72 -37.25 10.26
N ALA A 1328 -38.94 -36.24 11.11
CA ALA A 1328 -37.89 -35.84 12.04
C ALA A 1328 -37.88 -36.71 13.29
N ILE A 1329 -39.02 -37.29 13.67
CA ILE A 1329 -39.06 -38.16 14.84
C ILE A 1329 -38.39 -39.49 14.54
N VAL A 1330 -38.62 -40.04 13.35
CA VAL A 1330 -37.98 -41.29 12.95
C VAL A 1330 -36.49 -41.09 12.77
N LYS A 1331 -36.06 -39.88 12.40
CA LYS A 1331 -34.64 -39.58 12.32
C LYS A 1331 -33.96 -39.62 13.67
N GLU A 1332 -34.64 -39.16 14.72
CA GLU A 1332 -34.01 -39.12 16.03
C GLU A 1332 -34.05 -40.48 16.72
N ILE A 1333 -35.13 -41.25 16.53
CA ILE A 1333 -35.24 -42.59 17.10
C ILE A 1333 -34.18 -43.51 16.51
N LYS A 1334 -33.84 -43.31 15.24
CA LYS A 1334 -32.75 -44.07 14.61
C LYS A 1334 -31.41 -43.74 15.25
N LYS A 1335 -31.13 -42.46 15.50
CA LYS A 1335 -29.82 -42.04 15.98
C LYS A 1335 -29.72 -42.02 17.50
N GLN A 1336 -30.69 -42.61 18.21
CA GLN A 1336 -30.55 -42.80 19.64
C GLN A 1336 -30.33 -44.26 20.01
N LYS A 1337 -29.98 -45.09 19.02
CA LYS A 1337 -29.65 -46.49 19.22
C LYS A 1337 -28.16 -46.70 19.46
N ARG A 1338 -27.45 -45.68 19.94
CA ARG A 1338 -26.01 -45.76 20.14
C ARG A 1338 -25.68 -45.76 21.63
N VAL A 1433 -63.00 -27.30 28.18
CA VAL A 1433 -62.49 -26.34 27.22
C VAL A 1433 -63.20 -26.55 25.89
N GLU A 1434 -62.90 -27.67 25.25
CA GLU A 1434 -63.54 -28.05 23.99
C GLU A 1434 -64.69 -29.01 24.28
N ALA A 1435 -65.52 -29.22 23.27
CA ALA A 1435 -66.66 -30.12 23.38
C ALA A 1435 -66.21 -31.55 23.07
N ASN A 1436 -67.18 -32.45 22.90
CA ASN A 1436 -66.87 -33.84 22.60
C ASN A 1436 -66.60 -34.00 21.11
N ASN A 1437 -66.47 -35.24 20.65
CA ASN A 1437 -66.02 -35.53 19.30
C ASN A 1437 -67.15 -35.95 18.37
N ASN A 1438 -68.40 -35.79 18.82
CA ASN A 1438 -69.57 -36.22 18.04
C ASN A 1438 -70.29 -35.05 17.39
N MET A 1439 -69.55 -34.04 16.89
CA MET A 1439 -70.19 -32.92 16.21
C MET A 1439 -70.70 -33.36 14.84
N ASN A 1440 -69.87 -34.02 14.05
CA ASN A 1440 -70.25 -34.54 12.75
C ASN A 1440 -69.30 -35.65 12.34
N LYS A 1441 -69.78 -36.55 11.49
CA LYS A 1441 -68.98 -37.68 11.04
C LYS A 1441 -67.90 -37.26 10.05
N VAL A 1442 -68.03 -36.09 9.42
CA VAL A 1442 -67.02 -35.64 8.48
C VAL A 1442 -65.75 -35.20 9.19
N GLN A 1443 -65.82 -34.86 10.48
CA GLN A 1443 -64.62 -34.73 11.29
C GLN A 1443 -64.11 -36.08 11.75
N ARG A 1444 -65.01 -37.06 11.90
CA ARG A 1444 -64.58 -38.42 12.22
C ARG A 1444 -63.91 -39.05 11.01
N ASP A 1445 -64.42 -38.78 9.80
CA ASP A 1445 -63.79 -39.29 8.59
C ASP A 1445 -62.48 -38.57 8.31
N ARG A 1446 -62.42 -37.28 8.64
CA ARG A 1446 -61.17 -36.53 8.50
C ARG A 1446 -60.13 -37.01 9.50
N GLN A 1447 -60.56 -37.35 10.71
CA GLN A 1447 -59.66 -37.96 11.69
C GLN A 1447 -59.20 -39.34 11.24
N SER A 1448 -60.11 -40.13 10.67
CA SER A 1448 -59.80 -41.52 10.35
C SER A 1448 -58.85 -41.64 9.18
N ALA A 1449 -58.77 -40.62 8.33
CA ALA A 1449 -57.80 -40.65 7.24
C ALA A 1449 -56.38 -40.43 7.76
N ILE A 1450 -56.22 -39.48 8.68
CA ILE A 1450 -54.88 -39.09 9.15
C ILE A 1450 -54.25 -40.22 9.96
N ILE A 1451 -55.08 -40.94 10.72
CA ILE A 1451 -54.62 -42.15 11.41
C ILE A 1451 -54.25 -43.22 10.40
N SER A 1452 -54.97 -43.28 9.27
CA SER A 1452 -54.71 -44.28 8.25
C SER A 1452 -53.49 -43.95 7.42
N HIS A 1453 -53.35 -42.69 7.01
CA HIS A 1453 -52.25 -42.32 6.12
C HIS A 1453 -50.92 -42.29 6.86
N HIS A 1454 -50.84 -41.52 7.94
CA HIS A 1454 -49.55 -41.27 8.60
C HIS A 1454 -49.20 -42.43 9.52
N ARG A 1455 -48.07 -42.30 10.23
CA ARG A 1455 -47.42 -43.46 10.82
C ARG A 1455 -47.93 -43.75 12.24
N PHE A 1456 -47.79 -42.80 13.16
CA PHE A 1456 -48.24 -43.00 14.54
C PHE A 1456 -48.99 -41.77 15.07
N ILE A 1457 -50.00 -41.32 14.34
CA ILE A 1457 -51.00 -40.38 14.84
C ILE A 1457 -52.26 -41.18 15.13
N THR A 1458 -52.77 -41.07 16.36
CA THR A 1458 -53.94 -41.83 16.78
C THR A 1458 -55.16 -40.96 17.06
N LYS A 1459 -55.03 -39.64 16.95
CA LYS A 1459 -56.17 -38.74 17.07
C LYS A 1459 -55.79 -37.44 16.37
N TYR A 1460 -56.78 -36.78 15.78
CA TYR A 1460 -56.56 -35.51 15.10
C TYR A 1460 -57.88 -34.75 15.07
N ASN A 1461 -57.84 -33.48 15.45
CA ASN A 1461 -59.02 -32.65 15.33
C ASN A 1461 -58.58 -31.21 15.14
N PHE A 1462 -59.37 -30.46 14.38
CA PHE A 1462 -59.09 -29.06 14.09
C PHE A 1462 -60.33 -28.24 14.47
N ASP A 1463 -60.09 -26.99 14.84
CA ASP A 1463 -61.18 -26.07 15.14
C ASP A 1463 -61.86 -25.69 13.84
N ASP A 1464 -62.88 -26.44 13.44
CA ASP A 1464 -63.57 -26.15 12.18
C ASP A 1464 -64.63 -25.06 12.31
N GLU A 1465 -64.84 -24.52 13.50
CA GLU A 1465 -65.79 -23.43 13.68
C GLU A 1465 -65.15 -22.09 14.02
N SER A 1466 -63.90 -22.09 14.49
CA SER A 1466 -63.21 -20.82 14.71
C SER A 1466 -61.75 -20.80 14.29
N GLY A 1467 -61.14 -21.95 13.99
CA GLY A 1467 -59.76 -21.97 13.52
C GLY A 1467 -58.72 -21.62 14.57
N LYS A 1468 -59.08 -21.68 15.85
CA LYS A 1468 -58.21 -21.19 16.90
C LYS A 1468 -57.24 -22.25 17.42
N TRP A 1469 -57.69 -23.51 17.51
CA TRP A 1469 -56.85 -24.56 18.05
C TRP A 1469 -56.73 -25.72 17.05
N CYS A 1470 -55.76 -26.58 17.31
CA CYS A 1470 -55.56 -27.82 16.59
C CYS A 1470 -54.82 -28.75 17.52
N GLU A 1471 -55.26 -30.00 17.60
CA GLU A 1471 -54.79 -30.90 18.65
C GLU A 1471 -54.74 -32.31 18.09
N PHE A 1472 -53.55 -32.91 18.11
CA PHE A 1472 -53.41 -34.26 17.60
C PHE A 1472 -52.54 -35.09 18.53
N LYS A 1473 -52.98 -36.32 18.79
CA LYS A 1473 -52.27 -37.25 19.63
C LYS A 1473 -51.10 -37.84 18.84
N LEU A 1474 -50.09 -38.29 19.57
CA LEU A 1474 -48.90 -38.85 18.92
C LEU A 1474 -48.31 -39.89 19.87
N GLU A 1475 -48.27 -41.14 19.41
CA GLU A 1475 -47.97 -42.29 20.25
C GLU A 1475 -46.63 -42.91 19.87
N LEU A 1476 -45.86 -43.30 20.88
CA LEU A 1476 -44.64 -44.08 20.70
C LEU A 1476 -44.65 -45.27 21.64
N ALA A 1477 -43.71 -46.18 21.41
CA ALA A 1477 -43.57 -47.38 22.22
C ALA A 1477 -42.75 -47.07 23.47
N ALA A 1478 -42.38 -48.10 24.21
CA ALA A 1478 -41.60 -47.95 25.42
C ALA A 1478 -40.11 -48.20 25.20
N ASP A 1479 -39.73 -48.71 24.04
CA ASP A 1479 -38.31 -48.88 23.73
C ASP A 1479 -37.62 -47.55 23.53
N THR A 1480 -38.35 -46.55 23.03
CA THR A 1480 -37.76 -45.26 22.73
C THR A 1480 -37.53 -44.47 24.01
N GLU A 1481 -36.34 -43.90 24.15
CA GLU A 1481 -36.04 -43.02 25.28
C GLU A 1481 -36.54 -41.61 24.95
N LYS A 1482 -36.20 -40.64 25.78
CA LYS A 1482 -36.90 -39.37 25.76
C LYS A 1482 -36.43 -38.48 24.61
N LEU A 1483 -37.39 -38.02 23.82
CA LEU A 1483 -37.20 -36.99 22.82
C LEU A 1483 -37.65 -35.65 23.40
N LEU A 1484 -37.08 -34.56 22.89
CA LEU A 1484 -37.44 -33.25 23.41
C LEU A 1484 -38.85 -32.85 22.99
N MET A 1485 -39.19 -33.03 21.71
CA MET A 1485 -40.52 -32.87 21.12
C MET A 1485 -41.10 -31.47 21.26
N VAL A 1486 -40.31 -30.49 21.73
CA VAL A 1486 -40.66 -29.10 21.63
C VAL A 1486 -39.68 -28.35 20.74
N ASN A 1487 -38.39 -28.67 20.87
CA ASN A 1487 -37.40 -28.25 19.89
C ASN A 1487 -37.58 -28.96 18.55
N ILE A 1488 -38.27 -30.10 18.54
CA ILE A 1488 -38.63 -30.73 17.27
C ILE A 1488 -39.76 -29.95 16.60
N VAL A 1489 -40.81 -29.64 17.35
CA VAL A 1489 -42.01 -29.01 16.79
C VAL A 1489 -41.70 -27.58 16.33
N GLU A 1490 -40.89 -26.85 17.11
CA GLU A 1490 -40.47 -25.51 16.71
C GLU A 1490 -39.67 -25.53 15.41
N GLU A 1491 -38.74 -26.47 15.28
CA GLU A 1491 -37.91 -26.52 14.09
C GLU A 1491 -38.62 -27.12 12.88
N ILE A 1492 -39.85 -27.61 13.04
CA ILE A 1492 -40.65 -28.08 11.92
C ILE A 1492 -41.69 -27.01 11.57
N CYS A 1493 -42.17 -26.29 12.60
CA CYS A 1493 -43.11 -25.20 12.35
C CYS A 1493 -42.46 -24.02 11.66
N ARG A 1494 -41.14 -23.87 11.76
CA ARG A 1494 -40.46 -22.81 11.02
C ARG A 1494 -40.13 -23.22 9.59
N LYS A 1495 -40.28 -24.50 9.25
CA LYS A 1495 -39.99 -25.00 7.91
C LYS A 1495 -41.24 -25.25 7.09
N SER A 1496 -42.36 -25.56 7.73
CA SER A 1496 -43.60 -25.82 7.02
C SER A 1496 -44.21 -24.50 6.53
N ILE A 1497 -44.44 -24.41 5.23
CA ILE A 1497 -44.90 -23.20 4.59
C ILE A 1497 -46.40 -23.26 4.38
N ILE A 1498 -47.06 -22.13 4.60
CA ILE A 1498 -48.49 -22.02 4.28
C ILE A 1498 -48.67 -21.76 2.80
N ARG A 1499 -48.11 -20.65 2.32
CA ARG A 1499 -48.27 -20.19 0.93
C ARG A 1499 -46.93 -19.61 0.50
N GLN A 1500 -46.15 -20.41 -0.22
CA GLN A 1500 -44.82 -20.00 -0.67
C GLN A 1500 -44.76 -20.07 -2.19
N ILE A 1501 -44.36 -18.97 -2.81
CA ILE A 1501 -43.79 -19.05 -4.16
C ILE A 1501 -42.31 -19.44 -4.04
N PRO A 1502 -41.85 -20.44 -4.79
CA PRO A 1502 -40.48 -20.94 -4.60
C PRO A 1502 -39.43 -19.88 -4.92
N HIS A 1503 -38.41 -19.83 -4.06
CA HIS A 1503 -37.25 -18.92 -4.10
C HIS A 1503 -37.63 -17.46 -3.93
N ILE A 1504 -38.82 -17.15 -3.40
CA ILE A 1504 -39.21 -15.79 -3.08
C ILE A 1504 -39.68 -15.75 -1.63
N ASP A 1505 -39.09 -14.85 -0.85
CA ASP A 1505 -39.37 -14.76 0.58
C ASP A 1505 -40.26 -13.58 0.97
N ARG A 1506 -40.27 -12.51 0.20
CA ARG A 1506 -40.97 -11.30 0.58
C ARG A 1506 -41.20 -10.48 -0.68
N CYS A 1507 -42.27 -9.68 -0.69
CA CYS A 1507 -42.55 -8.77 -1.79
C CYS A 1507 -42.92 -7.42 -1.20
N VAL A 1508 -42.15 -6.40 -1.57
CA VAL A 1508 -42.23 -5.07 -0.95
C VAL A 1508 -42.63 -4.06 -2.02
N HIS A 1509 -43.52 -3.14 -1.68
CA HIS A 1509 -43.88 -2.02 -2.54
C HIS A 1509 -43.25 -0.73 -2.01
N PRO A 1510 -42.10 -0.30 -2.51
CA PRO A 1510 -41.47 0.91 -2.01
C PRO A 1510 -42.14 2.16 -2.60
N GLU A 1511 -41.61 3.31 -2.22
CA GLU A 1511 -42.07 4.56 -2.81
C GLU A 1511 -41.56 4.67 -4.24
N PRO A 1512 -42.33 5.31 -5.14
CA PRO A 1512 -41.92 5.32 -6.55
C PRO A 1512 -40.71 6.21 -6.82
N GLU A 1513 -39.57 5.58 -7.05
CA GLU A 1513 -38.33 6.29 -7.29
C GLU A 1513 -38.24 6.68 -8.76
N ASN A 1514 -38.03 7.98 -9.01
CA ASN A 1514 -37.77 8.55 -10.34
C ASN A 1514 -38.93 8.30 -11.29
N GLY A 1515 -40.14 8.48 -10.81
CA GLY A 1515 -41.34 8.39 -11.64
C GLY A 1515 -42.02 7.04 -11.78
N LYS A 1516 -41.26 6.00 -12.11
CA LYS A 1516 -41.86 4.71 -12.44
C LYS A 1516 -42.22 3.92 -11.18
N ARG A 1517 -43.25 3.09 -11.32
CA ARG A 1517 -43.79 2.32 -10.21
C ARG A 1517 -43.05 0.99 -10.09
N VAL A 1518 -42.66 0.64 -8.86
CA VAL A 1518 -41.66 -0.38 -8.59
C VAL A 1518 -42.18 -1.28 -7.47
N LEU A 1519 -42.05 -2.60 -7.66
CA LEU A 1519 -42.45 -3.60 -6.67
C LEU A 1519 -41.30 -4.59 -6.51
N VAL A 1520 -40.52 -4.46 -5.43
CA VAL A 1520 -39.31 -5.24 -5.24
C VAL A 1520 -39.61 -6.50 -4.44
N THR A 1521 -39.22 -7.66 -4.95
CA THR A 1521 -39.25 -8.90 -4.19
C THR A 1521 -37.85 -9.21 -3.66
N GLU A 1522 -37.82 -10.06 -2.62
CA GLU A 1522 -36.57 -10.45 -1.97
C GLU A 1522 -36.12 -11.84 -2.38
N GLY A 1523 -36.32 -12.18 -3.63
CA GLY A 1523 -35.85 -13.45 -4.16
C GLY A 1523 -36.02 -13.42 -5.67
N VAL A 1524 -35.54 -14.47 -6.32
CA VAL A 1524 -35.58 -14.53 -7.77
C VAL A 1524 -36.35 -15.76 -8.21
N ASN A 1525 -37.48 -15.55 -8.89
CA ASN A 1525 -38.18 -16.61 -9.59
C ASN A 1525 -38.89 -15.95 -10.77
N PHE A 1526 -38.32 -16.08 -11.97
CA PHE A 1526 -38.91 -15.47 -13.15
C PHE A 1526 -40.08 -16.27 -13.69
N GLN A 1527 -40.02 -17.61 -13.57
CA GLN A 1527 -41.06 -18.46 -14.12
C GLN A 1527 -42.40 -18.24 -13.43
N ALA A 1528 -42.39 -17.92 -12.14
CA ALA A 1528 -43.62 -17.71 -11.40
C ALA A 1528 -44.18 -16.32 -11.58
N MET A 1529 -43.32 -15.34 -11.88
CA MET A 1529 -43.79 -13.99 -12.14
C MET A 1529 -44.25 -13.79 -13.57
N TRP A 1530 -44.25 -14.84 -14.38
CA TRP A 1530 -44.78 -14.77 -15.73
C TRP A 1530 -46.25 -15.15 -15.80
N ASP A 1531 -46.81 -15.69 -14.72
CA ASP A 1531 -48.25 -15.91 -14.63
C ASP A 1531 -48.99 -14.67 -14.16
N GLN A 1532 -48.29 -13.71 -13.58
CA GLN A 1532 -48.91 -12.47 -13.11
C GLN A 1532 -48.79 -11.38 -14.17
N GLU A 1533 -49.42 -11.64 -15.32
CA GLU A 1533 -49.44 -10.67 -16.40
C GLU A 1533 -50.32 -9.48 -16.06
N ALA A 1534 -51.37 -9.70 -15.27
CA ALA A 1534 -52.38 -8.68 -15.03
C ALA A 1534 -51.88 -7.55 -14.14
N PHE A 1535 -50.77 -7.75 -13.44
CA PHE A 1535 -50.26 -6.75 -12.52
C PHE A 1535 -48.87 -6.26 -12.87
N ILE A 1536 -48.05 -7.08 -13.51
CA ILE A 1536 -46.63 -6.83 -13.67
C ILE A 1536 -46.31 -6.74 -15.17
N ASP A 1537 -45.55 -5.72 -15.54
CA ASP A 1537 -45.01 -5.63 -16.90
C ASP A 1537 -43.91 -6.67 -17.01
N VAL A 1538 -44.19 -7.78 -17.70
CA VAL A 1538 -43.25 -8.88 -17.76
C VAL A 1538 -42.08 -8.58 -18.71
N ASP A 1539 -42.21 -7.58 -19.57
CA ASP A 1539 -41.11 -7.17 -20.43
C ASP A 1539 -40.20 -6.14 -19.76
N GLY A 1540 -40.37 -5.91 -18.47
CA GLY A 1540 -39.53 -4.96 -17.78
C GLY A 1540 -39.06 -5.46 -16.44
N ILE A 1541 -39.22 -6.76 -16.20
CA ILE A 1541 -38.77 -7.37 -14.95
C ILE A 1541 -37.25 -7.42 -14.98
N THR A 1542 -36.60 -6.45 -14.34
CA THR A 1542 -35.16 -6.53 -14.20
C THR A 1542 -34.84 -7.26 -12.90
N SER A 1543 -33.57 -7.42 -12.60
CA SER A 1543 -33.19 -8.27 -11.49
C SER A 1543 -31.88 -7.80 -10.90
N ASN A 1544 -31.38 -8.57 -9.95
CA ASN A 1544 -30.15 -8.36 -9.22
C ASN A 1544 -29.22 -9.54 -9.36
N ASP A 1545 -29.76 -10.75 -9.34
CA ASP A 1545 -28.97 -11.98 -9.46
C ASP A 1545 -28.57 -12.12 -10.91
N VAL A 1546 -27.30 -11.82 -11.20
CA VAL A 1546 -26.76 -11.89 -12.55
C VAL A 1546 -26.59 -13.30 -13.06
N ALA A 1547 -26.63 -14.30 -12.18
CA ALA A 1547 -26.57 -15.70 -12.61
C ALA A 1547 -27.94 -16.28 -12.91
N ALA A 1548 -29.00 -15.66 -12.41
CA ALA A 1548 -30.34 -16.13 -12.72
C ALA A 1548 -30.89 -15.49 -13.99
N VAL A 1549 -30.50 -14.25 -14.27
CA VAL A 1549 -30.85 -13.65 -15.56
C VAL A 1549 -30.00 -14.25 -16.67
N LEU A 1550 -28.84 -14.82 -16.34
CA LEU A 1550 -28.12 -15.63 -17.30
C LEU A 1550 -28.86 -16.92 -17.63
N LYS A 1551 -29.55 -17.48 -16.64
CA LYS A 1551 -30.18 -18.80 -16.81
C LYS A 1551 -31.48 -18.71 -17.60
N THR A 1552 -32.19 -17.59 -17.53
CA THR A 1552 -33.50 -17.47 -18.16
C THR A 1552 -33.55 -16.49 -19.33
N TYR A 1553 -32.71 -15.46 -19.34
CA TYR A 1553 -32.76 -14.46 -20.39
C TYR A 1553 -31.55 -14.47 -21.32
N GLY A 1554 -30.52 -15.23 -21.00
CA GLY A 1554 -29.44 -15.47 -21.95
C GLY A 1554 -28.14 -14.83 -21.54
N VAL A 1555 -27.21 -14.81 -22.50
CA VAL A 1555 -25.86 -14.33 -22.25
C VAL A 1555 -25.82 -12.80 -22.26
N GLU A 1556 -26.50 -12.19 -23.22
CA GLU A 1556 -26.43 -10.74 -23.39
C GLU A 1556 -27.21 -9.99 -22.32
N ALA A 1557 -28.27 -10.60 -21.79
CA ALA A 1557 -29.02 -9.94 -20.73
C ALA A 1557 -28.29 -9.98 -19.41
N ALA A 1558 -27.50 -11.03 -19.18
CA ALA A 1558 -26.63 -11.04 -18.01
C ALA A 1558 -25.48 -10.07 -18.21
N ARG A 1559 -25.05 -9.88 -19.46
CA ARG A 1559 -24.04 -8.88 -19.77
C ARG A 1559 -24.57 -7.47 -19.50
N ASN A 1560 -25.85 -7.23 -19.76
CA ASN A 1560 -26.39 -5.92 -19.45
C ASN A 1560 -26.62 -5.77 -17.95
N THR A 1561 -26.95 -6.86 -17.27
CA THR A 1561 -27.23 -6.77 -15.84
C THR A 1561 -25.96 -6.56 -15.04
N ILE A 1562 -24.83 -7.08 -15.52
CA ILE A 1562 -23.58 -6.90 -14.79
C ILE A 1562 -23.07 -5.47 -14.91
N VAL A 1563 -23.36 -4.79 -16.03
CA VAL A 1563 -22.98 -3.38 -16.16
C VAL A 1563 -23.82 -2.53 -15.23
N ASN A 1564 -25.13 -2.79 -15.16
CA ASN A 1564 -25.99 -2.01 -14.29
C ASN A 1564 -25.75 -2.30 -12.82
N GLU A 1565 -25.32 -3.50 -12.47
CA GLU A 1565 -24.99 -3.77 -11.08
C GLU A 1565 -23.64 -3.23 -10.67
N ILE A 1566 -22.72 -3.06 -11.62
CA ILE A 1566 -21.45 -2.43 -11.30
C ILE A 1566 -21.53 -0.92 -11.51
N ASN A 1567 -22.58 -0.42 -12.16
CA ASN A 1567 -22.77 1.02 -12.26
C ASN A 1567 -23.32 1.60 -10.96
N ASN A 1568 -24.33 0.97 -10.37
CA ASN A 1568 -24.99 1.52 -9.19
C ASN A 1568 -24.28 1.18 -7.89
N VAL A 1569 -23.10 0.58 -7.96
CA VAL A 1569 -22.25 0.50 -6.78
C VAL A 1569 -21.34 1.71 -6.68
N PHE A 1570 -21.09 2.40 -7.80
CA PHE A 1570 -20.40 3.67 -7.80
C PHE A 1570 -21.36 4.85 -7.81
N SER A 1571 -22.67 4.59 -7.93
CA SER A 1571 -23.64 5.67 -7.91
C SER A 1571 -24.05 6.05 -6.50
N ARG A 1572 -23.88 5.16 -5.52
CA ARG A 1572 -24.15 5.51 -4.13
C ARG A 1572 -23.10 6.48 -3.62
N TYR A 1573 -21.87 6.39 -4.14
CA TYR A 1573 -20.77 7.21 -3.68
C TYR A 1573 -20.50 8.39 -4.60
N ALA A 1574 -21.33 8.58 -5.63
CA ALA A 1574 -21.22 9.65 -6.63
C ALA A 1574 -19.86 9.63 -7.33
N ILE A 1575 -19.39 8.43 -7.65
CA ILE A 1575 -18.14 8.24 -8.37
C ILE A 1575 -18.50 7.91 -9.81
N SER A 1576 -18.04 8.73 -10.74
CA SER A 1576 -18.33 8.55 -12.16
C SER A 1576 -17.15 7.85 -12.80
N VAL A 1577 -17.33 6.57 -13.11
CA VAL A 1577 -16.40 5.82 -13.95
C VAL A 1577 -17.13 5.51 -15.25
N SER A 1578 -16.46 5.78 -16.38
CA SER A 1578 -17.13 5.78 -17.67
C SER A 1578 -17.50 4.35 -18.08
N PHE A 1579 -18.50 4.26 -18.95
CA PHE A 1579 -19.13 2.99 -19.29
C PHE A 1579 -18.28 2.11 -20.17
N ARG A 1580 -17.10 2.55 -20.60
CA ARG A 1580 -16.26 1.72 -21.44
C ARG A 1580 -15.44 0.77 -20.60
N HIS A 1581 -15.08 1.18 -19.38
CA HIS A 1581 -14.40 0.29 -18.47
C HIS A 1581 -15.36 -0.78 -17.97
N LEU A 1582 -16.61 -0.38 -17.74
CA LEU A 1582 -17.64 -1.30 -17.31
C LEU A 1582 -18.06 -2.23 -18.44
N ASP A 1583 -17.92 -1.76 -19.68
CA ASP A 1583 -18.23 -2.56 -20.86
C ASP A 1583 -17.25 -3.72 -21.00
N LEU A 1584 -15.97 -3.44 -20.80
CA LEU A 1584 -14.94 -4.44 -21.03
C LEU A 1584 -14.83 -5.43 -19.88
N ILE A 1585 -15.09 -5.00 -18.65
CA ILE A 1585 -15.15 -5.95 -17.54
C ILE A 1585 -16.36 -6.86 -17.70
N ALA A 1586 -17.44 -6.35 -18.27
CA ALA A 1586 -18.58 -7.20 -18.60
C ALA A 1586 -18.22 -8.21 -19.68
N ASP A 1587 -17.73 -7.73 -20.82
CA ASP A 1587 -17.44 -8.57 -21.97
C ASP A 1587 -16.25 -9.50 -21.77
N MET A 1588 -15.44 -9.30 -20.73
CA MET A 1588 -14.44 -10.28 -20.35
C MET A 1588 -15.02 -11.35 -19.44
N MET A 1589 -16.00 -10.99 -18.61
CA MET A 1589 -16.59 -11.96 -17.71
C MET A 1589 -17.62 -12.85 -18.40
N THR A 1590 -18.12 -12.45 -19.56
CA THR A 1590 -19.13 -13.24 -20.26
C THR A 1590 -18.61 -13.75 -21.60
N ARG A 1591 -17.29 -13.85 -21.73
CA ARG A 1591 -16.64 -14.19 -23.00
C ARG A 1591 -16.82 -15.64 -23.41
N GLN A 1592 -17.24 -16.52 -22.51
CA GLN A 1592 -17.46 -17.92 -22.84
C GLN A 1592 -18.93 -18.29 -22.90
N GLY A 1593 -19.82 -17.30 -22.88
CA GLY A 1593 -21.23 -17.58 -22.78
C GLY A 1593 -21.71 -17.95 -21.40
N THR A 1594 -20.82 -17.97 -20.42
CA THR A 1594 -21.14 -18.24 -19.03
C THR A 1594 -20.79 -16.99 -18.23
N TYR A 1595 -20.80 -17.13 -16.92
CA TYR A 1595 -20.54 -16.01 -16.02
C TYR A 1595 -19.31 -16.35 -15.19
N LEU A 1596 -18.14 -16.03 -15.72
CA LEU A 1596 -16.86 -16.41 -15.15
C LEU A 1596 -16.33 -15.32 -14.23
N ALA A 1597 -15.67 -15.74 -13.18
CA ALA A 1597 -15.15 -14.83 -12.18
C ALA A 1597 -13.74 -14.40 -12.50
N PHE A 1598 -13.26 -13.40 -11.78
CA PHE A 1598 -11.86 -13.01 -11.84
C PHE A 1598 -11.11 -13.64 -10.66
N ASN A 1599 -10.93 -14.95 -10.77
CA ASN A 1599 -10.19 -15.72 -9.79
C ASN A 1599 -9.50 -16.89 -10.51
N ARG A 1600 -8.97 -17.84 -9.75
CA ARG A 1600 -8.28 -18.95 -10.38
C ARG A 1600 -9.21 -19.99 -10.97
N GLN A 1601 -10.52 -19.90 -10.73
CA GLN A 1601 -11.46 -20.75 -11.43
C GLN A 1601 -11.98 -20.12 -12.71
N GLY A 1602 -11.94 -18.79 -12.80
CA GLY A 1602 -12.33 -18.13 -14.03
C GLY A 1602 -11.20 -17.94 -15.01
N MET A 1603 -9.99 -18.35 -14.67
CA MET A 1603 -8.85 -18.20 -15.55
C MET A 1603 -8.24 -19.51 -15.97
N GLU A 1604 -8.81 -20.64 -15.51
CA GLU A 1604 -8.33 -21.95 -15.94
C GLU A 1604 -8.50 -22.15 -17.44
N THR A 1605 -9.56 -21.56 -18.01
CA THR A 1605 -9.76 -21.53 -19.44
C THR A 1605 -8.94 -20.36 -20.00
N SER A 1606 -7.65 -20.61 -20.19
CA SER A 1606 -6.75 -19.60 -20.73
C SER A 1606 -5.54 -20.31 -21.32
N THR A 1607 -4.94 -19.67 -22.31
CA THR A 1607 -3.83 -20.26 -23.06
C THR A 1607 -2.49 -20.00 -22.37
N SER A 1608 -2.30 -18.80 -21.83
CA SER A 1608 -1.03 -18.41 -21.24
C SER A 1608 -0.82 -19.15 -19.93
N SER A 1609 0.18 -20.03 -19.89
CA SER A 1609 0.45 -20.78 -18.67
C SER A 1609 1.27 -19.96 -17.66
N PHE A 1610 2.18 -19.09 -18.11
CA PHE A 1610 2.91 -18.27 -17.16
C PHE A 1610 2.05 -17.18 -16.53
N MET A 1611 0.91 -16.83 -17.14
CA MET A 1611 -0.05 -15.99 -16.45
C MET A 1611 -0.68 -16.72 -15.28
N LYS A 1612 -1.06 -17.99 -15.50
CA LYS A 1612 -1.74 -18.75 -14.46
C LYS A 1612 -0.78 -19.18 -13.38
N MET A 1613 0.46 -19.52 -13.75
CA MET A 1613 1.47 -19.88 -12.75
C MET A 1613 1.85 -18.68 -11.89
N SER A 1614 1.84 -17.48 -12.44
CA SER A 1614 2.30 -16.32 -11.68
C SER A 1614 1.24 -15.78 -10.72
N TYR A 1615 -0.03 -16.10 -10.95
CA TYR A 1615 -1.09 -15.46 -10.17
C TYR A 1615 -1.21 -16.10 -8.78
N GLU A 1616 -1.62 -17.37 -8.74
CA GLU A 1616 -1.71 -18.12 -7.49
C GLU A 1616 -1.86 -19.60 -7.83
N THR A 1617 -1.53 -20.45 -6.85
CA THR A 1617 -1.42 -21.91 -6.98
C THR A 1617 -0.51 -22.28 -8.16
N THR A 1618 0.78 -21.96 -7.99
CA THR A 1618 1.73 -22.04 -9.09
C THR A 1618 1.94 -23.48 -9.54
N CYS A 1619 2.21 -24.37 -8.60
CA CYS A 1619 2.50 -25.76 -8.93
C CYS A 1619 1.25 -26.61 -9.03
N GLN A 1620 0.08 -26.00 -9.14
CA GLN A 1620 -1.09 -26.69 -9.66
C GLN A 1620 -1.36 -26.32 -11.10
N PHE A 1621 -1.08 -25.09 -11.50
CA PHE A 1621 -1.04 -24.75 -12.91
C PHE A 1621 0.22 -25.23 -13.59
N LEU A 1622 1.27 -25.53 -12.83
CA LEU A 1622 2.47 -26.07 -13.43
C LEU A 1622 2.26 -27.52 -13.84
N THR A 1623 1.60 -28.31 -13.00
CA THR A 1623 1.35 -29.71 -13.33
C THR A 1623 0.35 -29.85 -14.48
N LYS A 1624 -0.65 -28.97 -14.52
CA LYS A 1624 -1.59 -29.00 -15.62
C LYS A 1624 -0.97 -28.53 -16.93
N ALA A 1625 0.09 -27.73 -16.87
CA ALA A 1625 0.78 -27.31 -18.08
C ALA A 1625 1.69 -28.40 -18.61
N VAL A 1626 2.29 -29.20 -17.72
CA VAL A 1626 3.24 -30.20 -18.16
C VAL A 1626 2.53 -31.52 -18.50
N LEU A 1627 1.37 -31.79 -17.90
CA LEU A 1627 0.60 -32.95 -18.32
C LEU A 1627 -0.22 -32.70 -19.57
N ASP A 1628 -0.35 -31.46 -19.99
CA ASP A 1628 -0.88 -31.18 -21.32
C ASP A 1628 0.21 -31.11 -22.38
N ASN A 1629 1.48 -31.10 -21.97
CA ASN A 1629 2.63 -30.73 -22.82
C ASN A 1629 2.35 -29.43 -23.54
N GLU A 1630 1.94 -28.43 -22.77
CA GLU A 1630 1.35 -27.22 -23.33
C GLU A 1630 2.45 -26.29 -23.81
N ARG A 1631 2.43 -25.98 -25.10
CA ARG A 1631 3.29 -24.96 -25.66
C ARG A 1631 2.56 -23.63 -25.61
N GLU A 1632 3.25 -22.60 -25.14
CA GLU A 1632 2.69 -21.27 -25.07
C GLU A 1632 3.54 -20.31 -25.88
N GLN A 1633 2.86 -19.47 -26.65
CA GLN A 1633 3.49 -18.64 -27.65
C GLN A 1633 3.99 -17.31 -27.08
N LEU A 1634 4.03 -17.18 -25.75
CA LEU A 1634 4.55 -16.01 -25.03
C LEU A 1634 3.79 -14.74 -25.41
N ASP A 1635 2.49 -14.76 -25.15
CA ASP A 1635 1.60 -13.70 -25.59
C ASP A 1635 1.22 -12.75 -24.47
N SER A 1636 0.91 -13.26 -23.29
CA SER A 1636 0.52 -12.42 -22.18
C SER A 1636 1.72 -11.62 -21.69
N PRO A 1637 1.49 -10.43 -21.13
CA PRO A 1637 2.61 -9.67 -20.54
C PRO A 1637 3.26 -10.37 -19.37
N SER A 1638 2.55 -11.25 -18.68
CA SER A 1638 3.16 -12.05 -17.64
C SER A 1638 4.14 -13.06 -18.21
N ALA A 1639 3.82 -13.65 -19.36
CA ALA A 1639 4.68 -14.66 -19.95
C ALA A 1639 5.89 -14.09 -20.65
N ARG A 1640 5.86 -12.80 -21.01
CA ARG A 1640 6.99 -12.18 -21.68
C ARG A 1640 7.95 -11.54 -20.70
N ILE A 1641 7.54 -11.34 -19.46
CA ILE A 1641 8.44 -10.83 -18.43
C ILE A 1641 9.24 -11.97 -17.79
N VAL A 1642 8.64 -13.16 -17.69
CA VAL A 1642 9.35 -14.34 -17.19
C VAL A 1642 10.51 -14.69 -18.11
N VAL A 1643 10.25 -14.75 -19.41
CA VAL A 1643 11.27 -15.15 -20.36
C VAL A 1643 12.04 -13.96 -20.91
N GLY A 1644 11.56 -12.74 -20.71
CA GLY A 1644 12.31 -11.56 -21.02
C GLY A 1644 12.11 -10.93 -22.38
N LYS A 1645 10.92 -11.00 -22.94
CA LYS A 1645 10.62 -10.42 -24.24
C LYS A 1645 10.19 -8.97 -24.09
N LEU A 1646 10.09 -8.29 -25.22
CA LEU A 1646 9.41 -7.01 -25.26
C LEU A 1646 7.92 -7.25 -25.16
N ASN A 1647 7.22 -6.38 -24.44
CA ASN A 1647 5.80 -6.57 -24.21
C ASN A 1647 5.02 -6.25 -25.48
N ASN A 1648 3.92 -6.98 -25.72
CA ASN A 1648 3.19 -6.86 -26.97
C ASN A 1648 2.19 -5.72 -27.00
N VAL A 1649 2.23 -4.82 -26.04
CA VAL A 1649 1.22 -3.77 -25.94
C VAL A 1649 1.91 -2.41 -26.10
N GLY A 1650 1.22 -1.49 -26.76
CA GLY A 1650 1.72 -0.15 -26.90
C GLY A 1650 2.87 -0.03 -27.88
N THR A 1651 4.07 0.17 -27.35
CA THR A 1651 5.24 0.38 -28.18
C THR A 1651 5.71 -0.92 -28.83
N GLY A 1652 5.52 -2.04 -28.16
CA GLY A 1652 5.94 -3.32 -28.72
C GLY A 1652 4.88 -4.02 -29.54
N SER A 1653 3.89 -3.26 -30.02
CA SER A 1653 2.82 -3.80 -30.84
C SER A 1653 3.13 -3.75 -32.33
N PHE A 1654 4.37 -3.46 -32.69
CA PHE A 1654 4.80 -3.35 -34.08
C PHE A 1654 6.31 -3.49 -34.13
N ASP A 1655 6.84 -3.71 -35.32
CA ASP A 1655 8.27 -3.70 -35.54
C ASP A 1655 8.70 -2.40 -36.19
N VAL A 1656 10.00 -2.15 -36.19
CA VAL A 1656 10.59 -0.99 -36.83
C VAL A 1656 11.60 -1.50 -37.85
N LEU A 1657 11.41 -1.11 -39.11
CA LEU A 1657 12.24 -1.55 -40.21
C LEU A 1657 13.05 -0.37 -40.73
N ALA A 1658 14.18 -0.65 -41.36
CA ALA A 1658 15.08 0.38 -41.83
C ALA A 1658 15.25 0.26 -43.34
N LYS A 1659 14.95 1.33 -44.07
CA LYS A 1659 15.14 1.37 -45.51
C LYS A 1659 16.61 1.64 -45.80
N VAL A 1660 17.35 0.58 -46.12
CA VAL A 1660 18.73 0.74 -46.57
C VAL A 1660 18.71 1.11 -48.04
N PRO A 1661 19.59 1.99 -48.50
CA PRO A 1661 19.46 2.54 -49.86
C PRO A 1661 19.94 1.60 -50.95
N ASN A 1662 20.97 0.82 -50.68
CA ASN A 1662 21.62 0.02 -51.71
C ASN A 1662 21.22 -1.43 -51.60
N ALA A 1663 21.47 -2.17 -52.67
CA ALA A 1663 20.99 -3.54 -52.79
C ALA A 1663 21.75 -4.48 -51.87
N THR B 13 -4.60 29.61 35.93
CA THR B 13 -3.25 29.56 35.37
C THR B 13 -2.39 28.52 36.06
N ALA B 14 -1.36 28.06 35.36
CA ALA B 14 -0.34 27.21 35.93
C ALA B 14 0.80 28.09 36.42
N ASP B 15 1.94 27.48 36.74
CA ASP B 15 3.13 28.26 37.04
C ASP B 15 4.37 27.55 36.53
N PHE B 16 5.34 28.34 36.11
CA PHE B 16 6.68 27.84 35.90
C PHE B 16 7.32 27.65 37.27
N ARG B 17 7.76 26.44 37.57
CA ARG B 17 8.35 26.19 38.88
C ARG B 17 9.85 26.39 38.89
N THR B 18 10.28 27.52 38.34
CA THR B 18 11.67 27.94 38.42
C THR B 18 11.97 28.32 39.88
N LEU B 19 13.24 28.12 40.28
CA LEU B 19 13.85 28.18 41.61
C LEU B 19 13.48 26.97 42.46
N GLU B 20 12.57 26.14 41.95
CA GLU B 20 12.31 24.82 42.48
C GLU B 20 12.76 23.74 41.51
N ARG B 21 12.50 23.95 40.22
CA ARG B 21 13.11 23.12 39.19
C ARG B 21 14.63 23.27 39.20
N GLU B 22 15.10 24.48 39.42
CA GLU B 22 16.54 24.73 39.39
C GLU B 22 17.22 24.18 40.63
N SER B 23 16.60 24.34 41.80
CA SER B 23 17.19 23.84 43.03
C SER B 23 17.21 22.32 43.07
N ARG B 24 16.20 21.67 42.49
CA ARG B 24 16.16 20.22 42.45
C ARG B 24 17.17 19.66 41.44
N PHE B 25 17.61 20.46 40.46
CA PHE B 25 18.68 20.02 39.58
C PHE B 25 20.02 20.05 40.29
N ILE B 26 20.23 21.05 41.14
CA ILE B 26 21.53 21.23 41.81
C ILE B 26 21.79 20.10 42.78
N ASN B 27 20.91 19.95 43.76
CA ASN B 27 21.01 18.85 44.72
C ASN B 27 19.71 18.06 44.76
N PRO B 28 19.74 16.78 44.40
CA PRO B 28 18.54 15.95 44.48
C PRO B 28 18.15 15.70 45.92
N PRO B 29 16.89 15.34 46.19
CA PRO B 29 16.44 15.15 47.58
C PRO B 29 17.09 13.94 48.23
N LYS B 30 17.67 14.16 49.42
CA LYS B 30 18.28 13.06 50.16
C LYS B 30 17.25 12.14 50.78
N ASP B 31 16.03 12.62 50.97
CA ASP B 31 14.89 11.79 51.38
C ASP B 31 14.24 11.19 50.13
N LYS B 32 12.99 10.74 50.27
CA LYS B 32 12.18 10.22 49.17
C LYS B 32 12.09 11.14 47.96
N SER B 33 11.82 10.57 46.80
CA SER B 33 11.89 11.31 45.54
C SER B 33 10.73 12.28 45.40
N ALA B 34 11.01 13.41 44.75
CA ALA B 34 9.93 14.23 44.23
C ALA B 34 9.28 13.52 43.06
N PHE B 35 8.10 14.03 42.67
CA PHE B 35 7.19 13.47 41.68
C PHE B 35 6.85 12.03 42.03
N PRO B 36 6.04 11.76 43.06
CA PRO B 36 5.73 10.37 43.41
C PRO B 36 4.74 9.75 42.45
N LEU B 37 4.06 10.56 41.64
CA LEU B 37 3.07 10.05 40.71
C LEU B 37 3.71 9.34 39.53
N LEU B 38 4.99 9.62 39.28
CA LEU B 38 5.73 8.89 38.25
C LEU B 38 6.12 7.50 38.73
N GLN B 39 6.32 7.32 40.03
CA GLN B 39 6.64 6.01 40.57
C GLN B 39 5.45 5.08 40.60
N GLU B 40 4.23 5.63 40.59
CA GLU B 40 3.02 4.83 40.55
C GLU B 40 2.69 4.36 39.13
N ALA B 41 3.41 4.86 38.13
CA ALA B 41 3.19 4.44 36.76
C ALA B 41 3.84 3.10 36.46
N VAL B 42 4.80 2.66 37.25
CA VAL B 42 5.48 1.39 37.05
C VAL B 42 5.27 0.42 38.19
N GLN B 43 4.46 0.78 39.20
CA GLN B 43 4.08 -0.19 40.23
C GLN B 43 3.40 -1.46 39.74
N PRO B 44 2.62 -1.49 38.65
CA PRO B 44 2.21 -2.81 38.12
C PRO B 44 3.35 -3.63 37.52
N HIS B 45 4.51 -3.03 37.27
CA HIS B 45 5.69 -3.80 36.86
C HIS B 45 6.59 -4.11 38.05
N ILE B 46 6.84 -3.10 38.89
CA ILE B 46 7.73 -3.27 40.04
C ILE B 46 7.10 -4.19 41.08
N GLY B 47 5.85 -3.91 41.45
CA GLY B 47 5.18 -4.68 42.48
C GLY B 47 4.80 -6.08 42.07
N SER B 48 4.87 -6.39 40.78
CA SER B 48 4.59 -7.73 40.29
C SER B 48 5.79 -8.66 40.39
N PHE B 49 7.00 -8.12 40.22
CA PHE B 49 8.21 -8.90 40.46
C PHE B 49 8.51 -9.02 41.94
N ASN B 50 8.04 -8.07 42.75
CA ASN B 50 8.22 -8.13 44.19
C ASN B 50 7.33 -9.18 44.82
N ALA B 51 6.28 -9.62 44.14
CA ALA B 51 5.43 -10.67 44.66
C ALA B 51 6.02 -12.05 44.41
N LEU B 52 7.03 -12.16 43.54
CA LEU B 52 7.65 -13.44 43.30
C LEU B 52 8.49 -13.89 44.48
N THR B 53 9.03 -12.97 45.25
CA THR B 53 9.95 -13.28 46.33
C THR B 53 9.39 -12.98 47.71
N GLU B 54 8.61 -11.93 47.85
CA GLU B 54 8.11 -11.51 49.15
C GLU B 54 6.59 -11.57 49.16
N GLY B 55 6.04 -11.49 50.37
CA GLY B 55 4.62 -11.51 50.57
C GLY B 55 4.19 -12.64 51.47
N PRO B 56 2.91 -13.02 51.39
CA PRO B 56 2.46 -14.18 52.16
C PRO B 56 2.95 -15.48 51.54
N ASP B 57 3.27 -16.44 52.42
CA ASP B 57 3.71 -17.79 52.11
C ASP B 57 5.04 -17.83 51.36
N GLY B 58 5.84 -16.77 51.42
CA GLY B 58 7.16 -16.79 50.84
C GLY B 58 7.21 -16.49 49.36
N GLY B 59 6.33 -15.61 48.89
CA GLY B 59 6.33 -15.23 47.50
C GLY B 59 5.60 -16.23 46.64
N LEU B 60 5.55 -15.92 45.34
CA LEU B 60 4.83 -16.76 44.41
C LEU B 60 5.70 -17.82 43.77
N LEU B 61 7.02 -17.71 43.88
CA LEU B 61 7.87 -18.76 43.36
C LEU B 61 8.00 -19.92 44.33
N ASN B 62 7.80 -19.68 45.62
CA ASN B 62 7.76 -20.80 46.56
C ASN B 62 6.40 -21.49 46.54
N LEU B 63 5.34 -20.76 46.24
CA LEU B 63 4.06 -21.42 45.97
C LEU B 63 4.09 -22.13 44.62
N GLY B 64 4.88 -21.64 43.67
CA GLY B 64 5.02 -22.34 42.41
C GLY B 64 5.82 -23.60 42.52
N VAL B 65 6.75 -23.64 43.48
CA VAL B 65 7.47 -24.87 43.79
C VAL B 65 6.53 -25.91 44.38
N LYS B 66 5.67 -25.49 45.32
CA LYS B 66 4.85 -26.43 46.07
C LYS B 66 3.78 -27.10 45.21
N ASP B 67 3.29 -26.41 44.18
CA ASP B 67 2.27 -26.99 43.31
C ASP B 67 2.82 -28.07 42.40
N ILE B 68 4.11 -28.01 42.08
CA ILE B 68 4.73 -29.03 41.24
C ILE B 68 4.77 -30.36 41.98
N GLY B 69 5.18 -30.33 43.23
CA GLY B 69 5.22 -31.54 44.00
C GLY B 69 6.41 -32.42 43.63
N GLU B 70 6.27 -33.70 43.96
CA GLU B 70 7.37 -34.65 43.86
C GLU B 70 7.20 -35.52 42.62
N LYS B 71 8.32 -36.01 42.12
CA LYS B 71 8.34 -36.85 40.92
C LYS B 71 9.22 -38.06 41.20
N VAL B 72 8.72 -39.25 40.88
CA VAL B 72 9.38 -40.48 41.31
C VAL B 72 9.79 -41.31 40.09
N ILE B 73 10.78 -42.16 40.30
CA ILE B 73 11.24 -43.13 39.31
C ILE B 73 11.85 -44.33 40.03
N PHE B 74 11.44 -45.52 39.63
CA PHE B 74 11.80 -46.73 40.36
C PHE B 74 12.98 -47.46 39.73
N ASP B 75 13.58 -48.33 40.53
CA ASP B 75 14.69 -49.17 40.10
C ASP B 75 14.19 -50.37 39.30
N GLY B 76 15.10 -51.26 38.98
CA GLY B 76 14.76 -52.57 38.45
C GLY B 76 15.49 -53.63 39.22
N LYS B 77 15.89 -53.29 40.45
CA LYS B 77 16.65 -54.19 41.29
C LYS B 77 15.74 -54.82 42.33
N PRO B 78 15.48 -56.14 42.27
CA PRO B 78 14.70 -56.82 43.30
C PRO B 78 15.52 -57.11 44.55
N GLY B 89 5.46 -57.73 45.03
CA GLY B 89 6.03 -57.22 43.80
C GLY B 89 6.40 -55.75 43.88
N TYR B 90 7.37 -55.44 44.74
CA TYR B 90 7.85 -54.06 44.83
C TYR B 90 8.68 -53.70 43.61
N LEU B 91 8.74 -52.40 43.34
CA LEU B 91 9.38 -51.87 42.15
C LEU B 91 10.83 -51.50 42.37
N GLY B 92 11.28 -51.40 43.62
CA GLY B 92 12.63 -50.97 43.91
C GLY B 92 12.63 -49.81 44.88
N ASN B 93 13.42 -48.78 44.59
CA ASN B 93 13.48 -47.59 45.41
C ASN B 93 12.80 -46.42 44.71
N LYS B 94 12.39 -45.43 45.49
CA LYS B 94 11.40 -44.47 45.02
C LYS B 94 11.99 -43.26 44.29
N LEU B 95 12.96 -42.57 44.91
CA LEU B 95 13.53 -41.30 44.42
C LEU B 95 12.42 -40.26 44.23
N SER B 96 11.87 -39.83 45.35
CA SER B 96 10.81 -38.82 45.34
C SER B 96 11.42 -37.42 45.33
N VAL B 97 11.96 -37.05 44.17
CA VAL B 97 12.74 -35.83 44.06
C VAL B 97 11.82 -34.64 43.81
N SER B 98 12.19 -33.49 44.38
CA SER B 98 11.39 -32.27 44.30
C SER B 98 12.27 -31.08 44.63
N VAL B 99 11.72 -29.89 44.44
CA VAL B 99 12.25 -28.66 44.99
C VAL B 99 11.39 -28.32 46.19
N GLU B 100 11.99 -27.69 47.21
CA GLU B 100 11.19 -27.20 48.32
C GLU B 100 11.36 -25.71 48.59
N GLN B 101 12.34 -25.06 48.00
CA GLN B 101 12.55 -23.63 48.20
C GLN B 101 13.35 -23.09 47.03
N VAL B 102 12.95 -21.93 46.54
CA VAL B 102 13.72 -21.18 45.56
C VAL B 102 13.90 -19.76 46.08
N SER B 103 15.11 -19.23 45.94
CA SER B 103 15.43 -17.89 46.40
C SER B 103 16.34 -17.22 45.39
N ILE B 104 16.02 -15.97 45.05
CA ILE B 104 16.84 -15.18 44.15
C ILE B 104 17.74 -14.31 45.01
N ALA B 105 19.04 -14.35 44.73
CA ALA B 105 19.97 -13.44 45.36
C ALA B 105 20.08 -12.17 44.54
N LYS B 106 20.36 -11.07 45.22
CA LYS B 106 20.71 -9.84 44.53
C LYS B 106 22.02 -10.05 43.77
N PRO B 107 22.20 -9.37 42.63
CA PRO B 107 23.38 -9.63 41.81
C PRO B 107 24.66 -9.18 42.48
N MET B 108 25.66 -10.05 42.44
CA MET B 108 26.98 -9.82 43.01
C MET B 108 28.02 -10.22 41.98
N SER B 109 29.16 -9.54 41.99
CA SER B 109 30.30 -9.91 41.17
C SER B 109 31.44 -10.34 42.05
N ASN B 110 32.22 -11.31 41.58
CA ASN B 110 33.34 -11.87 42.34
C ASN B 110 34.61 -11.67 41.51
N ASP B 111 35.40 -10.67 41.89
CA ASP B 111 36.64 -10.38 41.19
C ASP B 111 37.83 -10.34 42.15
N ALA B 116 37.31 -13.94 46.31
CA ALA B 116 37.23 -13.78 47.75
C ALA B 116 35.86 -13.26 48.17
N VAL B 117 35.77 -11.95 48.39
CA VAL B 117 34.53 -11.31 48.82
C VAL B 117 33.81 -10.77 47.59
N GLU B 118 32.49 -10.89 47.57
CA GLU B 118 31.68 -10.45 46.45
C GLU B 118 31.28 -8.99 46.61
N ARG B 119 31.36 -8.25 45.52
CA ARG B 119 30.96 -6.85 45.50
C ARG B 119 29.57 -6.70 44.89
N LYS B 120 28.91 -5.61 45.26
CA LYS B 120 27.62 -5.29 44.69
C LYS B 120 27.80 -4.76 43.27
N VAL B 121 27.07 -5.32 42.32
CA VAL B 121 27.07 -4.84 40.94
C VAL B 121 25.78 -4.06 40.70
N TYR B 122 25.92 -2.85 40.26
CA TYR B 122 24.96 -1.83 39.92
C TYR B 122 24.74 -1.82 38.41
N PRO B 123 23.52 -1.51 37.93
CA PRO B 123 23.24 -1.69 36.51
C PRO B 123 23.92 -0.71 35.57
N SER B 124 24.61 0.30 36.09
CA SER B 124 25.48 1.11 35.25
C SER B 124 26.65 0.29 34.74
N GLU B 125 27.13 -0.64 35.56
CA GLU B 125 28.18 -1.57 35.15
C GLU B 125 27.68 -2.50 34.06
N SER B 126 26.43 -2.93 34.16
CA SER B 126 25.86 -3.90 33.24
C SER B 126 25.48 -3.31 31.89
N ARG B 127 25.33 -1.99 31.78
CA ARG B 127 25.09 -1.38 30.48
C ARG B 127 26.37 -1.11 29.73
N GLN B 128 27.46 -0.81 30.45
CA GLN B 128 28.72 -0.51 29.78
C GLN B 128 29.44 -1.76 29.34
N ARG B 129 29.20 -2.89 30.01
CA ARG B 129 29.75 -4.17 29.59
C ARG B 129 29.00 -4.77 28.42
N LEU B 130 27.83 -4.22 28.08
CA LEU B 130 26.87 -4.79 27.13
C LEU B 130 26.53 -6.23 27.50
N THR B 131 26.31 -6.47 28.78
CA THR B 131 25.92 -7.76 29.33
C THR B 131 24.55 -7.60 30.00
N SER B 132 24.13 -8.65 30.68
CA SER B 132 22.83 -8.67 31.35
C SER B 132 23.00 -8.50 32.85
N TYR B 133 22.04 -7.81 33.45
CA TYR B 133 22.02 -7.54 34.89
C TYR B 133 21.21 -8.65 35.55
N ARG B 134 21.90 -9.61 36.14
CA ARG B 134 21.25 -10.85 36.56
C ARG B 134 21.78 -11.32 37.91
N GLY B 135 20.89 -11.93 38.69
CA GLY B 135 21.22 -12.45 40.00
C GLY B 135 21.19 -13.97 40.02
N LYS B 136 21.71 -14.54 41.11
CA LYS B 136 21.86 -15.99 41.19
C LYS B 136 20.54 -16.65 41.57
N LEU B 137 20.09 -17.56 40.72
CA LEU B 137 18.95 -18.39 41.04
C LEU B 137 19.40 -19.58 41.87
N LEU B 138 18.78 -19.77 43.02
CA LEU B 138 19.15 -20.85 43.94
C LEU B 138 17.95 -21.77 44.14
N LEU B 139 18.09 -23.02 43.73
CA LEU B 139 17.12 -24.06 44.02
C LEU B 139 17.74 -25.07 44.97
N LYS B 140 16.99 -25.45 45.99
CA LYS B 140 17.40 -26.56 46.85
C LYS B 140 16.45 -27.73 46.63
N LEU B 141 17.02 -28.92 46.53
CA LEU B 141 16.29 -30.12 46.17
C LEU B 141 15.93 -30.93 47.41
N LYS B 142 14.96 -31.82 47.24
CA LYS B 142 14.57 -32.77 48.27
C LYS B 142 14.75 -34.15 47.65
N TRP B 143 15.92 -34.74 47.89
CA TRP B 143 16.25 -36.06 47.34
C TRP B 143 15.73 -37.11 48.31
N SER B 144 14.42 -37.34 48.27
CA SER B 144 13.80 -38.33 49.14
C SER B 144 13.86 -39.71 48.53
N VAL B 145 14.16 -40.71 49.35
CA VAL B 145 14.19 -42.10 48.93
C VAL B 145 13.24 -42.90 49.82
N ASN B 146 12.32 -43.64 49.17
CA ASN B 146 11.39 -44.57 49.79
C ASN B 146 10.55 -43.92 50.89
N ASN B 147 9.76 -42.92 50.46
CA ASN B 147 8.90 -42.10 51.34
C ASN B 147 9.73 -41.44 52.45
N GLY B 148 10.93 -41.01 52.10
CA GLY B 148 11.76 -40.30 53.04
C GLY B 148 12.46 -41.15 54.08
N GLU B 149 13.23 -42.15 53.63
CA GLU B 149 14.14 -42.84 54.54
C GLU B 149 15.24 -41.91 54.99
N GLU B 150 15.99 -41.36 54.04
CA GLU B 150 16.87 -40.23 54.31
C GLU B 150 16.75 -39.23 53.16
N ASN B 151 16.81 -37.95 53.52
CA ASN B 151 16.63 -36.86 52.56
C ASN B 151 17.97 -36.18 52.35
N LEU B 152 18.30 -35.92 51.09
CA LEU B 152 19.60 -35.37 50.72
C LEU B 152 19.35 -33.97 50.14
N PHE B 153 19.28 -32.98 51.01
CA PHE B 153 19.02 -31.61 50.59
C PHE B 153 20.30 -30.99 50.03
N GLU B 154 20.26 -30.56 48.78
CA GLU B 154 21.40 -29.88 48.18
C GLU B 154 20.94 -28.64 47.44
N VAL B 155 21.54 -27.51 47.76
CA VAL B 155 21.22 -26.26 47.10
C VAL B 155 22.00 -26.18 45.80
N ARG B 156 21.30 -25.97 44.69
CA ARG B 156 21.94 -25.97 43.38
C ARG B 156 21.73 -24.61 42.71
N ASP B 157 22.84 -23.97 42.35
CA ASP B 157 22.80 -22.72 41.61
C ASP B 157 22.40 -22.99 40.18
N CYS B 158 21.21 -22.54 39.80
CA CYS B 158 20.62 -22.86 38.51
C CYS B 158 20.87 -21.76 37.48
N GLY B 159 21.86 -20.90 37.69
CA GLY B 159 22.23 -19.94 36.68
C GLY B 159 22.01 -18.51 37.07
N GLY B 160 22.10 -17.61 36.09
CA GLY B 160 21.95 -16.19 36.33
C GLY B 160 20.60 -15.67 35.86
N LEU B 161 19.74 -15.36 36.81
CA LEU B 161 18.38 -14.97 36.52
C LEU B 161 18.30 -13.46 36.36
N PRO B 162 17.85 -12.94 35.21
CA PRO B 162 17.80 -11.48 35.02
C PRO B 162 16.78 -10.82 35.94
N VAL B 163 17.26 -9.84 36.69
CA VAL B 163 16.47 -9.12 37.67
C VAL B 163 16.13 -7.75 37.10
N MET B 164 14.85 -7.37 37.19
CA MET B 164 14.44 -6.07 36.69
C MET B 164 14.74 -4.96 37.69
N LEU B 165 14.93 -3.76 37.16
CA LEU B 165 15.52 -2.67 37.90
C LEU B 165 14.53 -2.07 38.90
N GLN B 166 15.08 -1.63 40.04
CA GLN B 166 14.35 -1.05 41.17
C GLN B 166 13.25 -1.99 41.70
N SER B 167 13.49 -3.28 41.66
CA SER B 167 12.66 -4.26 42.33
C SER B 167 13.27 -4.60 43.68
N ASN B 168 12.72 -5.61 44.36
CA ASN B 168 13.28 -5.97 45.66
C ASN B 168 14.55 -6.79 45.56
N ARG B 169 14.94 -7.21 44.37
CA ARG B 169 16.20 -7.91 44.16
C ARG B 169 17.18 -7.10 43.32
N CYS B 170 16.85 -5.86 42.99
CA CYS B 170 17.79 -4.93 42.39
C CYS B 170 18.44 -4.08 43.48
N HIS B 171 19.65 -3.62 43.20
CA HIS B 171 20.39 -2.83 44.20
C HIS B 171 19.97 -1.37 44.22
N LEU B 172 19.03 -0.96 43.37
CA LEU B 172 18.51 0.40 43.36
C LEU B 172 17.19 0.52 44.11
N ASN B 173 16.97 -0.34 45.11
CA ASN B 173 15.62 -0.57 45.61
C ASN B 173 15.10 0.63 46.41
N LYS B 174 15.80 0.99 47.48
CA LYS B 174 15.35 2.07 48.34
C LYS B 174 16.24 3.31 48.23
N MET B 175 16.87 3.51 47.08
CA MET B 175 17.80 4.61 46.94
C MET B 175 17.10 5.95 46.78
N SER B 176 17.63 6.96 47.45
CA SER B 176 17.26 8.33 47.28
C SER B 176 17.63 8.80 45.86
N PRO B 177 16.95 9.83 45.35
CA PRO B 177 17.39 10.42 44.07
C PRO B 177 18.75 11.09 44.13
N TYR B 178 19.28 11.40 45.32
CA TYR B 178 20.69 11.72 45.44
C TYR B 178 21.55 10.49 45.20
N GLU B 179 21.18 9.37 45.83
CA GLU B 179 21.99 8.16 45.76
C GLU B 179 21.89 7.48 44.40
N LEU B 180 20.80 7.69 43.67
CA LEU B 180 20.72 7.18 42.30
C LEU B 180 21.63 7.95 41.36
N VAL B 181 21.91 9.21 41.67
CA VAL B 181 22.88 9.98 40.86
C VAL B 181 24.29 9.52 41.17
N GLN B 182 24.60 9.27 42.45
CA GLN B 182 25.94 8.84 42.81
C GLN B 182 26.24 7.42 42.37
N HIS B 183 25.20 6.62 42.12
CA HIS B 183 25.36 5.32 41.47
C HIS B 183 24.99 5.39 40.00
N LYS B 184 25.14 6.56 39.41
CA LYS B 184 25.20 6.83 37.97
C LYS B 184 23.90 6.56 37.23
N GLU B 185 22.78 6.34 37.91
CA GLU B 185 21.62 5.79 37.19
C GLU B 185 20.84 6.89 36.49
N GLU B 186 20.05 7.65 37.25
CA GLU B 186 19.37 8.93 36.94
C GLU B 186 18.58 9.29 38.19
N SER B 187 18.27 10.58 38.33
CA SER B 187 17.71 11.11 39.58
C SER B 187 16.32 10.55 39.85
N ASP B 188 15.37 10.82 38.97
CA ASP B 188 14.00 10.33 39.11
C ASP B 188 13.77 9.08 38.27
N GLU B 189 14.77 8.22 38.21
CA GLU B 189 14.76 7.04 37.35
C GLU B 189 13.77 6.01 37.85
N ILE B 190 12.73 5.76 37.06
CA ILE B 190 11.80 4.68 37.34
C ILE B 190 12.33 3.39 36.72
N GLY B 191 12.11 2.26 37.40
CA GLY B 191 12.63 1.01 36.92
C GLY B 191 11.68 0.34 35.95
N GLY B 192 11.39 -0.93 36.15
CA GLY B 192 10.38 -1.62 35.38
C GLY B 192 10.89 -2.58 34.34
N TYR B 193 12.17 -2.53 34.01
CA TYR B 193 12.67 -3.21 32.83
C TYR B 193 13.88 -4.07 33.17
N PHE B 194 14.11 -5.07 32.34
CA PHE B 194 15.25 -5.96 32.47
C PHE B 194 16.36 -5.46 31.57
N ILE B 195 17.61 -5.69 31.96
CA ILE B 195 18.75 -5.47 31.09
C ILE B 195 19.26 -6.82 30.63
N VAL B 196 19.20 -7.08 29.33
CA VAL B 196 19.60 -8.36 28.74
C VAL B 196 20.53 -8.06 27.57
N ASN B 197 21.79 -8.51 27.71
CA ASN B 197 22.86 -8.28 26.73
C ASN B 197 23.06 -6.79 26.43
N GLY B 198 23.00 -5.97 27.48
CA GLY B 198 23.14 -4.54 27.32
C GLY B 198 21.93 -3.84 26.73
N ILE B 199 20.83 -4.56 26.53
CA ILE B 199 19.63 -4.03 25.88
C ILE B 199 18.53 -4.02 26.93
N GLU B 200 17.78 -2.93 26.97
CA GLU B 200 16.75 -2.74 27.98
C GLU B 200 15.46 -3.37 27.49
N LYS B 201 15.22 -4.61 27.88
CA LYS B 201 14.02 -5.31 27.46
C LYS B 201 12.90 -5.10 28.47
N LEU B 202 11.67 -5.31 28.01
CA LEU B 202 10.48 -5.15 28.82
C LEU B 202 9.45 -6.19 28.41
N ILE B 203 8.93 -6.93 29.39
CA ILE B 203 7.84 -7.86 29.13
C ILE B 203 6.51 -7.09 29.21
N ARG B 204 5.73 -7.14 28.14
CA ARG B 204 4.51 -6.36 28.05
C ARG B 204 3.41 -6.94 28.92
N MET B 205 2.36 -6.15 29.08
CA MET B 205 1.14 -6.61 29.72
C MET B 205 0.15 -7.11 28.68
N LEU B 206 -0.54 -8.18 29.01
CA LEU B 206 -1.58 -8.73 28.17
C LEU B 206 -2.92 -8.59 28.86
N ILE B 207 -3.92 -8.15 28.14
CA ILE B 207 -5.28 -8.15 28.66
C ILE B 207 -5.89 -9.51 28.34
N VAL B 208 -6.62 -10.07 29.29
CA VAL B 208 -6.94 -11.49 29.30
C VAL B 208 -8.20 -11.66 30.13
N GLN B 209 -8.88 -12.80 29.97
CA GLN B 209 -10.14 -13.08 30.66
C GLN B 209 -9.99 -13.01 32.18
N ARG B 210 -11.03 -12.52 32.85
CA ARG B 210 -11.03 -12.44 34.31
C ARG B 210 -10.91 -13.82 34.94
N ARG B 211 -10.28 -13.85 36.10
CA ARG B 211 -10.14 -15.07 36.85
C ARG B 211 -11.43 -15.39 37.59
N ASN B 212 -11.70 -16.68 37.72
CA ASN B 212 -12.62 -17.26 38.69
C ASN B 212 -14.07 -16.87 38.45
N HIS B 213 -14.42 -16.47 37.22
CA HIS B 213 -15.79 -16.06 36.91
C HIS B 213 -16.23 -16.78 35.65
N PRO B 214 -17.30 -17.57 35.69
CA PRO B 214 -17.72 -18.32 34.49
C PRO B 214 -18.63 -17.47 33.63
N MET B 215 -18.17 -17.14 32.43
CA MET B 215 -18.92 -16.24 31.58
C MET B 215 -19.55 -17.01 30.43
N ALA B 216 -20.83 -16.77 30.20
CA ALA B 216 -21.56 -17.46 29.15
C ALA B 216 -21.15 -16.92 27.80
N ILE B 217 -20.73 -17.82 26.91
CA ILE B 217 -20.04 -17.44 25.68
C ILE B 217 -20.70 -18.14 24.50
N ILE B 218 -21.07 -17.36 23.48
CA ILE B 218 -21.53 -17.88 22.21
C ILE B 218 -20.41 -17.70 21.19
N ARG B 219 -19.93 -18.83 20.65
CA ARG B 219 -18.94 -18.83 19.60
C ARG B 219 -19.41 -19.85 18.56
N PRO B 220 -19.36 -19.51 17.27
CA PRO B 220 -19.68 -20.51 16.25
C PRO B 220 -18.66 -21.64 16.18
N SER B 221 -17.44 -21.42 16.64
CA SER B 221 -16.43 -22.47 16.63
C SER B 221 -16.59 -23.46 17.77
N PHE B 222 -17.50 -23.21 18.72
CA PHE B 222 -17.88 -24.27 19.65
C PHE B 222 -18.64 -25.38 18.96
N ALA B 223 -19.30 -25.09 17.84
CA ALA B 223 -20.01 -26.11 17.08
C ALA B 223 -19.08 -27.05 16.36
N ASN B 224 -17.82 -26.66 16.13
CA ASN B 224 -16.88 -27.46 15.38
C ASN B 224 -16.05 -28.40 16.26
N ARG B 225 -16.58 -28.80 17.40
CA ARG B 225 -15.96 -29.85 18.21
C ARG B 225 -16.44 -31.23 17.83
N GLY B 226 -17.29 -31.33 16.83
CA GLY B 226 -17.88 -32.58 16.40
C GLY B 226 -19.30 -32.35 15.91
N ALA B 227 -20.11 -33.38 16.05
CA ALA B 227 -21.51 -33.29 15.68
C ALA B 227 -22.34 -32.89 16.90
N SER B 228 -23.47 -32.24 16.64
CA SER B 228 -24.49 -31.81 17.60
C SER B 228 -24.00 -30.81 18.62
N TYR B 229 -22.78 -30.28 18.50
CA TYR B 229 -22.33 -29.21 19.37
C TYR B 229 -23.05 -27.91 19.04
N SER B 230 -23.62 -27.28 20.06
CA SER B 230 -24.23 -25.99 19.85
C SER B 230 -23.16 -24.91 19.75
N HIS B 231 -23.60 -23.69 19.51
CA HIS B 231 -22.75 -22.53 19.66
C HIS B 231 -22.71 -22.01 21.09
N TYR B 232 -23.45 -22.66 21.99
CA TYR B 232 -23.52 -22.25 23.38
C TYR B 232 -22.42 -22.94 24.18
N GLY B 233 -22.02 -22.30 25.26
CA GLY B 233 -21.02 -22.85 26.14
C GLY B 233 -20.68 -21.85 27.21
N ILE B 234 -20.02 -22.34 28.25
CA ILE B 234 -19.58 -21.51 29.36
C ILE B 234 -18.08 -21.76 29.54
N GLN B 235 -17.39 -20.79 30.12
CA GLN B 235 -15.94 -20.85 30.18
C GLN B 235 -15.44 -20.09 31.40
N ILE B 236 -14.70 -20.78 32.26
CA ILE B 236 -14.07 -20.18 33.43
C ILE B 236 -12.56 -20.25 33.24
N ARG B 237 -11.85 -19.25 33.75
CA ARG B 237 -10.40 -19.23 33.73
C ARG B 237 -9.93 -19.24 35.17
N SER B 238 -9.76 -20.41 35.73
CA SER B 238 -9.35 -20.54 37.11
C SER B 238 -7.85 -20.32 37.25
N VAL B 239 -7.45 -19.60 38.30
CA VAL B 239 -6.03 -19.38 38.57
C VAL B 239 -5.67 -20.01 39.90
N ARG B 240 -4.46 -20.55 39.96
CA ARG B 240 -3.96 -21.16 41.18
C ARG B 240 -3.37 -20.08 42.06
N PRO B 241 -3.12 -20.35 43.35
CA PRO B 241 -2.47 -19.34 44.21
C PRO B 241 -1.05 -18.95 43.81
N ASP B 242 -0.39 -19.68 42.92
CA ASP B 242 0.87 -19.23 42.34
C ASP B 242 0.66 -18.53 40.99
N GLN B 243 -0.57 -18.09 40.72
CA GLN B 243 -0.96 -17.30 39.54
C GLN B 243 -0.77 -18.06 38.24
N THR B 244 -1.13 -19.34 38.24
CA THR B 244 -1.06 -20.19 37.06
C THR B 244 -2.48 -20.54 36.63
N SER B 245 -2.78 -20.37 35.35
CA SER B 245 -4.15 -20.46 34.89
C SER B 245 -4.49 -21.84 34.33
N GLN B 246 -5.80 -22.10 34.25
CA GLN B 246 -6.34 -23.35 33.71
C GLN B 246 -7.80 -23.12 33.35
N THR B 247 -8.13 -23.22 32.06
CA THR B 247 -9.50 -23.05 31.61
C THR B 247 -10.28 -24.37 31.70
N ASN B 248 -11.57 -24.24 31.97
CA ASN B 248 -12.50 -25.37 32.00
C ASN B 248 -13.76 -24.93 31.26
N VAL B 249 -13.99 -25.51 30.09
CA VAL B 249 -15.10 -25.14 29.22
C VAL B 249 -16.17 -26.23 29.28
N LEU B 250 -17.41 -25.84 29.54
CA LEU B 250 -18.55 -26.73 29.42
C LEU B 250 -19.24 -26.44 28.10
N HIS B 251 -19.47 -27.47 27.30
CA HIS B 251 -20.16 -27.31 26.04
C HIS B 251 -21.56 -27.89 26.15
N TYR B 252 -22.49 -27.36 25.36
CA TYR B 252 -23.83 -27.90 25.28
C TYR B 252 -24.01 -28.63 23.96
N LEU B 253 -24.32 -29.92 24.05
CA LEU B 253 -24.65 -30.72 22.88
C LEU B 253 -26.14 -30.65 22.60
N ASN B 254 -26.50 -30.78 21.32
CA ASN B 254 -27.90 -30.75 20.94
C ASN B 254 -28.65 -32.03 21.31
N ASP B 255 -27.92 -33.09 21.68
CA ASP B 255 -28.56 -34.30 22.18
C ASP B 255 -29.19 -34.07 23.55
N GLY B 256 -28.67 -33.13 24.32
CA GLY B 256 -29.16 -32.84 25.65
C GLY B 256 -28.14 -32.99 26.75
N GLN B 257 -26.99 -33.58 26.46
CA GLN B 257 -25.93 -33.75 27.43
C GLN B 257 -24.90 -32.63 27.31
N VAL B 258 -24.09 -32.46 28.35
CA VAL B 258 -23.06 -31.44 28.36
C VAL B 258 -21.70 -32.11 28.51
N THR B 259 -20.66 -31.37 28.15
CA THR B 259 -19.31 -31.92 28.01
C THR B 259 -18.29 -30.97 28.62
N PHE B 260 -17.57 -31.45 29.63
CA PHE B 260 -16.44 -30.74 30.20
C PHE B 260 -15.29 -30.75 29.21
N ARG B 261 -14.50 -29.68 29.20
CA ARG B 261 -13.36 -29.60 28.29
C ARG B 261 -12.18 -28.96 29.02
N PHE B 262 -10.98 -29.47 28.75
CA PHE B 262 -9.78 -28.92 29.36
C PHE B 262 -8.59 -29.22 28.46
N SER B 263 -7.40 -28.89 28.94
CA SER B 263 -6.18 -29.04 28.15
C SER B 263 -5.01 -29.12 29.11
N TRP B 264 -4.35 -30.28 29.18
CA TRP B 264 -3.22 -30.46 30.07
C TRP B 264 -1.89 -30.21 29.39
N ARG B 265 -1.72 -30.75 28.19
CA ARG B 265 -0.65 -30.45 27.28
C ARG B 265 -1.35 -29.74 26.13
N LYS B 266 -0.69 -29.62 25.01
CA LYS B 266 -1.25 -28.79 23.94
C LYS B 266 -2.37 -29.48 23.14
N ASN B 267 -3.03 -30.52 23.68
CA ASN B 267 -4.21 -31.12 23.07
C ASN B 267 -5.36 -31.17 24.07
N GLU B 268 -6.58 -31.14 23.52
CA GLU B 268 -7.81 -31.00 24.29
C GLU B 268 -8.36 -32.35 24.72
N TYR B 269 -9.21 -32.33 25.75
CA TYR B 269 -9.89 -33.56 26.19
C TYR B 269 -11.33 -33.25 26.55
N LEU B 270 -12.22 -34.18 26.21
CA LEU B 270 -13.66 -34.00 26.34
C LEU B 270 -14.22 -35.05 27.30
N VAL B 271 -14.78 -34.59 28.41
CA VAL B 271 -15.34 -35.46 29.44
C VAL B 271 -16.80 -35.08 29.64
N PRO B 272 -17.72 -36.01 29.82
CA PRO B 272 -19.07 -35.63 30.28
C PRO B 272 -19.04 -35.27 31.75
N VAL B 273 -19.82 -34.25 32.12
CA VAL B 273 -19.60 -33.63 33.43
C VAL B 273 -20.16 -34.44 34.59
N VAL B 274 -21.05 -35.39 34.33
CA VAL B 274 -21.58 -36.20 35.42
C VAL B 274 -20.54 -37.20 35.89
N MET B 275 -19.58 -37.52 35.02
CA MET B 275 -18.37 -38.22 35.46
C MET B 275 -17.55 -37.34 36.40
N ILE B 276 -17.62 -36.03 36.25
CA ILE B 276 -16.89 -35.14 37.14
C ILE B 276 -17.74 -34.72 38.34
N LEU B 277 -19.07 -34.67 38.19
CA LEU B 277 -19.91 -34.36 39.34
C LEU B 277 -19.92 -35.50 40.34
N LYS B 278 -19.85 -36.74 39.87
CA LYS B 278 -19.83 -37.87 40.78
C LYS B 278 -18.44 -38.16 41.32
N ALA B 279 -17.41 -37.49 40.81
CA ALA B 279 -16.05 -37.69 41.26
C ALA B 279 -15.60 -36.67 42.30
N LEU B 280 -16.17 -35.46 42.28
CA LEU B 280 -15.73 -34.41 43.20
C LEU B 280 -16.14 -34.71 44.64
N CYS B 281 -17.37 -35.12 44.87
CA CYS B 281 -17.78 -35.47 46.22
C CYS B 281 -18.75 -36.65 46.17
N HIS B 282 -19.13 -37.12 47.36
CA HIS B 282 -20.06 -38.24 47.50
C HIS B 282 -21.47 -37.73 47.33
N THR B 283 -22.02 -37.91 46.14
CA THR B 283 -23.31 -37.33 45.80
C THR B 283 -24.42 -38.37 45.89
N SER B 284 -25.64 -37.87 45.90
CA SER B 284 -26.81 -38.65 45.55
C SER B 284 -27.01 -38.48 44.06
N ASP B 285 -28.18 -38.84 43.54
CA ASP B 285 -28.48 -38.45 42.19
C ASP B 285 -29.62 -37.44 42.12
N ARG B 286 -30.37 -37.28 43.20
CA ARG B 286 -31.29 -36.16 43.31
C ARG B 286 -30.55 -34.88 43.67
N GLU B 287 -29.37 -34.98 44.30
CA GLU B 287 -28.60 -33.78 44.62
C GLU B 287 -27.97 -33.15 43.40
N ILE B 288 -27.73 -33.91 42.33
CA ILE B 288 -27.41 -33.31 41.05
C ILE B 288 -28.64 -32.58 40.50
N PHE B 289 -29.82 -33.16 40.71
CA PHE B 289 -31.07 -32.54 40.29
C PHE B 289 -31.38 -31.33 41.16
N ASP B 290 -31.26 -31.47 42.48
CA ASP B 290 -31.61 -30.39 43.41
C ASP B 290 -30.59 -29.26 43.44
N GLY B 291 -29.45 -29.40 42.79
CA GLY B 291 -28.47 -28.35 42.80
C GLY B 291 -28.52 -27.49 41.55
N ILE B 292 -28.98 -28.07 40.45
CA ILE B 292 -29.26 -27.28 39.25
C ILE B 292 -30.67 -26.69 39.31
N ILE B 293 -31.65 -27.52 39.64
CA ILE B 293 -33.01 -27.03 39.81
C ILE B 293 -33.11 -26.43 41.21
N GLY B 294 -33.70 -25.25 41.30
CA GLY B 294 -33.92 -24.68 42.62
C GLY B 294 -35.25 -25.15 43.16
N ASN B 295 -36.14 -24.22 43.45
CA ASN B 295 -37.54 -24.56 43.74
C ASN B 295 -38.39 -24.54 42.49
N ASP B 296 -37.80 -24.34 41.31
CA ASP B 296 -38.55 -24.29 40.06
C ASP B 296 -38.61 -25.68 39.42
N VAL B 297 -39.31 -26.57 40.14
CA VAL B 297 -39.56 -27.92 39.62
C VAL B 297 -40.52 -27.85 38.42
N LYS B 298 -41.42 -26.88 38.42
CA LYS B 298 -42.40 -26.74 37.34
C LYS B 298 -41.81 -26.22 36.03
N ASP B 299 -40.54 -25.80 36.02
CA ASP B 299 -39.90 -25.34 34.78
C ASP B 299 -39.58 -26.57 33.94
N SER B 300 -40.41 -26.83 32.94
CA SER B 300 -40.29 -28.05 32.16
C SER B 300 -39.16 -28.01 31.15
N PHE B 301 -38.61 -26.83 30.84
CA PHE B 301 -37.40 -26.76 30.06
C PHE B 301 -36.24 -27.40 30.81
N LEU B 302 -36.02 -26.93 32.03
CA LEU B 302 -34.88 -27.36 32.84
C LEU B 302 -34.99 -28.82 33.25
N THR B 303 -36.20 -29.31 33.50
CA THR B 303 -36.36 -30.69 33.95
C THR B 303 -36.11 -31.67 32.81
N ASP B 304 -36.54 -31.33 31.60
CA ASP B 304 -36.40 -32.25 30.47
C ASP B 304 -34.97 -32.30 29.93
N ARG B 305 -34.24 -31.18 29.97
CA ARG B 305 -32.86 -31.21 29.53
C ARG B 305 -31.96 -31.90 30.54
N LEU B 306 -32.39 -31.95 31.81
CA LEU B 306 -31.66 -32.64 32.85
C LEU B 306 -32.07 -34.11 32.95
N GLU B 307 -33.21 -34.48 32.36
CA GLU B 307 -33.54 -35.88 32.16
C GLU B 307 -32.51 -36.56 31.27
N LEU B 308 -32.16 -35.90 30.17
CA LEU B 308 -31.22 -36.47 29.21
C LEU B 308 -29.80 -36.53 29.77
N LEU B 309 -29.46 -35.59 30.66
CA LEU B 309 -28.11 -35.54 31.20
C LEU B 309 -27.87 -36.66 32.20
N LEU B 310 -28.87 -36.97 33.03
CA LEU B 310 -28.62 -38.00 34.04
C LEU B 310 -28.87 -39.40 33.51
N ARG B 311 -29.86 -39.58 32.63
CA ARG B 311 -30.08 -40.90 32.05
C ARG B 311 -29.02 -41.23 31.01
N GLY B 312 -28.43 -40.22 30.38
CA GLY B 312 -27.37 -40.47 29.41
C GLY B 312 -26.11 -41.01 30.04
N PHE B 313 -25.86 -40.65 31.29
CA PHE B 313 -24.73 -41.20 32.02
C PHE B 313 -25.00 -42.61 32.50
N LYS B 314 -26.26 -42.92 32.84
CA LYS B 314 -26.61 -44.28 33.22
C LYS B 314 -26.64 -45.20 32.01
N LYS B 315 -26.96 -44.67 30.84
CA LYS B 315 -26.98 -45.46 29.61
C LYS B 315 -25.57 -45.82 29.17
N ARG B 316 -24.69 -44.82 29.11
CA ARG B 316 -23.33 -45.06 28.62
C ARG B 316 -22.48 -45.78 29.66
N TYR B 317 -22.73 -45.55 30.95
CA TYR B 317 -21.95 -46.15 32.02
C TYR B 317 -22.89 -46.85 32.98
N PRO B 318 -23.18 -48.13 32.74
CA PRO B 318 -23.97 -48.90 33.73
C PRO B 318 -23.20 -49.18 34.99
N HIS B 319 -21.87 -49.17 34.91
CA HIS B 319 -20.97 -49.13 36.06
C HIS B 319 -20.81 -47.68 36.51
N LEU B 320 -19.76 -47.40 37.27
CA LEU B 320 -19.44 -46.06 37.80
C LEU B 320 -20.56 -45.57 38.70
N GLN B 321 -20.74 -46.27 39.82
CA GLN B 321 -21.92 -46.10 40.66
C GLN B 321 -21.66 -45.32 41.94
N ASN B 322 -20.44 -45.35 42.48
CA ASN B 322 -20.10 -44.50 43.61
C ASN B 322 -18.82 -43.73 43.29
N ARG B 323 -18.38 -42.91 44.26
CA ARG B 323 -17.33 -41.93 43.99
C ARG B 323 -15.98 -42.60 43.76
N THR B 324 -15.70 -43.69 44.48
CA THR B 324 -14.42 -44.36 44.34
C THR B 324 -14.33 -45.25 43.12
N GLN B 325 -15.40 -45.38 42.34
CA GLN B 325 -15.40 -46.16 41.12
C GLN B 325 -15.42 -45.31 39.86
N VAL B 326 -16.09 -44.15 39.91
CA VAL B 326 -15.99 -43.18 38.83
C VAL B 326 -14.58 -42.64 38.74
N LEU B 327 -13.96 -42.45 39.90
CA LEU B 327 -12.67 -41.79 39.98
C LEU B 327 -11.52 -42.69 39.54
N GLN B 328 -11.72 -44.02 39.56
CA GLN B 328 -10.72 -44.92 39.02
C GLN B 328 -10.80 -44.99 37.50
N TYR B 329 -12.00 -44.87 36.94
CA TYR B 329 -12.13 -44.79 35.48
C TYR B 329 -11.49 -43.51 34.96
N LEU B 330 -11.70 -42.40 35.67
CA LEU B 330 -11.16 -41.12 35.23
C LEU B 330 -9.65 -41.07 35.40
N GLY B 331 -9.11 -41.85 36.34
CA GLY B 331 -7.68 -41.96 36.46
C GLY B 331 -7.03 -42.97 35.55
N ASP B 332 -7.81 -43.94 35.07
CA ASP B 332 -7.26 -44.97 34.19
C ASP B 332 -7.03 -44.45 32.78
N LYS B 333 -7.89 -43.56 32.29
CA LYS B 333 -7.75 -43.03 30.94
C LYS B 333 -6.64 -42.00 30.87
N PHE B 334 -6.50 -41.18 31.91
CA PHE B 334 -5.52 -40.11 31.95
C PHE B 334 -4.25 -40.51 32.69
N ARG B 335 -4.00 -41.81 32.83
CA ARG B 335 -2.81 -42.24 33.55
C ARG B 335 -1.55 -42.03 32.72
N VAL B 336 -1.62 -42.33 31.42
CA VAL B 336 -0.44 -42.20 30.58
C VAL B 336 -0.19 -40.76 30.17
N VAL B 337 -1.19 -39.88 30.24
CA VAL B 337 -0.99 -38.50 29.81
C VAL B 337 -0.60 -37.58 30.97
N PHE B 338 -0.93 -37.94 32.20
CA PHE B 338 -0.47 -37.18 33.35
C PHE B 338 0.86 -37.68 33.88
N GLN B 339 1.48 -38.64 33.18
CA GLN B 339 2.82 -39.16 33.49
C GLN B 339 2.91 -39.71 34.90
N ALA B 340 1.89 -40.47 35.29
CA ALA B 340 1.82 -41.02 36.63
C ALA B 340 2.84 -42.14 36.81
N SER B 341 3.14 -42.42 38.06
CA SER B 341 4.07 -43.47 38.40
C SER B 341 3.43 -44.83 38.22
N PRO B 342 4.22 -45.91 38.26
CA PRO B 342 3.65 -47.24 38.52
C PRO B 342 3.26 -47.47 39.96
N ASP B 343 3.51 -46.51 40.86
CA ASP B 343 3.12 -46.63 42.25
C ASP B 343 1.73 -46.08 42.52
N GLN B 344 1.30 -45.09 41.74
CA GLN B 344 0.02 -44.45 42.00
C GLN B 344 -1.14 -45.36 41.61
N SER B 345 -2.02 -45.61 42.57
CA SER B 345 -3.25 -46.33 42.32
C SER B 345 -4.17 -45.53 41.41
N ASP B 346 -5.14 -46.22 40.81
CA ASP B 346 -6.08 -45.55 39.92
C ASP B 346 -6.97 -44.57 40.66
N LEU B 347 -7.24 -44.82 41.93
CA LEU B 347 -8.04 -43.89 42.72
C LEU B 347 -7.23 -42.63 43.02
N GLU B 348 -5.99 -42.78 43.46
CA GLU B 348 -5.21 -41.61 43.86
C GLU B 348 -4.59 -40.88 42.69
N VAL B 349 -4.59 -41.47 41.49
CA VAL B 349 -4.33 -40.66 40.30
C VAL B 349 -5.63 -40.04 39.80
N GLY B 350 -6.77 -40.53 40.28
CA GLY B 350 -8.04 -39.91 39.92
C GLY B 350 -8.24 -38.57 40.59
N GLN B 351 -7.84 -38.45 41.87
CA GLN B 351 -7.86 -37.16 42.52
C GLN B 351 -6.78 -36.24 41.95
N GLU B 352 -5.72 -36.82 41.38
CA GLU B 352 -4.69 -36.04 40.71
C GLU B 352 -5.21 -35.45 39.39
N VAL B 353 -6.26 -36.03 38.83
CA VAL B 353 -6.95 -35.36 37.72
C VAL B 353 -7.72 -34.16 38.24
N LEU B 354 -8.45 -34.33 39.35
CA LEU B 354 -9.33 -33.27 39.83
C LEU B 354 -8.56 -32.15 40.50
N ASP B 355 -7.40 -32.44 41.09
CA ASP B 355 -6.66 -31.40 41.80
C ASP B 355 -5.93 -30.46 40.86
N ARG B 356 -5.58 -30.92 39.65
CA ARG B 356 -4.82 -30.09 38.75
C ARG B 356 -5.61 -29.53 37.59
N ILE B 357 -6.84 -29.98 37.38
CA ILE B 357 -7.59 -29.57 36.20
C ILE B 357 -8.90 -28.89 36.57
N VAL B 358 -9.74 -29.57 37.36
CA VAL B 358 -11.13 -29.15 37.52
C VAL B 358 -11.14 -28.00 38.53
N LEU B 359 -11.20 -26.77 38.00
CA LEU B 359 -11.48 -25.53 38.74
C LEU B 359 -10.46 -25.31 39.86
N VAL B 360 -9.24 -25.01 39.41
CA VAL B 360 -8.06 -25.03 40.25
C VAL B 360 -8.00 -23.84 41.21
N HIS B 361 -8.96 -22.93 41.12
CA HIS B 361 -8.98 -21.80 42.04
C HIS B 361 -9.59 -22.13 43.38
N LEU B 362 -10.11 -23.36 43.55
CA LEU B 362 -10.46 -23.84 44.88
C LEU B 362 -9.41 -24.75 45.47
N GLY B 363 -8.60 -25.40 44.64
CA GLY B 363 -7.51 -26.25 45.06
C GLY B 363 -7.93 -27.47 45.87
N LYS B 364 -6.92 -28.04 46.53
CA LYS B 364 -7.12 -29.13 47.46
C LYS B 364 -7.96 -28.66 48.64
N ASP B 365 -8.73 -29.59 49.23
CA ASP B 365 -9.67 -29.34 50.32
C ASP B 365 -10.72 -28.31 49.90
N GLY B 366 -11.18 -28.39 48.66
CA GLY B 366 -12.25 -27.54 48.20
C GLY B 366 -13.22 -28.27 47.28
N SER B 367 -13.33 -29.58 47.43
CA SER B 367 -14.16 -30.37 46.52
C SER B 367 -15.64 -30.18 46.79
N GLN B 368 -16.01 -29.78 48.00
CA GLN B 368 -17.39 -29.34 48.23
C GLN B 368 -17.67 -28.05 47.47
N ASP B 369 -16.72 -27.12 47.45
CA ASP B 369 -16.92 -25.86 46.77
C ASP B 369 -16.81 -25.99 45.26
N LYS B 370 -15.97 -26.91 44.78
CA LYS B 370 -15.91 -27.20 43.35
C LYS B 370 -17.20 -27.85 42.87
N PHE B 371 -17.85 -28.62 43.74
CA PHE B 371 -19.11 -29.25 43.37
C PHE B 371 -20.23 -28.23 43.27
N ARG B 372 -20.22 -27.22 44.16
CA ARG B 372 -21.23 -26.17 44.08
C ARG B 372 -21.02 -25.29 42.85
N MET B 373 -19.77 -25.13 42.42
CA MET B 373 -19.50 -24.24 41.31
C MET B 373 -19.85 -24.89 39.98
N LEU B 374 -19.60 -26.19 39.84
CA LEU B 374 -20.04 -26.91 38.63
C LEU B 374 -21.56 -26.99 38.57
N LEU B 375 -22.21 -27.16 39.72
CA LEU B 375 -23.67 -27.14 39.77
C LEU B 375 -24.21 -25.75 39.45
N PHE B 376 -23.42 -24.71 39.72
CA PHE B 376 -23.75 -23.35 39.28
C PHE B 376 -23.53 -23.18 37.78
N MET B 377 -22.48 -23.79 37.24
CA MET B 377 -22.11 -23.54 35.85
C MET B 377 -23.01 -24.28 34.87
N ILE B 378 -23.62 -25.39 35.28
CA ILE B 378 -24.59 -26.05 34.41
C ILE B 378 -25.86 -25.20 34.32
N ARG B 379 -26.34 -24.71 35.47
CA ARG B 379 -27.59 -23.96 35.50
C ARG B 379 -27.45 -22.63 34.78
N LYS B 380 -26.26 -22.03 34.81
CA LYS B 380 -26.03 -20.85 33.97
C LYS B 380 -26.01 -21.22 32.49
N LEU B 381 -25.55 -22.43 32.15
CA LEU B 381 -25.54 -22.83 30.75
C LEU B 381 -26.93 -23.22 30.27
N TYR B 382 -27.74 -23.84 31.14
CA TYR B 382 -29.13 -24.11 30.77
C TYR B 382 -29.95 -22.83 30.73
N SER B 383 -29.55 -21.81 31.48
CA SER B 383 -30.18 -20.51 31.38
C SER B 383 -29.69 -19.71 30.18
N LEU B 384 -28.58 -20.13 29.56
CA LEU B 384 -28.13 -19.48 28.34
C LEU B 384 -28.86 -20.03 27.13
N VAL B 385 -29.07 -21.34 27.07
CA VAL B 385 -29.76 -21.94 25.94
C VAL B 385 -31.25 -21.68 25.97
N ALA B 386 -31.81 -21.36 27.14
CA ALA B 386 -33.21 -20.99 27.24
C ALA B 386 -33.48 -19.56 26.79
N GLY B 387 -32.43 -18.76 26.63
CA GLY B 387 -32.58 -17.36 26.32
C GLY B 387 -32.65 -16.45 27.51
N GLU B 388 -32.58 -16.98 28.72
CA GLU B 388 -32.69 -16.18 29.93
C GLU B 388 -31.42 -15.41 30.26
N CYS B 389 -30.37 -15.52 29.45
CA CYS B 389 -29.11 -14.83 29.70
C CYS B 389 -28.59 -14.21 28.43
N SER B 390 -27.92 -13.09 28.58
CA SER B 390 -27.17 -12.58 27.44
C SER B 390 -25.78 -13.20 27.43
N PRO B 391 -25.19 -13.44 26.27
CA PRO B 391 -23.80 -13.92 26.23
C PRO B 391 -22.85 -12.83 26.70
N ASP B 392 -21.96 -13.19 27.61
CA ASP B 392 -20.98 -12.23 28.11
C ASP B 392 -19.93 -11.98 27.05
N ASN B 393 -19.71 -10.71 26.74
CA ASN B 393 -18.80 -10.33 25.67
C ASN B 393 -17.36 -10.49 26.13
N PRO B 394 -16.56 -11.36 25.51
CA PRO B 394 -15.16 -11.48 25.92
C PRO B 394 -14.30 -10.32 25.48
N ASP B 395 -14.75 -9.52 24.52
CA ASP B 395 -13.99 -8.38 24.04
C ASP B 395 -14.20 -7.12 24.86
N ALA B 396 -15.33 -7.02 25.57
CA ALA B 396 -15.55 -5.90 26.46
C ALA B 396 -14.63 -6.00 27.67
N THR B 397 -14.19 -4.86 28.18
CA THR B 397 -13.26 -4.86 29.30
C THR B 397 -13.95 -5.06 30.64
N GLN B 398 -15.27 -5.30 30.64
CA GLN B 398 -15.95 -5.74 31.84
C GLN B 398 -15.43 -7.09 32.31
N HIS B 399 -15.12 -7.98 31.37
CA HIS B 399 -14.70 -9.34 31.68
C HIS B 399 -13.22 -9.56 31.37
N GLN B 400 -12.37 -8.58 31.69
CA GLN B 400 -10.96 -8.64 31.36
C GLN B 400 -10.07 -8.47 32.59
N GLU B 401 -8.85 -8.97 32.46
CA GLU B 401 -7.85 -9.09 33.52
C GLU B 401 -6.50 -8.83 32.88
N VAL B 402 -5.46 -8.59 33.68
CA VAL B 402 -4.16 -8.18 33.14
C VAL B 402 -3.09 -9.16 33.63
N LEU B 403 -2.34 -9.73 32.69
CA LEU B 403 -1.06 -10.35 33.05
C LEU B 403 0.00 -9.26 33.19
N LEU B 404 0.72 -9.26 34.30
CA LEU B 404 1.54 -8.10 34.61
C LEU B 404 2.96 -8.18 34.08
N GLY B 405 3.40 -9.34 33.61
CA GLY B 405 4.75 -9.49 33.10
C GLY B 405 5.73 -9.94 34.15
N GLY B 406 5.54 -9.50 35.39
CA GLY B 406 6.26 -10.10 36.49
C GLY B 406 5.61 -11.38 36.96
N PHE B 407 4.28 -11.49 36.82
CA PHE B 407 3.64 -12.77 37.12
C PHE B 407 3.86 -13.77 36.01
N LEU B 408 3.91 -13.30 34.76
CA LEU B 408 4.25 -14.18 33.65
C LEU B 408 5.69 -14.64 33.72
N TYR B 409 6.55 -13.84 34.35
CA TYR B 409 7.93 -14.25 34.56
C TYR B 409 8.03 -15.34 35.62
N GLY B 410 7.04 -15.47 36.48
CA GLY B 410 7.00 -16.54 37.46
C GLY B 410 6.18 -17.72 36.99
N MET B 411 5.29 -17.48 36.03
CA MET B 411 4.61 -18.58 35.35
C MET B 411 5.59 -19.37 34.50
N ILE B 412 6.48 -18.69 33.79
CA ILE B 412 7.49 -19.37 33.00
C ILE B 412 8.59 -19.94 33.88
N LEU B 413 8.82 -19.38 35.06
CA LEU B 413 9.89 -19.90 35.90
C LEU B 413 9.43 -21.13 36.66
N LYS B 414 8.12 -21.29 36.86
CA LYS B 414 7.59 -22.53 37.39
C LYS B 414 7.80 -23.68 36.42
N GLU B 415 7.65 -23.42 35.11
CA GLU B 415 7.81 -24.46 34.11
C GLU B 415 9.25 -24.92 33.97
N LYS B 416 10.20 -23.98 33.97
CA LYS B 416 11.58 -24.36 33.73
C LYS B 416 12.21 -25.03 34.94
N ILE B 417 11.59 -24.96 36.11
CA ILE B 417 11.98 -25.81 37.23
C ILE B 417 11.05 -27.01 37.36
N ASP B 418 9.92 -27.01 36.66
CA ASP B 418 9.14 -28.23 36.47
C ASP B 418 9.83 -29.12 35.45
N GLU B 419 10.35 -28.53 34.39
CA GLU B 419 11.10 -29.29 33.40
C GLU B 419 12.47 -29.71 33.94
N TYR B 420 13.04 -28.92 34.84
CA TYR B 420 14.31 -29.28 35.49
C TYR B 420 14.15 -30.54 36.35
N LEU B 421 13.03 -30.68 37.03
CA LEU B 421 12.78 -31.91 37.77
C LEU B 421 12.45 -33.08 36.85
N GLN B 422 12.04 -32.82 35.62
CA GLN B 422 11.85 -33.90 34.66
C GLN B 422 13.15 -34.32 34.03
N ASN B 423 14.10 -33.40 33.87
CA ASN B 423 15.38 -33.76 33.28
C ASN B 423 16.27 -34.54 34.23
N ILE B 424 16.07 -34.43 35.55
CA ILE B 424 16.87 -35.19 36.51
C ILE B 424 16.22 -36.53 36.82
N ILE B 425 15.18 -36.89 36.08
CA ILE B 425 14.60 -38.23 36.11
C ILE B 425 14.76 -38.93 34.78
N ALA B 426 14.63 -38.20 33.67
CA ALA B 426 14.97 -38.75 32.36
C ALA B 426 16.45 -39.03 32.24
N GLN B 427 17.30 -38.40 33.07
CA GLN B 427 18.69 -38.81 33.17
C GLN B 427 18.83 -40.11 33.94
N VAL B 428 18.02 -40.29 34.99
CA VAL B 428 18.01 -41.54 35.74
C VAL B 428 17.38 -42.65 34.90
N ARG B 429 16.40 -42.30 34.06
CA ARG B 429 15.68 -43.28 33.24
C ARG B 429 16.60 -43.94 32.22
N MET B 430 17.55 -43.19 31.66
CA MET B 430 18.56 -43.82 30.83
C MET B 430 19.55 -44.60 31.67
N ASP B 431 19.84 -44.13 32.89
CA ASP B 431 20.79 -44.81 33.77
C ASP B 431 20.23 -46.14 34.27
N ILE B 432 18.90 -46.25 34.38
CA ILE B 432 18.27 -47.55 34.63
C ILE B 432 18.53 -48.50 33.47
N ASN B 433 18.29 -48.03 32.24
CA ASN B 433 18.35 -48.90 31.08
C ASN B 433 19.79 -49.21 30.69
N ARG B 434 20.64 -48.21 30.63
CA ARG B 434 22.00 -48.37 30.14
C ARG B 434 22.94 -48.83 31.27
N GLY B 435 23.09 -48.01 32.31
CA GLY B 435 24.02 -48.30 33.38
C GLY B 435 23.48 -49.29 34.38
N MET B 436 24.29 -49.54 35.40
CA MET B 436 23.88 -50.41 36.49
C MET B 436 24.27 -49.80 37.84
N ALA B 437 25.30 -48.96 37.84
CA ALA B 437 25.84 -48.41 39.09
C ALA B 437 24.90 -47.37 39.66
N ILE B 438 23.94 -47.81 40.47
CA ILE B 438 22.86 -46.97 40.97
C ILE B 438 22.67 -47.24 42.46
N ASN B 439 22.83 -46.20 43.27
CA ASN B 439 22.45 -46.23 44.68
C ASN B 439 21.78 -44.90 44.97
N PHE B 440 20.48 -44.93 45.27
CA PHE B 440 19.75 -43.70 45.47
C PHE B 440 20.08 -43.00 46.78
N LYS B 441 20.61 -43.74 47.76
CA LYS B 441 21.00 -43.17 49.04
C LYS B 441 22.42 -42.63 49.03
N ASP B 442 23.05 -42.54 47.86
CA ASP B 442 24.45 -42.16 47.75
C ASP B 442 24.55 -40.68 47.37
N LYS B 443 25.27 -39.90 48.18
CA LYS B 443 25.54 -38.52 47.86
C LYS B 443 26.44 -38.40 46.64
N ARG B 444 27.36 -39.35 46.48
CA ARG B 444 28.24 -39.36 45.31
C ARG B 444 27.48 -39.70 44.03
N TYR B 445 26.39 -40.46 44.13
CA TYR B 445 25.57 -40.70 42.96
C TYR B 445 24.64 -39.52 42.67
N MET B 446 24.19 -38.83 43.73
CA MET B 446 23.38 -37.63 43.54
C MET B 446 24.17 -36.54 42.84
N SER B 447 25.41 -36.33 43.25
CA SER B 447 26.27 -35.33 42.61
C SER B 447 26.69 -35.76 41.21
N ARG B 448 26.69 -37.06 40.93
CA ARG B 448 27.06 -37.54 39.60
C ARG B 448 25.95 -37.34 38.60
N VAL B 449 24.69 -37.53 39.01
CA VAL B 449 23.58 -37.49 38.08
C VAL B 449 23.09 -36.05 37.86
N LEU B 450 23.40 -35.13 38.76
CA LEU B 450 23.02 -33.74 38.57
C LEU B 450 24.00 -32.96 37.72
N MET B 451 25.18 -33.51 37.45
CA MET B 451 26.12 -32.86 36.56
C MET B 451 25.92 -33.26 35.10
N ARG B 452 24.96 -34.14 34.82
CA ARG B 452 24.67 -34.57 33.47
C ARG B 452 23.44 -33.89 32.91
N VAL B 453 22.73 -33.10 33.71
CA VAL B 453 21.52 -32.41 33.28
C VAL B 453 21.85 -30.95 33.08
N ASN B 454 20.99 -30.28 32.31
CA ASN B 454 21.12 -28.84 32.10
C ASN B 454 20.47 -28.11 33.26
N GLU B 455 21.30 -27.54 34.15
CA GLU B 455 20.80 -26.77 35.28
C GLU B 455 20.64 -25.30 34.97
N ASN B 456 21.17 -24.84 33.84
CA ASN B 456 21.25 -23.41 33.54
C ASN B 456 19.86 -22.92 33.15
N ILE B 457 19.05 -22.66 34.17
CA ILE B 457 17.70 -22.14 33.99
C ILE B 457 17.75 -20.65 33.71
N GLY B 458 18.69 -19.93 34.31
CA GLY B 458 18.83 -18.49 34.12
C GLY B 458 19.22 -18.08 32.73
N SER B 459 19.79 -18.98 31.94
CA SER B 459 20.01 -18.68 30.53
C SER B 459 18.76 -18.94 29.70
N LYS B 460 17.88 -19.83 30.15
CA LYS B 460 16.60 -20.01 29.49
C LYS B 460 15.64 -18.87 29.77
N MET B 461 15.87 -18.12 30.84
CA MET B 461 15.13 -16.89 31.11
C MET B 461 15.73 -15.69 30.43
N GLN B 462 17.03 -15.75 30.12
CA GLN B 462 17.64 -14.71 29.30
C GLN B 462 17.25 -14.91 27.84
N TYR B 463 16.91 -16.13 27.45
CA TYR B 463 16.42 -16.38 26.10
C TYR B 463 15.00 -15.88 25.90
N PHE B 464 14.16 -16.01 26.94
CA PHE B 464 12.80 -15.51 26.85
C PHE B 464 12.76 -13.99 26.74
N LEU B 465 13.62 -13.31 27.48
CA LEU B 465 13.60 -11.85 27.46
C LEU B 465 14.21 -11.32 26.18
N SER B 466 15.24 -11.96 25.66
CA SER B 466 15.91 -11.46 24.48
C SER B 466 15.13 -11.71 23.19
N THR B 467 14.22 -12.69 23.19
CA THR B 467 13.49 -13.04 21.98
C THR B 467 11.99 -12.83 22.09
N GLY B 468 11.40 -13.08 23.25
CA GLY B 468 9.96 -13.04 23.39
C GLY B 468 9.26 -14.36 23.13
N ASN B 469 10.01 -15.39 22.72
CA ASN B 469 9.41 -16.68 22.44
C ASN B 469 9.10 -17.39 23.74
N LEU B 470 7.92 -18.00 23.81
CA LEU B 470 7.50 -18.78 24.95
C LEU B 470 7.73 -20.25 24.64
N VAL B 471 8.74 -20.84 25.26
CA VAL B 471 9.03 -22.26 25.11
C VAL B 471 8.46 -22.97 26.33
N SER B 472 7.40 -23.74 26.11
CA SER B 472 6.64 -24.37 27.18
C SER B 472 6.27 -25.78 26.77
N GLN B 473 6.57 -26.76 27.63
CA GLN B 473 6.22 -28.13 27.30
C GLN B 473 4.75 -28.41 27.53
N SER B 474 4.14 -27.71 28.49
CA SER B 474 2.72 -27.81 28.80
C SER B 474 2.23 -26.39 28.62
N GLY B 475 1.89 -26.05 27.37
CA GLY B 475 1.62 -24.71 26.92
C GLY B 475 0.62 -23.97 27.78
N LEU B 476 0.89 -22.70 28.03
CA LEU B 476 0.16 -21.96 29.06
C LEU B 476 -1.24 -21.64 28.57
N ASP B 477 -1.96 -20.83 29.33
CA ASP B 477 -3.34 -20.51 28.99
C ASP B 477 -3.44 -19.35 28.00
N LEU B 478 -2.40 -19.20 27.19
CA LEU B 478 -2.20 -18.06 26.30
C LEU B 478 -2.34 -18.52 24.87
N GLN B 479 -2.94 -17.67 24.04
CA GLN B 479 -3.12 -18.00 22.64
C GLN B 479 -1.82 -17.80 21.86
N GLN B 480 -1.14 -16.68 22.08
CA GLN B 480 0.08 -16.43 21.34
C GLN B 480 1.25 -17.21 21.94
N VAL B 481 2.26 -17.44 21.11
CA VAL B 481 3.45 -18.19 21.50
C VAL B 481 4.72 -17.35 21.37
N SER B 482 4.66 -16.22 20.69
CA SER B 482 5.82 -15.34 20.52
C SER B 482 5.41 -13.90 20.79
N GLY B 483 6.41 -13.04 20.89
CA GLY B 483 6.17 -11.61 21.04
C GLY B 483 5.76 -11.18 22.43
N TYR B 484 6.42 -11.69 23.48
CA TYR B 484 6.10 -11.31 24.84
C TYR B 484 6.95 -10.18 25.37
N THR B 485 8.18 -10.04 24.88
CA THR B 485 9.06 -8.96 25.31
C THR B 485 9.32 -7.99 24.17
N VAL B 486 9.50 -6.72 24.55
CA VAL B 486 9.66 -5.60 23.62
C VAL B 486 10.77 -4.71 24.16
N VAL B 487 11.65 -4.25 23.26
CA VAL B 487 12.72 -3.34 23.61
C VAL B 487 12.15 -2.02 24.12
N ALA B 488 12.50 -1.67 25.35
CA ALA B 488 12.23 -0.34 25.87
C ALA B 488 13.17 0.65 25.20
N GLU B 489 12.61 1.63 24.49
CA GLU B 489 13.38 2.41 23.51
C GLU B 489 14.37 3.36 24.17
N LYS B 490 13.88 4.21 25.09
CA LYS B 490 14.56 5.42 25.56
C LYS B 490 14.98 6.26 24.36
N ILE B 491 14.05 6.41 23.42
CA ILE B 491 14.26 7.28 22.28
C ILE B 491 13.79 8.69 22.62
N ASN B 492 13.17 8.84 23.78
CA ASN B 492 12.37 9.95 24.28
C ASN B 492 11.98 9.54 25.69
N PHE B 493 11.53 10.49 26.49
CA PHE B 493 10.93 10.07 27.75
C PHE B 493 9.43 9.85 27.61
N TYR B 494 8.77 10.50 26.64
CA TYR B 494 7.38 10.18 26.34
C TYR B 494 7.27 8.77 25.79
N ARG B 495 8.26 8.32 25.03
CA ARG B 495 8.27 6.95 24.53
C ARG B 495 8.56 5.96 25.64
N PHE B 496 9.47 6.32 26.55
CA PHE B 496 9.95 5.37 27.54
C PHE B 496 8.90 5.10 28.61
N ILE B 497 8.16 6.13 29.03
CA ILE B 497 7.12 5.91 30.01
C ILE B 497 5.88 5.25 29.39
N SER B 498 5.74 5.32 28.07
CA SER B 498 4.58 4.72 27.41
C SER B 498 4.72 3.22 27.27
N HIS B 499 5.92 2.67 27.40
CA HIS B 499 6.09 1.23 27.36
C HIS B 499 5.50 0.56 28.60
N PHE B 500 5.47 1.27 29.72
CA PHE B 500 5.05 0.69 30.98
C PHE B 500 3.58 0.90 31.27
N ARG B 501 2.85 1.56 30.37
CA ARG B 501 1.42 1.75 30.54
C ARG B 501 0.63 1.10 29.43
N MET B 502 1.25 0.40 28.50
CA MET B 502 0.54 -0.16 27.36
C MET B 502 0.00 -1.54 27.67
N VAL B 503 -1.15 -1.83 27.10
CA VAL B 503 -1.81 -3.12 27.21
C VAL B 503 -1.87 -3.67 25.80
N HIS B 504 -1.86 -4.99 25.67
CA HIS B 504 -1.97 -5.59 24.36
C HIS B 504 -2.96 -6.74 24.44
N ARG B 505 -3.70 -6.95 23.37
CA ARG B 505 -4.73 -7.98 23.40
C ARG B 505 -4.17 -9.35 23.05
N GLY B 506 -3.20 -9.40 22.16
CA GLY B 506 -2.53 -10.63 21.79
C GLY B 506 -2.25 -10.56 20.31
N SER B 507 -1.17 -11.24 19.89
CA SER B 507 -0.81 -11.27 18.49
C SER B 507 -1.71 -12.19 17.66
N PHE B 508 -2.51 -13.03 18.31
CA PHE B 508 -3.53 -13.79 17.59
C PHE B 508 -4.57 -12.86 16.98
N PHE B 509 -4.93 -11.81 17.71
CA PHE B 509 -5.97 -10.90 17.27
C PHE B 509 -5.48 -9.92 16.21
N ALA B 510 -4.17 -9.74 16.09
CA ALA B 510 -3.61 -8.86 15.07
C ALA B 510 -3.84 -9.45 13.68
N GLN B 511 -3.43 -10.70 13.48
CA GLN B 511 -3.59 -11.40 12.21
C GLN B 511 -5.01 -11.96 12.15
N LEU B 512 -5.97 -11.05 11.97
CA LEU B 512 -7.38 -11.36 12.04
C LEU B 512 -8.14 -10.24 11.36
N LYS B 513 -9.09 -10.60 10.50
CA LYS B 513 -9.76 -9.63 9.64
C LYS B 513 -11.11 -9.22 10.18
N THR B 514 -11.27 -9.17 11.49
CA THR B 514 -12.47 -8.63 12.09
C THR B 514 -12.22 -7.21 12.57
N THR B 515 -13.31 -6.53 12.90
CA THR B 515 -13.26 -5.14 13.32
C THR B 515 -13.75 -4.95 14.75
N THR B 516 -14.68 -5.78 15.21
CA THR B 516 -15.37 -5.59 16.48
C THR B 516 -14.48 -5.80 17.70
N VAL B 517 -13.27 -6.33 17.54
CA VAL B 517 -12.35 -6.45 18.66
C VAL B 517 -11.52 -5.18 18.83
N ARG B 518 -11.44 -4.34 17.80
CA ARG B 518 -10.66 -3.12 17.81
C ARG B 518 -11.46 -1.91 18.25
N LYS B 519 -12.72 -2.10 18.61
CA LYS B 519 -13.61 -0.98 18.90
C LYS B 519 -13.25 -0.32 20.21
N LEU B 520 -13.69 0.92 20.36
CA LEU B 520 -13.55 1.67 21.60
C LEU B 520 -14.85 1.46 22.35
N LEU B 521 -14.81 0.63 23.31
CA LEU B 521 -16.02 0.27 24.02
C LEU B 521 -16.31 1.26 25.14
N PRO B 522 -17.58 1.45 25.50
CA PRO B 522 -17.89 2.34 26.63
C PRO B 522 -17.56 1.76 27.99
N GLU B 523 -17.17 0.49 28.08
CA GLU B 523 -16.78 -0.06 29.36
C GLU B 523 -15.38 0.33 29.79
N SER B 524 -14.60 0.94 28.90
CA SER B 524 -13.25 1.37 29.19
C SER B 524 -13.19 2.79 29.73
N TRP B 525 -14.26 3.26 30.36
CA TRP B 525 -14.28 4.60 30.91
C TRP B 525 -13.36 4.67 32.11
N GLY B 526 -12.23 5.34 31.94
CA GLY B 526 -11.30 5.50 33.04
C GLY B 526 -10.33 4.38 33.23
N PHE B 527 -10.43 3.30 32.44
CA PHE B 527 -9.49 2.19 32.52
C PHE B 527 -8.55 2.14 31.33
N LEU B 528 -9.07 2.22 30.12
CA LEU B 528 -8.25 2.33 28.92
C LEU B 528 -8.38 3.74 28.38
N CYS B 529 -7.30 4.24 27.80
CA CYS B 529 -7.33 5.58 27.23
C CYS B 529 -8.03 5.56 25.88
N PRO B 530 -8.87 6.57 25.59
CA PRO B 530 -9.55 6.57 24.29
C PRO B 530 -8.64 6.90 23.13
N VAL B 531 -7.78 7.90 23.29
CA VAL B 531 -7.02 8.44 22.16
C VAL B 531 -5.65 7.79 22.01
N HIS B 532 -4.97 7.47 23.11
CA HIS B 532 -3.60 7.00 23.01
C HIS B 532 -3.63 5.54 22.56
N THR B 533 -3.61 5.39 21.24
CA THR B 533 -3.66 4.15 20.50
C THR B 533 -3.01 4.41 19.15
N PRO B 534 -2.09 3.56 18.70
CA PRO B 534 -1.40 3.82 17.44
C PRO B 534 -2.32 3.70 16.23
N ASP B 535 -1.92 4.38 15.17
CA ASP B 535 -2.62 4.30 13.89
C ASP B 535 -2.03 3.16 13.07
N GLY B 536 -2.88 2.55 12.27
CA GLY B 536 -2.44 1.51 11.36
C GLY B 536 -2.87 0.13 11.80
N SER B 537 -1.96 -0.83 11.70
CA SER B 537 -2.22 -2.21 12.08
C SER B 537 -2.48 -2.42 13.58
N PRO B 538 -1.75 -1.78 14.56
CA PRO B 538 -2.10 -2.05 15.96
C PRO B 538 -3.27 -1.23 16.49
N CYS B 539 -4.06 -0.62 15.62
CA CYS B 539 -5.12 0.29 16.07
C CYS B 539 -6.26 -0.49 16.71
N GLY B 540 -6.56 -0.15 17.96
CA GLY B 540 -7.60 -0.82 18.71
C GLY B 540 -7.12 -1.99 19.53
N LEU B 541 -5.95 -2.53 19.20
CA LEU B 541 -5.40 -3.70 19.88
C LEU B 541 -4.38 -3.32 20.94
N LEU B 542 -3.38 -2.53 20.58
CA LEU B 542 -2.46 -1.97 21.56
C LEU B 542 -3.02 -0.63 22.02
N ASN B 543 -3.18 -0.48 23.33
CA ASN B 543 -3.71 0.75 23.91
C ASN B 543 -3.22 0.86 25.34
N HIS B 544 -3.45 2.01 25.94
CA HIS B 544 -2.78 2.41 27.16
C HIS B 544 -3.79 2.70 28.26
N PHE B 545 -3.35 2.55 29.51
CA PHE B 545 -4.21 2.82 30.65
C PHE B 545 -4.39 4.31 30.85
N ALA B 546 -5.51 4.66 31.49
CA ALA B 546 -5.63 5.98 32.08
C ALA B 546 -4.63 6.11 33.22
N HIS B 547 -4.21 7.34 33.52
CA HIS B 547 -3.04 7.50 34.36
C HIS B 547 -3.34 7.23 35.83
N LYS B 548 -4.60 7.29 36.24
CA LYS B 548 -4.95 6.90 37.60
C LYS B 548 -5.45 5.47 37.70
N CYS B 549 -5.55 4.76 36.58
CA CYS B 549 -5.88 3.34 36.64
C CYS B 549 -4.67 2.56 37.13
N ARG B 550 -4.80 1.93 38.29
CA ARG B 550 -3.75 1.11 38.84
C ARG B 550 -4.22 -0.33 38.93
N ILE B 551 -3.28 -1.25 38.84
CA ILE B 551 -3.56 -2.68 38.76
C ILE B 551 -3.22 -3.30 40.10
N SER B 552 -4.14 -4.10 40.64
CA SER B 552 -3.89 -4.86 41.85
C SER B 552 -2.75 -5.85 41.63
N THR B 553 -1.96 -6.06 42.68
CA THR B 553 -0.84 -6.99 42.56
C THR B 553 -0.70 -7.86 43.80
N GLN B 554 -1.67 -7.87 44.70
CA GLN B 554 -1.62 -8.75 45.86
C GLN B 554 -3.04 -9.12 46.28
N GLN B 555 -3.19 -10.38 46.69
CA GLN B 555 -4.44 -10.94 47.19
C GLN B 555 -4.89 -10.24 48.47
N SER B 556 -6.02 -9.54 48.41
CA SER B 556 -6.46 -8.75 49.54
C SER B 556 -7.11 -9.66 50.58
N ASP B 557 -7.33 -9.10 51.78
CA ASP B 557 -7.92 -9.86 52.87
C ASP B 557 -9.39 -10.16 52.58
N VAL B 558 -9.76 -11.42 52.73
CA VAL B 558 -11.06 -11.95 52.34
C VAL B 558 -11.69 -12.67 53.53
N SER B 559 -10.85 -13.14 54.44
CA SER B 559 -11.20 -14.15 55.44
C SER B 559 -12.28 -13.72 56.43
N ARG B 560 -12.57 -12.42 56.55
CA ARG B 560 -13.64 -11.97 57.42
C ARG B 560 -14.90 -11.58 56.66
N ILE B 561 -14.89 -11.65 55.33
CA ILE B 561 -16.06 -11.24 54.56
C ILE B 561 -17.19 -12.27 54.60
N PRO B 562 -16.96 -13.60 54.51
CA PRO B 562 -18.09 -14.52 54.79
C PRO B 562 -18.59 -14.46 56.22
N SER B 563 -17.74 -14.08 57.16
CA SER B 563 -18.17 -13.95 58.56
C SER B 563 -19.09 -12.77 58.76
N ILE B 564 -19.07 -11.77 57.87
CA ILE B 564 -19.95 -10.62 57.99
C ILE B 564 -21.03 -10.60 56.92
N LEU B 565 -21.01 -11.53 55.97
CA LEU B 565 -22.14 -11.65 55.05
C LEU B 565 -23.25 -12.50 55.63
N TYR B 566 -22.95 -13.40 56.56
CA TYR B 566 -23.98 -14.21 57.18
C TYR B 566 -24.83 -13.37 58.13
N SER B 567 -24.26 -12.30 58.68
CA SER B 567 -24.99 -11.39 59.54
C SER B 567 -25.81 -10.38 58.76
N LEU B 568 -25.61 -10.29 57.45
CA LEU B 568 -26.41 -9.42 56.60
C LEU B 568 -27.56 -10.16 55.92
N GLY B 569 -27.72 -11.45 56.19
CA GLY B 569 -28.86 -12.19 55.71
C GLY B 569 -28.57 -13.27 54.69
N VAL B 570 -27.30 -13.51 54.36
CA VAL B 570 -26.97 -14.56 53.39
C VAL B 570 -27.12 -15.92 54.08
N ALA B 571 -27.94 -16.78 53.50
CA ALA B 571 -28.04 -18.15 53.99
C ALA B 571 -26.88 -18.97 53.44
N PRO B 572 -26.18 -19.74 54.26
CA PRO B 572 -24.94 -20.38 53.81
C PRO B 572 -25.18 -21.48 52.79
N ALA B 573 -24.12 -21.77 52.04
CA ALA B 573 -24.23 -22.63 50.86
C ALA B 573 -24.39 -24.10 51.20
N SER B 574 -24.16 -24.50 52.45
CA SER B 574 -24.36 -25.89 52.84
C SER B 574 -25.80 -26.19 53.22
N HIS B 575 -26.61 -25.16 53.48
CA HIS B 575 -27.97 -25.35 53.99
C HIS B 575 -28.94 -24.45 53.23
N THR B 576 -28.84 -24.45 51.89
CA THR B 576 -29.55 -23.43 51.13
C THR B 576 -30.68 -23.95 50.26
N PHE B 577 -30.46 -25.02 49.48
CA PHE B 577 -31.43 -25.62 48.55
C PHE B 577 -31.97 -24.56 47.58
N ALA B 578 -31.06 -24.02 46.77
CA ALA B 578 -31.44 -22.92 45.88
C ALA B 578 -30.52 -22.90 44.67
N ALA B 579 -31.07 -22.50 43.53
CA ALA B 579 -30.31 -22.28 42.30
C ALA B 579 -31.15 -21.43 41.36
N GLY B 580 -30.52 -21.00 40.27
CA GLY B 580 -31.22 -20.31 39.21
C GLY B 580 -31.23 -18.81 39.38
N PRO B 581 -31.64 -18.09 38.33
CA PRO B 581 -31.65 -16.61 38.39
C PRO B 581 -32.74 -16.01 39.25
N SER B 582 -33.65 -16.82 39.80
CA SER B 582 -34.68 -16.28 40.68
C SER B 582 -34.08 -15.78 41.99
N LEU B 583 -32.98 -16.39 42.43
CA LEU B 583 -32.18 -15.88 43.53
C LEU B 583 -30.99 -15.14 42.94
N CYS B 584 -30.14 -14.61 43.81
CA CYS B 584 -28.83 -14.14 43.37
C CYS B 584 -27.77 -14.82 44.21
N CYS B 585 -26.71 -15.25 43.54
CA CYS B 585 -25.65 -16.03 44.17
C CYS B 585 -24.53 -15.11 44.60
N VAL B 586 -24.16 -15.18 45.87
CA VAL B 586 -23.10 -14.35 46.41
C VAL B 586 -21.80 -15.13 46.33
N GLN B 587 -20.85 -14.64 45.55
CA GLN B 587 -19.57 -15.32 45.34
C GLN B 587 -18.43 -14.41 45.76
N ILE B 588 -17.43 -14.99 46.41
CA ILE B 588 -16.21 -14.26 46.75
C ILE B 588 -15.05 -14.97 46.09
N ASP B 589 -14.44 -14.31 45.10
CA ASP B 589 -13.26 -14.76 44.36
C ASP B 589 -13.46 -16.10 43.65
N GLY B 590 -14.71 -16.45 43.33
CA GLY B 590 -14.97 -17.64 42.56
C GLY B 590 -15.54 -18.82 43.31
N LYS B 591 -15.92 -18.67 44.57
CA LYS B 591 -16.59 -19.73 45.29
C LYS B 591 -17.90 -19.21 45.87
N ILE B 592 -18.87 -20.11 46.00
CA ILE B 592 -20.20 -19.73 46.48
C ILE B 592 -20.15 -19.60 48.00
N ILE B 593 -20.53 -18.43 48.49
CA ILE B 593 -20.67 -18.23 49.92
C ILE B 593 -22.08 -18.54 50.36
N GLY B 594 -23.08 -18.19 49.55
CA GLY B 594 -24.44 -18.51 49.90
C GLY B 594 -25.41 -17.95 48.87
N TRP B 595 -26.67 -17.87 49.29
CA TRP B 595 -27.78 -17.49 48.43
C TRP B 595 -28.66 -16.49 49.15
N VAL B 596 -29.10 -15.46 48.42
CA VAL B 596 -29.95 -14.42 48.99
C VAL B 596 -30.81 -13.86 47.86
N SER B 597 -31.90 -13.19 48.21
CA SER B 597 -32.84 -12.68 47.24
C SER B 597 -32.26 -11.50 46.47
N HIS B 598 -32.92 -11.12 45.38
CA HIS B 598 -32.48 -9.97 44.61
C HIS B 598 -32.70 -8.67 45.37
N GLU B 599 -33.79 -8.60 46.13
CA GLU B 599 -34.10 -7.38 46.87
C GLU B 599 -33.15 -7.19 48.04
N GLN B 600 -32.85 -8.26 48.77
CA GLN B 600 -31.88 -8.15 49.84
C GLN B 600 -30.46 -8.15 49.30
N GLY B 601 -30.24 -8.73 48.13
CA GLY B 601 -28.92 -8.74 47.53
C GLY B 601 -28.42 -7.40 47.04
N LYS B 602 -29.32 -6.44 46.81
CA LYS B 602 -28.89 -5.09 46.51
C LYS B 602 -28.64 -4.29 47.78
N ILE B 603 -29.41 -4.58 48.84
CA ILE B 603 -29.23 -3.91 50.11
C ILE B 603 -27.88 -4.29 50.73
N ILE B 604 -27.47 -5.55 50.58
CA ILE B 604 -26.18 -5.96 51.12
C ILE B 604 -25.06 -5.78 50.11
N ALA B 605 -25.36 -5.20 48.96
CA ALA B 605 -24.34 -4.67 48.06
C ALA B 605 -24.19 -3.17 48.19
N ASP B 606 -25.25 -2.48 48.64
CA ASP B 606 -25.13 -1.08 49.02
C ASP B 606 -24.55 -0.92 50.41
N THR B 607 -24.68 -1.94 51.26
CA THR B 607 -24.15 -1.85 52.61
C THR B 607 -22.65 -2.08 52.62
N LEU B 608 -22.17 -3.04 51.85
CA LEU B 608 -20.75 -3.35 51.81
C LEU B 608 -19.93 -2.26 51.14
N ARG B 609 -20.52 -1.42 50.31
CA ARG B 609 -19.80 -0.28 49.78
C ARG B 609 -19.74 0.86 50.78
N TYR B 610 -20.79 1.04 51.57
CA TYR B 610 -20.78 2.03 52.63
C TYR B 610 -19.82 1.64 53.74
N TRP B 611 -19.54 0.35 53.90
CA TRP B 611 -18.65 -0.12 54.96
C TRP B 611 -17.21 -0.31 54.52
N LYS B 612 -16.91 -0.33 53.23
CA LYS B 612 -15.51 -0.35 52.81
C LYS B 612 -14.95 1.04 52.61
N VAL B 613 -15.79 2.00 52.27
CA VAL B 613 -15.36 3.39 52.14
C VAL B 613 -15.20 4.03 53.50
N GLU B 614 -16.23 3.91 54.35
CA GLU B 614 -16.07 4.21 55.76
C GLU B 614 -15.18 3.14 56.38
N GLY B 615 -13.94 3.49 56.69
CA GLY B 615 -12.96 2.47 57.03
C GLY B 615 -12.99 1.96 58.46
N LYS B 616 -14.15 1.90 59.08
CA LYS B 616 -14.26 1.41 60.45
C LYS B 616 -14.43 -0.10 60.54
N THR B 617 -14.80 -0.77 59.45
CA THR B 617 -15.03 -2.21 59.48
C THR B 617 -13.72 -2.94 59.28
N PRO B 618 -13.33 -3.86 60.17
CA PRO B 618 -11.99 -4.45 60.11
C PRO B 618 -11.85 -5.64 59.17
N GLY B 619 -12.80 -5.83 58.26
CA GLY B 619 -12.70 -6.94 57.33
C GLY B 619 -12.83 -6.57 55.87
N LEU B 620 -13.32 -5.36 55.59
CA LEU B 620 -13.57 -4.92 54.22
C LEU B 620 -12.48 -3.98 53.74
N PRO B 621 -11.67 -4.38 52.77
CA PRO B 621 -10.67 -3.47 52.21
C PRO B 621 -11.30 -2.50 51.23
N ILE B 622 -10.61 -1.36 51.06
CA ILE B 622 -11.04 -0.38 50.07
C ILE B 622 -10.77 -0.87 48.66
N ASP B 623 -9.87 -1.85 48.51
CA ASP B 623 -9.49 -2.36 47.20
C ASP B 623 -10.42 -3.49 46.74
N LEU B 624 -11.51 -3.75 47.47
CA LEU B 624 -12.45 -4.79 47.11
C LEU B 624 -13.33 -4.35 45.95
N GLU B 625 -13.68 -5.30 45.08
CA GLU B 625 -14.57 -5.04 43.95
C GLU B 625 -15.88 -5.80 44.19
N ILE B 626 -16.95 -5.06 44.45
CA ILE B 626 -18.25 -5.68 44.68
C ILE B 626 -19.19 -5.48 43.49
N GLY B 627 -19.13 -6.40 42.55
CA GLY B 627 -19.95 -6.29 41.37
C GLY B 627 -21.31 -6.93 41.54
N TYR B 628 -22.32 -6.12 41.82
CA TYR B 628 -23.69 -6.60 41.89
C TYR B 628 -24.33 -6.49 40.52
N VAL B 629 -24.78 -7.63 39.99
CA VAL B 629 -25.53 -7.67 38.74
C VAL B 629 -27.00 -7.80 39.08
N PRO B 630 -27.82 -6.76 38.88
CA PRO B 630 -29.22 -6.83 39.21
C PRO B 630 -29.98 -7.74 38.26
N PRO B 631 -31.14 -8.26 38.65
CA PRO B 631 -31.93 -9.06 37.72
C PRO B 631 -32.53 -8.21 36.63
N SER B 632 -32.78 -8.85 35.50
CA SER B 632 -33.22 -8.12 34.32
C SER B 632 -34.01 -9.07 33.44
N THR B 633 -34.28 -8.64 32.20
CA THR B 633 -35.02 -9.43 31.24
C THR B 633 -34.08 -9.74 30.09
N ARG B 634 -33.65 -11.01 30.00
CA ARG B 634 -32.72 -11.53 28.99
C ARG B 634 -31.39 -10.80 29.01
N GLY B 635 -30.97 -10.33 30.17
CA GLY B 635 -29.72 -9.60 30.32
C GLY B 635 -28.59 -10.48 30.79
N GLN B 636 -27.68 -9.89 31.57
CA GLN B 636 -26.59 -10.65 32.15
C GLN B 636 -27.13 -11.52 33.28
N TYR B 637 -26.42 -12.61 33.55
CA TYR B 637 -26.81 -13.51 34.63
C TYR B 637 -26.70 -12.79 35.95
N PRO B 638 -27.77 -12.66 36.72
CA PRO B 638 -27.73 -11.87 37.95
C PRO B 638 -27.00 -12.60 39.07
N GLY B 639 -26.57 -11.82 40.04
CA GLY B 639 -25.80 -12.35 41.15
C GLY B 639 -24.87 -11.29 41.70
N LEU B 640 -24.33 -11.59 42.88
CA LEU B 640 -23.40 -10.70 43.57
C LEU B 640 -22.02 -11.34 43.54
N TYR B 641 -21.07 -10.67 42.88
CA TYR B 641 -19.75 -11.23 42.65
C TYR B 641 -18.73 -10.34 43.34
N LEU B 642 -18.08 -10.87 44.37
CA LEU B 642 -17.02 -10.16 45.08
C LEU B 642 -15.67 -10.65 44.58
N PHE B 643 -14.78 -9.70 44.28
CA PHE B 643 -13.46 -10.01 43.75
C PHE B 643 -12.40 -9.36 44.62
N GLY B 644 -11.39 -10.11 44.99
CA GLY B 644 -10.34 -9.56 45.82
C GLY B 644 -8.95 -10.06 45.49
N GLY B 645 -8.81 -10.73 44.35
CA GLY B 645 -7.57 -11.36 43.97
C GLY B 645 -6.60 -10.41 43.28
N HIS B 646 -5.55 -11.01 42.74
CA HIS B 646 -4.52 -10.28 42.01
C HIS B 646 -5.06 -9.71 40.71
N SER B 647 -4.27 -8.81 40.12
CA SER B 647 -4.28 -8.47 38.70
C SER B 647 -5.58 -7.82 38.21
N ARG B 648 -6.39 -7.25 39.11
CA ARG B 648 -7.57 -6.55 38.66
C ARG B 648 -7.20 -5.15 38.19
N MET B 649 -8.12 -4.50 37.52
CA MET B 649 -7.98 -3.12 37.10
C MET B 649 -8.79 -2.26 38.05
N LEU B 650 -8.20 -1.17 38.54
CA LEU B 650 -8.83 -0.37 39.58
C LEU B 650 -8.64 1.10 39.27
N ARG B 651 -9.67 1.90 39.54
CA ARG B 651 -9.61 3.35 39.35
C ARG B 651 -10.27 4.04 40.54
N PRO B 652 -9.78 5.22 40.94
CA PRO B 652 -10.42 5.93 42.05
C PRO B 652 -11.61 6.75 41.59
N VAL B 653 -12.57 6.88 42.49
CA VAL B 653 -13.80 7.63 42.21
C VAL B 653 -14.33 8.12 43.55
N ARG B 654 -14.91 9.32 43.58
CA ARG B 654 -15.38 9.89 44.83
C ARG B 654 -16.81 9.44 45.08
N TYR B 655 -17.05 8.97 46.30
CA TYR B 655 -18.32 8.37 46.71
C TYR B 655 -19.12 9.41 47.48
N LEU B 656 -20.36 9.67 47.05
CA LEU B 656 -21.11 10.85 47.50
C LEU B 656 -21.60 10.85 48.95
N PRO B 657 -22.16 9.77 49.53
CA PRO B 657 -22.37 9.82 50.98
C PRO B 657 -21.05 9.62 51.71
N LEU B 658 -20.73 10.54 52.63
CA LEU B 658 -19.46 10.58 53.35
C LEU B 658 -18.31 10.70 52.35
N ASP B 659 -18.14 11.89 51.76
CA ASP B 659 -17.29 12.11 50.59
C ASP B 659 -15.85 11.66 50.78
N LYS B 660 -15.51 10.55 50.14
CA LYS B 660 -14.23 9.88 50.32
C LYS B 660 -13.88 9.16 49.04
N GLU B 661 -12.63 8.74 48.94
CA GLU B 661 -12.18 7.97 47.79
C GLU B 661 -12.75 6.57 47.83
N ASP B 662 -13.31 6.13 46.71
CA ASP B 662 -13.72 4.75 46.51
C ASP B 662 -12.98 4.22 45.29
N ILE B 663 -12.59 2.96 45.36
CA ILE B 663 -11.84 2.29 44.30
C ILE B 663 -12.71 1.21 43.69
N VAL B 664 -12.96 1.31 42.38
CA VAL B 664 -13.91 0.45 41.69
C VAL B 664 -13.24 -0.25 40.51
N GLY B 665 -13.88 -1.33 40.06
CA GLY B 665 -13.37 -2.12 38.97
C GLY B 665 -14.23 -2.06 37.74
N PRO B 666 -13.80 -2.70 36.65
CA PRO B 666 -14.55 -2.60 35.40
C PRO B 666 -15.82 -3.42 35.40
N PHE B 667 -15.79 -4.60 36.02
CA PHE B 667 -16.99 -5.42 36.17
C PHE B 667 -18.00 -4.76 37.09
N GLU B 668 -17.51 -3.96 38.02
CA GLU B 668 -18.31 -3.21 38.97
C GLU B 668 -18.92 -1.96 38.35
N GLN B 669 -18.20 -1.34 37.41
CA GLN B 669 -18.55 -0.01 36.92
C GLN B 669 -19.74 -0.04 35.98
N VAL B 670 -20.03 -1.18 35.35
CA VAL B 670 -21.02 -1.21 34.29
C VAL B 670 -22.45 -1.16 34.79
N TYR B 671 -22.68 -1.20 36.09
CA TYR B 671 -24.02 -1.10 36.64
C TYR B 671 -24.24 0.08 37.55
N MET B 672 -23.24 0.92 37.77
CA MET B 672 -23.38 2.03 38.70
C MET B 672 -23.21 3.35 37.97
N ASN B 673 -23.73 4.40 38.57
CA ASN B 673 -23.86 5.71 37.93
C ASN B 673 -22.87 6.66 38.58
N ILE B 674 -21.67 6.72 38.01
CA ILE B 674 -20.75 7.77 38.40
C ILE B 674 -21.10 9.06 37.65
N ALA B 675 -20.74 10.19 38.22
CA ALA B 675 -21.01 11.48 37.59
C ALA B 675 -19.69 12.07 37.12
N VAL B 676 -19.70 12.67 35.92
CA VAL B 676 -18.46 13.11 35.32
C VAL B 676 -17.93 14.38 35.97
N THR B 677 -18.79 15.16 36.64
CA THR B 677 -18.40 16.40 37.29
C THR B 677 -19.48 16.70 38.33
N PRO B 678 -19.13 17.28 39.48
CA PRO B 678 -20.11 17.46 40.55
C PRO B 678 -21.20 18.49 40.29
N GLN B 679 -21.19 19.17 39.15
CA GLN B 679 -22.28 20.05 38.78
C GLN B 679 -23.30 19.36 37.90
N GLU B 680 -23.08 18.08 37.58
CA GLU B 680 -24.03 17.29 36.81
C GLU B 680 -24.55 16.10 37.62
N ILE B 681 -24.44 16.15 38.93
CA ILE B 681 -25.04 15.14 39.79
C ILE B 681 -26.55 15.32 39.78
N GLN B 682 -27.28 14.26 39.46
CA GLN B 682 -28.72 14.25 39.56
C GLN B 682 -29.12 13.52 40.83
N ASN B 683 -30.19 13.99 41.46
CA ASN B 683 -30.55 13.50 42.78
C ASN B 683 -31.12 12.09 42.71
N ASN B 684 -30.64 11.23 43.61
CA ASN B 684 -31.07 9.84 43.80
C ASN B 684 -30.85 8.94 42.58
N VAL B 685 -29.97 9.31 41.64
CA VAL B 685 -29.59 8.35 40.62
C VAL B 685 -28.07 8.15 40.61
N HIS B 686 -27.30 9.14 41.05
CA HIS B 686 -25.85 9.05 41.06
C HIS B 686 -25.33 8.74 42.46
N THR B 687 -24.49 7.72 42.55
CA THR B 687 -23.83 7.34 43.78
C THR B 687 -22.41 7.88 43.86
N HIS B 688 -21.71 7.94 42.74
CA HIS B 688 -20.32 8.34 42.70
C HIS B 688 -20.14 9.55 41.78
N VAL B 689 -19.03 10.25 41.97
CA VAL B 689 -18.61 11.33 41.09
C VAL B 689 -17.11 11.19 40.92
N GLU B 690 -16.60 11.57 39.76
CA GLU B 690 -15.17 11.48 39.54
C GLU B 690 -14.44 12.63 40.23
N PHE B 691 -13.17 12.38 40.58
CA PHE B 691 -12.36 13.43 41.16
C PHE B 691 -12.05 14.52 40.13
N THR B 692 -11.76 14.12 38.90
CA THR B 692 -11.50 15.05 37.81
C THR B 692 -11.82 14.33 36.52
N PRO B 693 -12.27 15.03 35.48
CA PRO B 693 -12.56 14.37 34.22
C PRO B 693 -11.33 14.06 33.38
N THR B 694 -10.14 14.37 33.87
CA THR B 694 -8.91 14.09 33.15
C THR B 694 -8.19 12.84 33.66
N ASN B 695 -8.80 12.06 34.54
CA ASN B 695 -8.19 10.81 34.97
C ASN B 695 -8.67 9.63 34.13
N ILE B 696 -9.11 9.90 32.91
CA ILE B 696 -9.67 8.94 31.98
C ILE B 696 -8.70 8.86 30.82
N LEU B 697 -7.98 9.95 30.61
CA LEU B 697 -6.95 10.05 29.61
C LEU B 697 -5.64 9.50 30.18
N SER B 698 -4.70 9.20 29.30
CA SER B 698 -3.44 8.57 29.70
C SER B 698 -2.42 9.63 30.08
N ILE B 699 -1.15 9.21 30.18
CA ILE B 699 -0.06 10.16 30.43
C ILE B 699 0.05 11.15 29.26
N LEU B 700 0.32 10.62 28.07
CA LEU B 700 0.51 11.44 26.88
C LEU B 700 -0.76 12.11 26.44
N ALA B 701 -1.92 11.55 26.77
CA ALA B 701 -3.18 12.15 26.37
C ALA B 701 -3.50 13.38 27.19
N ASN B 702 -3.04 13.45 28.43
CA ASN B 702 -3.28 14.65 29.23
C ASN B 702 -2.33 15.79 28.89
N LEU B 703 -1.22 15.51 28.22
CA LEU B 703 -0.22 16.53 27.98
C LEU B 703 -0.41 17.28 26.67
N THR B 704 -1.29 16.82 25.80
CA THR B 704 -1.64 17.65 24.64
C THR B 704 -2.55 18.78 25.09
N PRO B 705 -2.21 20.03 24.77
CA PRO B 705 -2.95 21.16 25.35
C PRO B 705 -4.22 21.45 24.58
N PHE B 706 -5.27 21.73 25.34
CA PHE B 706 -6.62 21.99 24.84
C PHE B 706 -7.10 20.84 23.95
N SER B 707 -7.04 19.64 24.50
CA SER B 707 -7.28 18.42 23.74
C SER B 707 -8.72 18.31 23.27
N ASP B 708 -9.64 18.97 23.96
CA ASP B 708 -11.04 18.95 23.62
C ASP B 708 -11.41 19.96 22.54
N PHE B 709 -10.43 20.58 21.89
CA PHE B 709 -10.70 21.48 20.78
C PHE B 709 -10.23 20.90 19.45
N ASN B 710 -9.46 19.82 19.47
CA ASN B 710 -9.00 19.18 18.26
C ASN B 710 -10.04 18.18 17.76
N GLN B 711 -9.86 17.74 16.53
CA GLN B 711 -10.60 16.59 16.06
C GLN B 711 -10.00 15.34 16.70
N SER B 712 -10.81 14.29 16.81
CA SER B 712 -10.37 13.06 17.46
C SER B 712 -9.18 12.34 16.81
N PRO B 713 -9.03 12.24 15.48
CA PRO B 713 -7.79 11.62 14.98
C PRO B 713 -6.55 12.43 15.21
N ARG B 714 -6.65 13.76 15.30
CA ARG B 714 -5.45 14.55 15.49
C ARG B 714 -4.95 14.53 16.92
N ASN B 715 -5.83 14.25 17.89
CA ASN B 715 -5.35 13.90 19.22
C ASN B 715 -4.73 12.52 19.25
N MET B 716 -5.19 11.62 18.38
CA MET B 716 -4.62 10.28 18.32
C MET B 716 -3.27 10.28 17.63
N TYR B 717 -3.04 11.24 16.73
CA TYR B 717 -1.75 11.34 16.06
C TYR B 717 -0.69 11.93 16.96
N GLN B 718 -1.07 12.81 17.88
CA GLN B 718 -0.09 13.46 18.72
C GLN B 718 0.46 12.52 19.79
N CYS B 719 -0.37 11.61 20.28
CA CYS B 719 0.13 10.59 21.20
C CYS B 719 1.07 9.63 20.50
N GLN B 720 0.88 9.41 19.21
CA GLN B 720 1.83 8.62 18.44
C GLN B 720 3.10 9.41 18.17
N MET B 721 2.98 10.64 17.69
CA MET B 721 4.15 11.41 17.31
C MET B 721 4.83 12.10 18.48
N GLY B 722 4.15 12.26 19.60
CA GLY B 722 4.82 12.79 20.78
C GLY B 722 5.81 11.83 21.37
N LYS B 723 5.61 10.53 21.16
CA LYS B 723 6.57 9.52 21.59
C LYS B 723 7.51 9.11 20.46
N GLN B 724 7.67 9.99 19.47
CA GLN B 724 8.68 9.82 18.42
C GLN B 724 9.55 11.07 18.27
N THR B 725 9.51 11.99 19.22
CA THR B 725 10.23 13.24 19.07
C THR B 725 11.70 13.05 19.41
N MET B 726 12.51 14.00 18.95
CA MET B 726 13.88 14.14 19.41
C MET B 726 13.84 15.02 20.65
N GLY B 727 13.92 14.40 21.82
CA GLY B 727 13.92 15.14 23.06
C GLY B 727 15.20 14.87 23.81
N THR B 728 15.11 14.78 25.14
CA THR B 728 16.24 14.33 25.93
C THR B 728 15.90 12.99 26.54
N PRO B 729 16.65 11.92 26.20
CA PRO B 729 16.32 10.61 26.79
C PRO B 729 16.66 10.52 28.26
N GLY B 730 17.81 11.05 28.64
CA GLY B 730 18.22 11.06 30.02
C GLY B 730 19.24 12.14 30.21
N VAL B 731 20.01 12.01 31.29
CA VAL B 731 21.11 12.92 31.58
C VAL B 731 22.36 12.11 31.90
N ALA B 732 22.21 10.79 31.98
CA ALA B 732 23.33 9.89 32.22
C ALA B 732 23.94 9.37 30.94
N LEU B 733 23.95 10.17 29.87
CA LEU B 733 24.38 9.72 28.56
C LEU B 733 25.85 9.37 28.49
N CYS B 734 26.68 9.88 29.41
CA CYS B 734 28.07 9.48 29.47
C CYS B 734 28.21 8.05 29.97
N HIS B 735 27.23 7.53 30.69
CA HIS B 735 27.26 6.19 31.23
C HIS B 735 26.40 5.21 30.45
N ARG B 736 25.66 5.69 29.46
CA ARG B 736 24.87 4.83 28.60
C ARG B 736 25.72 4.37 27.42
N SER B 737 25.33 3.26 26.83
CA SER B 737 26.01 2.72 25.66
C SER B 737 25.02 2.15 24.68
N ASP B 738 23.87 2.80 24.53
CA ASP B 738 22.84 2.31 23.62
C ASP B 738 23.27 2.54 22.18
N ASN B 739 22.81 1.66 21.29
CA ASN B 739 23.34 1.62 19.94
C ASN B 739 22.85 2.75 19.04
N LYS B 740 21.77 3.43 19.42
CA LYS B 740 21.32 4.61 18.71
C LYS B 740 20.54 5.48 19.67
N LEU B 741 20.79 6.77 19.64
CA LEU B 741 20.23 7.67 20.64
C LEU B 741 20.15 9.07 20.06
N TYR B 742 18.99 9.70 20.17
CA TYR B 742 18.76 11.05 19.66
C TYR B 742 18.69 12.02 20.82
N ARG B 743 19.24 13.21 20.66
CA ARG B 743 19.24 14.16 21.77
C ARG B 743 19.14 15.57 21.20
N LEU B 744 18.01 16.24 21.45
CA LEU B 744 17.89 17.64 21.13
C LEU B 744 18.63 18.46 22.17
N GLN B 745 19.36 19.47 21.69
CA GLN B 745 20.34 20.16 22.52
C GLN B 745 19.69 21.04 23.57
N THR B 746 18.94 22.05 23.16
CA THR B 746 18.34 23.02 24.07
C THR B 746 16.83 22.89 24.00
N GLY B 747 16.28 22.09 24.89
CA GLY B 747 14.84 22.06 25.06
C GLY B 747 14.35 23.18 25.94
N GLN B 748 13.04 23.39 25.90
CA GLN B 748 12.38 24.42 26.69
C GLN B 748 11.16 23.83 27.36
N THR B 749 10.72 24.47 28.42
CA THR B 749 9.44 24.10 28.98
C THR B 749 8.31 24.87 28.28
N PRO B 750 7.16 24.26 28.06
CA PRO B 750 6.10 24.94 27.32
C PRO B 750 5.42 26.03 28.14
N ILE B 751 5.06 27.12 27.46
CA ILE B 751 4.16 28.12 28.03
C ILE B 751 2.84 27.45 28.39
N VAL B 752 2.28 26.72 27.43
CA VAL B 752 0.94 26.19 27.53
C VAL B 752 1.07 24.72 27.89
N LYS B 753 0.74 24.37 29.13
CA LYS B 753 0.99 23.03 29.61
C LYS B 753 -0.08 22.64 30.62
N ALA B 754 -0.35 21.34 30.69
CA ALA B 754 -1.30 20.82 31.66
C ALA B 754 -0.69 20.85 33.05
N ASN B 755 -1.54 20.72 34.06
CA ASN B 755 -1.03 20.64 35.42
C ASN B 755 -0.43 19.27 35.73
N LEU B 756 -0.72 18.27 34.91
CA LEU B 756 -0.09 16.96 34.99
C LEU B 756 1.31 16.96 34.40
N TYR B 757 1.71 18.02 33.70
CA TYR B 757 3.04 18.11 33.13
C TYR B 757 4.09 18.28 34.24
N ASP B 758 3.84 19.18 35.17
CA ASP B 758 4.76 19.43 36.26
C ASP B 758 4.63 18.42 37.38
N ASP B 759 3.66 17.53 37.30
CA ASP B 759 3.41 16.53 38.32
C ASP B 759 4.11 15.22 38.01
N TYR B 760 4.33 14.90 36.74
CA TYR B 760 5.13 13.75 36.34
C TYR B 760 6.58 14.10 36.09
N GLY B 761 6.98 15.33 36.37
CA GLY B 761 8.37 15.73 36.22
C GLY B 761 8.86 15.75 34.81
N MET B 762 8.03 16.20 33.87
CA MET B 762 8.43 16.27 32.48
C MET B 762 9.34 17.45 32.19
N ASP B 763 9.52 18.36 33.15
CA ASP B 763 10.57 19.37 33.08
C ASP B 763 11.96 18.76 33.13
N ASN B 764 12.10 17.56 33.68
CA ASN B 764 13.36 16.84 33.63
C ASN B 764 13.71 16.37 32.23
N PHE B 765 12.73 16.34 31.33
CA PHE B 765 12.91 15.78 29.99
C PHE B 765 12.26 16.70 28.96
N PRO B 766 12.93 17.79 28.58
CA PRO B 766 12.33 18.71 27.61
C PRO B 766 12.33 18.12 26.21
N ASN B 767 11.17 18.15 25.56
CA ASN B 767 11.02 17.49 24.27
C ASN B 767 10.78 18.46 23.13
N GLY B 768 10.96 19.75 23.35
CA GLY B 768 10.78 20.67 22.25
C GLY B 768 11.13 22.09 22.62
N PHE B 769 10.48 23.01 21.94
CA PHE B 769 10.86 24.41 22.01
C PHE B 769 9.68 25.27 21.59
N ASN B 770 9.55 26.42 22.24
CA ASN B 770 8.50 27.37 21.92
C ASN B 770 8.94 28.15 20.70
N ALA B 771 8.06 28.24 19.71
CA ALA B 771 8.42 28.83 18.44
C ALA B 771 7.39 29.88 18.07
N VAL B 772 7.85 31.03 17.59
CA VAL B 772 6.96 32.09 17.15
C VAL B 772 6.35 31.67 15.82
N VAL B 773 5.10 31.22 15.85
CA VAL B 773 4.47 30.60 14.70
C VAL B 773 3.44 31.55 14.12
N ALA B 774 3.65 31.96 12.88
CA ALA B 774 2.67 32.72 12.12
C ALA B 774 1.87 31.77 11.25
N VAL B 775 0.56 31.94 11.25
CA VAL B 775 -0.33 31.16 10.41
C VAL B 775 -0.59 32.03 9.20
N ILE B 776 0.24 31.89 8.17
CA ILE B 776 0.18 32.79 7.02
C ILE B 776 0.54 32.03 5.76
N SER B 777 -0.20 32.31 4.69
CA SER B 777 0.24 32.00 3.33
C SER B 777 1.10 33.17 2.89
N TYR B 778 2.42 32.99 2.89
CA TYR B 778 3.33 34.03 2.45
C TYR B 778 4.33 33.48 1.45
N THR B 779 4.66 32.21 1.63
CA THR B 779 5.87 31.65 1.08
C THR B 779 5.65 30.92 -0.25
N GLY B 780 4.64 30.08 -0.31
CA GLY B 780 4.46 29.20 -1.44
C GLY B 780 5.12 27.86 -1.28
N TYR B 781 5.93 27.68 -0.25
CA TYR B 781 6.65 26.44 0.00
C TYR B 781 6.03 25.61 1.11
N ASP B 782 4.81 25.90 1.52
CA ASP B 782 4.32 25.25 2.72
C ASP B 782 2.87 24.84 2.61
N MET B 783 2.44 24.33 1.47
CA MET B 783 1.00 24.22 1.26
C MET B 783 0.38 22.97 1.89
N ASP B 784 0.71 21.78 1.39
CA ASP B 784 0.02 20.55 1.80
C ASP B 784 0.22 20.21 3.27
N ASP B 785 1.44 19.92 3.65
CA ASP B 785 1.78 19.74 5.04
C ASP B 785 3.08 20.43 5.41
N ALA B 786 3.78 20.99 4.43
CA ALA B 786 5.10 21.51 4.63
C ALA B 786 5.08 22.80 5.44
N MET B 787 6.26 23.25 5.81
CA MET B 787 6.46 24.36 6.74
C MET B 787 7.89 24.84 6.57
N ILE B 788 8.11 26.11 6.92
CA ILE B 788 9.44 26.66 6.77
C ILE B 788 9.94 27.13 8.13
N ILE B 789 11.26 27.27 8.21
CA ILE B 789 11.95 27.81 9.37
C ILE B 789 12.60 29.10 8.92
N ASN B 790 12.68 30.07 9.82
CA ASN B 790 13.57 31.20 9.62
C ASN B 790 14.97 30.67 9.45
N LYS B 791 15.69 31.15 8.43
CA LYS B 791 17.03 30.65 8.20
C LYS B 791 17.95 31.04 9.35
N SER B 792 17.90 32.30 9.76
CA SER B 792 18.75 32.74 10.86
C SER B 792 18.25 32.28 12.22
N ALA B 793 17.11 31.59 12.30
CA ALA B 793 16.73 30.96 13.55
C ALA B 793 17.67 29.79 13.87
N ASP B 794 17.82 28.85 12.95
CA ASP B 794 18.69 27.71 13.20
C ASP B 794 20.10 27.89 12.65
N GLU B 795 20.46 29.11 12.25
CA GLU B 795 21.86 29.48 12.31
C GLU B 795 22.25 29.85 13.73
N ARG B 796 21.27 30.13 14.59
CA ARG B 796 21.48 30.41 15.99
C ARG B 796 21.29 29.20 16.90
N GLY B 797 20.76 28.10 16.39
CA GLY B 797 20.65 26.89 17.18
C GLY B 797 19.23 26.48 17.48
N PHE B 798 18.29 26.92 16.65
CA PHE B 798 16.88 26.61 16.83
C PHE B 798 16.61 25.17 16.43
N GLY B 799 16.27 24.34 17.40
CA GLY B 799 15.95 22.97 17.09
C GLY B 799 17.14 22.10 16.76
N TYR B 800 18.35 22.48 17.16
CA TYR B 800 19.53 21.68 16.89
C TYR B 800 19.56 20.46 17.79
N GLY B 801 19.99 19.33 17.23
CA GLY B 801 20.12 18.10 17.98
C GLY B 801 21.24 17.24 17.44
N THR B 802 21.68 16.29 18.25
CA THR B 802 22.70 15.35 17.86
C THR B 802 22.15 13.93 17.89
N MET B 803 22.97 12.99 17.44
CA MET B 803 22.62 11.57 17.43
C MET B 803 23.84 10.77 17.88
N TYR B 804 23.66 9.90 18.86
CA TYR B 804 24.74 9.10 19.39
C TYR B 804 24.56 7.66 18.95
N LYS B 805 25.65 7.04 18.48
CA LYS B 805 25.62 5.69 17.95
C LYS B 805 26.82 4.93 18.47
N THR B 806 26.58 3.74 19.03
CA THR B 806 27.62 2.99 19.71
C THR B 806 27.72 1.60 19.09
N GLU B 807 28.92 1.20 18.70
CA GLU B 807 29.19 -0.13 18.20
C GLU B 807 30.27 -0.79 19.05
N LYS B 808 30.16 -2.11 19.20
CA LYS B 808 31.11 -2.87 19.98
C LYS B 808 32.13 -3.52 19.06
N VAL B 809 33.39 -3.25 19.29
CA VAL B 809 34.49 -3.84 18.54
C VAL B 809 35.00 -5.01 19.36
N ASP B 810 34.65 -6.22 18.95
CA ASP B 810 34.99 -7.43 19.67
C ASP B 810 35.97 -8.24 18.84
N LEU B 811 37.13 -8.52 19.42
CA LEU B 811 38.21 -9.19 18.73
C LEU B 811 38.32 -10.67 19.06
N ALA B 812 37.40 -11.21 19.87
CA ALA B 812 37.50 -12.56 20.40
C ALA B 812 36.22 -13.34 20.18
N LEU B 813 35.72 -13.32 18.94
CA LEU B 813 34.54 -14.12 18.60
C LEU B 813 34.83 -15.17 17.54
N ASN B 814 36.10 -15.52 17.33
CA ASN B 814 36.48 -16.50 16.32
C ASN B 814 37.36 -17.62 16.90
N ARG B 815 37.15 -17.97 18.17
CA ARG B 815 38.00 -18.95 18.84
C ARG B 815 37.24 -19.52 20.03
N ASN B 816 37.83 -20.54 20.67
CA ASN B 816 37.17 -21.22 21.77
C ASN B 816 38.20 -21.94 22.65
N ARG B 817 37.93 -21.94 23.96
CA ARG B 817 38.54 -22.81 24.97
C ARG B 817 40.07 -22.63 25.03
N GLY B 818 40.46 -21.45 25.50
CA GLY B 818 41.81 -21.21 25.97
C GLY B 818 42.90 -21.22 24.91
N ASP B 819 42.55 -21.32 23.64
CA ASP B 819 43.54 -21.21 22.57
C ASP B 819 44.11 -19.79 22.56
N PRO B 820 45.38 -19.63 22.18
CA PRO B 820 46.04 -18.32 22.35
C PRO B 820 45.47 -17.28 21.41
N ILE B 821 45.36 -16.06 21.93
CA ILE B 821 44.79 -14.95 21.17
C ILE B 821 45.74 -14.56 20.04
N THR B 822 45.22 -14.58 18.81
CA THR B 822 46.00 -14.23 17.64
C THR B 822 45.88 -12.76 17.26
N GLN B 823 45.00 -12.02 17.92
CA GLN B 823 44.70 -10.64 17.56
C GLN B 823 44.86 -9.76 18.80
N HIS B 824 45.83 -8.87 18.77
CA HIS B 824 46.15 -7.97 19.87
C HIS B 824 45.89 -6.53 19.45
N PHE B 825 45.31 -5.73 20.35
CA PHE B 825 45.22 -4.30 20.09
C PHE B 825 46.59 -3.65 20.13
N GLY B 826 46.78 -2.65 19.28
CA GLY B 826 48.04 -1.96 19.16
C GLY B 826 48.65 -2.16 17.79
N PHE B 827 49.82 -1.58 17.61
CA PHE B 827 50.56 -1.70 16.37
C PHE B 827 51.63 -2.77 16.48
N GLY B 828 52.05 -3.28 15.32
CA GLY B 828 53.09 -4.27 15.22
C GLY B 828 54.38 -3.69 14.71
N ASN B 829 55.28 -4.58 14.28
CA ASN B 829 56.61 -4.18 13.83
C ASN B 829 56.75 -4.17 12.31
N ASP B 830 55.68 -4.49 11.58
CA ASP B 830 55.75 -4.51 10.13
C ASP B 830 55.75 -3.09 9.57
N GLU B 831 55.86 -2.98 8.25
CA GLU B 831 55.81 -1.68 7.59
C GLU B 831 54.36 -1.37 7.28
N TRP B 832 53.66 -0.94 8.29
CA TRP B 832 52.30 -0.41 8.21
C TRP B 832 52.34 1.09 7.97
N PRO B 833 51.40 1.63 7.19
CA PRO B 833 51.52 3.02 6.76
C PRO B 833 51.30 4.01 7.90
N LYS B 834 52.15 5.04 7.92
CA LYS B 834 52.11 6.12 8.90
C LYS B 834 50.96 7.10 8.68
N GLU B 835 50.07 6.81 7.74
CA GLU B 835 48.90 7.65 7.48
C GLU B 835 47.95 7.65 8.67
N TRP B 836 47.78 6.50 9.31
CA TRP B 836 46.82 6.41 10.41
C TRP B 836 47.47 6.52 11.79
N LEU B 837 48.47 7.38 11.94
CA LEU B 837 48.75 7.91 13.27
C LEU B 837 47.81 9.07 13.63
N GLU B 838 47.12 9.61 12.64
CA GLU B 838 46.31 10.81 12.84
C GLU B 838 45.04 10.49 13.59
N LYS B 839 44.37 9.40 13.24
CA LYS B 839 43.13 9.03 13.91
C LYS B 839 43.38 8.15 15.13
N LEU B 840 44.46 7.38 15.15
CA LEU B 840 44.66 6.33 16.13
C LEU B 840 45.81 6.65 17.06
N ASP B 841 45.71 6.17 18.30
CA ASP B 841 46.72 6.34 19.32
C ASP B 841 47.69 5.16 19.23
N GLU B 842 48.70 5.12 20.10
CA GLU B 842 49.73 4.09 20.06
C GLU B 842 49.20 2.71 20.42
N ASP B 843 48.10 2.64 21.14
CA ASP B 843 47.48 1.39 21.56
C ASP B 843 46.45 0.88 20.56
N GLY B 844 46.38 1.47 19.38
CA GLY B 844 45.40 1.02 18.40
C GLY B 844 43.99 1.44 18.70
N LEU B 845 43.80 2.42 19.55
CA LEU B 845 42.52 3.00 19.89
C LEU B 845 42.45 4.42 19.36
N PRO B 846 41.28 4.92 18.99
CA PRO B 846 41.21 6.25 18.40
C PRO B 846 41.21 7.32 19.47
N TYR B 847 41.51 8.54 19.05
CA TYR B 847 41.50 9.63 20.01
C TYR B 847 40.09 10.11 20.24
N ILE B 848 39.89 10.81 21.33
CA ILE B 848 38.58 11.34 21.71
C ILE B 848 38.39 12.67 20.99
N GLY B 849 37.30 12.78 20.24
CA GLY B 849 36.97 14.01 19.57
C GLY B 849 37.39 14.10 18.12
N THR B 850 37.97 13.04 17.56
CA THR B 850 38.48 13.11 16.21
C THR B 850 37.35 12.97 15.20
N TYR B 851 37.48 13.68 14.08
CA TYR B 851 36.45 13.69 13.05
C TYR B 851 36.68 12.51 12.11
N VAL B 852 35.68 11.64 11.98
CA VAL B 852 35.83 10.39 11.26
C VAL B 852 34.77 10.33 10.18
N GLU B 853 35.19 10.40 8.92
CA GLU B 853 34.31 10.14 7.80
C GLU B 853 34.53 8.71 7.32
N GLU B 854 33.91 8.35 6.20
CA GLU B 854 33.96 6.98 5.72
C GLU B 854 35.33 6.65 5.15
N GLY B 855 35.83 5.47 5.51
CA GLY B 855 37.14 5.02 5.11
C GLY B 855 38.21 5.22 6.15
N ASP B 856 37.95 6.03 7.17
CA ASP B 856 38.93 6.26 8.22
C ASP B 856 38.98 5.06 9.16
N PRO B 857 40.14 4.75 9.74
CA PRO B 857 40.22 3.65 10.68
C PRO B 857 39.63 4.03 12.03
N ILE B 858 39.00 3.07 12.69
CA ILE B 858 38.51 3.27 14.04
C ILE B 858 39.31 2.51 15.08
N CYS B 859 40.02 1.43 14.71
CA CYS B 859 40.90 0.74 15.63
C CYS B 859 41.93 -0.02 14.84
N ALA B 860 43.11 -0.17 15.42
CA ALA B 860 44.19 -0.94 14.83
C ALA B 860 44.46 -2.17 15.69
N TYR B 861 44.65 -3.31 15.05
CA TYR B 861 44.99 -4.51 15.79
C TYR B 861 46.05 -5.30 15.05
N PHE B 862 47.02 -5.81 15.79
CA PHE B 862 48.04 -6.67 15.21
C PHE B 862 47.58 -8.12 15.21
N ASP B 863 47.88 -8.82 14.12
CA ASP B 863 47.48 -10.20 13.95
C ASP B 863 48.70 -11.09 13.98
N ASP B 864 48.51 -12.35 14.36
CA ASP B 864 49.61 -13.29 14.44
C ASP B 864 49.61 -14.36 13.35
N THR B 865 48.43 -14.83 12.93
CA THR B 865 48.37 -15.79 11.83
C THR B 865 48.64 -15.15 10.47
N LEU B 866 48.66 -13.83 10.39
CA LEU B 866 49.01 -13.13 9.17
C LEU B 866 50.18 -12.19 9.32
N ASN B 867 50.60 -11.89 10.57
CA ASN B 867 51.73 -11.00 10.89
C ASN B 867 51.60 -9.63 10.26
N LYS B 868 50.39 -9.07 10.34
CA LYS B 868 50.09 -7.80 9.70
C LYS B 868 49.11 -7.03 10.57
N THR B 869 49.28 -5.72 10.64
CA THR B 869 48.36 -4.87 11.37
C THR B 869 47.19 -4.53 10.47
N LYS B 870 46.03 -5.09 10.76
CA LYS B 870 44.80 -4.73 10.08
C LYS B 870 44.08 -3.68 10.89
N ILE B 871 43.45 -2.74 10.21
CA ILE B 871 42.58 -1.77 10.86
C ILE B 871 41.14 -2.08 10.53
N LYS B 872 40.25 -1.91 11.51
CA LYS B 872 38.83 -1.87 11.26
C LYS B 872 38.45 -0.42 10.98
N THR B 873 37.55 -0.23 10.03
CA THR B 873 37.27 1.10 9.53
C THR B 873 35.82 1.48 9.80
N TYR B 874 35.48 2.72 9.50
CA TYR B 874 34.19 3.30 9.80
C TYR B 874 33.23 2.99 8.65
N HIS B 875 32.31 2.05 8.89
CA HIS B 875 31.42 1.56 7.84
C HIS B 875 30.10 2.32 7.84
N SER B 876 30.20 3.63 7.64
CA SER B 876 29.02 4.48 7.58
C SER B 876 29.35 5.71 6.75
N SER B 877 28.41 6.12 5.92
CA SER B 877 28.66 7.21 4.99
C SER B 877 28.35 8.58 5.58
N GLU B 878 27.98 8.66 6.85
CA GLU B 878 27.69 9.94 7.48
C GLU B 878 28.77 10.23 8.53
N PRO B 879 29.44 11.37 8.45
CA PRO B 879 30.61 11.60 9.31
C PRO B 879 30.22 11.85 10.76
N ALA B 880 31.15 11.49 11.66
CA ALA B 880 30.87 11.53 13.08
C ALA B 880 32.10 12.02 13.83
N TYR B 881 31.92 12.19 15.14
CA TYR B 881 32.98 12.52 16.07
C TYR B 881 33.00 11.45 17.15
N ILE B 882 34.19 11.06 17.59
CA ILE B 882 34.31 10.01 18.59
C ILE B 882 34.23 10.63 19.98
N GLU B 883 33.21 10.23 20.74
CA GLU B 883 32.95 10.85 22.03
C GLU B 883 33.63 10.12 23.18
N GLU B 884 33.54 8.80 23.23
CA GLU B 884 34.17 8.06 24.31
C GLU B 884 34.56 6.67 23.83
N VAL B 885 35.56 6.11 24.48
CA VAL B 885 36.08 4.78 24.20
C VAL B 885 36.14 4.02 25.52
N ASN B 886 35.37 2.95 25.63
CA ASN B 886 35.38 2.12 26.82
C ASN B 886 36.32 0.93 26.59
N LEU B 887 36.78 0.35 27.70
CA LEU B 887 37.60 -0.87 27.64
C LEU B 887 36.88 -1.95 28.42
N ILE B 888 36.18 -2.83 27.71
CA ILE B 888 35.36 -3.85 28.33
C ILE B 888 36.28 -5.03 28.64
N GLY B 889 36.75 -5.10 29.88
CA GLY B 889 37.60 -6.21 30.28
C GLY B 889 36.78 -7.44 30.59
N ASP B 890 37.31 -8.60 30.23
CA ASP B 890 36.64 -9.86 30.47
C ASP B 890 36.83 -10.26 31.92
N GLU B 891 35.79 -10.84 32.51
CA GLU B 891 35.84 -11.33 33.88
C GLU B 891 36.13 -12.82 33.85
N SER B 892 37.30 -13.20 34.36
CA SER B 892 37.69 -14.59 34.46
C SER B 892 38.71 -14.72 35.58
N ASN B 893 38.94 -15.96 36.02
CA ASN B 893 39.90 -16.19 37.11
C ASN B 893 41.32 -15.95 36.65
N LYS B 894 41.65 -16.33 35.41
CA LYS B 894 42.90 -15.96 34.79
C LYS B 894 42.72 -14.62 34.09
N PHE B 895 43.74 -13.77 34.19
CA PHE B 895 43.63 -12.40 33.71
C PHE B 895 44.04 -12.32 32.25
N GLN B 896 43.30 -11.52 31.49
CA GLN B 896 43.34 -11.57 30.04
C GLN B 896 43.62 -10.19 29.48
N GLU B 897 44.34 -10.16 28.36
CA GLU B 897 44.52 -8.97 27.57
C GLU B 897 43.18 -8.56 26.96
N LEU B 898 43.02 -7.26 26.68
CA LEU B 898 41.74 -6.75 26.21
C LEU B 898 41.43 -7.26 24.81
N GLN B 899 40.16 -7.61 24.61
CA GLN B 899 39.67 -8.09 23.33
C GLN B 899 38.36 -7.43 22.95
N THR B 900 37.84 -6.52 23.76
CA THR B 900 36.53 -5.92 23.52
C THR B 900 36.61 -4.44 23.86
N VAL B 901 36.27 -3.59 22.91
CA VAL B 901 36.36 -2.13 23.05
C VAL B 901 35.09 -1.52 22.48
N SER B 902 34.41 -0.71 23.28
CA SER B 902 33.16 -0.06 22.87
C SER B 902 33.44 1.40 22.53
N ILE B 903 33.13 1.78 21.28
CA ILE B 903 33.35 3.13 20.78
C ILE B 903 32.01 3.79 20.46
N LYS B 904 31.84 5.01 20.95
CA LYS B 904 30.61 5.77 20.76
C LYS B 904 30.86 6.97 19.86
N TYR B 905 29.98 7.18 18.88
CA TYR B 905 30.08 8.28 17.94
C TYR B 905 29.04 9.33 18.26
N ARG B 906 29.27 10.56 17.80
CA ARG B 906 28.22 11.56 17.78
C ARG B 906 28.14 12.16 16.38
N ILE B 907 26.91 12.42 15.94
CA ILE B 907 26.64 12.87 14.58
C ILE B 907 25.82 14.15 14.68
N ARG B 908 26.29 15.22 14.05
CA ARG B 908 25.63 16.52 14.10
C ARG B 908 24.39 16.48 13.20
N ARG B 909 23.21 16.42 13.80
CA ARG B 909 21.97 16.55 13.04
C ARG B 909 21.41 17.97 13.19
N THR B 910 22.07 18.90 12.50
CA THR B 910 21.51 20.21 12.26
C THR B 910 20.22 20.05 11.45
N PRO B 911 19.13 20.75 11.81
CA PRO B 911 17.87 20.53 11.09
C PRO B 911 17.93 21.00 9.64
N GLN B 912 18.08 20.02 8.75
CA GLN B 912 18.05 20.23 7.32
C GLN B 912 16.60 20.36 6.87
N ILE B 913 16.39 20.54 5.57
CA ILE B 913 15.04 20.65 5.06
C ILE B 913 14.61 19.28 4.53
N GLY B 914 13.36 18.93 4.80
CA GLY B 914 12.91 17.56 4.72
C GLY B 914 12.80 16.86 6.05
N ASP B 915 13.20 17.52 7.14
CA ASP B 915 13.05 16.96 8.47
C ASP B 915 11.65 17.25 8.98
N LYS B 916 11.05 16.27 9.66
CA LYS B 916 9.69 16.46 10.14
C LYS B 916 9.70 17.20 11.48
N PHE B 917 8.98 18.31 11.53
CA PHE B 917 8.62 18.91 12.80
C PHE B 917 7.14 18.66 13.03
N SER B 918 6.68 19.00 14.23
CA SER B 918 5.27 18.82 14.56
C SER B 918 4.92 19.79 15.67
N SER B 919 3.63 20.00 15.86
CA SER B 919 3.11 20.71 17.01
C SER B 919 2.64 19.69 18.03
N ARG B 920 1.98 20.16 19.08
CA ARG B 920 1.33 19.26 20.02
C ARG B 920 -0.13 19.00 19.65
N HIS B 921 -0.48 19.12 18.36
CA HIS B 921 -1.84 18.88 17.91
C HIS B 921 -1.89 18.06 16.61
N GLY B 922 -0.84 17.29 16.32
CA GLY B 922 -0.86 16.45 15.14
C GLY B 922 -0.63 17.17 13.84
N GLN B 923 0.01 18.33 13.87
CA GLN B 923 0.31 19.10 12.67
C GLN B 923 1.74 18.81 12.25
N LYS B 924 1.94 17.66 11.64
CA LYS B 924 3.24 17.25 11.15
C LYS B 924 3.51 17.84 9.79
N GLY B 925 4.78 17.77 9.38
CA GLY B 925 5.18 18.23 8.07
C GLY B 925 6.67 18.47 7.95
N VAL B 926 7.22 18.21 6.76
CA VAL B 926 8.65 18.35 6.54
C VAL B 926 8.99 19.81 6.35
N CYS B 927 10.28 20.13 6.37
CA CYS B 927 10.73 21.49 6.11
C CYS B 927 11.04 21.65 4.63
N SER B 928 10.65 22.78 4.07
CA SER B 928 10.84 23.05 2.66
C SER B 928 12.12 23.80 2.37
N ARG B 929 12.30 24.95 3.03
CA ARG B 929 13.40 25.84 2.73
C ARG B 929 13.63 26.70 3.95
N LYS B 930 14.88 26.79 4.38
CA LYS B 930 15.22 27.69 5.47
C LYS B 930 15.19 29.11 4.94
N TRP B 931 14.08 29.77 5.17
CA TRP B 931 13.76 31.03 4.51
C TRP B 931 14.55 32.15 5.19
N PRO B 932 15.23 33.01 4.43
CA PRO B 932 16.10 34.01 5.05
C PRO B 932 15.32 35.10 5.76
N THR B 933 15.95 35.64 6.80
CA THR B 933 15.31 36.59 7.71
C THR B 933 14.86 37.86 7.01
N ILE B 934 15.68 38.39 6.09
CA ILE B 934 15.27 39.57 5.34
C ILE B 934 14.15 39.30 4.37
N ASP B 935 13.89 38.04 4.03
CA ASP B 935 12.76 37.67 3.17
C ASP B 935 11.53 37.23 3.93
N MET B 936 11.61 37.10 5.26
CA MET B 936 10.45 36.71 6.01
C MET B 936 9.58 37.92 6.32
N PRO B 937 8.30 37.71 6.63
CA PRO B 937 7.49 38.83 7.08
C PRO B 937 7.89 39.26 8.50
N PHE B 938 7.59 40.51 8.83
CA PHE B 938 8.00 41.07 10.10
C PHE B 938 6.90 41.96 10.64
N SER B 939 6.74 41.92 11.96
CA SER B 939 5.66 42.62 12.62
C SER B 939 6.05 44.08 12.88
N GLU B 940 5.15 44.81 13.54
CA GLU B 940 5.50 46.16 13.98
C GLU B 940 6.38 46.13 15.22
N THR B 941 6.31 45.07 16.01
CA THR B 941 7.16 44.97 17.19
C THR B 941 8.62 44.70 16.82
N GLY B 942 8.87 44.22 15.61
CA GLY B 942 10.21 43.98 15.13
C GLY B 942 10.58 42.52 15.05
N ILE B 943 9.78 41.62 15.59
CA ILE B 943 10.11 40.21 15.61
C ILE B 943 9.80 39.63 14.26
N GLN B 944 10.31 38.42 14.00
CA GLN B 944 9.92 37.66 12.83
C GLN B 944 9.58 36.24 13.25
N PRO B 945 8.56 35.64 12.66
CA PRO B 945 8.18 34.27 13.03
C PRO B 945 9.23 33.28 12.53
N ASP B 946 9.66 32.40 13.42
CA ASP B 946 10.64 31.41 13.01
C ASP B 946 10.00 30.11 12.53
N ILE B 947 8.68 30.01 12.54
CA ILE B 947 7.96 28.92 11.88
C ILE B 947 6.77 29.52 11.15
N ILE B 948 6.58 29.17 9.88
CA ILE B 948 5.36 29.49 9.15
C ILE B 948 4.60 28.19 8.91
N ILE B 949 3.33 28.18 9.33
CA ILE B 949 2.41 27.09 9.01
C ILE B 949 1.32 27.66 8.10
N ASN B 950 0.81 26.82 7.21
CA ASN B 950 -0.20 27.28 6.27
C ASN B 950 -1.54 27.37 6.99
N PRO B 951 -2.39 28.35 6.66
CA PRO B 951 -3.76 28.32 7.19
C PRO B 951 -4.63 27.24 6.60
N HIS B 952 -4.19 26.55 5.56
CA HIS B 952 -4.97 25.48 4.98
C HIS B 952 -4.75 24.15 5.67
N ALA B 953 -3.83 24.07 6.64
CA ALA B 953 -3.68 22.86 7.43
C ALA B 953 -4.73 22.76 8.53
N PHE B 954 -5.43 23.84 8.83
CA PHE B 954 -6.49 23.93 9.82
C PHE B 954 -7.93 23.53 9.42
N PRO B 955 -8.50 23.91 8.27
CA PRO B 955 -9.95 23.65 8.08
C PRO B 955 -10.32 22.20 7.89
N SER B 956 -9.52 21.43 7.18
CA SER B 956 -9.84 20.02 6.99
C SER B 956 -9.49 19.21 8.23
N ARG B 957 -8.52 19.66 9.00
CA ARG B 957 -8.04 18.92 10.16
C ARG B 957 -8.77 19.28 11.44
N MET B 958 -9.27 20.51 11.53
CA MET B 958 -10.04 21.03 12.66
C MET B 958 -9.25 20.95 13.97
N THR B 959 -7.99 21.34 13.92
CA THR B 959 -7.17 21.46 15.13
C THR B 959 -7.27 22.87 15.67
N ILE B 960 -8.40 23.14 16.32
CA ILE B 960 -8.65 24.44 16.91
C ILE B 960 -7.84 24.60 18.20
N GLY B 961 -7.33 23.49 18.76
CA GLY B 961 -6.46 23.57 19.90
C GLY B 961 -5.13 24.24 19.61
N MET B 962 -4.71 24.29 18.35
CA MET B 962 -3.49 24.98 17.98
C MET B 962 -3.71 26.48 17.85
N PHE B 963 -4.91 26.89 17.42
CA PHE B 963 -5.27 28.31 17.41
C PHE B 963 -5.32 28.90 18.81
N VAL B 964 -5.74 28.10 19.79
CA VAL B 964 -5.88 28.64 21.13
C VAL B 964 -4.58 28.45 21.94
N GLU B 965 -3.68 27.58 21.50
CA GLU B 965 -2.35 27.58 22.07
C GLU B 965 -1.56 28.80 21.64
N SER B 966 -1.90 29.36 20.46
CA SER B 966 -1.22 30.56 19.98
C SER B 966 -1.59 31.78 20.82
N LEU B 967 -2.88 31.95 21.15
CA LEU B 967 -3.28 33.00 22.08
C LEU B 967 -2.69 32.77 23.46
N ALA B 968 -2.85 31.57 24.00
CA ALA B 968 -2.37 31.26 25.34
C ALA B 968 -0.86 31.30 25.43
N GLY B 969 -0.17 30.97 24.34
CA GLY B 969 1.28 31.07 24.35
C GLY B 969 1.75 32.51 24.32
N LYS B 970 1.13 33.35 23.50
CA LYS B 970 1.58 34.73 23.39
C LYS B 970 1.16 35.54 24.59
N ALA B 971 -0.01 35.26 25.17
CA ALA B 971 -0.43 35.97 26.36
C ALA B 971 0.31 35.54 27.61
N GLY B 972 1.10 34.47 27.55
CA GLY B 972 1.89 34.02 28.66
C GLY B 972 3.32 34.51 28.61
N ALA B 973 3.87 34.64 27.41
CA ALA B 973 5.22 35.16 27.27
C ALA B 973 5.26 36.67 27.50
N LEU B 974 4.13 37.35 27.33
CA LEU B 974 4.08 38.79 27.60
C LEU B 974 4.04 39.10 29.08
N HIS B 975 3.24 38.36 29.84
CA HIS B 975 3.11 38.61 31.26
C HIS B 975 4.04 37.77 32.12
N GLY B 976 4.79 36.86 31.51
CA GLY B 976 5.66 36.00 32.29
C GLY B 976 4.92 35.00 33.14
N ILE B 977 3.88 34.39 32.61
CA ILE B 977 3.10 33.40 33.33
C ILE B 977 2.89 32.19 32.43
N ALA B 978 2.62 31.05 33.08
CA ALA B 978 2.21 29.84 32.40
C ALA B 978 0.73 29.64 32.63
N GLN B 979 0.02 29.14 31.63
CA GLN B 979 -1.40 28.88 31.78
C GLN B 979 -1.65 27.38 31.74
N ASP B 980 -2.44 26.90 32.69
CA ASP B 980 -2.84 25.51 32.67
C ASP B 980 -3.74 25.26 31.47
N SER B 981 -3.60 24.10 30.88
CA SER B 981 -4.33 23.74 29.68
C SER B 981 -4.86 22.33 29.77
N THR B 982 -4.99 21.83 30.98
CA THR B 982 -5.66 20.56 31.19
C THR B 982 -7.12 20.69 30.77
N PRO B 983 -7.66 19.71 30.06
CA PRO B 983 -8.94 19.93 29.37
C PRO B 983 -10.12 19.99 30.32
N TRP B 984 -11.17 20.69 29.85
CA TRP B 984 -12.42 20.95 30.57
C TRP B 984 -12.16 21.79 31.82
N ILE B 985 -11.25 22.75 31.72
CA ILE B 985 -11.24 23.85 32.67
C ILE B 985 -12.04 25.04 32.13
N PHE B 986 -12.39 25.03 30.86
CA PHE B 986 -13.25 26.03 30.26
C PHE B 986 -14.61 25.46 29.95
N ASN B 987 -15.66 26.26 30.17
CA ASN B 987 -17.01 25.89 29.80
C ASN B 987 -17.32 26.45 28.41
N GLU B 988 -18.59 26.42 28.03
CA GLU B 988 -19.03 27.06 26.80
C GLU B 988 -19.33 28.54 27.01
N ASP B 989 -19.43 28.97 28.27
CA ASP B 989 -19.72 30.35 28.61
C ASP B 989 -18.47 31.20 28.78
N ASP B 990 -17.39 30.62 29.32
CA ASP B 990 -16.09 31.30 29.34
C ASP B 990 -15.19 30.61 28.31
N THR B 991 -15.29 31.08 27.07
CA THR B 991 -14.46 30.60 25.99
C THR B 991 -13.01 31.04 26.23
N PRO B 992 -12.02 30.21 25.92
CA PRO B 992 -10.63 30.67 26.04
C PRO B 992 -10.23 31.72 25.01
N ALA B 993 -11.00 31.88 23.94
CA ALA B 993 -10.81 33.04 23.08
C ALA B 993 -11.14 34.33 23.80
N ASP B 994 -12.03 34.28 24.78
CA ASP B 994 -12.32 35.43 25.64
C ASP B 994 -11.36 35.52 26.81
N TYR B 995 -10.86 34.39 27.30
CA TYR B 995 -9.93 34.41 28.42
C TYR B 995 -8.57 34.93 27.99
N PHE B 996 -8.00 34.32 26.95
CA PHE B 996 -6.70 34.74 26.47
C PHE B 996 -6.78 35.94 25.55
N GLY B 997 -7.98 36.37 25.19
CA GLY B 997 -8.13 37.59 24.43
C GLY B 997 -8.00 38.82 25.30
N GLU B 998 -8.60 38.77 26.49
CA GLU B 998 -8.54 39.91 27.40
C GLU B 998 -7.19 40.02 28.08
N GLN B 999 -6.37 38.98 28.04
CA GLN B 999 -4.99 39.11 28.49
C GLN B 999 -4.13 39.80 27.44
N LEU B 1000 -4.38 39.52 26.15
CA LEU B 1000 -3.65 40.21 25.10
C LEU B 1000 -4.07 41.67 24.96
N ALA B 1001 -5.28 42.02 25.39
CA ALA B 1001 -5.69 43.42 25.33
C ALA B 1001 -5.05 44.22 26.45
N LYS B 1002 -4.81 43.60 27.61
CA LYS B 1002 -4.15 44.30 28.70
C LYS B 1002 -2.66 44.48 28.45
N ALA B 1003 -2.08 43.72 27.53
CA ALA B 1003 -0.69 43.94 27.14
C ALA B 1003 -0.55 44.97 26.05
N GLY B 1004 -1.64 45.33 25.38
CA GLY B 1004 -1.58 46.25 24.26
C GLY B 1004 -1.61 45.59 22.90
N TYR B 1005 -1.72 44.28 22.84
CA TYR B 1005 -1.82 43.56 21.58
C TYR B 1005 -3.28 43.34 21.23
N ASN B 1006 -3.51 42.67 20.10
CA ASN B 1006 -4.87 42.54 19.60
C ASN B 1006 -5.61 41.46 20.37
N TYR B 1007 -6.93 41.66 20.50
CA TYR B 1007 -7.79 40.73 21.22
C TYR B 1007 -7.85 39.39 20.50
N HIS B 1008 -7.88 39.41 19.17
CA HIS B 1008 -8.07 38.21 18.38
C HIS B 1008 -6.75 37.51 18.06
N GLY B 1009 -5.65 37.94 18.65
CA GLY B 1009 -4.38 37.29 18.48
C GLY B 1009 -3.60 37.71 17.26
N ASN B 1010 -4.05 38.76 16.57
CA ASN B 1010 -3.47 39.18 15.32
C ASN B 1010 -2.40 40.24 15.54
N GLU B 1011 -1.53 40.43 14.53
CA GLU B 1011 -0.54 41.49 14.55
C GLU B 1011 -0.41 42.08 13.15
N PRO B 1012 -0.20 43.39 13.05
CA PRO B 1012 0.09 43.99 11.74
C PRO B 1012 1.47 43.59 11.27
N MET B 1013 1.56 42.93 10.13
CA MET B 1013 2.83 42.48 9.60
C MET B 1013 3.05 43.04 8.21
N TYR B 1014 4.32 43.01 7.80
CA TYR B 1014 4.80 43.58 6.55
C TYR B 1014 5.48 42.47 5.76
N SER B 1015 5.64 42.68 4.45
CA SER B 1015 6.36 41.69 3.68
C SER B 1015 7.85 41.95 3.74
N GLY B 1016 8.63 40.89 3.61
CA GLY B 1016 10.07 41.04 3.62
C GLY B 1016 10.61 41.31 2.24
N ALA B 1017 9.92 40.79 1.23
CA ALA B 1017 10.34 40.97 -0.16
C ALA B 1017 10.03 42.38 -0.64
N THR B 1018 8.75 42.74 -0.67
CA THR B 1018 8.32 44.02 -1.21
C THR B 1018 8.26 45.13 -0.16
N GLY B 1019 8.19 44.78 1.12
CA GLY B 1019 8.18 45.79 2.15
C GLY B 1019 6.87 46.51 2.33
N GLU B 1020 5.77 45.94 1.85
CA GLU B 1020 4.47 46.59 1.90
C GLU B 1020 3.69 46.13 3.12
N GLU B 1021 2.75 46.96 3.54
CA GLU B 1021 1.72 46.55 4.48
C GLU B 1021 0.85 45.46 3.87
N LEU B 1022 0.75 44.33 4.56
CA LEU B 1022 -0.14 43.24 4.18
C LEU B 1022 -1.60 43.66 4.41
N ARG B 1023 -2.53 42.88 3.86
CA ARG B 1023 -3.94 43.27 3.91
C ARG B 1023 -4.53 43.18 5.31
N ALA B 1024 -4.59 41.97 5.84
CA ALA B 1024 -5.17 41.74 7.14
C ALA B 1024 -4.07 41.57 8.17
N ASP B 1025 -4.42 41.77 9.43
CA ASP B 1025 -3.47 41.56 10.50
C ASP B 1025 -3.22 40.06 10.64
N ILE B 1026 -1.95 39.70 10.59
CA ILE B 1026 -1.56 38.30 10.50
C ILE B 1026 -1.63 37.67 11.89
N TYR B 1027 -2.13 36.44 11.94
CA TYR B 1027 -2.32 35.72 13.18
C TYR B 1027 -1.02 35.06 13.60
N VAL B 1028 -0.46 35.51 14.73
CA VAL B 1028 0.80 34.99 15.26
C VAL B 1028 0.61 34.60 16.72
N GLY B 1029 1.71 34.19 17.35
CA GLY B 1029 1.74 33.76 18.73
C GLY B 1029 2.73 32.63 18.86
N VAL B 1030 3.08 32.20 20.07
CA VAL B 1030 4.05 31.12 20.22
C VAL B 1030 3.32 29.84 20.58
N VAL B 1031 3.74 28.75 19.95
CA VAL B 1031 3.31 27.41 20.34
C VAL B 1031 4.56 26.58 20.54
N TYR B 1032 4.37 25.41 21.12
CA TYR B 1032 5.46 24.50 21.49
C TYR B 1032 5.60 23.47 20.38
N TYR B 1033 6.64 23.58 19.59
CA TYR B 1033 6.88 22.55 18.59
C TYR B 1033 7.71 21.41 19.14
N GLN B 1034 7.80 20.37 18.31
CA GLN B 1034 8.49 19.14 18.62
C GLN B 1034 9.26 18.73 17.38
N ARG B 1035 10.54 18.43 17.53
CA ARG B 1035 11.33 17.93 16.42
C ARG B 1035 11.26 16.41 16.40
N LEU B 1036 10.74 15.85 15.31
CA LEU B 1036 10.62 14.41 15.23
C LEU B 1036 11.96 13.81 14.81
N ARG B 1037 12.08 12.51 14.99
CA ARG B 1037 13.33 11.81 14.71
C ARG B 1037 13.44 11.37 13.26
N HIS B 1038 12.52 11.80 12.40
CA HIS B 1038 12.49 11.36 11.02
C HIS B 1038 13.22 12.38 10.16
N MET B 1039 14.53 12.27 10.16
CA MET B 1039 15.38 13.13 9.35
C MET B 1039 15.51 12.57 7.94
N VAL B 1040 16.14 13.35 7.06
CA VAL B 1040 16.36 12.88 5.70
C VAL B 1040 17.51 11.90 5.68
N ASN B 1041 18.46 12.04 6.60
CA ASN B 1041 19.68 11.24 6.56
C ASN B 1041 19.43 9.77 6.89
N ASP B 1042 18.35 9.46 7.59
CA ASP B 1042 17.95 8.07 7.79
C ASP B 1042 17.12 7.54 6.63
N LYS B 1043 16.49 8.44 5.87
CA LYS B 1043 15.85 8.18 4.60
C LYS B 1043 16.93 8.28 3.51
N PHE B 1044 16.56 8.59 2.25
CA PHE B 1044 17.54 9.01 1.24
C PHE B 1044 18.56 7.92 0.86
N GLN B 1045 18.16 7.04 -0.04
CA GLN B 1045 19.06 6.05 -0.61
C GLN B 1045 19.34 6.34 -2.07
N VAL B 1046 20.62 6.22 -2.45
CA VAL B 1046 21.05 6.29 -3.83
C VAL B 1046 21.32 4.88 -4.31
N ARG B 1047 21.30 4.69 -5.63
CA ARG B 1047 21.95 3.56 -6.30
C ARG B 1047 22.11 3.80 -7.79
N SER B 1048 23.34 3.73 -8.29
CA SER B 1048 23.57 3.50 -9.71
C SER B 1048 23.78 2.03 -9.98
N THR B 1049 24.84 1.45 -9.43
CA THR B 1049 24.99 -0.01 -9.33
C THR B 1049 25.51 -0.35 -7.93
N GLY B 1050 25.82 -1.62 -7.71
CA GLY B 1050 26.27 -2.07 -6.41
C GLY B 1050 26.19 -3.57 -6.28
N PRO B 1051 26.08 -4.06 -5.04
CA PRO B 1051 26.02 -5.50 -4.83
C PRO B 1051 24.69 -6.08 -5.29
N VAL B 1052 24.75 -7.34 -5.74
CA VAL B 1052 23.57 -8.06 -6.18
C VAL B 1052 23.43 -9.32 -5.35
N ASN B 1053 22.24 -9.91 -5.42
CA ASN B 1053 21.98 -11.17 -4.77
C ASN B 1053 22.63 -12.30 -5.57
N SER B 1054 23.08 -13.33 -4.86
CA SER B 1054 23.81 -14.40 -5.54
C SER B 1054 22.88 -15.35 -6.28
N LEU B 1055 21.63 -15.49 -5.82
CA LEU B 1055 20.70 -16.43 -6.45
C LEU B 1055 20.14 -15.90 -7.75
N THR B 1056 19.77 -14.62 -7.78
CA THR B 1056 19.03 -14.07 -8.91
C THR B 1056 19.77 -13.01 -9.69
N MET B 1057 20.92 -12.53 -9.20
CA MET B 1057 21.74 -11.45 -9.78
C MET B 1057 20.97 -10.14 -9.93
N GLN B 1058 19.93 -9.96 -9.12
CA GLN B 1058 19.15 -8.76 -8.90
C GLN B 1058 19.72 -8.00 -7.72
N PRO B 1059 19.50 -6.68 -7.65
CA PRO B 1059 20.04 -5.90 -6.53
C PRO B 1059 19.50 -6.31 -5.16
N VAL B 1060 20.30 -5.99 -4.14
CA VAL B 1060 20.07 -6.42 -2.77
C VAL B 1060 18.97 -5.55 -2.15
N LYS B 1061 18.21 -6.12 -1.23
CA LYS B 1061 17.30 -5.33 -0.42
C LYS B 1061 18.06 -4.55 0.65
N GLY B 1062 17.82 -3.24 0.73
CA GLY B 1062 18.28 -2.50 1.88
C GLY B 1062 19.04 -1.22 1.61
N ARG B 1063 18.79 -0.20 2.43
CA ARG B 1063 19.50 1.08 2.29
C ARG B 1063 20.95 0.95 2.76
N LYS B 1064 21.18 0.29 3.90
CA LYS B 1064 22.51 0.23 4.47
C LYS B 1064 23.44 -0.71 3.73
N ARG B 1065 22.90 -1.62 2.91
CA ARG B 1065 23.71 -2.52 2.11
C ARG B 1065 23.88 -2.02 0.68
N HIS B 1066 23.60 -0.73 0.44
CA HIS B 1066 23.68 -0.09 -0.87
C HIS B 1066 22.84 -0.82 -1.92
N GLY B 1067 21.61 -1.17 -1.54
CA GLY B 1067 20.73 -1.92 -2.41
C GLY B 1067 19.74 -1.03 -3.14
N GLY B 1068 18.91 -1.68 -3.94
CA GLY B 1068 17.99 -0.97 -4.80
C GLY B 1068 16.55 -1.00 -4.36
N ILE B 1069 15.75 -0.10 -4.89
CA ILE B 1069 14.33 -0.05 -4.62
C ILE B 1069 13.62 -1.03 -5.53
N ARG B 1070 12.43 -1.45 -5.12
CA ARG B 1070 11.72 -2.49 -5.84
C ARG B 1070 10.67 -1.87 -6.75
N VAL B 1071 10.65 -2.31 -8.01
CA VAL B 1071 9.57 -2.02 -8.94
C VAL B 1071 8.66 -3.24 -8.88
N GLY B 1072 7.65 -3.19 -8.01
CA GLY B 1072 6.84 -4.35 -7.72
C GLY B 1072 5.80 -4.66 -8.78
N GLU B 1073 4.77 -5.39 -8.37
CA GLU B 1073 3.73 -5.81 -9.31
C GLU B 1073 2.82 -4.66 -9.70
N MET B 1074 2.49 -3.80 -8.74
CA MET B 1074 1.56 -2.73 -9.00
C MET B 1074 2.20 -1.62 -9.82
N GLU B 1075 3.52 -1.52 -9.77
CA GLU B 1075 4.28 -0.61 -10.64
C GLU B 1075 4.44 -1.17 -12.04
N ARG B 1076 4.48 -2.50 -12.15
CA ARG B 1076 4.68 -3.18 -13.42
C ARG B 1076 3.54 -2.88 -14.39
N ASP B 1077 2.31 -3.18 -13.98
CA ASP B 1077 1.16 -2.92 -14.83
C ASP B 1077 0.81 -1.44 -14.90
N ALA B 1078 1.36 -0.60 -14.02
CA ALA B 1078 1.24 0.84 -14.22
C ALA B 1078 2.13 1.32 -15.35
N LEU B 1079 3.17 0.56 -15.70
CA LEU B 1079 3.94 0.80 -16.91
C LEU B 1079 3.32 0.18 -18.14
N ILE B 1080 2.49 -0.86 -17.97
CA ILE B 1080 1.70 -1.35 -19.09
C ILE B 1080 0.65 -0.33 -19.50
N GLY B 1081 0.01 0.30 -18.50
CA GLY B 1081 -1.13 1.16 -18.76
C GLY B 1081 -0.80 2.43 -19.53
N HIS B 1082 0.44 2.92 -19.41
CA HIS B 1082 0.87 4.01 -20.28
C HIS B 1082 1.10 3.54 -21.71
N GLY B 1083 1.17 2.24 -21.95
CA GLY B 1083 1.57 1.69 -23.21
C GLY B 1083 3.05 1.72 -23.45
N THR B 1084 3.83 2.23 -22.51
CA THR B 1084 5.27 2.23 -22.65
C THR B 1084 5.82 0.82 -22.42
N SER B 1085 6.53 0.30 -23.42
CA SER B 1085 7.01 -1.07 -23.37
C SER B 1085 8.51 -1.18 -23.23
N PHE B 1086 9.23 -0.09 -23.48
CA PHE B 1086 10.67 -0.07 -23.23
C PHE B 1086 11.03 0.43 -21.85
N LEU B 1087 10.12 1.11 -21.16
CA LEU B 1087 10.31 1.38 -19.74
C LEU B 1087 10.14 0.12 -18.92
N LEU B 1088 9.22 -0.75 -19.34
CA LEU B 1088 9.03 -2.00 -18.62
C LEU B 1088 10.19 -2.94 -18.84
N GLN B 1089 10.79 -2.94 -20.01
CA GLN B 1089 11.94 -3.81 -20.20
C GLN B 1089 13.19 -3.21 -19.57
N ASP B 1090 13.25 -1.87 -19.46
CA ASP B 1090 14.40 -1.24 -18.83
C ASP B 1090 14.41 -1.50 -17.33
N ARG B 1091 13.27 -1.29 -16.68
CA ARG B 1091 13.19 -1.52 -15.24
C ARG B 1091 13.23 -3.01 -14.93
N LEU B 1092 12.30 -3.77 -15.50
CA LEU B 1092 12.16 -5.16 -15.09
C LEU B 1092 13.16 -6.10 -15.73
N LEU B 1093 13.89 -5.67 -16.76
CA LEU B 1093 14.96 -6.56 -17.22
C LEU B 1093 16.33 -5.91 -17.35
N ASN B 1094 16.41 -4.76 -18.03
CA ASN B 1094 17.70 -4.26 -18.47
C ASN B 1094 18.53 -3.73 -17.32
N SER B 1095 17.88 -3.23 -16.27
CA SER B 1095 18.60 -2.68 -15.14
C SER B 1095 18.42 -3.51 -13.88
N SER B 1096 17.93 -4.74 -13.99
CA SER B 1096 17.82 -5.60 -12.82
C SER B 1096 18.68 -6.86 -12.92
N ASP B 1097 18.42 -7.74 -13.89
CA ASP B 1097 19.17 -8.99 -14.01
C ASP B 1097 19.42 -9.36 -15.45
N TYR B 1098 19.86 -8.40 -16.26
CA TYR B 1098 20.16 -8.68 -17.66
C TYR B 1098 21.38 -9.59 -17.77
N THR B 1099 21.23 -10.69 -18.50
CA THR B 1099 22.36 -11.54 -18.83
C THR B 1099 22.17 -12.10 -20.23
N GLN B 1100 23.27 -12.26 -20.95
CA GLN B 1100 23.25 -12.90 -22.25
C GLN B 1100 23.76 -14.32 -22.07
N ALA B 1101 22.84 -15.25 -21.90
CA ALA B 1101 23.17 -16.63 -21.60
C ALA B 1101 23.14 -17.45 -22.88
N SER B 1102 24.05 -18.40 -22.99
CA SER B 1102 24.12 -19.23 -24.18
C SER B 1102 23.11 -20.36 -24.10
N VAL B 1103 22.43 -20.60 -25.22
CA VAL B 1103 21.29 -21.51 -25.29
C VAL B 1103 21.57 -22.52 -26.40
N CYS B 1104 21.32 -23.80 -26.11
CA CYS B 1104 21.39 -24.79 -27.18
C CYS B 1104 20.15 -24.70 -28.07
N ARG B 1105 20.37 -24.71 -29.38
CA ARG B 1105 19.26 -24.48 -30.30
C ARG B 1105 18.42 -25.74 -30.50
N GLU B 1106 19.01 -26.93 -30.41
CA GLU B 1106 18.28 -28.17 -30.63
C GLU B 1106 17.83 -28.83 -29.34
N CYS B 1107 18.35 -28.41 -28.19
CA CYS B 1107 17.79 -28.81 -26.90
C CYS B 1107 16.75 -27.84 -26.40
N GLY B 1108 16.95 -26.55 -26.67
CA GLY B 1108 16.21 -25.50 -26.03
C GLY B 1108 16.47 -25.49 -24.55
N SER B 1109 17.74 -25.47 -24.16
CA SER B 1109 18.11 -25.60 -22.76
C SER B 1109 19.02 -24.45 -22.38
N ILE B 1110 18.68 -23.78 -21.28
CA ILE B 1110 19.49 -22.65 -20.82
C ILE B 1110 20.73 -23.14 -20.10
N LEU B 1111 20.55 -24.06 -19.15
CA LEU B 1111 21.59 -24.41 -18.20
C LEU B 1111 22.22 -25.76 -18.49
N THR B 1112 22.16 -26.22 -19.73
CA THR B 1112 22.85 -27.45 -20.11
C THR B 1112 24.22 -27.18 -20.71
N THR B 1113 24.31 -26.19 -21.59
CA THR B 1113 25.55 -25.92 -22.30
C THR B 1113 26.61 -25.34 -21.37
N GLN B 1114 27.85 -25.41 -21.83
CA GLN B 1114 29.00 -25.07 -20.99
C GLN B 1114 30.21 -24.78 -21.88
N GLN B 1115 31.25 -24.22 -21.27
CA GLN B 1115 32.47 -23.88 -21.99
C GLN B 1115 33.37 -25.10 -22.13
N SER B 1116 33.85 -25.36 -23.34
CA SER B 1116 34.80 -26.44 -23.55
C SER B 1116 36.18 -25.99 -23.07
N VAL B 1117 37.00 -26.96 -22.67
CA VAL B 1117 38.37 -26.70 -22.24
C VAL B 1117 39.29 -26.96 -23.44
N PRO B 1118 39.91 -25.94 -24.00
CA PRO B 1118 40.68 -26.11 -25.24
C PRO B 1118 42.08 -26.63 -24.96
N ARG B 1119 42.85 -26.77 -26.03
CA ARG B 1119 44.25 -27.14 -25.98
C ARG B 1119 45.10 -25.87 -25.94
N ILE B 1120 46.41 -26.02 -26.16
CA ILE B 1120 47.29 -24.88 -26.31
C ILE B 1120 47.13 -24.32 -27.72
N GLY B 1121 46.93 -23.01 -27.82
CA GLY B 1121 46.77 -22.33 -29.09
C GLY B 1121 45.35 -22.31 -29.61
N SER B 1122 44.54 -23.29 -29.26
CA SER B 1122 43.14 -23.30 -29.67
C SER B 1122 42.33 -22.34 -28.81
N ILE B 1123 41.15 -21.99 -29.30
CA ILE B 1123 40.20 -21.15 -28.59
C ILE B 1123 39.07 -22.03 -28.07
N SER B 1124 38.56 -21.68 -26.89
CA SER B 1124 37.46 -22.43 -26.30
C SER B 1124 36.15 -22.11 -27.01
N THR B 1125 35.26 -23.09 -27.06
CA THR B 1125 33.97 -22.91 -27.67
C THR B 1125 32.87 -23.35 -26.71
N VAL B 1126 31.68 -22.85 -26.96
CA VAL B 1126 30.50 -23.18 -26.17
C VAL B 1126 29.89 -24.43 -26.75
N CYS B 1127 29.50 -25.37 -25.88
CA CYS B 1127 29.10 -26.69 -26.33
C CYS B 1127 28.05 -27.24 -25.38
N CYS B 1128 27.18 -28.09 -25.91
CA CYS B 1128 26.05 -28.60 -25.14
C CYS B 1128 26.34 -29.98 -24.57
N ARG B 1129 25.73 -30.28 -23.43
CA ARG B 1129 25.92 -31.54 -22.74
C ARG B 1129 24.86 -32.58 -23.08
N ARG B 1130 23.64 -32.14 -23.39
CA ARG B 1130 22.54 -33.09 -23.62
C ARG B 1130 22.64 -33.73 -24.99
N CYS B 1131 22.67 -32.92 -26.05
CA CYS B 1131 22.78 -33.43 -27.41
C CYS B 1131 24.21 -33.71 -27.83
N SER B 1132 25.10 -33.99 -26.89
CA SER B 1132 26.43 -34.45 -27.21
C SER B 1132 26.43 -35.98 -27.22
N MET B 1133 27.61 -36.57 -27.34
CA MET B 1133 27.75 -38.02 -27.44
C MET B 1133 29.14 -38.38 -26.97
N ARG B 1134 29.27 -39.47 -26.22
CA ARG B 1134 30.58 -39.90 -25.78
C ARG B 1134 31.38 -40.42 -26.96
N PHE B 1135 32.68 -40.14 -26.94
CA PHE B 1135 33.54 -40.44 -28.09
C PHE B 1135 33.74 -41.93 -28.27
N GLU B 1136 33.68 -42.70 -27.19
CA GLU B 1136 33.66 -44.15 -27.30
C GLU B 1136 32.34 -44.67 -27.86
N ASP B 1137 31.26 -43.90 -27.71
CA ASP B 1137 29.99 -44.31 -28.29
C ASP B 1137 29.92 -43.94 -29.77
N ALA B 1138 30.47 -42.78 -30.14
CA ALA B 1138 30.52 -42.39 -31.54
C ALA B 1138 31.83 -42.80 -32.20
N LYS B 1139 32.19 -44.07 -32.00
CA LYS B 1139 33.27 -44.78 -32.70
C LYS B 1139 34.64 -44.09 -32.67
N ILE B 1153 34.01 -39.03 -37.22
CA ILE B 1153 34.49 -37.79 -36.62
C ILE B 1153 35.12 -36.91 -37.69
N ASP B 1154 35.13 -35.60 -37.44
CA ASP B 1154 35.64 -34.64 -38.41
C ASP B 1154 36.55 -33.61 -37.74
N ASP B 1155 37.09 -33.96 -36.57
CA ASP B 1155 38.26 -33.35 -35.93
C ASP B 1155 38.00 -31.95 -35.39
N SER B 1156 36.82 -31.38 -35.65
CA SER B 1156 36.47 -30.06 -35.17
C SER B 1156 35.23 -30.05 -34.29
N GLN B 1157 34.36 -31.05 -34.40
CA GLN B 1157 33.24 -31.18 -33.49
C GLN B 1157 33.61 -31.90 -32.20
N ILE B 1158 34.86 -32.34 -32.07
CA ILE B 1158 35.32 -33.03 -30.88
C ILE B 1158 35.80 -31.99 -29.89
N TRP B 1159 35.21 -32.00 -28.70
CA TRP B 1159 35.61 -31.11 -27.63
C TRP B 1159 35.78 -31.91 -26.35
N GLU B 1160 36.20 -31.24 -25.28
CA GLU B 1160 36.73 -31.95 -24.13
C GLU B 1160 36.33 -31.21 -22.86
N ASP B 1161 36.07 -31.98 -21.80
CA ASP B 1161 35.74 -31.41 -20.50
C ASP B 1161 37.00 -30.95 -19.77
N GLY B 1162 36.80 -30.44 -18.55
CA GLY B 1162 37.91 -30.24 -17.64
C GLY B 1162 38.37 -31.52 -16.97
N GLN B 1163 37.55 -32.56 -17.01
CA GLN B 1163 37.96 -33.89 -16.56
C GLN B 1163 38.95 -34.55 -17.50
N GLY B 1164 39.13 -34.01 -18.71
CA GLY B 1164 39.82 -34.73 -19.75
C GLY B 1164 38.91 -35.62 -20.56
N ASN B 1165 37.63 -35.65 -20.23
CA ASN B 1165 36.63 -36.44 -20.94
C ASN B 1165 36.40 -35.79 -22.30
N LYS B 1166 37.05 -36.34 -23.33
CA LYS B 1166 37.01 -35.78 -24.66
C LYS B 1166 35.92 -36.48 -25.46
N PHE B 1167 34.91 -35.73 -25.91
CA PHE B 1167 33.80 -36.36 -26.61
C PHE B 1167 33.07 -35.37 -27.51
N VAL B 1168 32.54 -35.90 -28.61
CA VAL B 1168 32.06 -35.14 -29.77
C VAL B 1168 30.55 -34.96 -29.70
N GLY B 1169 30.09 -33.75 -29.99
CA GLY B 1169 28.66 -33.55 -30.02
C GLY B 1169 28.19 -32.15 -30.34
N GLY B 1170 27.24 -31.66 -29.54
CA GLY B 1170 26.44 -30.49 -29.87
C GLY B 1170 27.17 -29.17 -29.95
N ASN B 1171 27.36 -28.69 -31.17
CA ASN B 1171 27.90 -27.36 -31.41
C ASN B 1171 26.82 -26.46 -32.03
N GLU B 1172 25.56 -26.76 -31.75
CA GLU B 1172 24.44 -25.92 -32.18
C GLU B 1172 23.97 -25.10 -30.99
N THR B 1173 24.71 -24.04 -30.70
CA THR B 1173 24.43 -23.18 -29.56
C THR B 1173 24.58 -21.72 -29.95
N THR B 1174 23.93 -20.86 -29.19
CA THR B 1174 23.94 -19.42 -29.42
C THR B 1174 23.49 -18.72 -28.14
N THR B 1175 23.83 -17.44 -28.04
CA THR B 1175 23.46 -16.63 -26.89
C THR B 1175 22.16 -15.91 -27.13
N VAL B 1176 21.28 -15.92 -26.11
CA VAL B 1176 20.06 -15.11 -26.11
C VAL B 1176 20.04 -14.35 -24.79
N ALA B 1177 19.55 -13.10 -24.83
CA ALA B 1177 19.48 -12.25 -23.65
C ALA B 1177 18.25 -12.58 -22.82
N ILE B 1178 18.46 -13.16 -21.65
CA ILE B 1178 17.37 -13.55 -20.75
C ILE B 1178 17.53 -12.82 -19.43
N PRO B 1179 16.57 -12.84 -18.52
CA PRO B 1179 16.87 -12.52 -17.14
C PRO B 1179 17.49 -13.72 -16.44
N PHE B 1180 18.30 -13.43 -15.42
CA PHE B 1180 19.03 -14.49 -14.74
C PHE B 1180 18.13 -15.36 -13.88
N VAL B 1181 16.99 -14.85 -13.45
CA VAL B 1181 16.09 -15.63 -12.61
C VAL B 1181 15.36 -16.70 -13.42
N LEU B 1182 15.31 -16.57 -14.75
CA LEU B 1182 14.82 -17.65 -15.58
C LEU B 1182 15.76 -18.84 -15.55
N LYS B 1183 17.07 -18.57 -15.41
CA LYS B 1183 18.05 -19.64 -15.29
C LYS B 1183 17.94 -20.33 -13.95
N TYR B 1184 17.47 -19.61 -12.93
CA TYR B 1184 17.15 -20.24 -11.65
C TYR B 1184 15.80 -20.94 -11.67
N LEU B 1185 14.89 -20.48 -12.54
CA LEU B 1185 13.59 -21.15 -12.67
C LEU B 1185 13.73 -22.51 -13.31
N ASP B 1186 14.67 -22.68 -14.24
CA ASP B 1186 14.89 -23.98 -14.84
C ASP B 1186 15.56 -24.93 -13.86
N SER B 1187 16.41 -24.40 -12.98
CA SER B 1187 17.09 -25.23 -12.00
C SER B 1187 16.15 -25.75 -10.93
N GLU B 1188 15.05 -25.06 -10.67
CA GLU B 1188 14.04 -25.54 -9.74
C GLU B 1188 13.02 -26.43 -10.42
N LEU B 1189 12.74 -26.19 -11.70
CA LEU B 1189 11.83 -27.07 -12.41
C LEU B 1189 12.48 -28.37 -12.83
N SER B 1190 13.78 -28.36 -13.13
CA SER B 1190 14.46 -29.62 -13.39
C SER B 1190 14.70 -30.40 -12.12
N ALA B 1191 14.73 -29.73 -10.97
CA ALA B 1191 14.79 -30.44 -9.70
C ALA B 1191 13.50 -31.19 -9.42
N MET B 1192 12.37 -30.66 -9.92
CA MET B 1192 11.11 -31.39 -9.88
C MET B 1192 11.04 -32.43 -10.99
N GLY B 1193 11.68 -32.18 -12.12
CA GLY B 1193 11.55 -33.04 -13.26
C GLY B 1193 10.73 -32.42 -14.35
N ILE B 1194 10.80 -31.10 -14.50
CA ILE B 1194 10.08 -30.38 -15.54
C ILE B 1194 11.10 -29.86 -16.55
N ARG B 1195 10.86 -30.14 -17.82
CA ARG B 1195 11.82 -29.84 -18.89
C ARG B 1195 11.25 -28.67 -19.69
N LEU B 1196 11.77 -27.48 -19.45
CA LEU B 1196 11.46 -26.35 -20.31
C LEU B 1196 12.35 -26.37 -21.55
N ARG B 1197 11.71 -26.20 -22.71
CA ARG B 1197 12.40 -26.23 -23.99
C ARG B 1197 12.23 -24.88 -24.67
N TYR B 1198 13.34 -24.20 -24.90
CA TYR B 1198 13.39 -22.82 -25.36
C TYR B 1198 13.79 -22.81 -26.83
N ASN B 1199 12.82 -22.95 -27.72
CA ASN B 1199 13.14 -22.99 -29.14
C ASN B 1199 13.33 -21.57 -29.69
N VAL B 1200 14.52 -21.31 -30.21
CA VAL B 1200 14.89 -19.99 -30.71
C VAL B 1200 14.59 -19.91 -32.20
N GLU B 1201 14.37 -18.69 -32.69
CA GLU B 1201 13.82 -18.55 -34.04
C GLU B 1201 14.86 -18.69 -35.16
N PRO B 1202 16.06 -18.04 -35.13
CA PRO B 1202 17.02 -18.37 -36.19
C PRO B 1202 17.70 -19.71 -35.93
N LYS B 1203 17.30 -20.73 -36.69
CA LYS B 1203 17.88 -22.06 -36.57
C LYS B 1203 18.71 -22.40 -37.79
N GLU C 30 6.15 63.85 -12.72
CA GLU C 30 7.56 63.82 -13.05
C GLU C 30 8.38 63.59 -11.77
N TRP C 31 9.47 62.83 -11.89
CA TRP C 31 10.35 62.58 -10.77
C TRP C 31 11.75 63.12 -11.07
N ASN C 32 12.42 63.60 -10.04
CA ASN C 32 13.76 64.15 -10.17
C ASN C 32 14.46 63.99 -8.82
N VAL C 33 15.80 64.03 -8.85
CA VAL C 33 16.56 63.92 -7.61
C VAL C 33 16.53 65.19 -6.79
N GLU C 34 16.09 66.30 -7.37
CA GLU C 34 15.83 67.50 -6.58
C GLU C 34 14.39 67.57 -6.08
N LYS C 35 13.47 66.89 -6.76
CA LYS C 35 12.11 66.78 -6.23
C LYS C 35 12.08 65.86 -5.02
N PHE C 36 12.90 64.83 -5.02
CA PHE C 36 13.02 63.97 -3.85
C PHE C 36 13.75 64.68 -2.72
N LYS C 37 14.71 65.54 -3.05
CA LYS C 37 15.50 66.23 -2.05
C LYS C 37 14.67 67.29 -1.30
N LYS C 38 13.59 67.77 -1.91
CA LYS C 38 12.73 68.71 -1.21
C LYS C 38 11.79 68.01 -0.25
N ASP C 39 11.23 66.86 -0.64
CA ASP C 39 10.19 66.21 0.15
C ASP C 39 10.74 65.27 1.21
N PHE C 40 11.94 64.74 1.03
CA PHE C 40 12.55 63.85 2.01
C PHE C 40 13.10 64.65 3.18
N GLU C 41 12.81 64.20 4.40
CA GLU C 41 13.57 64.65 5.56
C GLU C 41 13.57 63.56 6.62
N VAL C 42 14.56 63.63 7.50
CA VAL C 42 14.77 62.67 8.57
C VAL C 42 14.37 63.32 9.90
N ASN C 43 13.64 62.58 10.72
CA ASN C 43 13.19 63.07 12.03
C ASN C 43 13.70 62.10 13.08
N ILE C 44 14.84 62.39 13.66
CA ILE C 44 15.50 61.50 14.62
C ILE C 44 14.87 61.71 15.99
N SER C 45 14.42 60.62 16.60
CA SER C 45 13.79 60.68 17.92
C SER C 45 14.80 60.60 19.06
N SER C 46 15.59 59.53 19.11
CA SER C 46 16.48 59.27 20.23
C SER C 46 17.81 58.73 19.75
N LEU C 47 18.82 58.81 20.63
CA LEU C 47 20.09 58.15 20.44
C LEU C 47 20.48 57.41 21.72
N ASP C 48 21.38 56.45 21.55
CA ASP C 48 21.93 55.66 22.65
C ASP C 48 23.16 54.97 22.07
N ALA C 49 23.92 54.30 22.94
CA ALA C 49 25.05 53.51 22.47
C ALA C 49 24.62 52.28 21.70
N ARG C 50 23.39 51.80 21.91
CA ARG C 50 22.91 50.58 21.28
C ARG C 50 21.69 50.77 20.40
N GLU C 51 20.76 51.64 20.76
CA GLU C 51 19.47 51.75 20.08
C GLU C 51 19.27 53.17 19.55
N ALA C 52 18.79 53.27 18.32
CA ALA C 52 18.48 54.55 17.70
C ALA C 52 17.10 54.49 17.07
N ASN C 53 16.26 55.46 17.41
CA ASN C 53 14.91 55.56 16.88
C ASN C 53 14.83 56.81 16.01
N PHE C 54 14.44 56.64 14.74
CA PHE C 54 14.44 57.75 13.81
C PHE C 54 13.42 57.49 12.71
N ASP C 55 13.21 58.50 11.87
CA ASP C 55 12.14 58.48 10.88
C ASP C 55 12.65 58.86 9.50
N LEU C 56 11.99 58.33 8.48
CA LEU C 56 12.22 58.71 7.08
C LEU C 56 10.88 59.09 6.48
N ILE C 57 10.76 60.34 6.02
CA ILE C 57 9.52 60.87 5.49
C ILE C 57 9.62 60.96 3.98
N ASN C 58 8.54 60.59 3.28
CA ASN C 58 8.38 60.76 1.83
C ASN C 58 9.42 59.97 1.05
N ILE C 59 9.76 58.79 1.54
CA ILE C 59 10.60 57.86 0.82
C ILE C 59 9.76 56.61 0.56
N ASP C 60 10.13 55.85 -0.47
CA ASP C 60 9.33 54.72 -0.88
C ASP C 60 9.50 53.54 0.06
N THR C 61 8.50 52.65 0.05
CA THR C 61 8.64 51.37 0.74
C THR C 61 9.66 50.47 0.07
N SER C 62 9.93 50.70 -1.22
CA SER C 62 10.94 49.94 -1.94
C SER C 62 12.34 50.26 -1.46
N ILE C 63 12.57 51.51 -1.06
CA ILE C 63 13.87 51.93 -0.58
C ILE C 63 14.01 51.70 0.92
N ALA C 64 12.95 51.96 1.68
CA ALA C 64 13.01 51.77 3.12
C ALA C 64 13.12 50.30 3.50
N ASN C 65 12.60 49.40 2.66
CA ASN C 65 12.90 47.98 2.86
C ASN C 65 14.33 47.67 2.46
N ALA C 66 14.85 48.36 1.44
CA ALA C 66 16.21 48.09 0.98
C ALA C 66 17.24 48.51 2.01
N PHE C 67 16.88 49.41 2.92
CA PHE C 67 17.81 49.80 3.97
C PHE C 67 17.82 48.79 5.12
N ARG C 68 16.65 48.25 5.49
CA ARG C 68 16.63 47.26 6.56
C ARG C 68 17.07 45.88 6.11
N ARG C 69 17.02 45.60 4.80
CA ARG C 69 17.52 44.32 4.33
C ARG C 69 19.04 44.32 4.26
N ILE C 70 19.66 45.50 4.19
CA ILE C 70 21.11 45.57 4.27
C ILE C 70 21.59 45.55 5.71
N MET C 71 20.89 46.24 6.61
CA MET C 71 21.29 46.29 8.01
C MET C 71 21.23 44.93 8.70
N ILE C 72 20.39 44.03 8.21
CA ILE C 72 20.36 42.69 8.78
C ILE C 72 21.35 41.77 8.08
N SER C 73 21.45 41.87 6.76
CA SER C 73 22.12 40.85 5.96
C SER C 73 23.48 41.25 5.39
N GLU C 74 23.72 42.51 5.06
CA GLU C 74 24.86 42.82 4.19
C GLU C 74 25.85 43.82 4.77
N VAL C 75 25.69 44.24 6.02
CA VAL C 75 26.66 45.11 6.69
C VAL C 75 27.61 44.23 7.48
N PRO C 76 28.92 44.40 7.34
CA PRO C 76 29.87 43.44 7.91
C PRO C 76 29.99 43.55 9.42
N SER C 77 30.46 42.45 10.01
CA SER C 77 30.76 42.37 11.43
C SER C 77 31.73 41.22 11.63
N VAL C 78 32.36 41.19 12.79
CA VAL C 78 33.40 40.23 13.11
C VAL C 78 32.86 39.23 14.11
N ALA C 79 32.97 37.95 13.79
CA ALA C 79 32.54 36.90 14.70
C ALA C 79 33.43 35.68 14.52
N ALA C 80 33.45 34.82 15.54
CA ALA C 80 34.33 33.66 15.52
C ALA C 80 33.80 32.61 14.57
N GLU C 81 34.63 32.18 13.63
CA GLU C 81 34.21 31.18 12.68
C GLU C 81 34.99 29.88 12.77
N TYR C 82 36.29 29.92 13.00
CA TYR C 82 37.09 28.72 13.11
C TYR C 82 37.58 28.59 14.54
N VAL C 83 37.17 27.51 15.22
CA VAL C 83 37.53 27.26 16.61
C VAL C 83 38.38 26.00 16.64
N TYR C 84 39.48 26.05 17.39
CA TYR C 84 40.53 25.05 17.37
C TYR C 84 40.64 24.44 18.76
N PHE C 85 39.86 23.40 19.02
CA PHE C 85 39.87 22.76 20.32
C PHE C 85 41.15 21.94 20.49
N PHE C 86 41.87 22.22 21.57
CA PHE C 86 42.98 21.36 21.97
C PHE C 86 42.56 20.36 23.03
N ASN C 87 41.70 20.76 23.95
CA ASN C 87 41.17 19.84 24.95
C ASN C 87 39.83 20.38 25.40
N ASN C 88 38.85 19.48 25.50
CA ASN C 88 37.52 19.82 26.00
C ASN C 88 36.97 18.57 26.68
N THR C 89 37.12 18.51 27.99
CA THR C 89 36.56 17.42 28.77
C THR C 89 35.31 17.85 29.54
N SER C 90 34.72 18.98 29.17
CA SER C 90 33.50 19.42 29.82
C SER C 90 32.30 18.67 29.27
N VAL C 91 31.12 19.00 29.78
CA VAL C 91 29.92 18.24 29.43
C VAL C 91 29.37 18.70 28.08
N ILE C 92 29.32 20.00 27.85
CA ILE C 92 28.86 20.52 26.57
C ILE C 92 29.88 20.18 25.49
N GLN C 93 29.42 19.60 24.39
CA GLN C 93 30.36 19.07 23.41
C GLN C 93 30.90 20.19 22.54
N ASP C 94 31.78 19.81 21.63
CA ASP C 94 32.71 20.78 21.06
C ASP C 94 32.07 21.62 19.98
N GLU C 95 31.26 21.01 19.09
CA GLU C 95 30.63 21.78 18.04
C GLU C 95 29.54 22.70 18.57
N VAL C 96 28.98 22.40 19.74
CA VAL C 96 28.00 23.29 20.35
C VAL C 96 28.72 24.42 21.08
N LEU C 97 29.82 24.10 21.77
CA LEU C 97 30.60 25.13 22.43
C LEU C 97 31.32 26.02 21.43
N ALA C 98 31.67 25.49 20.26
CA ALA C 98 32.20 26.35 19.20
C ALA C 98 31.12 27.24 18.64
N HIS C 99 29.90 26.71 18.54
CA HIS C 99 28.77 27.49 18.03
C HIS C 99 28.39 28.62 18.97
N ARG C 100 28.64 28.47 20.26
CA ARG C 100 28.33 29.52 21.22
C ARG C 100 29.37 30.62 21.20
N ILE C 101 30.63 30.30 20.88
CA ILE C 101 31.65 31.32 20.73
C ILE C 101 31.39 32.13 19.47
N GLY C 102 30.85 31.49 18.43
CA GLY C 102 30.49 32.21 17.22
C GLY C 102 29.37 33.20 17.42
N LEU C 103 28.45 32.91 18.34
CA LEU C 103 27.35 33.82 18.62
C LEU C 103 27.70 34.92 19.60
N VAL C 104 28.92 34.93 20.15
CA VAL C 104 29.33 36.01 21.03
C VAL C 104 29.62 37.25 20.19
N PRO C 105 28.98 38.37 20.44
CA PRO C 105 29.35 39.61 19.74
C PRO C 105 30.69 40.13 20.23
N LEU C 106 31.50 40.58 19.29
CA LEU C 106 32.85 41.03 19.59
C LEU C 106 32.94 42.53 19.35
N LYS C 107 33.24 43.28 20.40
CA LYS C 107 33.37 44.73 20.30
C LYS C 107 34.68 45.05 19.60
N VAL C 108 34.60 45.11 18.27
CA VAL C 108 35.72 45.51 17.43
C VAL C 108 35.16 46.21 16.21
N ASP C 109 35.86 47.24 15.76
CA ASP C 109 35.45 48.00 14.58
C ASP C 109 35.68 47.14 13.34
N PRO C 110 34.66 46.89 12.50
CA PRO C 110 34.87 46.09 11.30
C PRO C 110 35.73 46.76 10.23
N ASP C 111 36.05 48.03 10.37
CA ASP C 111 36.92 48.70 9.41
C ASP C 111 38.40 48.42 9.67
N MET C 112 38.75 47.84 10.81
CA MET C 112 40.15 47.68 11.18
C MET C 112 40.83 46.49 10.51
N LEU C 113 40.10 45.67 9.75
CA LEU C 113 40.70 44.49 9.15
C LEU C 113 39.92 44.10 7.90
N THR C 114 40.61 43.46 6.96
CA THR C 114 40.10 43.24 5.62
C THR C 114 39.47 41.85 5.51
N TRP C 115 39.15 41.46 4.28
CA TRP C 115 38.46 40.20 4.00
C TRP C 115 39.47 39.09 3.71
N VAL C 116 39.08 37.88 4.06
CA VAL C 116 39.88 36.70 3.71
C VAL C 116 39.54 36.28 2.28
N ASP C 117 40.46 35.50 1.70
CA ASP C 117 40.24 34.85 0.41
C ASP C 117 40.14 33.35 0.66
N SER C 118 38.98 32.77 0.35
CA SER C 118 38.71 31.39 0.75
C SER C 118 39.53 30.37 -0.03
N ASN C 119 39.93 30.70 -1.26
CA ASN C 119 40.68 29.75 -2.07
C ASN C 119 42.14 29.64 -1.66
N LEU C 120 42.64 30.56 -0.85
CA LEU C 120 43.99 30.45 -0.32
C LEU C 120 44.05 29.33 0.72
N PRO C 121 45.17 28.61 0.80
CA PRO C 121 45.31 27.58 1.83
C PRO C 121 45.48 28.22 3.21
N ASP C 122 45.38 27.37 4.24
CA ASP C 122 45.33 27.85 5.62
C ASP C 122 46.63 28.44 6.10
N ASP C 123 47.74 28.20 5.41
CA ASP C 123 48.99 28.84 5.77
C ASP C 123 49.01 30.31 5.36
N GLU C 124 48.37 30.62 4.23
CA GLU C 124 48.44 31.95 3.63
C GLU C 124 47.13 32.73 3.73
N LYS C 125 46.10 32.16 4.34
CA LYS C 125 44.79 32.82 4.34
C LYS C 125 44.62 33.75 5.54
N PHE C 126 45.02 33.32 6.72
CA PHE C 126 44.81 34.10 7.93
C PHE C 126 46.03 34.97 8.19
N THR C 127 46.00 36.21 7.70
CA THR C 127 47.05 37.17 7.99
C THR C 127 46.61 38.05 9.15
N ASP C 128 47.52 38.89 9.62
CA ASP C 128 47.19 39.77 10.74
C ASP C 128 46.38 40.99 10.32
N GLU C 129 46.14 41.19 9.03
CA GLU C 129 45.19 42.18 8.55
C GLU C 129 43.84 41.58 8.24
N ASN C 130 43.66 40.28 8.44
CA ASN C 130 42.43 39.59 8.12
C ASN C 130 41.79 38.88 9.29
N THR C 131 42.46 38.77 10.43
CA THR C 131 42.09 37.79 11.45
C THR C 131 42.51 38.25 12.84
N ILE C 132 41.58 38.20 13.79
CA ILE C 132 41.84 38.42 15.21
C ILE C 132 41.78 37.07 15.92
N VAL C 133 42.78 36.80 16.75
CA VAL C 133 42.92 35.52 17.45
C VAL C 133 42.40 35.67 18.87
N LEU C 134 41.54 34.76 19.29
CA LEU C 134 41.04 34.70 20.66
C LEU C 134 41.33 33.33 21.25
N SER C 135 41.75 33.31 22.51
CA SER C 135 42.07 32.07 23.19
C SER C 135 41.25 31.93 24.47
N LEU C 136 40.97 30.69 24.84
CA LEU C 136 40.19 30.35 26.02
C LEU C 136 40.87 29.17 26.71
N ASN C 137 41.57 29.45 27.80
CA ASN C 137 42.23 28.41 28.58
C ASN C 137 41.70 28.50 30.00
N VAL C 138 40.90 27.52 30.40
CA VAL C 138 40.30 27.50 31.72
C VAL C 138 40.29 26.08 32.26
N LYS C 139 40.75 25.91 33.49
CA LYS C 139 40.75 24.64 34.20
C LYS C 139 39.92 24.78 35.46
N CYS C 140 39.13 23.76 35.75
CA CYS C 140 38.28 23.76 36.94
C CYS C 140 38.89 22.84 37.97
N THR C 141 38.87 23.29 39.23
CA THR C 141 39.33 22.47 40.33
C THR C 141 38.43 22.72 41.52
N ARG C 142 38.44 21.79 42.46
CA ARG C 142 37.59 21.90 43.63
C ARG C 142 38.21 22.86 44.64
N ASN C 143 37.36 23.72 45.21
CA ASN C 143 37.79 24.65 46.23
C ASN C 143 37.70 23.96 47.58
N PRO C 144 38.81 23.71 48.26
CA PRO C 144 38.74 23.06 49.58
C PRO C 144 38.36 24.01 50.71
N ASP C 145 38.35 25.31 50.45
CA ASP C 145 38.01 26.31 51.44
C ASP C 145 36.52 26.68 51.43
N ALA C 146 35.71 25.90 50.73
CA ALA C 146 34.28 26.16 50.70
C ALA C 146 33.65 25.82 52.05
N PRO C 147 32.63 26.56 52.47
CA PRO C 147 31.97 26.26 53.74
C PRO C 147 31.17 24.97 53.67
N LYS C 148 30.90 24.42 54.84
CA LYS C 148 30.22 23.13 54.93
C LYS C 148 28.76 23.25 54.54
N GLY C 149 28.30 22.31 53.71
CA GLY C 149 26.94 22.33 53.24
C GLY C 149 26.62 23.42 52.23
N SER C 150 27.62 23.93 51.52
CA SER C 150 27.37 24.96 50.54
C SER C 150 26.70 24.38 49.30
N THR C 151 26.07 25.25 48.52
CA THR C 151 25.32 24.81 47.36
C THR C 151 25.76 25.65 46.15
N ASP C 152 26.25 26.85 46.42
CA ASP C 152 26.69 27.78 45.39
C ASP C 152 27.92 27.24 44.68
N PRO C 153 27.86 26.95 43.38
CA PRO C 153 29.04 26.39 42.69
C PRO C 153 30.17 27.37 42.47
N LYS C 154 29.94 28.68 42.66
CA LYS C 154 31.03 29.62 42.55
C LYS C 154 31.95 29.57 43.76
N GLU C 155 31.43 29.14 44.91
CA GLU C 155 32.23 28.96 46.11
C GLU C 155 32.66 27.51 46.31
N LEU C 156 31.83 26.55 45.90
CA LEU C 156 32.15 25.15 46.07
C LEU C 156 33.20 24.68 45.09
N TYR C 157 33.39 25.39 43.97
CA TYR C 157 34.36 25.01 42.95
C TYR C 157 35.10 26.26 42.51
N ASN C 158 36.21 26.06 41.80
CA ASN C 158 37.02 27.14 41.25
C ASN C 158 36.92 27.12 39.74
N ASN C 159 36.62 28.28 39.15
CA ASN C 159 36.39 28.46 37.71
C ASN C 159 35.28 27.54 37.22
N ALA C 160 34.17 27.54 37.93
CA ALA C 160 33.06 26.64 37.59
C ALA C 160 32.23 27.17 36.44
N HIS C 161 32.21 28.48 36.23
CA HIS C 161 31.45 29.09 35.15
C HIS C 161 32.39 29.81 34.21
N VAL C 162 32.25 29.53 32.92
CA VAL C 162 33.10 30.11 31.89
C VAL C 162 32.28 31.20 31.19
N TYR C 163 32.77 32.43 31.25
CA TYR C 163 32.06 33.57 30.69
C TYR C 163 32.74 34.02 29.41
N ALA C 164 32.11 35.00 28.75
CA ALA C 164 32.65 35.53 27.51
C ALA C 164 33.88 36.39 27.75
N ARG C 165 34.04 36.93 28.95
CA ARG C 165 35.23 37.72 29.25
C ARG C 165 36.47 36.85 29.40
N ASP C 166 36.32 35.54 29.54
CA ASP C 166 37.46 34.64 29.58
C ASP C 166 38.06 34.37 28.20
N LEU C 167 37.43 34.84 27.14
CA LEU C 167 38.04 34.80 25.80
C LEU C 167 39.11 35.87 25.72
N LYS C 168 40.36 35.48 25.99
CA LYS C 168 41.44 36.45 26.02
C LYS C 168 41.91 36.80 24.61
N PHE C 169 42.09 38.08 24.38
CA PHE C 169 42.61 38.58 23.11
C PHE C 169 44.12 38.43 23.04
N GLU C 170 44.59 37.87 21.93
CA GLU C 170 46.01 37.64 21.71
C GLU C 170 46.43 38.32 20.40
N PRO C 171 47.03 39.50 20.46
CA PRO C 171 47.45 40.18 19.23
C PRO C 171 48.66 39.51 18.62
N GLN C 172 48.64 39.36 17.30
CA GLN C 172 49.70 38.66 16.59
C GLN C 172 50.17 39.52 15.43
N GLY C 173 51.48 39.73 15.35
CA GLY C 173 52.02 40.52 14.27
C GLY C 173 51.90 42.00 14.56
N ARG C 174 51.50 42.76 13.55
CA ARG C 174 51.47 44.21 13.66
C ARG C 174 50.23 44.74 14.37
N GLN C 175 49.32 43.86 14.77
CA GLN C 175 48.11 44.31 15.46
C GLN C 175 48.29 44.40 16.96
N SER C 176 49.51 44.29 17.45
CA SER C 176 49.82 44.62 18.83
C SER C 176 49.94 46.12 19.06
N THR C 177 50.02 46.91 17.99
CA THR C 177 50.08 48.37 18.09
C THR C 177 48.75 49.04 17.76
N THR C 178 48.07 48.59 16.70
CA THR C 178 46.82 49.24 16.32
C THR C 178 45.64 48.80 17.19
N PHE C 179 45.76 47.69 17.91
CA PHE C 179 44.78 47.29 18.90
C PHE C 179 45.26 47.53 20.33
N ALA C 180 46.40 48.22 20.50
CA ALA C 180 46.81 48.60 21.84
C ALA C 180 45.95 49.71 22.39
N ASP C 181 45.37 50.53 21.51
CA ASP C 181 44.43 51.55 21.93
C ASP C 181 43.10 50.96 22.36
N CYS C 182 42.68 49.88 21.72
CA CYS C 182 41.44 49.21 22.09
C CYS C 182 41.57 47.71 21.86
N PRO C 183 41.57 46.91 22.91
CA PRO C 183 41.63 45.45 22.74
C PRO C 183 40.29 44.91 22.28
N VAL C 184 40.30 43.65 21.89
CA VAL C 184 39.08 42.97 21.48
C VAL C 184 38.49 42.34 22.74
N VAL C 185 37.51 43.02 23.30
CA VAL C 185 36.72 42.53 24.42
C VAL C 185 35.36 42.19 23.82
N PRO C 186 34.64 41.19 24.31
CA PRO C 186 33.27 40.99 23.83
C PRO C 186 32.35 42.12 24.27
N ALA C 187 31.31 42.34 23.46
CA ALA C 187 30.39 43.43 23.75
C ALA C 187 29.53 43.14 24.97
N ASP C 188 29.30 41.87 25.27
CA ASP C 188 28.55 41.47 26.45
C ASP C 188 29.40 40.47 27.23
N PRO C 189 30.16 40.93 28.23
CA PRO C 189 31.16 40.07 28.86
C PRO C 189 30.60 39.07 29.85
N ASP C 190 29.29 39.10 30.13
CA ASP C 190 28.69 38.15 31.05
C ASP C 190 27.98 37.01 30.34
N ILE C 191 28.24 36.81 29.05
CA ILE C 191 27.65 35.71 28.31
C ILE C 191 28.22 34.39 28.83
N LEU C 192 27.35 33.54 29.33
CA LEU C 192 27.77 32.29 29.96
C LEU C 192 28.05 31.26 28.88
N LEU C 193 29.33 30.94 28.68
CA LEU C 193 29.71 30.03 27.60
C LEU C 193 29.55 28.57 27.99
N ALA C 194 30.11 28.17 29.13
CA ALA C 194 30.04 26.78 29.55
C ALA C 194 30.02 26.73 31.06
N LYS C 195 29.87 25.52 31.58
CA LYS C 195 29.92 25.26 33.00
C LYS C 195 30.79 24.04 33.24
N LEU C 196 31.64 24.11 34.25
CA LEU C 196 32.64 23.08 34.50
C LEU C 196 32.54 22.56 35.92
N ARG C 197 33.03 21.33 36.10
CA ARG C 197 33.19 20.57 37.31
C ARG C 197 34.65 20.16 37.42
N PRO C 198 35.19 19.91 38.62
CA PRO C 198 36.64 19.74 38.77
C PRO C 198 37.17 18.50 38.04
N GLY C 199 38.36 18.66 37.49
CA GLY C 199 38.93 17.72 36.57
C GLY C 199 38.76 18.09 35.12
N GLN C 200 37.73 18.87 34.80
CA GLN C 200 37.38 19.21 33.44
C GLN C 200 38.06 20.51 33.02
N GLU C 201 38.34 20.63 31.72
CA GLU C 201 38.98 21.84 31.23
C GLU C 201 38.52 22.12 29.81
N ILE C 202 38.76 23.35 29.39
CA ILE C 202 38.53 23.82 28.02
C ILE C 202 39.78 24.56 27.58
N SER C 203 40.33 24.19 26.42
CA SER C 203 41.47 24.90 25.86
C SER C 203 41.27 25.02 24.35
N LEU C 204 41.23 26.25 23.85
CA LEU C 204 40.92 26.45 22.44
C LEU C 204 41.56 27.74 21.94
N LYS C 205 41.63 27.85 20.61
CA LYS C 205 41.97 29.06 19.89
C LYS C 205 40.84 29.36 18.92
N ALA C 206 40.62 30.63 18.61
CA ALA C 206 39.52 31.03 17.75
C ALA C 206 39.95 32.15 16.82
N HIS C 207 39.91 31.90 15.51
CA HIS C 207 40.21 32.92 14.51
C HIS C 207 38.91 33.54 14.04
N CYS C 208 38.69 34.82 14.36
CA CYS C 208 37.47 35.52 13.99
C CYS C 208 37.74 36.49 12.87
N ILE C 209 36.88 36.47 11.85
CA ILE C 209 37.05 37.21 10.61
C ILE C 209 35.77 37.97 10.31
N LEU C 210 35.74 38.64 9.15
CA LEU C 210 34.54 39.36 8.74
C LEU C 210 33.51 38.42 8.12
N GLY C 211 32.37 38.99 7.76
CA GLY C 211 31.32 38.26 7.11
C GLY C 211 30.04 39.05 7.16
N ILE C 212 29.08 38.60 6.36
CA ILE C 212 27.80 39.28 6.24
C ILE C 212 26.71 38.39 6.83
N GLY C 213 25.57 39.01 7.13
CA GLY C 213 24.47 38.29 7.73
C GLY C 213 23.73 37.35 6.79
N GLY C 214 23.98 37.46 5.48
CA GLY C 214 23.45 36.47 4.56
C GLY C 214 24.19 35.16 4.65
N ASP C 215 25.42 35.18 5.15
CA ASP C 215 26.18 33.95 5.32
C ASP C 215 25.72 33.20 6.56
N HIS C 216 25.80 33.84 7.72
CA HIS C 216 25.37 33.23 8.97
C HIS C 216 24.73 34.34 9.79
N ALA C 217 23.95 33.93 10.81
CA ALA C 217 23.28 34.91 11.64
C ALA C 217 24.22 35.62 12.60
N LYS C 218 25.42 35.07 12.81
CA LYS C 218 26.36 35.62 13.76
C LYS C 218 27.07 36.87 13.25
N PHE C 219 26.96 37.16 11.97
CA PHE C 219 27.58 38.34 11.39
C PHE C 219 26.64 39.52 11.27
N SER C 220 25.39 39.38 11.66
CA SER C 220 24.47 40.51 11.69
C SER C 220 24.80 41.36 12.91
N PRO C 221 25.17 42.62 12.75
CA PRO C 221 25.62 43.41 13.90
C PRO C 221 24.46 44.05 14.65
N VAL C 222 23.25 43.60 14.35
CA VAL C 222 22.03 44.29 14.73
C VAL C 222 21.14 43.30 15.48
N SER C 223 20.62 43.72 16.64
CA SER C 223 19.62 42.95 17.34
C SER C 223 18.36 42.81 16.50
N THR C 224 17.69 43.93 16.19
CA THR C 224 16.68 43.93 15.15
C THR C 224 16.64 45.30 14.49
N ALA C 225 16.35 45.31 13.21
CA ALA C 225 16.23 46.53 12.42
C ALA C 225 15.00 46.40 11.55
N SER C 226 13.95 47.14 11.86
CA SER C 226 12.71 47.04 11.12
C SER C 226 11.95 48.34 11.26
N TYR C 227 11.00 48.55 10.36
CA TYR C 227 10.15 49.72 10.40
C TYR C 227 8.69 49.35 10.65
N ARG C 228 7.99 50.27 11.29
CA ARG C 228 6.54 50.34 11.25
C ARG C 228 6.17 51.68 10.62
N LEU C 229 5.14 51.67 9.80
CA LEU C 229 4.65 52.89 9.21
C LEU C 229 3.80 53.64 10.23
N LEU C 230 3.72 54.95 10.07
CA LEU C 230 3.01 55.78 11.01
C LEU C 230 1.51 55.54 10.92
N PRO C 231 0.84 55.17 12.01
CA PRO C 231 -0.61 55.01 11.96
C PRO C 231 -1.31 56.35 11.82
N GLN C 232 -2.51 56.32 11.25
CA GLN C 232 -3.29 57.53 11.01
C GLN C 232 -4.68 57.30 11.60
N ILE C 233 -4.89 57.77 12.82
CA ILE C 233 -6.16 57.64 13.51
C ILE C 233 -7.07 58.77 13.02
N ASN C 234 -8.07 58.44 12.23
CA ASN C 234 -8.93 59.44 11.61
C ASN C 234 -10.28 59.46 12.32
N ILE C 235 -10.46 60.41 13.21
CA ILE C 235 -11.76 60.60 13.86
C ILE C 235 -12.69 61.27 12.87
N LEU C 236 -13.75 60.57 12.46
CA LEU C 236 -14.66 61.07 11.45
C LEU C 236 -15.71 62.01 12.05
N GLN C 237 -16.46 61.52 12.97
CA GLN C 237 -17.50 62.26 13.68
C GLN C 237 -17.03 62.59 15.09
N PRO C 238 -17.44 63.74 15.63
CA PRO C 238 -16.96 64.14 16.97
C PRO C 238 -17.49 63.23 18.05
N ILE C 239 -16.64 62.97 19.05
CA ILE C 239 -16.87 61.95 20.06
C ILE C 239 -17.04 62.69 21.39
N LYS C 240 -17.68 63.86 21.33
CA LYS C 240 -17.92 64.67 22.51
C LYS C 240 -18.79 63.93 23.53
N GLY C 241 -18.52 64.20 24.81
CA GLY C 241 -19.31 63.63 25.88
C GLY C 241 -18.58 62.59 26.70
N GLU C 242 -19.33 61.67 27.30
CA GLU C 242 -18.76 60.63 28.15
C GLU C 242 -18.27 59.43 27.35
N SER C 243 -18.42 59.45 26.03
CA SER C 243 -17.81 58.45 25.18
C SER C 243 -16.37 58.80 24.83
N ALA C 244 -15.85 59.91 25.34
CA ALA C 244 -14.47 60.31 25.10
C ALA C 244 -13.53 59.84 26.20
N ARG C 245 -14.05 59.21 27.24
CA ARG C 245 -13.22 58.52 28.22
C ARG C 245 -13.06 57.04 27.89
N ARG C 246 -13.99 56.48 27.11
CA ARG C 246 -13.89 55.11 26.65
C ARG C 246 -13.21 55.00 25.30
N PHE C 247 -13.33 56.04 24.46
CA PHE C 247 -12.52 56.11 23.25
C PHE C 247 -11.06 56.34 23.57
N GLN C 248 -10.78 57.08 24.64
CA GLN C 248 -9.41 57.28 25.08
C GLN C 248 -8.84 56.02 25.72
N LYS C 249 -9.69 55.21 26.36
CA LYS C 249 -9.22 53.99 27.03
C LYS C 249 -8.81 52.92 26.03
N CYS C 250 -9.35 52.96 24.81
CA CYS C 250 -9.11 51.92 23.80
C CYS C 250 -7.87 52.20 22.96
N PHE C 251 -6.87 52.88 23.52
CA PHE C 251 -5.60 53.20 22.88
C PHE C 251 -4.51 53.18 23.95
N PRO C 252 -3.24 53.24 23.57
CA PRO C 252 -2.20 53.58 24.55
C PRO C 252 -2.43 54.97 25.09
N PRO C 253 -1.99 55.24 26.32
CA PRO C 253 -2.42 56.48 27.01
C PRO C 253 -1.91 57.77 26.39
N GLY C 254 -0.81 57.74 25.66
CA GLY C 254 -0.33 58.96 25.04
C GLY C 254 -0.90 59.27 23.68
N VAL C 255 -1.88 58.51 23.21
CA VAL C 255 -2.34 58.62 21.83
C VAL C 255 -3.49 59.60 21.69
N ILE C 256 -4.54 59.42 22.49
CA ILE C 256 -5.76 60.21 22.39
C ILE C 256 -5.85 61.10 23.63
N GLY C 257 -6.04 62.40 23.41
CA GLY C 257 -6.35 63.30 24.49
C GLY C 257 -7.66 64.01 24.25
N ILE C 258 -8.25 64.56 25.29
CA ILE C 258 -9.50 65.32 25.18
C ILE C 258 -9.17 66.79 25.19
N ASP C 259 -9.87 67.56 24.35
CA ASP C 259 -9.59 68.97 24.21
C ASP C 259 -10.18 69.73 25.41
N GLU C 260 -9.59 70.88 25.71
CA GLU C 260 -9.97 71.64 26.90
C GLU C 260 -11.11 72.62 26.64
N GLY C 261 -11.04 73.36 25.53
CA GLY C 261 -12.05 74.37 25.23
C GLY C 261 -13.40 73.77 24.92
N SER C 262 -13.43 72.57 24.37
CA SER C 262 -14.64 71.76 24.25
C SER C 262 -14.24 70.32 24.50
N ASP C 263 -15.12 69.57 25.17
CA ASP C 263 -14.84 68.17 25.45
C ASP C 263 -14.85 67.39 24.14
N GLU C 264 -13.67 67.01 23.66
CA GLU C 264 -13.54 66.52 22.30
C GLU C 264 -12.24 65.73 22.19
N ALA C 265 -12.34 64.47 21.79
CA ALA C 265 -11.16 63.62 21.66
C ALA C 265 -10.43 63.94 20.37
N TYR C 266 -9.12 64.17 20.47
CA TYR C 266 -8.25 64.40 19.33
C TYR C 266 -7.05 63.46 19.42
N VAL C 267 -6.17 63.53 18.44
CA VAL C 267 -4.96 62.72 18.40
C VAL C 267 -3.80 63.55 18.93
N LYS C 268 -3.24 63.13 20.07
CA LYS C 268 -2.05 63.81 20.60
C LYS C 268 -0.80 63.40 19.83
N ASP C 269 -0.48 62.10 19.86
CA ASP C 269 0.68 61.57 19.17
C ASP C 269 0.26 60.28 18.48
N ALA C 270 0.36 60.26 17.16
CA ALA C 270 0.02 59.08 16.37
C ALA C 270 1.17 58.08 16.28
N ARG C 271 2.23 58.27 17.07
CA ARG C 271 3.37 57.36 17.09
C ARG C 271 3.26 56.31 18.17
N LYS C 272 2.66 56.66 19.31
CA LYS C 272 2.68 55.83 20.50
C LYS C 272 1.73 54.64 20.42
N ASP C 273 0.92 54.54 19.38
CA ASP C 273 -0.07 53.47 19.30
C ASP C 273 0.50 52.20 18.69
N THR C 274 0.36 51.11 19.41
CA THR C 274 0.38 49.81 18.76
C THR C 274 -0.95 49.63 18.05
N VAL C 275 -0.90 49.12 16.82
CA VAL C 275 -2.12 49.05 16.03
C VAL C 275 -2.89 47.82 16.49
N SER C 276 -3.73 48.00 17.51
CA SER C 276 -4.42 46.91 18.16
C SER C 276 -5.86 46.76 17.70
N ARG C 277 -6.43 47.81 17.12
CA ARG C 277 -7.80 47.84 16.60
C ARG C 277 -8.83 47.47 17.68
N GLU C 278 -8.62 48.02 18.89
CA GLU C 278 -9.53 47.74 19.99
C GLU C 278 -10.84 48.50 19.82
N VAL C 279 -10.82 49.63 19.11
CA VAL C 279 -12.04 50.38 18.87
C VAL C 279 -12.97 49.67 17.91
N LEU C 280 -12.45 48.74 17.10
CA LEU C 280 -13.29 48.00 16.17
C LEU C 280 -14.08 46.90 16.85
N ARG C 281 -13.73 46.55 18.10
CA ARG C 281 -14.53 45.59 18.85
C ARG C 281 -15.83 46.21 19.33
N TYR C 282 -15.85 47.52 19.54
CA TYR C 282 -17.01 48.19 20.10
C TYR C 282 -17.82 48.80 18.96
N GLU C 283 -19.11 48.47 18.91
CA GLU C 283 -19.98 48.95 17.84
C GLU C 283 -20.30 50.44 17.95
N GLU C 284 -19.96 51.07 19.08
CA GLU C 284 -20.12 52.50 19.21
C GLU C 284 -19.17 53.26 18.29
N PHE C 285 -17.99 52.70 18.02
CA PHE C 285 -16.94 53.41 17.31
C PHE C 285 -16.70 52.85 15.91
N ALA C 286 -17.70 52.19 15.34
CA ALA C 286 -17.59 51.63 14.00
C ALA C 286 -18.02 52.63 12.92
N ASP C 287 -18.29 53.87 13.31
CA ASP C 287 -18.70 54.91 12.37
C ASP C 287 -17.82 56.14 12.61
N LYS C 288 -17.34 56.28 13.84
CA LYS C 288 -16.74 57.54 14.29
C LYS C 288 -15.23 57.57 14.13
N VAL C 289 -14.60 56.47 13.72
CA VAL C 289 -13.15 56.43 13.61
C VAL C 289 -12.79 55.37 12.57
N LYS C 290 -11.67 55.59 11.87
CA LYS C 290 -11.10 54.56 11.02
C LYS C 290 -9.61 54.54 11.24
N LEU C 291 -8.99 53.40 10.98
CA LEU C 291 -7.58 53.19 11.24
C LEU C 291 -6.88 52.93 9.92
N GLY C 292 -6.29 53.98 9.36
CA GLY C 292 -5.47 53.90 8.19
C GLY C 292 -4.01 53.83 8.54
N ARG C 293 -3.17 54.31 7.62
CA ARG C 293 -1.73 54.21 7.77
C ARG C 293 -1.09 55.21 6.83
N VAL C 294 -0.17 56.02 7.34
CA VAL C 294 0.56 56.95 6.49
C VAL C 294 1.58 56.16 5.69
N ARG C 295 1.43 56.16 4.36
CA ARG C 295 2.12 55.17 3.55
C ARG C 295 3.59 55.47 3.30
N ASN C 296 4.14 56.58 3.79
CA ASN C 296 5.54 56.90 3.54
C ASN C 296 6.31 57.36 4.75
N HIS C 297 5.71 57.39 5.93
CA HIS C 297 6.37 57.88 7.15
C HIS C 297 6.82 56.66 7.93
N PHE C 298 8.07 56.26 7.72
CA PHE C 298 8.62 55.06 8.35
C PHE C 298 9.21 55.41 9.70
N ILE C 299 9.27 54.42 10.58
CA ILE C 299 9.86 54.58 11.91
C ILE C 299 10.87 53.45 12.05
N PHE C 300 12.14 53.73 11.78
CA PHE C 300 13.14 52.69 11.96
C PHE C 300 13.49 52.56 13.42
N ASN C 301 13.78 51.33 13.86
CA ASN C 301 14.19 51.05 15.23
C ASN C 301 15.38 50.10 15.13
N VAL C 302 16.58 50.68 15.12
CA VAL C 302 17.81 49.93 14.92
C VAL C 302 18.46 49.71 16.28
N GLU C 303 18.67 48.44 16.63
CA GLU C 303 19.27 48.07 17.91
C GLU C 303 20.57 47.35 17.62
N SER C 304 21.69 47.94 18.03
CA SER C 304 22.99 47.36 17.74
C SER C 304 23.26 46.18 18.67
N ALA C 305 23.99 45.19 18.15
CA ALA C 305 24.40 44.06 18.96
C ALA C 305 25.57 44.40 19.87
N GLY C 306 26.30 45.48 19.57
CA GLY C 306 27.38 45.91 20.43
C GLY C 306 28.63 46.35 19.69
N ALA C 307 28.82 45.82 18.48
CA ALA C 307 30.08 46.07 17.78
C ALA C 307 30.16 47.48 17.24
N MET C 308 29.05 48.04 16.76
CA MET C 308 29.03 49.38 16.20
C MET C 308 27.89 50.17 16.83
N THR C 309 27.89 51.47 16.57
CA THR C 309 26.75 52.29 16.96
C THR C 309 25.63 52.13 15.92
N PRO C 310 24.36 52.26 16.33
CA PRO C 310 23.27 52.20 15.35
C PRO C 310 23.23 53.39 14.41
N GLU C 311 23.89 54.50 14.76
CA GLU C 311 24.18 55.55 13.80
C GLU C 311 25.04 55.02 12.66
N GLU C 312 26.05 54.21 12.97
CA GLU C 312 27.03 53.79 11.98
C GLU C 312 26.50 52.66 11.09
N ILE C 313 25.62 51.82 11.61
CA ILE C 313 25.09 50.71 10.83
C ILE C 313 24.18 51.21 9.72
N PHE C 314 23.29 52.15 10.05
CA PHE C 314 22.44 52.77 9.04
C PHE C 314 23.25 53.61 8.07
N PHE C 315 24.32 54.23 8.55
CA PHE C 315 25.17 55.02 7.66
C PHE C 315 25.95 54.13 6.69
N LYS C 316 26.35 52.94 7.15
CA LYS C 316 26.96 51.99 6.21
C LYS C 316 25.94 51.42 5.24
N SER C 317 24.70 51.23 5.68
CA SER C 317 23.72 50.54 4.85
C SER C 317 23.25 51.38 3.68
N VAL C 318 23.26 52.70 3.80
CA VAL C 318 23.00 53.55 2.65
C VAL C 318 24.25 53.71 1.79
N ARG C 319 25.42 53.39 2.32
CA ARG C 319 26.66 53.39 1.55
C ARG C 319 26.85 52.07 0.81
N ILE C 320 26.34 50.97 1.37
CA ILE C 320 26.39 49.69 0.69
C ILE C 320 25.48 49.70 -0.53
N LEU C 321 24.28 50.28 -0.41
CA LEU C 321 23.36 50.33 -1.55
C LEU C 321 23.85 51.29 -2.63
N LYS C 322 24.56 52.36 -2.23
CA LYS C 322 25.14 53.25 -3.23
C LYS C 322 26.29 52.58 -3.97
N ASN C 323 27.14 51.85 -3.24
CA ASN C 323 28.22 51.11 -3.88
C ASN C 323 27.72 49.91 -4.66
N LYS C 324 26.55 49.38 -4.30
CA LYS C 324 26.00 48.25 -5.02
C LYS C 324 25.48 48.65 -6.40
N ALA C 325 24.85 49.83 -6.49
CA ALA C 325 24.46 50.34 -7.80
C ALA C 325 25.67 50.87 -8.55
N GLU C 326 26.69 51.34 -7.84
CA GLU C 326 27.89 51.84 -8.51
C GLU C 326 28.70 50.72 -9.12
N TYR C 327 28.62 49.52 -8.54
CA TYR C 327 29.35 48.39 -9.09
C TYR C 327 28.75 47.92 -10.41
N LEU C 328 27.42 47.88 -10.50
CA LEU C 328 26.78 47.54 -11.76
C LEU C 328 26.93 48.64 -12.82
N LYS C 329 27.13 49.88 -12.40
CA LYS C 329 27.26 50.95 -13.36
C LYS C 329 28.59 50.88 -14.09
N ASN C 330 29.61 50.29 -13.46
CA ASN C 330 30.94 50.23 -14.06
C ASN C 330 31.27 48.85 -14.65
N CYS C 331 30.55 47.79 -14.28
CA CYS C 331 30.81 46.49 -14.87
C CYS C 331 30.31 46.44 -16.30
N PRO C 332 31.06 45.80 -17.20
CA PRO C 332 30.61 45.71 -18.60
C PRO C 332 29.44 44.75 -18.76
N ILE C 333 28.51 45.13 -19.60
CA ILE C 333 27.25 44.40 -19.73
C ILE C 333 27.44 43.20 -20.65
N THR D 12 36.49 -10.44 -30.34
CA THR D 12 36.47 -11.70 -31.06
C THR D 12 35.29 -12.56 -30.60
N ALA D 13 34.72 -13.32 -31.55
CA ALA D 13 33.59 -14.22 -31.35
C ALA D 13 32.39 -13.49 -30.76
N THR D 14 31.88 -12.55 -31.56
CA THR D 14 30.80 -11.67 -31.18
C THR D 14 29.83 -11.64 -32.36
N THR D 15 28.62 -11.11 -32.13
CA THR D 15 27.70 -10.89 -33.24
C THR D 15 28.10 -9.70 -34.10
N LEU D 16 29.06 -8.88 -33.64
CA LEU D 16 29.67 -7.86 -34.47
C LEU D 16 30.62 -8.44 -35.50
N ASN D 17 31.11 -9.66 -35.29
CA ASN D 17 32.14 -10.25 -36.12
C ASN D 17 31.62 -11.42 -36.94
N THR D 18 31.08 -12.37 -36.30
CA THR D 18 30.64 -13.62 -36.90
C THR D 18 29.17 -13.53 -37.28
N PRO D 19 28.73 -14.32 -38.25
CA PRO D 19 27.30 -14.49 -38.46
C PRO D 19 26.67 -15.21 -37.28
N VAL D 20 25.39 -14.93 -37.04
CA VAL D 20 24.67 -15.60 -35.96
C VAL D 20 24.46 -17.07 -36.31
N VAL D 21 23.84 -17.32 -37.45
CA VAL D 21 23.60 -18.67 -37.96
C VAL D 21 24.20 -18.76 -39.35
N ILE D 22 24.87 -19.86 -39.65
CA ILE D 22 25.47 -20.10 -40.95
C ILE D 22 25.01 -21.46 -41.48
N HIS D 23 24.49 -21.47 -42.72
CA HIS D 23 24.02 -22.69 -43.34
C HIS D 23 24.52 -22.76 -44.78
N ALA D 24 24.60 -23.99 -45.29
CA ALA D 24 24.91 -24.24 -46.69
C ALA D 24 23.61 -24.38 -47.47
N THR D 25 23.44 -23.55 -48.50
CA THR D 25 22.18 -23.54 -49.24
C THR D 25 22.08 -24.69 -50.23
N GLN D 26 23.20 -25.11 -50.82
CA GLN D 26 23.19 -26.12 -51.86
C GLN D 26 24.47 -26.93 -51.76
N LEU D 27 24.47 -28.13 -52.32
CA LEU D 27 25.66 -28.98 -52.31
C LEU D 27 26.78 -28.34 -53.14
N PRO D 28 28.02 -28.44 -52.68
CA PRO D 28 29.12 -27.84 -53.43
C PRO D 28 29.52 -28.69 -54.63
N GLN D 29 29.91 -28.01 -55.71
CA GLN D 29 30.52 -28.67 -56.85
C GLN D 29 31.81 -27.96 -57.21
N HIS D 30 32.76 -28.71 -57.76
CA HIS D 30 34.12 -28.25 -57.92
C HIS D 30 34.26 -27.31 -59.11
N VAL D 31 35.24 -26.43 -59.04
CA VAL D 31 35.56 -25.51 -60.12
C VAL D 31 36.96 -25.83 -60.62
N SER D 32 37.19 -25.57 -61.90
CA SER D 32 38.48 -25.87 -62.50
C SER D 32 39.43 -24.68 -62.29
N THR D 33 40.59 -24.74 -62.95
CA THR D 33 41.60 -23.69 -62.80
C THR D 33 41.14 -22.39 -63.47
N ASP D 34 40.31 -22.50 -64.50
CA ASP D 34 39.85 -21.31 -65.22
C ASP D 34 38.88 -20.49 -64.39
N GLU D 35 37.99 -21.15 -63.65
CA GLU D 35 37.06 -20.41 -62.81
C GLU D 35 37.75 -19.77 -61.62
N VAL D 36 38.83 -20.38 -61.12
CA VAL D 36 39.54 -19.83 -59.98
C VAL D 36 40.34 -18.60 -60.41
N LEU D 37 41.03 -18.68 -61.55
CA LEU D 37 41.82 -17.54 -62.01
C LEU D 37 40.96 -16.40 -62.52
N GLN D 38 39.74 -16.67 -62.98
CA GLN D 38 38.80 -15.60 -63.29
C GLN D 38 38.26 -14.98 -62.02
N PHE D 39 38.12 -15.79 -60.96
CA PHE D 39 37.72 -15.26 -59.66
C PHE D 39 38.79 -14.40 -59.05
N LEU D 40 40.04 -14.89 -59.02
CA LEU D 40 41.12 -14.18 -58.35
C LEU D 40 41.54 -12.93 -59.10
N GLU D 41 41.32 -12.87 -60.42
CA GLU D 41 41.55 -11.62 -61.12
C GLU D 41 40.40 -10.64 -60.91
N SER D 42 39.24 -11.13 -60.46
CA SER D 42 38.10 -10.28 -60.17
C SER D 42 37.97 -9.97 -58.68
N PHE D 43 38.45 -10.85 -57.82
CA PHE D 43 38.31 -10.62 -56.38
C PHE D 43 39.34 -9.60 -55.89
N ILE D 44 40.56 -9.64 -56.41
CA ILE D 44 41.56 -8.64 -56.05
C ILE D 44 41.23 -7.29 -56.70
N ASP D 45 40.66 -7.32 -57.91
CA ASP D 45 40.30 -6.09 -58.60
C ASP D 45 39.17 -5.36 -57.87
N GLU D 46 38.18 -6.08 -57.39
CA GLU D 46 37.07 -5.48 -56.67
C GLU D 46 37.38 -5.19 -55.21
N LYS D 47 38.58 -5.50 -54.73
CA LYS D 47 38.92 -5.29 -53.33
C LYS D 47 39.84 -4.11 -53.10
N GLU D 48 40.87 -3.93 -53.94
CA GLU D 48 41.71 -2.74 -53.82
C GLU D 48 40.99 -1.51 -54.38
N ASN D 49 40.32 -1.66 -55.51
CA ASN D 49 39.61 -0.55 -56.12
C ASN D 49 38.31 -0.25 -55.39
N THR D 80 41.12 -1.93 -43.03
CA THR D 80 41.03 -3.22 -43.70
C THR D 80 42.27 -4.03 -43.41
N ASN D 81 42.11 -5.12 -42.66
CA ASN D 81 43.22 -6.00 -42.30
C ASN D 81 43.23 -7.27 -43.16
N LEU D 82 42.46 -7.29 -44.24
CA LEU D 82 42.55 -8.41 -45.17
C LEU D 82 43.65 -8.20 -46.20
N SER D 83 44.45 -7.13 -46.09
CA SER D 83 45.61 -6.95 -46.94
C SER D 83 46.67 -8.02 -46.67
N SER D 84 46.73 -8.53 -45.44
CA SER D 84 47.55 -9.70 -45.16
C SER D 84 46.96 -10.97 -45.77
N SER D 85 45.66 -10.98 -46.03
CA SER D 85 45.03 -12.09 -46.73
C SER D 85 45.09 -11.92 -48.25
N ILE D 86 45.09 -10.68 -48.73
CA ILE D 86 45.34 -10.42 -50.14
C ILE D 86 46.77 -10.84 -50.51
N SER D 87 47.71 -10.64 -49.57
CA SER D 87 49.08 -11.13 -49.76
C SER D 87 49.13 -12.65 -49.88
N GLN D 88 48.23 -13.36 -49.20
CA GLN D 88 48.11 -14.80 -49.41
C GLN D 88 47.23 -15.15 -50.61
N LEU D 89 46.35 -14.24 -51.02
CA LEU D 89 45.60 -14.45 -52.25
C LEU D 89 46.47 -14.25 -53.48
N LYS D 90 47.42 -13.32 -53.42
CA LYS D 90 48.31 -13.09 -54.56
C LYS D 90 49.29 -14.25 -54.74
N ARG D 91 49.58 -15.00 -53.67
CA ARG D 91 50.41 -16.19 -53.83
C ARG D 91 49.69 -17.27 -54.60
N ILE D 92 48.39 -17.44 -54.34
CA ILE D 92 47.62 -18.46 -55.04
C ILE D 92 47.29 -18.02 -56.47
N GLN D 93 47.10 -16.71 -56.67
CA GLN D 93 46.81 -16.21 -58.02
C GLN D 93 48.03 -16.34 -58.93
N ARG D 94 49.22 -16.13 -58.38
CA ARG D 94 50.44 -16.31 -59.15
C ARG D 94 50.90 -17.76 -59.22
N ASP D 95 50.32 -18.64 -58.40
CA ASP D 95 50.71 -20.05 -58.45
C ASP D 95 50.07 -20.75 -59.65
N PHE D 96 48.78 -20.54 -59.86
CA PHE D 96 48.11 -21.15 -61.01
C PHE D 96 48.50 -20.49 -62.33
N LYS D 97 49.13 -19.32 -62.30
CA LYS D 97 49.61 -18.68 -63.52
C LYS D 97 51.10 -18.84 -63.74
N GLY D 98 51.90 -18.94 -62.68
CA GLY D 98 53.34 -18.98 -62.85
C GLY D 98 54.09 -19.87 -61.89
N LEU D 99 55.14 -19.33 -61.29
CA LEU D 99 56.05 -20.07 -60.42
C LEU D 99 56.84 -19.08 -59.56
N PRO D 100 56.91 -19.29 -58.23
CA PRO D 100 57.67 -18.38 -57.38
C PRO D 100 59.17 -18.56 -57.54
N ASP E 2 -65.96 -23.21 -14.64
CA ASP E 2 -64.51 -23.35 -14.77
C ASP E 2 -63.79 -22.27 -13.98
N GLN E 3 -62.81 -22.69 -13.18
CA GLN E 3 -61.98 -21.77 -12.42
C GLN E 3 -60.49 -21.92 -12.70
N GLU E 4 -60.03 -23.11 -13.07
CA GLU E 4 -58.67 -23.31 -13.52
C GLU E 4 -58.56 -23.58 -15.01
N ASN E 5 -59.68 -23.87 -15.67
CA ASN E 5 -59.65 -24.17 -17.10
C ASN E 5 -59.35 -22.91 -17.91
N GLU E 6 -59.96 -21.78 -17.55
CA GLU E 6 -59.72 -20.54 -18.27
C GLU E 6 -58.33 -19.98 -17.98
N ARG E 7 -57.71 -20.39 -16.87
CA ARG E 7 -56.31 -20.04 -16.64
C ARG E 7 -55.38 -20.88 -17.48
N ASN E 8 -55.72 -22.16 -17.67
CA ASN E 8 -54.88 -23.02 -18.51
C ASN E 8 -55.00 -22.68 -19.98
N ILE E 9 -56.13 -22.09 -20.40
CA ILE E 9 -56.26 -21.66 -21.78
C ILE E 9 -55.39 -20.44 -22.04
N SER E 10 -55.35 -19.49 -21.10
CA SER E 10 -54.54 -18.29 -21.29
C SER E 10 -53.05 -18.58 -21.26
N ARG E 11 -52.61 -19.54 -20.44
CA ARG E 11 -51.21 -19.94 -20.48
C ARG E 11 -50.88 -20.71 -21.75
N LEU E 12 -51.85 -21.46 -22.28
CA LEU E 12 -51.67 -22.13 -23.56
C LEU E 12 -51.79 -21.15 -24.71
N TRP E 13 -52.55 -20.08 -24.54
CA TRP E 13 -52.63 -19.05 -25.57
C TRP E 13 -51.35 -18.25 -25.67
N ARG E 14 -50.76 -17.89 -24.52
CA ARG E 14 -49.51 -17.15 -24.53
C ARG E 14 -48.35 -18.02 -24.97
N ALA E 15 -48.41 -19.32 -24.70
CA ALA E 15 -47.39 -20.23 -25.20
C ALA E 15 -47.57 -20.53 -26.67
N PHE E 16 -48.74 -20.28 -27.23
CA PHE E 16 -48.93 -20.45 -28.66
C PHE E 16 -48.46 -19.22 -29.42
N ARG E 17 -48.52 -18.04 -28.80
CA ARG E 17 -48.07 -16.83 -29.46
C ARG E 17 -46.55 -16.77 -29.55
N THR E 18 -45.84 -17.20 -28.52
CA THR E 18 -44.39 -17.15 -28.53
C THR E 18 -43.77 -18.27 -29.37
N VAL E 19 -44.58 -19.18 -29.91
CA VAL E 19 -44.12 -20.05 -30.98
C VAL E 19 -44.37 -19.43 -32.34
N LYS E 20 -45.51 -18.72 -32.49
CA LYS E 20 -45.73 -17.89 -33.68
C LYS E 20 -44.64 -16.82 -33.79
N GLU E 21 -44.21 -16.26 -32.67
CA GLU E 21 -43.13 -15.29 -32.69
C GLU E 21 -41.78 -15.94 -32.91
N MET E 22 -41.59 -17.17 -32.42
CA MET E 22 -40.29 -17.83 -32.58
C MET E 22 -40.08 -18.30 -34.00
N VAL E 23 -41.12 -18.90 -34.60
CA VAL E 23 -41.03 -19.40 -35.96
C VAL E 23 -40.89 -18.25 -36.96
N LYS E 24 -41.51 -17.11 -36.67
CA LYS E 24 -41.34 -15.94 -37.52
C LYS E 24 -39.93 -15.36 -37.40
N ASP E 25 -39.35 -15.40 -36.20
CA ASP E 25 -38.00 -14.88 -36.03
C ASP E 25 -36.95 -15.80 -36.64
N ARG E 26 -37.24 -17.10 -36.73
CA ARG E 26 -36.33 -18.03 -37.39
C ARG E 26 -36.24 -17.81 -38.89
N GLY E 27 -37.23 -17.12 -39.47
CA GLY E 27 -37.21 -16.80 -40.89
C GLY E 27 -38.30 -17.46 -41.69
N TYR E 28 -39.20 -18.20 -41.04
CA TYR E 28 -40.26 -18.89 -41.75
C TYR E 28 -41.42 -17.93 -42.00
N PHE E 29 -42.43 -18.41 -42.70
CA PHE E 29 -43.55 -17.57 -43.12
C PHE E 29 -44.70 -17.77 -42.13
N ILE E 30 -44.75 -16.91 -41.12
CA ILE E 30 -45.90 -16.75 -40.24
C ILE E 30 -46.33 -15.30 -40.31
N THR E 31 -47.55 -15.07 -40.79
CA THR E 31 -48.03 -13.71 -40.96
C THR E 31 -48.37 -13.08 -39.60
N GLN E 32 -48.48 -11.76 -39.61
CA GLN E 32 -48.68 -11.03 -38.35
C GLN E 32 -50.07 -11.25 -37.79
N GLU E 33 -51.05 -11.52 -38.65
CA GLU E 33 -52.42 -11.73 -38.19
C GLU E 33 -52.60 -13.05 -37.48
N GLU E 34 -51.69 -14.01 -37.67
CA GLU E 34 -51.70 -15.24 -36.91
C GLU E 34 -50.91 -15.12 -35.61
N VAL E 35 -49.92 -14.24 -35.58
CA VAL E 35 -49.25 -13.91 -34.32
C VAL E 35 -50.20 -13.12 -33.41
N GLU E 36 -50.90 -12.15 -33.98
CA GLU E 36 -51.81 -11.30 -33.23
C GLU E 36 -53.19 -11.94 -33.09
N LEU E 37 -53.23 -13.19 -32.64
CA LEU E 37 -54.50 -13.90 -32.53
C LEU E 37 -55.10 -13.65 -31.15
N PRO E 38 -56.33 -13.13 -31.06
CA PRO E 38 -56.91 -12.80 -29.76
C PRO E 38 -57.26 -14.05 -28.96
N LEU E 39 -57.61 -13.81 -27.69
CA LEU E 39 -57.88 -14.92 -26.77
C LEU E 39 -59.21 -15.58 -27.08
N GLU E 40 -60.23 -14.79 -27.41
CA GLU E 40 -61.52 -15.36 -27.77
C GLU E 40 -61.45 -16.12 -29.09
N ASP E 41 -60.59 -15.68 -30.02
CA ASP E 41 -60.44 -16.41 -31.27
C ASP E 41 -59.60 -17.66 -31.07
N PHE E 42 -58.76 -17.69 -30.04
CA PHE E 42 -58.08 -18.94 -29.68
C PHE E 42 -59.07 -19.95 -29.13
N LYS E 43 -60.03 -19.49 -28.31
CA LYS E 43 -61.09 -20.37 -27.83
C LYS E 43 -62.07 -20.73 -28.93
N ALA E 44 -62.18 -19.92 -29.98
CA ALA E 44 -63.11 -20.23 -31.05
C ALA E 44 -62.58 -21.30 -31.98
N LYS E 45 -61.27 -21.31 -32.24
CA LYS E 45 -60.71 -22.22 -33.23
C LYS E 45 -60.13 -23.48 -32.60
N TYR E 46 -59.28 -23.33 -31.58
CA TYR E 46 -58.52 -24.45 -31.03
C TYR E 46 -59.18 -25.04 -29.79
N CYS E 47 -60.50 -25.03 -29.73
CA CYS E 47 -61.22 -25.57 -28.59
C CYS E 47 -62.54 -26.16 -29.07
N ASP E 48 -63.00 -27.19 -28.38
CA ASP E 48 -64.23 -27.88 -28.77
C ASP E 48 -65.43 -27.19 -28.14
N SER E 49 -66.59 -27.85 -28.17
CA SER E 49 -67.81 -27.29 -27.61
C SER E 49 -67.84 -27.35 -26.08
N MET E 50 -66.96 -28.13 -25.45
CA MET E 50 -66.98 -28.31 -24.00
C MET E 50 -66.23 -27.21 -23.25
N GLY E 51 -65.49 -26.36 -23.95
CA GLY E 51 -64.66 -25.38 -23.26
C GLY E 51 -63.31 -25.89 -22.85
N ARG E 52 -62.84 -27.00 -23.43
CA ARG E 52 -61.56 -27.59 -23.10
C ARG E 52 -60.67 -27.57 -24.34
N PRO E 53 -59.45 -27.02 -24.25
CA PRO E 53 -58.62 -26.89 -25.44
C PRO E 53 -57.99 -28.21 -25.85
N GLN E 54 -58.07 -28.52 -27.14
CA GLN E 54 -57.36 -29.67 -27.70
C GLN E 54 -56.12 -29.16 -28.42
N ARG E 55 -55.05 -29.95 -28.34
CA ARG E 55 -53.76 -29.48 -28.80
C ARG E 55 -53.28 -30.16 -30.07
N LYS E 56 -53.99 -31.20 -30.54
CA LYS E 56 -53.67 -31.78 -31.84
C LYS E 56 -54.04 -30.84 -32.98
N MET E 57 -55.05 -29.98 -32.77
CA MET E 57 -55.37 -28.96 -33.76
C MET E 57 -54.37 -27.82 -33.76
N MET E 58 -53.63 -27.64 -32.66
CA MET E 58 -52.67 -26.55 -32.54
C MET E 58 -51.37 -26.80 -33.30
N SER E 59 -51.17 -28.02 -33.80
CA SER E 59 -49.98 -28.34 -34.58
C SER E 59 -50.07 -27.70 -35.95
N PHE E 60 -49.01 -27.02 -36.37
CA PHE E 60 -49.00 -26.34 -37.65
C PHE E 60 -47.69 -26.63 -38.38
N GLN E 61 -47.67 -26.27 -39.67
CA GLN E 61 -46.53 -26.47 -40.55
C GLN E 61 -46.03 -25.13 -41.04
N ALA E 62 -44.71 -24.97 -41.10
CA ALA E 62 -44.09 -23.71 -41.46
C ALA E 62 -43.20 -23.87 -42.67
N ASN E 63 -43.16 -22.83 -43.50
CA ASN E 63 -42.36 -22.78 -44.70
C ASN E 63 -41.50 -21.52 -44.67
N PRO E 64 -40.30 -21.57 -45.25
CA PRO E 64 -39.44 -20.38 -45.24
C PRO E 64 -39.94 -19.30 -46.17
N THR E 65 -39.59 -18.06 -45.86
CA THR E 65 -40.01 -16.91 -46.64
C THR E 65 -39.23 -16.83 -47.95
N GLU E 66 -39.58 -15.83 -48.76
CA GLU E 66 -38.85 -15.58 -50.00
C GLU E 66 -37.48 -14.96 -49.75
N GLU E 67 -37.26 -14.38 -48.58
CA GLU E 67 -35.99 -13.78 -48.21
C GLU E 67 -35.10 -14.75 -47.45
N SER E 68 -35.68 -15.72 -46.75
CA SER E 68 -34.88 -16.72 -46.06
C SER E 68 -34.26 -17.72 -47.03
N ILE E 69 -34.90 -17.97 -48.17
CA ILE E 69 -34.32 -18.92 -49.13
C ILE E 69 -33.11 -18.31 -49.82
N SER E 70 -33.19 -17.03 -50.20
CA SER E 70 -32.06 -16.36 -50.85
C SER E 70 -30.89 -16.15 -49.89
N LYS E 71 -31.14 -16.14 -48.58
CA LYS E 71 -30.09 -16.05 -47.58
C LYS E 71 -29.67 -17.40 -47.05
N PHE E 72 -30.58 -18.36 -46.96
CA PHE E 72 -30.28 -19.71 -46.48
C PHE E 72 -30.91 -20.72 -47.42
N PRO E 73 -30.15 -21.26 -48.39
CA PRO E 73 -30.70 -22.30 -49.27
C PRO E 73 -30.88 -23.64 -48.58
N ASP E 74 -30.38 -23.82 -47.36
CA ASP E 74 -30.46 -25.12 -46.69
C ASP E 74 -31.80 -25.33 -46.00
N MET E 75 -32.55 -24.27 -45.74
CA MET E 75 -33.75 -24.35 -44.91
C MET E 75 -34.87 -25.12 -45.61
N GLY E 76 -35.40 -26.13 -44.91
CA GLY E 76 -36.57 -26.83 -45.36
C GLY E 76 -37.78 -26.48 -44.52
N SER E 77 -38.73 -27.40 -44.40
CA SER E 77 -39.95 -27.12 -43.66
C SER E 77 -39.73 -27.28 -42.17
N LEU E 78 -40.72 -26.82 -41.40
CA LEU E 78 -40.74 -26.89 -39.95
C LEU E 78 -42.09 -27.43 -39.49
N TRP E 79 -42.08 -28.26 -38.45
CA TRP E 79 -43.28 -28.90 -37.94
C TRP E 79 -43.32 -28.76 -36.43
N VAL E 80 -44.44 -28.26 -35.92
CA VAL E 80 -44.63 -28.03 -34.49
C VAL E 80 -45.67 -29.02 -34.00
N GLU E 81 -45.43 -29.60 -32.82
CA GLU E 81 -46.39 -30.52 -32.18
C GLU E 81 -46.63 -30.10 -30.74
N PHE E 82 -47.84 -29.66 -30.46
CA PHE E 82 -48.33 -29.58 -29.10
C PHE E 82 -48.96 -30.93 -28.77
N CYS E 83 -48.47 -31.57 -27.71
CA CYS E 83 -48.96 -32.88 -27.32
C CYS E 83 -50.03 -32.77 -26.25
N ASP E 84 -50.61 -33.92 -25.93
CA ASP E 84 -51.73 -34.01 -25.01
C ASP E 84 -51.40 -34.82 -23.77
N GLU E 85 -50.65 -35.90 -23.91
CA GLU E 85 -50.26 -36.70 -22.75
C GLU E 85 -49.23 -35.93 -21.93
N PRO E 86 -49.46 -35.75 -20.62
CA PRO E 86 -48.56 -34.91 -19.82
C PRO E 86 -47.21 -35.54 -19.52
N SER E 87 -47.03 -36.83 -19.82
CA SER E 87 -45.75 -37.51 -19.64
C SER E 87 -45.40 -38.16 -20.99
N VAL E 88 -44.49 -37.55 -21.72
CA VAL E 88 -44.09 -38.05 -23.03
C VAL E 88 -43.21 -39.27 -22.83
N GLY E 89 -43.71 -40.44 -23.23
CA GLY E 89 -42.98 -41.68 -23.10
C GLY E 89 -42.23 -42.04 -24.36
N VAL E 90 -41.72 -43.28 -24.37
CA VAL E 90 -40.91 -43.73 -25.49
C VAL E 90 -41.75 -44.14 -26.70
N LYS E 91 -43.06 -44.29 -26.54
CA LYS E 91 -43.91 -44.63 -27.66
C LYS E 91 -44.57 -43.42 -28.31
N THR E 92 -44.76 -42.32 -27.56
CA THR E 92 -45.34 -41.13 -28.13
C THR E 92 -44.32 -40.32 -28.92
N MET E 93 -43.04 -40.47 -28.58
CA MET E 93 -41.99 -39.79 -29.33
C MET E 93 -41.80 -40.42 -30.70
N LYS E 94 -41.97 -41.75 -30.81
CA LYS E 94 -41.76 -42.44 -32.08
C LYS E 94 -42.79 -42.05 -33.13
N THR E 95 -43.99 -41.66 -32.70
CA THR E 95 -44.97 -41.10 -33.64
C THR E 95 -44.47 -39.76 -34.19
N PHE E 96 -43.82 -38.97 -33.33
CA PHE E 96 -43.32 -37.67 -33.75
C PHE E 96 -42.08 -37.79 -34.63
N VAL E 97 -41.21 -38.76 -34.34
CA VAL E 97 -39.94 -38.87 -35.07
C VAL E 97 -40.16 -39.37 -36.49
N ILE E 98 -40.98 -40.43 -36.63
CA ILE E 98 -41.23 -41.01 -37.95
C ILE E 98 -42.07 -40.09 -38.82
N HIS E 99 -42.89 -39.22 -38.21
CA HIS E 99 -43.63 -38.22 -38.98
C HIS E 99 -42.70 -37.21 -39.63
N ILE E 100 -41.57 -36.91 -38.99
CA ILE E 100 -40.58 -36.03 -39.60
C ILE E 100 -39.83 -36.77 -40.71
N GLN E 101 -39.58 -38.07 -40.50
CA GLN E 101 -38.84 -38.87 -41.49
C GLN E 101 -39.63 -39.09 -42.76
N GLU E 102 -40.96 -39.10 -42.68
CA GLU E 102 -41.77 -39.44 -43.83
C GLU E 102 -42.09 -38.21 -44.68
N LYS E 103 -42.45 -37.10 -44.04
CA LYS E 103 -42.69 -35.85 -44.74
C LYS E 103 -41.46 -34.95 -44.78
N ASN E 104 -40.27 -35.55 -44.68
CA ASN E 104 -38.91 -34.97 -44.86
C ASN E 104 -38.74 -33.53 -44.35
N PHE E 105 -39.16 -33.31 -43.11
CA PHE E 105 -39.00 -31.99 -42.52
C PHE E 105 -37.52 -31.73 -42.21
N GLN E 106 -37.16 -30.44 -42.20
CA GLN E 106 -35.82 -30.05 -41.80
C GLN E 106 -35.71 -30.01 -40.28
N THR E 107 -36.67 -29.37 -39.62
CA THR E 107 -36.65 -29.17 -38.18
C THR E 107 -38.02 -29.50 -37.63
N GLY E 108 -38.06 -30.20 -36.50
CA GLY E 108 -39.33 -30.39 -35.82
C GLY E 108 -39.27 -30.05 -34.35
N ILE E 109 -39.97 -29.02 -33.92
CA ILE E 109 -39.96 -28.67 -32.50
C ILE E 109 -41.09 -29.42 -31.81
N PHE E 110 -41.04 -29.46 -30.49
CA PHE E 110 -41.85 -30.40 -29.72
C PHE E 110 -42.16 -29.76 -28.37
N VAL E 111 -43.38 -29.28 -28.20
CA VAL E 111 -43.81 -28.63 -26.98
C VAL E 111 -44.58 -29.63 -26.13
N TYR E 112 -44.15 -29.82 -24.89
CA TYR E 112 -44.77 -30.77 -23.98
C TYR E 112 -45.23 -30.06 -22.71
N GLN E 113 -45.87 -30.82 -21.82
CA GLN E 113 -46.46 -30.23 -20.61
C GLN E 113 -45.54 -30.28 -19.40
N ASN E 114 -45.17 -31.48 -18.96
CA ASN E 114 -44.51 -31.65 -17.68
C ASN E 114 -43.11 -32.24 -17.81
N ASN E 115 -42.98 -33.42 -18.41
CA ASN E 115 -41.70 -34.09 -18.46
C ASN E 115 -41.66 -35.01 -19.67
N ILE E 116 -40.45 -35.29 -20.14
CA ILE E 116 -40.20 -36.34 -21.10
C ILE E 116 -39.41 -37.43 -20.37
N THR E 117 -39.78 -38.68 -20.63
CA THR E 117 -39.09 -39.84 -20.09
C THR E 117 -37.61 -39.79 -20.47
N PRO E 118 -36.70 -40.06 -19.52
CA PRO E 118 -35.26 -40.05 -19.85
C PRO E 118 -34.84 -41.10 -20.85
N MET E 121 -35.80 -39.21 -24.18
CA MET E 121 -34.85 -38.20 -24.60
C MET E 121 -33.68 -38.78 -25.37
N LYS E 122 -33.59 -40.10 -25.50
CA LYS E 122 -32.63 -40.74 -26.38
C LYS E 122 -32.99 -40.60 -27.85
N LEU E 123 -34.22 -40.19 -28.15
CA LEU E 123 -34.72 -40.13 -29.52
C LEU E 123 -34.61 -38.75 -30.14
N VAL E 124 -34.66 -37.69 -29.35
CA VAL E 124 -34.57 -36.34 -29.89
C VAL E 124 -33.21 -35.93 -30.48
N PRO E 125 -32.05 -36.48 -30.11
CA PRO E 125 -30.88 -36.27 -30.97
C PRO E 125 -30.57 -37.41 -31.95
N SER E 126 -31.48 -38.39 -32.10
CA SER E 126 -31.11 -39.66 -32.70
C SER E 126 -30.94 -39.58 -34.22
N ILE E 127 -31.68 -38.72 -34.91
CA ILE E 127 -31.71 -38.76 -36.36
C ILE E 127 -30.97 -37.55 -36.92
N PRO E 128 -29.90 -37.75 -37.70
CA PRO E 128 -29.39 -36.68 -38.55
C PRO E 128 -30.00 -36.78 -39.94
N PRO E 129 -30.06 -35.68 -40.70
CA PRO E 129 -29.72 -34.30 -40.33
C PRO E 129 -30.92 -33.54 -39.76
N ALA E 130 -32.03 -34.24 -39.58
CA ALA E 130 -33.27 -33.62 -39.12
C ALA E 130 -33.17 -33.36 -37.63
N THR E 131 -32.89 -32.12 -37.26
CA THR E 131 -32.78 -31.76 -35.85
C THR E 131 -34.17 -31.60 -35.23
N ILE E 132 -34.27 -31.98 -33.96
CA ILE E 132 -35.53 -31.96 -33.23
C ILE E 132 -35.33 -31.14 -31.96
N GLU E 133 -36.12 -30.09 -31.80
CA GLU E 133 -36.01 -29.20 -30.66
C GLU E 133 -37.12 -29.49 -29.66
N THR E 134 -36.99 -28.93 -28.46
CA THR E 134 -37.80 -29.35 -27.32
C THR E 134 -38.04 -28.17 -26.40
N PHE E 135 -39.30 -27.92 -26.05
CA PHE E 135 -39.67 -26.78 -25.22
C PHE E 135 -40.75 -27.18 -24.21
N ASN E 136 -40.70 -26.58 -23.02
CA ASN E 136 -41.82 -26.65 -22.10
C ASN E 136 -42.96 -25.77 -22.59
N GLU E 137 -44.16 -26.03 -22.09
CA GLU E 137 -45.27 -25.14 -22.35
C GLU E 137 -45.34 -23.99 -21.36
N ALA E 138 -44.67 -24.10 -20.22
CA ALA E 138 -44.65 -23.04 -19.22
C ALA E 138 -43.44 -22.13 -19.36
N ALA E 139 -42.41 -22.55 -20.08
CA ALA E 139 -41.30 -21.67 -20.40
C ALA E 139 -41.60 -20.77 -21.58
N LEU E 140 -42.57 -21.14 -22.41
CA LEU E 140 -42.94 -20.36 -23.58
C LEU E 140 -44.02 -19.33 -23.29
N VAL E 141 -44.29 -19.03 -22.02
CA VAL E 141 -45.33 -18.08 -21.67
C VAL E 141 -44.93 -16.67 -22.07
N VAL E 142 -43.74 -16.24 -21.66
CA VAL E 142 -43.18 -14.96 -22.05
C VAL E 142 -42.07 -15.19 -23.06
N ASN E 143 -42.18 -14.53 -24.21
CA ASN E 143 -41.06 -14.48 -25.15
C ASN E 143 -39.97 -13.62 -24.54
N ILE E 144 -38.78 -14.21 -24.34
CA ILE E 144 -37.73 -13.48 -23.66
C ILE E 144 -37.03 -12.48 -24.55
N THR E 145 -37.18 -12.57 -25.87
CA THR E 145 -36.60 -11.56 -26.75
C THR E 145 -37.38 -10.25 -26.71
N HIS E 146 -38.56 -10.26 -26.10
CA HIS E 146 -39.33 -9.06 -25.84
C HIS E 146 -38.79 -8.23 -24.69
N HIS E 147 -37.92 -8.81 -23.85
CA HIS E 147 -37.45 -8.14 -22.65
C HIS E 147 -36.57 -6.93 -23.00
N GLU E 148 -36.49 -6.00 -22.06
CA GLU E 148 -35.75 -4.77 -22.29
C GLU E 148 -34.24 -5.01 -22.36
N LEU E 149 -33.73 -5.94 -21.58
CA LEU E 149 -32.29 -6.14 -21.46
C LEU E 149 -31.69 -7.00 -22.57
N VAL E 150 -32.51 -7.67 -23.38
CA VAL E 150 -31.96 -8.47 -24.46
C VAL E 150 -31.88 -7.61 -25.72
N PRO E 151 -30.85 -7.78 -26.52
CA PRO E 151 -30.79 -7.08 -27.81
C PRO E 151 -31.40 -7.89 -28.93
N LYS E 152 -31.40 -7.34 -30.14
CA LYS E 152 -31.86 -8.09 -31.30
C LYS E 152 -30.79 -9.09 -31.71
N HIS E 153 -31.10 -10.37 -31.63
CA HIS E 153 -30.18 -11.44 -32.01
C HIS E 153 -30.54 -11.88 -33.43
N ILE E 154 -29.58 -11.77 -34.35
CA ILE E 154 -29.79 -12.08 -35.76
C ILE E 154 -28.71 -13.05 -36.20
N ARG E 155 -29.10 -14.26 -36.59
CA ARG E 155 -28.12 -15.24 -37.05
C ARG E 155 -27.67 -14.90 -38.47
N LEU E 156 -26.39 -15.14 -38.74
CA LEU E 156 -25.77 -14.74 -39.99
C LEU E 156 -25.69 -15.93 -40.96
N SER E 157 -25.57 -15.60 -42.24
CA SER E 157 -25.50 -16.61 -43.29
C SER E 157 -24.10 -17.20 -43.37
N SER E 158 -23.88 -18.10 -44.33
CA SER E 158 -22.54 -18.58 -44.58
C SER E 158 -21.68 -17.50 -45.23
N ASP E 159 -22.28 -16.69 -46.10
CA ASP E 159 -21.54 -15.61 -46.74
C ASP E 159 -21.25 -14.48 -45.77
N GLU E 160 -22.17 -14.22 -44.84
CA GLU E 160 -21.96 -13.20 -43.84
C GLU E 160 -21.06 -13.67 -42.71
N LYS E 161 -20.86 -14.99 -42.58
CA LYS E 161 -19.87 -15.49 -41.64
C LYS E 161 -18.46 -15.35 -42.20
N ARG E 162 -18.29 -15.55 -43.51
CA ARG E 162 -16.97 -15.40 -44.13
C ARG E 162 -16.52 -13.96 -44.14
N GLU E 163 -17.44 -13.02 -44.37
CA GLU E 163 -17.08 -11.61 -44.42
C GLU E 163 -16.67 -11.09 -43.04
N LEU E 164 -17.21 -11.68 -41.98
CA LEU E 164 -16.79 -11.30 -40.64
C LEU E 164 -15.42 -11.85 -40.31
N LEU E 165 -15.16 -13.12 -40.65
CA LEU E 165 -13.87 -13.72 -40.37
C LEU E 165 -12.77 -13.19 -41.26
N LYS E 166 -13.12 -12.60 -42.41
CA LYS E 166 -12.12 -11.98 -43.28
C LYS E 166 -11.79 -10.58 -42.82
N ARG E 167 -12.78 -9.85 -42.29
CA ARG E 167 -12.57 -8.45 -41.93
C ARG E 167 -11.69 -8.33 -40.69
N TYR E 168 -11.98 -9.11 -39.66
CA TYR E 168 -11.20 -9.03 -38.43
C TYR E 168 -10.09 -10.06 -38.38
N ARG E 169 -9.95 -10.88 -39.43
CA ARG E 169 -8.92 -11.92 -39.57
C ARG E 169 -8.94 -12.88 -38.39
N LEU E 170 -10.13 -13.41 -38.11
CA LEU E 170 -10.38 -14.24 -36.95
C LEU E 170 -10.36 -15.71 -37.31
N LYS E 171 -10.08 -16.54 -36.30
CA LYS E 171 -10.44 -17.94 -36.38
C LYS E 171 -11.91 -18.08 -36.01
N GLU E 172 -12.43 -19.29 -36.21
CA GLU E 172 -13.82 -19.56 -35.84
C GLU E 172 -13.98 -19.59 -34.33
N SER E 173 -12.92 -19.93 -33.61
CA SER E 173 -12.96 -20.12 -32.17
C SER E 173 -12.33 -18.96 -31.40
N GLN E 174 -12.39 -17.75 -31.94
CA GLN E 174 -11.83 -16.58 -31.28
C GLN E 174 -12.85 -15.48 -31.04
N LEU E 175 -14.07 -15.66 -31.50
CA LEU E 175 -15.13 -14.69 -31.25
C LEU E 175 -15.60 -14.81 -29.81
N PRO E 176 -16.35 -13.84 -29.30
CA PRO E 176 -17.09 -14.07 -28.05
C PRO E 176 -18.08 -15.20 -28.23
N ARG E 177 -18.21 -16.01 -27.20
CA ARG E 177 -18.98 -17.25 -27.31
C ARG E 177 -20.35 -17.06 -26.69
N ILE E 178 -21.34 -17.70 -27.28
CA ILE E 178 -22.65 -17.88 -26.68
C ILE E 178 -22.84 -19.38 -26.49
N GLN E 179 -23.53 -19.76 -25.42
CA GLN E 179 -23.77 -21.18 -25.21
C GLN E 179 -24.84 -21.69 -26.17
N ARG E 180 -24.94 -23.00 -26.28
CA ARG E 180 -26.01 -23.60 -27.04
C ARG E 180 -27.26 -23.77 -26.19
N ALA E 181 -27.08 -23.86 -24.87
CA ALA E 181 -28.19 -24.08 -23.95
C ALA E 181 -28.57 -22.82 -23.18
N ASP E 182 -28.28 -21.65 -23.70
CA ASP E 182 -28.93 -20.50 -23.10
C ASP E 182 -30.27 -20.27 -23.79
N PRO E 183 -31.23 -19.57 -23.16
CA PRO E 183 -32.58 -19.52 -23.77
C PRO E 183 -32.71 -18.65 -25.02
N VAL E 184 -31.62 -18.12 -25.55
CA VAL E 184 -31.66 -17.33 -26.77
C VAL E 184 -31.18 -18.15 -27.97
N ALA E 185 -30.13 -18.95 -27.81
CA ALA E 185 -29.74 -19.86 -28.88
C ALA E 185 -30.69 -21.03 -28.99
N LEU E 186 -31.37 -21.40 -27.91
CA LEU E 186 -32.46 -22.36 -28.01
C LEU E 186 -33.66 -21.75 -28.70
N TYR E 187 -33.85 -20.44 -28.56
CA TYR E 187 -34.94 -19.74 -29.23
C TYR E 187 -34.73 -19.71 -30.73
N LEU E 188 -33.62 -19.15 -31.18
CA LEU E 188 -33.32 -19.06 -32.60
C LEU E 188 -32.91 -20.40 -33.21
N GLY E 189 -32.67 -21.42 -32.39
CA GLY E 189 -32.34 -22.74 -32.88
C GLY E 189 -30.98 -22.80 -33.52
N LEU E 190 -29.97 -22.28 -32.82
CA LEU E 190 -28.63 -22.20 -33.40
C LEU E 190 -27.95 -23.56 -33.28
N LYS E 191 -27.58 -24.13 -34.42
CA LYS E 191 -26.68 -25.27 -34.42
C LYS E 191 -25.27 -24.76 -34.18
N ARG E 192 -24.38 -25.65 -33.74
CA ARG E 192 -23.03 -25.24 -33.38
C ARG E 192 -22.24 -24.77 -34.59
N GLY E 193 -21.52 -23.67 -34.42
CA GLY E 193 -20.63 -23.17 -35.44
C GLY E 193 -21.15 -22.04 -36.28
N GLU E 194 -22.34 -21.53 -36.01
CA GLU E 194 -22.88 -20.41 -36.77
C GLU E 194 -22.99 -19.16 -35.91
N VAL E 195 -22.78 -18.02 -36.54
CA VAL E 195 -22.54 -16.75 -35.86
C VAL E 195 -23.84 -15.99 -35.77
N VAL E 196 -24.14 -15.46 -34.60
CA VAL E 196 -25.29 -14.58 -34.42
C VAL E 196 -24.77 -13.15 -34.36
N LYS E 197 -25.59 -12.21 -34.80
CA LYS E 197 -25.28 -10.79 -34.77
C LYS E 197 -26.17 -10.10 -33.74
N ILE E 198 -25.55 -9.30 -32.88
CA ILE E 198 -26.23 -8.71 -31.74
C ILE E 198 -26.13 -7.20 -31.89
N ILE E 199 -27.25 -6.56 -32.23
CA ILE E 199 -27.30 -5.11 -32.33
C ILE E 199 -27.60 -4.57 -30.93
N ARG E 200 -26.63 -3.90 -30.35
CA ARG E 200 -26.59 -3.64 -28.92
C ARG E 200 -26.73 -2.14 -28.68
N LYS E 201 -27.58 -1.76 -27.74
CA LYS E 201 -27.78 -0.36 -27.42
C LYS E 201 -26.85 0.04 -26.29
N SER E 202 -26.08 1.10 -26.50
CA SER E 202 -25.10 1.54 -25.53
C SER E 202 -25.48 2.91 -24.98
N GLU E 203 -24.74 3.32 -23.95
CA GLU E 203 -25.05 4.55 -23.25
C GLU E 203 -24.61 5.77 -24.05
N THR E 204 -23.39 5.75 -24.56
CA THR E 204 -22.81 6.90 -25.25
C THR E 204 -22.93 6.82 -26.76
N SER E 205 -22.70 5.64 -27.34
CA SER E 205 -22.70 5.51 -28.79
C SER E 205 -24.11 5.27 -29.33
N GLY E 206 -24.77 4.22 -28.85
CA GLY E 206 -26.07 3.87 -29.36
C GLY E 206 -26.08 2.46 -29.92
N ARG E 207 -26.55 2.31 -31.16
CA ARG E 207 -26.49 1.01 -31.81
C ARG E 207 -25.05 0.69 -32.19
N TYR E 208 -24.59 -0.49 -31.82
CA TYR E 208 -23.37 -1.01 -32.41
C TYR E 208 -23.47 -2.52 -32.46
N ALA E 209 -23.01 -3.09 -33.57
CA ALA E 209 -23.19 -4.50 -33.84
C ALA E 209 -22.05 -5.29 -33.23
N SER E 210 -22.37 -6.13 -32.26
CA SER E 210 -21.44 -7.14 -31.77
C SER E 210 -21.91 -8.49 -32.27
N TYR E 211 -21.07 -9.50 -32.08
CA TYR E 211 -21.30 -10.81 -32.65
C TYR E 211 -20.93 -11.87 -31.63
N ARG E 212 -21.63 -12.99 -31.68
CA ARG E 212 -21.26 -14.16 -30.89
C ARG E 212 -21.35 -15.40 -31.75
N ILE E 213 -20.58 -16.39 -31.36
CA ILE E 213 -20.61 -17.69 -32.03
C ILE E 213 -20.96 -18.73 -30.98
N CYS E 214 -21.69 -19.76 -31.40
CA CYS E 214 -22.14 -20.80 -30.50
C CYS E 214 -21.32 -22.06 -30.72
N MET E 215 -20.77 -22.61 -29.65
CA MET E 215 -20.00 -23.83 -29.69
C MET E 215 -20.66 -24.87 -28.81
N PRO F 55 21.57 -28.70 -46.98
CA PRO F 55 21.42 -28.08 -48.29
C PRO F 55 20.11 -28.44 -48.95
N GLU F 56 19.51 -29.54 -48.49
CA GLU F 56 18.19 -29.95 -48.95
C GLU F 56 17.11 -29.75 -47.91
N ASP F 57 17.45 -29.92 -46.62
CA ASP F 57 16.50 -29.62 -45.56
C ASP F 57 16.41 -28.12 -45.32
N PHE F 58 17.53 -27.40 -45.41
CA PHE F 58 17.50 -25.97 -45.16
C PHE F 58 16.89 -25.21 -46.32
N GLN F 59 17.12 -25.68 -47.55
CA GLN F 59 16.53 -25.04 -48.73
C GLN F 59 15.01 -25.14 -48.72
N GLN F 60 14.49 -26.30 -48.33
CA GLN F 60 13.03 -26.43 -48.20
C GLN F 60 12.52 -25.65 -46.99
N HIS F 61 13.30 -25.57 -45.92
CA HIS F 61 12.89 -24.77 -44.77
C HIS F 61 12.96 -23.29 -45.06
N GLU F 62 13.89 -22.86 -45.91
CA GLU F 62 13.97 -21.44 -46.25
C GLU F 62 12.82 -21.03 -47.16
N GLN F 63 12.40 -21.91 -48.06
CA GLN F 63 11.32 -21.59 -48.97
C GLN F 63 9.96 -21.64 -48.29
N ILE F 64 9.85 -22.31 -47.15
CA ILE F 64 8.63 -22.21 -46.35
C ILE F 64 8.67 -20.97 -45.45
N ARG F 65 9.85 -20.60 -44.97
CA ARG F 65 9.99 -19.40 -44.15
C ARG F 65 9.73 -18.13 -44.96
N ARG F 66 10.01 -18.16 -46.26
CA ARG F 66 9.81 -16.98 -47.10
C ARG F 66 8.51 -16.99 -47.88
N LYS F 67 7.78 -18.10 -47.88
CA LYS F 67 6.46 -18.14 -48.50
C LYS F 67 5.36 -17.73 -47.53
N THR F 68 5.44 -18.19 -46.27
CA THR F 68 4.46 -17.79 -45.28
C THR F 68 4.61 -16.32 -44.94
N LEU F 69 5.84 -15.81 -44.90
CA LEU F 69 6.08 -14.41 -44.64
C LEU F 69 5.70 -13.52 -45.83
N LYS F 70 5.51 -14.10 -47.01
CA LYS F 70 4.89 -13.42 -48.13
C LYS F 70 3.37 -13.49 -48.06
N GLU F 71 2.84 -14.59 -47.52
CA GLU F 71 1.40 -14.73 -47.34
C GLU F 71 0.89 -13.75 -46.29
N LYS F 72 1.68 -13.52 -45.23
CA LYS F 72 1.30 -12.55 -44.22
C LYS F 72 1.41 -11.11 -44.70
N ALA F 73 2.14 -10.86 -45.78
CA ALA F 73 2.39 -9.50 -46.23
C ALA F 73 1.16 -8.96 -46.95
N ILE F 74 0.43 -8.07 -46.30
CA ILE F 74 -0.71 -7.42 -46.93
C ILE F 74 -0.19 -6.40 -47.96
N PRO F 75 -0.65 -6.45 -49.21
CA PRO F 75 -0.14 -5.52 -50.21
C PRO F 75 -0.56 -4.08 -49.95
N LYS F 76 0.14 -3.16 -50.63
CA LYS F 76 0.04 -1.75 -50.32
C LYS F 76 -1.32 -1.17 -50.71
N ASP F 77 -1.97 -1.74 -51.72
CA ASP F 77 -3.28 -1.26 -52.12
C ASP F 77 -4.40 -1.81 -51.25
N GLN F 78 -4.15 -2.89 -50.51
CA GLN F 78 -5.18 -3.58 -49.75
C GLN F 78 -5.01 -3.41 -48.24
N ARG F 79 -4.38 -2.32 -47.82
CA ARG F 79 -4.14 -2.09 -46.40
C ARG F 79 -5.18 -1.14 -45.84
N ALA F 80 -5.60 -1.40 -44.60
CA ALA F 80 -6.83 -0.83 -44.08
C ALA F 80 -6.69 -0.15 -42.72
N THR F 81 -5.49 -0.01 -42.18
CA THR F 81 -5.32 0.59 -40.87
C THR F 81 -5.39 2.11 -40.97
N THR F 82 -5.10 2.78 -39.86
CA THR F 82 -5.27 4.22 -39.81
C THR F 82 -4.16 4.93 -40.56
N PRO F 83 -4.47 6.04 -41.24
CA PRO F 83 -3.43 6.83 -41.92
C PRO F 83 -2.65 7.77 -41.03
N TYR F 84 -2.77 7.65 -39.71
CA TYR F 84 -2.10 8.52 -38.77
C TYR F 84 -1.04 7.74 -38.01
N MET F 85 0.04 8.42 -37.66
CA MET F 85 1.09 7.81 -36.87
C MET F 85 0.69 7.95 -35.41
N THR F 86 0.48 6.83 -34.74
CA THR F 86 -0.09 6.81 -33.41
C THR F 86 0.94 7.32 -32.39
N LYS F 87 0.48 7.48 -31.15
CA LYS F 87 1.34 8.02 -30.10
C LYS F 87 2.44 7.05 -29.71
N TYR F 88 2.29 5.77 -30.03
CA TYR F 88 3.28 4.75 -29.75
C TYR F 88 4.29 4.65 -30.88
N GLU F 89 3.82 4.83 -32.11
CA GLU F 89 4.71 4.81 -33.26
C GLU F 89 5.58 6.06 -33.29
N ARG F 90 5.10 7.18 -32.77
CA ARG F 90 5.93 8.36 -32.68
C ARG F 90 6.99 8.20 -31.60
N ALA F 91 6.66 7.52 -30.51
CA ALA F 91 7.61 7.36 -29.42
C ALA F 91 8.71 6.37 -29.75
N ARG F 92 8.45 5.41 -30.64
CA ARG F 92 9.47 4.44 -31.01
C ARG F 92 10.26 4.89 -32.25
N ILE F 93 9.65 5.65 -33.15
CA ILE F 93 10.41 6.25 -34.25
C ILE F 93 11.44 7.23 -33.72
N LEU F 94 11.05 8.07 -32.75
CA LEU F 94 12.02 8.98 -32.17
C LEU F 94 13.03 8.25 -31.29
N GLY F 95 12.70 7.06 -30.80
CA GLY F 95 13.61 6.35 -29.94
C GLY F 95 14.60 5.48 -30.69
N THR F 96 14.12 4.75 -31.68
CA THR F 96 14.99 3.86 -32.45
C THR F 96 15.93 4.65 -33.34
N ARG F 97 15.47 5.82 -33.82
CA ARG F 97 16.36 6.67 -34.58
C ARG F 97 17.43 7.29 -33.69
N ALA F 98 17.06 7.69 -32.47
CA ALA F 98 18.03 8.34 -31.59
C ALA F 98 19.09 7.37 -31.09
N LEU F 99 18.80 6.08 -31.06
CA LEU F 99 19.87 5.12 -30.83
C LEU F 99 20.80 5.03 -32.03
N GLN F 100 20.28 5.23 -33.24
CA GLN F 100 21.12 5.17 -34.43
C GLN F 100 21.98 6.41 -34.56
N ILE F 101 21.43 7.59 -34.26
CA ILE F 101 22.18 8.84 -34.31
C ILE F 101 23.33 8.82 -33.31
N SER F 102 23.10 8.19 -32.15
CA SER F 102 24.14 8.06 -31.14
C SER F 102 25.19 7.03 -31.51
N MET F 103 24.91 6.15 -32.48
CA MET F 103 25.87 5.16 -32.95
C MET F 103 26.43 5.49 -34.33
N ASN F 104 26.53 6.79 -34.65
CA ASN F 104 27.16 7.30 -35.87
C ASN F 104 26.46 6.83 -37.16
N ALA F 105 25.15 6.91 -37.16
CA ALA F 105 24.44 6.78 -38.42
C ALA F 105 24.50 8.11 -39.17
N PRO F 106 24.35 8.10 -40.50
CA PRO F 106 24.30 9.37 -41.23
C PRO F 106 23.04 10.16 -40.90
N VAL F 107 23.24 11.44 -40.56
CA VAL F 107 22.16 12.35 -40.20
C VAL F 107 21.79 13.16 -41.43
N PHE F 108 20.50 13.21 -41.73
CA PHE F 108 20.02 13.83 -42.96
C PHE F 108 19.63 15.30 -42.80
N VAL F 109 19.78 15.87 -41.60
CA VAL F 109 19.32 17.22 -41.34
C VAL F 109 20.50 18.05 -40.84
N ASP F 110 20.44 19.35 -41.07
CA ASP F 110 21.50 20.23 -40.61
C ASP F 110 21.39 20.41 -39.10
N LEU F 111 22.51 20.20 -38.40
CA LEU F 111 22.55 20.33 -36.95
C LEU F 111 22.78 21.80 -36.60
N GLU F 112 21.87 22.37 -35.83
CA GLU F 112 22.06 23.74 -35.33
C GLU F 112 22.64 23.70 -33.92
N GLY F 113 23.78 23.02 -33.80
CA GLY F 113 24.41 22.87 -32.51
C GLY F 113 23.65 21.97 -31.54
N GLU F 114 23.00 20.93 -32.05
CA GLU F 114 22.30 19.98 -31.19
C GLU F 114 23.25 18.90 -30.73
N THR F 115 23.27 18.66 -29.42
CA THR F 115 24.11 17.64 -28.83
C THR F 115 23.31 16.48 -28.28
N ASP F 116 21.98 16.57 -28.26
CA ASP F 116 21.12 15.52 -27.77
C ASP F 116 20.68 14.68 -28.94
N PRO F 117 20.89 13.36 -28.93
CA PRO F 117 20.44 12.54 -30.06
C PRO F 117 18.93 12.47 -30.19
N LEU F 118 18.18 12.67 -29.10
CA LEU F 118 16.73 12.64 -29.20
C LEU F 118 16.18 13.92 -29.81
N ARG F 119 16.88 15.05 -29.62
CA ARG F 119 16.45 16.28 -30.26
C ARG F 119 16.73 16.28 -31.75
N ILE F 120 17.76 15.56 -32.18
CA ILE F 120 18.04 15.42 -33.61
C ILE F 120 16.97 14.55 -34.27
N ALA F 121 16.53 13.50 -33.56
CA ALA F 121 15.47 12.63 -34.07
C ALA F 121 14.14 13.39 -34.17
N MET F 122 13.88 14.29 -33.22
CA MET F 122 12.70 15.14 -33.32
C MET F 122 12.81 16.12 -34.48
N LYS F 123 14.03 16.51 -34.85
CA LYS F 123 14.20 17.42 -35.97
C LYS F 123 14.08 16.69 -37.30
N GLU F 124 14.54 15.42 -37.36
CA GLU F 124 14.44 14.68 -38.61
C GLU F 124 13.01 14.30 -38.93
N LEU F 125 12.15 14.17 -37.92
CA LEU F 125 10.76 13.85 -38.15
C LEU F 125 10.00 15.04 -38.71
N ALA F 126 10.46 16.27 -38.43
CA ALA F 126 9.76 17.45 -38.89
C ALA F 126 9.93 17.68 -40.39
N GLU F 127 11.06 17.29 -40.95
CA GLU F 127 11.26 17.31 -42.39
C GLU F 127 11.07 15.94 -43.04
N LYS F 128 10.52 14.98 -42.29
CA LYS F 128 10.20 13.62 -42.76
C LYS F 128 11.43 12.89 -43.30
N LYS F 129 12.60 13.14 -42.72
CA LYS F 129 13.86 12.62 -43.23
C LYS F 129 14.29 11.34 -42.54
N ILE F 130 13.40 10.71 -41.79
CA ILE F 130 13.73 9.48 -41.07
C ILE F 130 13.51 8.30 -42.01
N PRO F 131 14.54 7.49 -42.28
CA PRO F 131 14.40 6.34 -43.18
C PRO F 131 13.97 5.06 -42.46
N LEU F 132 12.86 5.13 -41.74
CA LEU F 132 12.35 3.99 -41.01
C LEU F 132 10.96 3.61 -41.51
N VAL F 133 10.55 2.38 -41.19
CA VAL F 133 9.30 1.81 -41.65
C VAL F 133 8.62 1.12 -40.46
N ILE F 134 7.34 1.45 -40.25
CA ILE F 134 6.52 0.79 -39.23
C ILE F 134 5.92 -0.47 -39.84
N ARG F 135 6.08 -1.61 -39.17
CA ARG F 135 5.44 -2.85 -39.59
C ARG F 135 4.29 -3.12 -38.63
N ARG F 136 3.08 -2.74 -39.03
CA ARG F 136 1.90 -2.85 -38.15
C ARG F 136 1.36 -4.28 -38.20
N TYR F 137 1.54 -5.02 -37.12
CA TYR F 137 1.06 -6.39 -37.07
C TYR F 137 -0.43 -6.46 -36.78
N LEU F 138 -1.09 -7.33 -37.49
CA LEU F 138 -2.46 -7.73 -37.26
C LEU F 138 -2.48 -8.97 -36.38
N PRO F 139 -3.59 -9.27 -35.70
CA PRO F 139 -3.60 -10.43 -34.79
C PRO F 139 -3.60 -11.77 -35.49
N ASP F 140 -3.82 -11.82 -36.79
CA ASP F 140 -3.65 -13.05 -37.55
C ASP F 140 -2.19 -13.48 -37.63
N GLY F 141 -1.26 -12.54 -37.44
CA GLY F 141 0.12 -12.71 -37.80
C GLY F 141 0.49 -11.95 -39.05
N SER F 142 -0.51 -11.53 -39.82
CA SER F 142 -0.29 -10.69 -40.99
C SER F 142 0.10 -9.29 -40.56
N PHE F 143 0.62 -8.51 -41.51
CA PHE F 143 1.15 -7.19 -41.22
C PHE F 143 0.93 -6.25 -42.38
N GLU F 144 1.12 -4.96 -42.11
CA GLU F 144 1.18 -3.92 -43.13
C GLU F 144 2.53 -3.24 -43.04
N ASP F 145 2.86 -2.43 -44.04
CA ASP F 145 4.12 -1.71 -44.06
C ASP F 145 3.84 -0.24 -44.33
N TRP F 146 4.19 0.60 -43.36
CA TRP F 146 3.93 2.03 -43.43
C TRP F 146 5.24 2.76 -43.21
N SER F 147 5.68 3.52 -44.21
CA SER F 147 6.86 4.33 -44.04
C SER F 147 6.50 5.60 -43.28
N VAL F 148 7.52 6.26 -42.74
CA VAL F 148 7.29 7.44 -41.90
C VAL F 148 6.84 8.62 -42.76
N GLU F 149 7.30 8.69 -44.01
CA GLU F 149 6.87 9.74 -44.92
C GLU F 149 5.40 9.62 -45.31
N GLU F 150 4.82 8.42 -45.24
CA GLU F 150 3.40 8.27 -45.52
C GLU F 150 2.54 8.72 -44.36
N LEU F 151 2.97 8.43 -43.13
CA LEU F 151 2.14 8.67 -41.97
C LEU F 151 2.14 10.16 -41.62
N ILE F 152 0.95 10.72 -41.45
CA ILE F 152 0.78 12.12 -41.09
C ILE F 152 0.59 12.22 -39.58
N VAL F 153 1.16 13.26 -39.00
CA VAL F 153 1.27 13.40 -37.55
C VAL F 153 0.11 14.24 -37.02
N ASP F 154 -0.52 13.76 -35.95
CA ASP F 154 -1.56 14.45 -35.19
C ASP F 154 -2.77 14.89 -36.04
N CYS G 37 41.34 -28.52 -55.67
CA CYS G 37 40.23 -28.96 -54.85
C CYS G 37 39.48 -27.76 -54.26
N ILE G 38 39.62 -26.61 -54.90
CA ILE G 38 38.85 -25.43 -54.52
C ILE G 38 37.41 -25.64 -54.99
N VAL G 39 36.45 -25.41 -54.09
CA VAL G 39 35.07 -25.77 -54.35
C VAL G 39 34.19 -24.55 -54.00
N ARG G 40 32.99 -24.52 -54.59
CA ARG G 40 32.06 -23.41 -54.46
C ARG G 40 30.87 -23.81 -53.61
N VAL G 41 30.69 -23.14 -52.48
CA VAL G 41 29.51 -23.30 -51.64
C VAL G 41 28.65 -22.04 -51.75
N PRO G 42 27.38 -22.16 -52.04
CA PRO G 42 26.47 -21.04 -51.78
C PRO G 42 25.90 -21.14 -50.36
N ILE G 43 25.98 -20.05 -49.60
CA ILE G 43 25.58 -20.07 -48.20
C ILE G 43 24.43 -19.10 -48.00
N ALA G 44 23.79 -19.21 -46.84
CA ALA G 44 22.81 -18.26 -46.36
C ALA G 44 23.17 -17.93 -44.93
N LEU G 45 23.52 -16.68 -44.67
CA LEU G 45 24.10 -16.26 -43.40
C LEU G 45 23.30 -15.13 -42.80
N TYR G 46 23.12 -15.18 -41.48
CA TYR G 46 22.32 -14.21 -40.75
C TYR G 46 23.27 -13.31 -39.97
N VAL G 47 23.35 -12.05 -40.36
CA VAL G 47 24.39 -11.15 -39.89
C VAL G 47 23.76 -9.96 -39.19
N SER G 48 24.62 -9.09 -38.66
CA SER G 48 24.24 -7.84 -38.06
C SER G 48 24.56 -6.71 -39.03
N LEU G 49 24.11 -5.51 -38.67
CA LEU G 49 24.38 -4.33 -39.49
C LEU G 49 24.38 -3.13 -38.55
N ALA G 50 25.56 -2.56 -38.32
CA ALA G 50 25.70 -1.40 -37.46
C ALA G 50 25.08 -0.18 -38.14
N PRO G 51 24.68 0.84 -37.36
CA PRO G 51 24.02 2.00 -37.97
C PRO G 51 24.92 2.85 -38.85
N MET G 52 26.24 2.71 -38.76
CA MET G 52 27.10 3.50 -39.63
C MET G 52 27.07 3.00 -41.07
N TYR G 53 26.58 1.79 -41.32
CA TYR G 53 26.44 1.26 -42.66
C TYR G 53 24.99 1.28 -43.13
N LEU G 54 24.17 2.13 -42.52
CA LEU G 54 22.78 2.31 -42.95
C LEU G 54 22.64 3.12 -44.23
N GLU G 55 23.74 3.62 -44.79
CA GLU G 55 23.73 4.14 -46.15
C GLU G 55 24.46 3.22 -47.13
N ASN G 56 25.24 2.26 -46.63
CA ASN G 56 25.97 1.32 -47.48
C ASN G 56 25.83 -0.07 -46.86
N PRO G 57 24.73 -0.77 -47.15
CA PRO G 57 24.50 -2.05 -46.49
C PRO G 57 25.36 -3.18 -47.04
N LEU G 58 25.68 -3.17 -48.33
CA LEU G 58 26.55 -4.21 -48.87
C LEU G 58 27.98 -4.02 -48.41
N GLN G 59 28.41 -2.78 -48.22
CA GLN G 59 29.77 -2.50 -47.78
C GLN G 59 29.97 -2.92 -46.32
N GLY G 60 28.91 -2.93 -45.53
CA GLY G 60 29.01 -3.25 -44.12
C GLY G 60 29.01 -4.72 -43.79
N VAL G 61 28.21 -5.51 -44.50
CA VAL G 61 28.20 -6.95 -44.29
C VAL G 61 29.53 -7.55 -44.73
N MET G 62 30.16 -6.96 -45.75
CA MET G 62 31.49 -7.40 -46.16
C MET G 62 32.53 -7.10 -45.09
N LYS G 63 32.56 -5.85 -44.60
CA LYS G 63 33.62 -5.44 -43.69
C LYS G 63 33.45 -6.01 -42.29
N GLN G 64 32.22 -6.37 -41.90
CA GLN G 64 32.03 -6.92 -40.57
C GLN G 64 32.09 -8.44 -40.55
N HIS G 65 31.56 -9.10 -41.56
CA HIS G 65 31.36 -10.54 -41.51
C HIS G 65 32.10 -11.32 -42.56
N LEU G 66 32.33 -10.74 -43.75
CA LEU G 66 32.94 -11.48 -44.84
C LEU G 66 34.44 -11.23 -44.99
N ASN G 67 34.90 -10.02 -44.71
CA ASN G 67 36.33 -9.76 -44.72
C ASN G 67 37.11 -10.37 -43.55
N PRO G 68 36.57 -10.53 -42.33
CA PRO G 68 37.24 -11.41 -41.37
C PRO G 68 37.10 -12.90 -41.67
N LEU G 69 36.43 -13.28 -42.76
CA LEU G 69 36.19 -14.69 -43.04
C LEU G 69 37.18 -15.26 -44.03
N VAL G 70 37.90 -14.42 -44.78
CA VAL G 70 38.83 -14.91 -45.80
C VAL G 70 40.09 -15.43 -45.13
N MET G 71 40.67 -16.48 -45.73
CA MET G 71 41.90 -17.15 -45.28
C MET G 71 41.79 -17.70 -43.86
N LYS G 72 40.61 -18.10 -43.44
CA LYS G 72 40.41 -18.79 -42.17
C LYS G 72 39.61 -20.05 -42.39
N TYR G 73 39.84 -21.04 -41.53
CA TYR G 73 39.02 -22.24 -41.54
C TYR G 73 37.64 -21.93 -40.99
N ASN G 74 36.63 -22.59 -41.55
CA ASN G 74 35.26 -22.44 -41.08
C ASN G 74 34.64 -23.82 -40.99
N ASN G 75 33.97 -24.08 -39.86
CA ASN G 75 33.44 -25.42 -39.62
C ASN G 75 32.23 -25.72 -40.49
N LYS G 76 31.35 -24.75 -40.67
CA LYS G 76 30.11 -24.97 -41.41
C LYS G 76 30.27 -24.76 -42.91
N VAL G 77 31.50 -24.73 -43.40
CA VAL G 77 31.81 -24.63 -44.82
C VAL G 77 32.60 -25.83 -45.29
N GLY G 78 33.64 -26.20 -44.55
CA GLY G 78 34.39 -27.40 -44.85
C GLY G 78 35.89 -27.19 -44.82
N GLY G 79 36.35 -26.05 -45.30
CA GLY G 79 37.77 -25.78 -45.35
C GLY G 79 38.12 -24.34 -45.05
N VAL G 80 39.03 -23.77 -45.83
CA VAL G 80 39.50 -22.41 -45.62
C VAL G 80 38.91 -21.52 -46.70
N VAL G 81 38.17 -20.51 -46.29
CA VAL G 81 37.49 -19.58 -47.19
C VAL G 81 38.54 -18.74 -47.89
N LEU G 82 38.65 -18.88 -49.22
CA LEU G 82 39.52 -18.03 -50.00
C LEU G 82 38.88 -16.66 -50.23
N GLY G 83 37.67 -16.65 -50.77
CA GLY G 83 36.98 -15.41 -51.03
C GLY G 83 35.49 -15.63 -51.18
N TYR G 84 34.79 -14.53 -51.45
CA TYR G 84 33.35 -14.53 -51.62
C TYR G 84 32.97 -13.82 -52.91
N GLU G 85 31.74 -14.02 -53.36
CA GLU G 85 31.29 -13.47 -54.62
C GLU G 85 29.78 -13.39 -54.63
N GLY G 86 29.25 -12.26 -55.11
CA GLY G 86 27.83 -12.10 -55.31
C GLY G 86 26.99 -12.00 -54.05
N LEU G 87 27.18 -10.93 -53.29
CA LEU G 87 26.44 -10.75 -52.05
C LEU G 87 25.07 -10.16 -52.36
N LYS G 88 24.03 -10.79 -51.83
CA LYS G 88 22.66 -10.31 -52.00
C LYS G 88 21.96 -10.32 -50.65
N ILE G 89 21.37 -9.20 -50.29
CA ILE G 89 20.65 -9.05 -49.02
C ILE G 89 19.19 -9.42 -49.24
N LEU G 90 18.69 -10.36 -48.44
CA LEU G 90 17.28 -10.73 -48.54
C LEU G 90 16.42 -9.62 -47.94
N ASP G 91 15.54 -9.07 -48.76
CA ASP G 91 14.70 -7.97 -48.34
C ASP G 91 13.63 -8.48 -47.37
N ALA G 92 13.29 -7.65 -46.39
CA ALA G 92 12.37 -8.08 -45.35
C ALA G 92 10.92 -8.06 -45.82
N ASP G 93 10.54 -7.10 -46.71
CA ASP G 93 9.21 -7.33 -47.27
C ASP G 93 9.31 -8.18 -48.52
N PRO G 94 8.47 -9.22 -48.67
CA PRO G 94 8.54 -10.04 -49.87
C PRO G 94 7.84 -9.44 -51.06
N LEU G 95 7.11 -8.36 -50.87
CA LEU G 95 6.33 -7.77 -51.95
C LEU G 95 7.19 -7.00 -52.94
N SER G 96 8.39 -6.61 -52.55
CA SER G 96 9.29 -5.89 -53.43
C SER G 96 9.96 -6.84 -54.41
N LYS G 97 10.65 -6.26 -55.38
CA LYS G 97 11.41 -7.02 -56.36
C LYS G 97 12.87 -7.14 -55.96
N GLU G 98 13.58 -8.04 -56.63
CA GLU G 98 15.04 -8.10 -56.48
C GLU G 98 15.74 -7.02 -57.29
N ASP G 99 15.03 -6.35 -58.19
CA ASP G 99 15.60 -5.26 -58.96
C ASP G 99 15.74 -3.98 -58.13
N THR G 100 14.95 -3.84 -57.07
CA THR G 100 14.92 -2.60 -56.32
C THR G 100 16.21 -2.41 -55.52
N SER G 101 16.59 -1.15 -55.35
CA SER G 101 17.76 -0.81 -54.57
C SER G 101 17.43 -0.66 -53.09
N GLU G 102 16.29 -0.07 -52.76
CA GLU G 102 15.91 0.13 -51.36
C GLU G 102 15.32 -1.15 -50.79
N LYS G 103 15.98 -1.70 -49.78
CA LYS G 103 15.56 -2.92 -49.11
C LYS G 103 15.33 -2.62 -47.63
N LEU G 104 14.77 -3.59 -46.92
CA LEU G 104 14.39 -3.44 -45.53
C LEU G 104 15.20 -4.36 -44.63
N ILE G 105 15.71 -3.82 -43.53
CA ILE G 105 16.45 -4.56 -42.53
C ILE G 105 15.72 -4.42 -41.21
N LYS G 106 15.51 -5.53 -40.51
CA LYS G 106 14.73 -5.49 -39.27
C LYS G 106 15.62 -5.06 -38.12
N ILE G 107 15.28 -3.93 -37.51
CA ILE G 107 16.02 -3.39 -36.38
C ILE G 107 15.67 -4.20 -35.13
N THR G 108 16.69 -4.54 -34.35
CA THR G 108 16.50 -5.13 -33.03
C THR G 108 15.74 -4.13 -32.15
N PRO G 109 14.82 -4.60 -31.30
CA PRO G 109 14.12 -3.65 -30.42
C PRO G 109 15.03 -2.96 -29.40
N ASP G 110 15.95 -3.70 -28.79
CA ASP G 110 16.77 -3.11 -27.73
C ASP G 110 17.88 -2.23 -28.29
N THR G 111 18.63 -2.73 -29.27
CA THR G 111 19.83 -2.12 -29.83
C THR G 111 19.54 -1.54 -31.20
N PRO G 112 20.29 -0.53 -31.65
CA PRO G 112 20.02 0.05 -32.98
C PRO G 112 20.53 -0.78 -34.15
N PHE G 113 20.94 -2.02 -33.96
CA PHE G 113 21.54 -2.74 -35.07
C PHE G 113 20.44 -3.46 -35.84
N GLY G 114 20.72 -3.74 -37.11
CA GLY G 114 19.78 -4.43 -37.98
C GLY G 114 20.26 -5.83 -38.30
N PHE G 115 19.34 -6.78 -38.31
CA PHE G 115 19.63 -8.16 -38.67
C PHE G 115 19.00 -8.50 -40.01
N THR G 116 19.71 -9.33 -40.77
CA THR G 116 19.25 -9.69 -42.11
C THR G 116 19.82 -11.04 -42.51
N TRP G 117 19.12 -11.69 -43.43
CA TRP G 117 19.66 -12.86 -44.12
C TRP G 117 20.37 -12.40 -45.38
N CYS G 118 21.50 -13.02 -45.68
CA CYS G 118 22.26 -12.69 -46.87
C CYS G 118 22.63 -13.96 -47.62
N HIS G 119 22.64 -13.88 -48.94
CA HIS G 119 23.16 -14.94 -49.80
C HIS G 119 24.48 -14.48 -50.41
N VAL G 120 25.48 -15.36 -50.38
CA VAL G 120 26.75 -15.09 -51.02
C VAL G 120 27.40 -16.43 -51.37
N ASN G 121 28.18 -16.43 -52.45
CA ASN G 121 28.88 -17.62 -52.93
C ASN G 121 30.31 -17.55 -52.39
N LEU G 122 30.61 -18.37 -51.40
CA LEU G 122 31.98 -18.49 -50.93
C LEU G 122 32.75 -19.44 -51.85
N TYR G 123 34.01 -19.11 -52.09
CA TYR G 123 34.95 -20.07 -52.65
C TYR G 123 35.86 -20.51 -51.52
N VAL G 124 36.04 -21.82 -51.39
CA VAL G 124 36.72 -22.39 -50.22
C VAL G 124 37.67 -23.48 -50.70
N TRP G 125 38.90 -23.44 -50.19
CA TRP G 125 39.83 -24.54 -50.36
C TRP G 125 39.60 -25.52 -49.22
N GLN G 126 39.19 -26.75 -49.57
CA GLN G 126 39.02 -27.78 -48.57
C GLN G 126 39.88 -28.99 -48.96
N PRO G 127 40.78 -29.44 -48.09
CA PRO G 127 41.41 -30.74 -48.30
C PRO G 127 40.64 -31.84 -47.58
N GLN G 128 40.70 -33.03 -48.17
CA GLN G 128 40.09 -34.22 -47.58
C GLN G 128 41.08 -35.37 -47.67
N VAL G 129 40.80 -36.43 -46.91
CA VAL G 129 41.68 -37.58 -46.86
C VAL G 129 41.56 -38.40 -48.15
N GLY G 130 42.66 -39.02 -48.55
CA GLY G 130 42.69 -39.78 -49.77
C GLY G 130 43.28 -39.02 -50.94
N ASP G 131 43.01 -37.71 -51.01
CA ASP G 131 43.44 -36.90 -52.13
C ASP G 131 44.94 -36.63 -52.08
N VAL G 132 45.53 -36.38 -53.24
CA VAL G 132 46.97 -36.17 -53.38
C VAL G 132 47.18 -34.73 -53.85
N LEU G 133 48.08 -34.01 -53.18
CA LEU G 133 48.31 -32.61 -53.47
C LEU G 133 49.79 -32.35 -53.75
N GLU G 134 50.04 -31.34 -54.56
CA GLU G 134 51.40 -30.84 -54.76
C GLU G 134 51.87 -30.10 -53.52
N GLY G 135 53.11 -30.35 -53.12
CA GLY G 135 53.65 -29.72 -51.93
C GLY G 135 55.00 -29.05 -52.14
N TYR G 136 55.04 -27.73 -52.01
CA TYR G 136 56.29 -26.99 -52.07
C TYR G 136 56.99 -27.04 -50.72
N ILE G 137 58.28 -27.35 -50.74
CA ILE G 137 59.04 -27.60 -49.51
C ILE G 137 59.34 -26.29 -48.79
N PHE G 138 59.04 -26.26 -47.48
CA PHE G 138 59.34 -25.10 -46.64
C PHE G 138 60.37 -25.37 -45.57
N ILE G 139 60.29 -26.51 -44.87
CA ILE G 139 61.27 -26.88 -43.84
C ILE G 139 61.58 -28.37 -44.00
N GLN G 140 62.87 -28.68 -44.17
CA GLN G 140 63.36 -30.06 -44.14
C GLN G 140 64.04 -30.31 -42.80
N SER G 141 63.37 -31.05 -41.93
CA SER G 141 63.91 -31.42 -40.63
C SER G 141 63.95 -32.94 -40.51
N ALA G 142 64.51 -33.41 -39.41
CA ALA G 142 64.65 -34.85 -39.20
C ALA G 142 63.39 -35.48 -38.62
N SER G 143 62.49 -34.68 -38.05
CA SER G 143 61.26 -35.19 -37.46
C SER G 143 60.03 -34.88 -38.29
N HIS G 144 59.78 -33.60 -38.59
CA HIS G 144 58.57 -33.15 -39.26
C HIS G 144 58.96 -32.37 -40.51
N ILE G 145 58.70 -32.94 -41.69
CA ILE G 145 58.86 -32.21 -42.93
C ILE G 145 57.71 -31.20 -43.04
N GLY G 146 58.01 -29.94 -42.77
CA GLY G 146 57.02 -28.89 -42.86
C GLY G 146 57.06 -28.24 -44.23
N LEU G 147 56.01 -28.45 -45.00
CA LEU G 147 55.95 -27.98 -46.38
C LEU G 147 54.70 -27.13 -46.57
N LEU G 148 54.69 -26.38 -47.68
CA LEU G 148 53.59 -25.50 -48.03
C LEU G 148 52.71 -26.17 -49.08
N ILE G 149 51.46 -25.69 -49.17
CA ILE G 149 50.53 -26.08 -50.22
C ILE G 149 49.98 -24.81 -50.83
N HIS G 150 50.16 -24.66 -52.15
CA HIS G 150 49.76 -23.47 -52.93
C HIS G 150 50.39 -22.19 -52.39
N ASP G 151 51.60 -22.32 -51.85
CA ASP G 151 52.43 -21.26 -51.25
C ASP G 151 51.80 -20.60 -50.03
N ALA G 152 50.69 -21.12 -49.51
CA ALA G 152 50.01 -20.54 -48.37
C ALA G 152 49.89 -21.49 -47.18
N PHE G 153 49.38 -22.70 -47.41
CA PHE G 153 48.90 -23.56 -46.34
C PHE G 153 49.98 -24.53 -45.88
N ASN G 154 50.19 -24.58 -44.57
CA ASN G 154 51.21 -25.44 -44.00
C ASN G 154 50.75 -26.89 -43.96
N ALA G 155 51.71 -27.81 -44.03
CA ALA G 155 51.45 -29.24 -43.98
C ALA G 155 52.59 -29.92 -43.26
N SER G 156 52.45 -31.22 -43.04
CA SER G 156 53.45 -31.98 -42.31
C SER G 156 53.40 -33.45 -42.71
N ILE G 157 54.58 -34.05 -42.86
CA ILE G 157 54.73 -35.49 -43.05
C ILE G 157 55.73 -35.98 -42.00
N LYS G 158 55.26 -36.82 -41.08
CA LYS G 158 56.09 -37.26 -39.98
C LYS G 158 57.08 -38.33 -40.43
N LYS G 159 58.00 -38.67 -39.53
CA LYS G 159 59.05 -39.64 -39.86
C LYS G 159 58.49 -41.06 -39.95
N ASN G 160 57.49 -41.40 -39.14
CA ASN G 160 56.88 -42.71 -39.26
C ASN G 160 56.01 -42.85 -40.52
N ASN G 161 55.58 -41.73 -41.10
CA ASN G 161 54.93 -41.77 -42.41
C ASN G 161 55.94 -41.98 -43.52
N ILE G 162 57.19 -41.58 -43.30
CA ILE G 162 58.27 -41.90 -44.25
C ILE G 162 58.64 -43.37 -44.09
N PRO G 163 58.75 -44.15 -45.16
CA PRO G 163 59.18 -45.54 -45.03
C PRO G 163 60.64 -45.65 -44.62
N VAL G 164 61.00 -46.87 -44.19
CA VAL G 164 62.30 -47.10 -43.55
C VAL G 164 63.43 -47.02 -44.57
N ASP G 165 63.17 -47.37 -45.82
CA ASP G 165 64.18 -47.44 -46.88
C ASP G 165 64.69 -46.05 -47.35
N TRP G 166 64.31 -44.94 -46.72
CA TRP G 166 64.86 -43.63 -47.04
C TRP G 166 65.70 -43.14 -45.87
N THR G 167 66.74 -42.38 -46.18
CA THR G 167 67.70 -41.92 -45.18
C THR G 167 67.76 -40.40 -45.19
N PHE G 168 68.21 -39.84 -44.07
CA PHE G 168 68.42 -38.42 -43.92
C PHE G 168 69.89 -38.18 -43.64
N VAL G 169 70.55 -37.41 -44.50
CA VAL G 169 71.95 -37.05 -44.27
C VAL G 169 71.99 -35.77 -43.45
N HIS G 170 73.09 -35.60 -42.72
CA HIS G 170 73.22 -34.45 -41.84
C HIS G 170 73.73 -33.24 -42.61
N ASN G 171 73.63 -32.09 -41.95
CA ASN G 171 74.19 -30.83 -42.48
C ASN G 171 74.85 -30.15 -41.28
N ASP G 172 76.14 -30.42 -41.09
CA ASP G 172 76.85 -29.90 -39.93
C ASP G 172 77.17 -28.42 -40.05
N VAL G 173 77.19 -27.89 -41.28
CA VAL G 173 77.47 -26.47 -41.47
C VAL G 173 76.25 -25.63 -41.14
N GLU G 174 75.11 -25.94 -41.75
CA GLU G 174 73.85 -25.28 -41.43
C GLU G 174 72.67 -26.22 -41.65
N LEU G 214 69.17 -29.71 -41.13
CA LEU G 214 68.78 -28.86 -42.24
C LEU G 214 69.37 -29.33 -43.57
N GLY G 215 69.66 -30.63 -43.65
CA GLY G 215 70.17 -31.21 -44.87
C GLY G 215 69.06 -31.60 -45.82
N HIS G 216 69.10 -32.83 -46.31
CA HIS G 216 68.05 -33.35 -47.16
C HIS G 216 67.81 -34.82 -46.85
N TRP G 217 66.59 -35.27 -47.14
CA TRP G 217 66.22 -36.68 -47.08
C TRP G 217 66.61 -37.35 -48.38
N VAL G 218 67.27 -38.50 -48.28
CA VAL G 218 67.69 -39.29 -49.44
C VAL G 218 66.64 -40.35 -49.69
N ASP G 219 66.10 -40.40 -50.90
CA ASP G 219 65.08 -41.37 -51.25
C ASP G 219 65.73 -42.67 -51.72
N SER G 220 64.92 -43.56 -52.31
CA SER G 220 65.45 -44.81 -52.84
C SER G 220 66.19 -44.62 -54.16
N ASN G 221 66.01 -43.47 -54.82
CA ASN G 221 66.76 -43.17 -56.05
C ASN G 221 68.17 -42.69 -55.78
N GLY G 222 68.53 -42.45 -54.52
CA GLY G 222 69.84 -41.93 -54.18
C GLY G 222 70.01 -40.48 -54.60
N GLU G 223 69.01 -39.65 -54.28
CA GLU G 223 69.02 -38.26 -54.70
C GLU G 223 68.30 -37.43 -53.64
N PRO G 224 68.65 -36.15 -53.50
CA PRO G 224 67.90 -35.29 -52.58
C PRO G 224 66.52 -34.95 -53.13
N ILE G 225 65.52 -35.05 -52.26
CA ILE G 225 64.17 -34.62 -52.62
C ILE G 225 64.11 -33.09 -52.54
N ASP G 226 63.44 -32.48 -53.52
CA ASP G 226 63.43 -31.03 -53.64
C ASP G 226 62.24 -30.61 -54.49
N GLY G 227 61.64 -29.48 -54.12
CA GLY G 227 60.51 -28.96 -54.85
C GLY G 227 59.20 -29.64 -54.53
N LYS G 228 58.60 -30.29 -55.52
CA LYS G 228 57.31 -30.93 -55.36
C LYS G 228 57.44 -32.24 -54.59
N LEU G 229 56.33 -32.65 -53.97
CA LEU G 229 56.25 -33.92 -53.26
C LEU G 229 54.77 -34.31 -53.20
N ARG G 230 54.35 -35.22 -54.07
CA ARG G 230 52.96 -35.66 -54.10
C ARG G 230 52.72 -36.69 -53.01
N PHE G 231 51.85 -36.36 -52.06
CA PHE G 231 51.58 -37.21 -50.92
C PHE G 231 50.07 -37.31 -50.71
N THR G 232 49.65 -38.43 -50.14
CA THR G 232 48.25 -38.63 -49.80
C THR G 232 47.94 -37.99 -48.46
N VAL G 233 46.77 -37.36 -48.37
CA VAL G 233 46.37 -36.66 -47.16
C VAL G 233 45.99 -37.69 -46.10
N ARG G 234 46.66 -37.65 -44.95
CA ARG G 234 46.38 -38.56 -43.85
C ARG G 234 45.36 -38.00 -42.87
N ASN G 235 45.54 -36.76 -42.44
CA ASN G 235 44.64 -36.16 -41.46
C ASN G 235 44.71 -34.64 -41.61
N VAL G 236 43.63 -33.98 -41.23
CA VAL G 236 43.53 -32.52 -41.32
C VAL G 236 43.29 -31.99 -39.91
N HIS G 237 44.14 -31.06 -39.47
CA HIS G 237 44.09 -30.53 -38.10
C HIS G 237 43.74 -29.05 -38.18
N THR G 238 42.52 -28.71 -37.77
CA THR G 238 41.95 -27.39 -37.98
C THR G 238 41.68 -26.63 -36.69
N THR G 239 42.02 -27.19 -35.54
CA THR G 239 41.59 -26.61 -34.27
C THR G 239 42.41 -25.38 -33.91
N GLY G 240 43.67 -25.33 -34.35
CA GLY G 240 44.58 -24.28 -33.96
C GLY G 240 44.36 -22.95 -34.67
N ARG G 241 45.46 -22.21 -34.84
CA ARG G 241 45.38 -20.89 -35.48
C ARG G 241 45.16 -21.03 -36.97
N VAL G 242 46.03 -21.77 -37.65
CA VAL G 242 45.89 -22.05 -39.07
C VAL G 242 45.63 -23.54 -39.23
N VAL G 243 45.28 -23.93 -40.45
CA VAL G 243 45.03 -25.34 -40.75
C VAL G 243 46.38 -26.02 -40.97
N SER G 244 46.45 -27.30 -40.61
CA SER G 244 47.62 -28.13 -40.86
C SER G 244 47.17 -29.45 -41.46
N VAL G 245 47.98 -29.98 -42.38
CA VAL G 245 47.63 -31.19 -43.12
C VAL G 245 48.65 -32.27 -42.79
N ASP G 246 48.19 -33.34 -42.16
CA ASP G 246 49.04 -34.51 -41.91
C ASP G 246 49.14 -35.32 -43.19
N GLY G 247 50.36 -35.67 -43.57
CA GLY G 247 50.61 -36.41 -44.79
C GLY G 247 51.29 -37.73 -44.52
N THR G 248 50.84 -38.77 -45.23
CA THR G 248 51.47 -40.08 -45.20
C THR G 248 51.95 -40.42 -46.60
N LEU G 249 52.81 -41.44 -46.68
CA LEU G 249 53.51 -41.77 -47.92
C LEU G 249 53.26 -43.21 -48.34
N ILE G 250 52.09 -43.75 -48.02
CA ILE G 250 51.70 -45.09 -48.45
C ILE G 250 50.52 -44.97 -49.40
N SER G 251 50.50 -45.84 -50.41
CA SER G 251 49.45 -45.83 -51.44
C SER G 251 49.33 -47.20 -52.10
N ASN H 3 -15.31 60.38 -31.48
CA ASN H 3 -16.75 60.53 -31.68
C ASN H 3 -17.50 60.07 -30.43
N THR H 4 -18.51 60.85 -30.04
CA THR H 4 -19.31 60.54 -28.86
C THR H 4 -20.48 59.65 -29.23
N LEU H 5 -20.60 58.52 -28.54
CA LEU H 5 -21.63 57.54 -28.85
C LEU H 5 -22.90 57.70 -28.02
N PHE H 6 -22.81 58.32 -26.84
CA PHE H 6 -23.95 58.41 -25.94
C PHE H 6 -23.74 59.56 -24.98
N ASP H 7 -24.81 60.32 -24.74
CA ASP H 7 -24.82 61.43 -23.78
C ASP H 7 -26.15 61.44 -23.07
N ASP H 8 -26.10 61.42 -21.73
CA ASP H 8 -27.30 61.54 -20.91
C ASP H 8 -26.85 61.90 -19.49
N ILE H 9 -27.78 62.47 -18.74
CA ILE H 9 -27.54 62.84 -17.35
C ILE H 9 -28.40 61.93 -16.50
N PHE H 10 -27.76 61.09 -15.70
CA PHE H 10 -28.43 60.14 -14.84
C PHE H 10 -28.47 60.66 -13.41
N GLN H 11 -29.42 60.14 -12.64
CA GLN H 11 -29.54 60.46 -11.23
C GLN H 11 -29.50 59.16 -10.43
N VAL H 12 -28.69 59.15 -9.38
CA VAL H 12 -28.44 57.92 -8.63
C VAL H 12 -29.60 57.65 -7.70
N SER H 13 -30.14 56.43 -7.75
CA SER H 13 -31.21 56.03 -6.85
C SER H 13 -30.68 55.39 -5.58
N GLU H 14 -29.70 54.49 -5.70
CA GLU H 14 -29.10 53.87 -4.53
C GLU H 14 -27.66 53.48 -4.85
N VAL H 15 -26.82 53.49 -3.82
CA VAL H 15 -25.42 53.09 -3.91
C VAL H 15 -25.23 51.91 -2.96
N ASP H 16 -24.93 50.74 -3.51
CA ASP H 16 -24.80 49.54 -2.70
C ASP H 16 -23.33 49.18 -2.57
N PRO H 17 -22.77 49.15 -1.35
CA PRO H 17 -21.40 48.65 -1.18
C PRO H 17 -21.27 47.17 -1.50
N GLY H 18 -22.06 46.35 -0.81
CA GLY H 18 -22.10 44.92 -1.04
C GLY H 18 -20.81 44.20 -0.71
N ARG H 19 -20.34 44.33 0.54
CA ARG H 19 -19.19 43.61 1.09
C ARG H 19 -17.91 43.82 0.27
N TYR H 20 -17.78 44.98 -0.35
CA TYR H 20 -16.55 45.40 -0.99
C TYR H 20 -16.01 46.61 -0.23
N ASN H 21 -14.69 46.75 -0.21
CA ASN H 21 -14.09 47.89 0.47
C ASN H 21 -14.02 49.13 -0.43
N LYS H 22 -13.85 48.95 -1.72
CA LYS H 22 -13.56 50.09 -2.58
C LYS H 22 -14.58 50.33 -3.68
N VAL H 23 -15.22 49.30 -4.22
CA VAL H 23 -16.16 49.48 -5.31
C VAL H 23 -17.59 49.47 -4.78
N CYS H 24 -18.49 50.06 -5.56
CA CYS H 24 -19.93 50.06 -5.29
C CYS H 24 -20.66 49.98 -6.61
N ARG H 25 -21.90 49.51 -6.56
CA ARG H 25 -22.74 49.49 -7.75
C ARG H 25 -23.72 50.65 -7.70
N ILE H 26 -24.05 51.19 -8.87
CA ILE H 26 -24.83 52.40 -9.00
C ILE H 26 -26.07 52.07 -9.80
N GLU H 27 -27.22 52.02 -9.15
CA GLU H 27 -28.49 51.98 -9.86
C GLU H 27 -28.90 53.41 -10.16
N ALA H 28 -28.89 53.78 -11.43
CA ALA H 28 -29.24 55.13 -11.84
C ALA H 28 -30.44 55.09 -12.76
N ALA H 29 -30.96 56.28 -13.06
CA ALA H 29 -32.08 56.44 -13.97
C ALA H 29 -31.94 57.79 -14.66
N SER H 30 -32.43 57.86 -15.89
CA SER H 30 -32.27 59.05 -16.70
C SER H 30 -33.20 60.16 -16.23
N THR H 31 -32.68 61.39 -16.23
CA THR H 31 -33.49 62.53 -15.85
C THR H 31 -34.31 63.10 -17.01
N THR H 32 -34.08 62.62 -18.23
CA THR H 32 -34.86 63.03 -19.38
C THR H 32 -35.85 61.95 -19.82
N GLN H 33 -35.36 60.75 -20.07
CA GLN H 33 -36.25 59.63 -20.40
C GLN H 33 -36.59 58.84 -19.14
N ASP H 34 -37.68 58.08 -19.24
CA ASP H 34 -38.07 57.18 -18.17
C ASP H 34 -37.70 55.74 -18.44
N GLN H 35 -37.64 55.34 -19.70
CA GLN H 35 -37.29 53.99 -20.08
C GLN H 35 -35.79 53.73 -20.04
N CYS H 36 -34.97 54.78 -19.91
CA CYS H 36 -33.53 54.64 -19.85
C CYS H 36 -33.07 54.62 -18.41
N LYS H 37 -32.32 53.59 -18.03
CA LYS H 37 -31.77 53.48 -16.70
C LYS H 37 -30.37 52.88 -16.79
N LEU H 38 -29.62 52.98 -15.70
CA LEU H 38 -28.19 52.69 -15.71
C LEU H 38 -27.82 51.85 -14.50
N THR H 39 -27.02 50.82 -14.73
CA THR H 39 -26.40 50.02 -13.69
C THR H 39 -24.91 50.03 -13.95
N LEU H 40 -24.11 50.38 -12.94
CA LEU H 40 -22.71 50.67 -13.17
C LEU H 40 -21.90 50.36 -11.90
N ASP H 41 -20.76 49.72 -12.09
CA ASP H 41 -19.81 49.48 -11.01
C ASP H 41 -18.70 50.53 -11.08
N ILE H 42 -18.60 51.37 -10.06
CA ILE H 42 -17.51 52.31 -9.92
C ILE H 42 -16.91 52.15 -8.54
N ASN H 43 -15.65 52.57 -8.40
CA ASN H 43 -15.03 52.58 -7.09
C ASN H 43 -15.17 53.96 -6.44
N VAL H 44 -15.51 53.96 -5.16
CA VAL H 44 -15.93 55.17 -4.46
C VAL H 44 -14.86 55.70 -3.53
N GLU H 45 -13.74 54.99 -3.39
CA GLU H 45 -12.62 55.58 -2.68
C GLU H 45 -11.82 56.50 -3.59
N LEU H 46 -11.99 56.35 -4.89
CA LEU H 46 -11.34 57.14 -5.91
C LEU H 46 -12.29 58.11 -6.61
N PHE H 47 -13.57 57.78 -6.67
CA PHE H 47 -14.59 58.69 -7.18
C PHE H 47 -15.84 58.51 -6.34
N PRO H 48 -15.97 59.28 -5.26
CA PRO H 48 -17.09 59.05 -4.33
C PRO H 48 -18.40 59.59 -4.86
N VAL H 49 -19.45 58.80 -4.68
CA VAL H 49 -20.82 59.17 -5.04
C VAL H 49 -21.73 58.83 -3.87
N ALA H 50 -22.87 59.54 -3.82
CA ALA H 50 -23.90 59.22 -2.84
C ALA H 50 -25.23 59.08 -3.56
N ALA H 51 -26.31 58.88 -2.81
CA ALA H 51 -27.62 58.79 -3.41
C ALA H 51 -28.11 60.18 -3.80
N GLN H 52 -28.98 60.21 -4.82
CA GLN H 52 -29.59 61.43 -5.36
C GLN H 52 -28.54 62.41 -5.89
N ASP H 53 -27.51 61.88 -6.54
CA ASP H 53 -26.50 62.69 -7.22
C ASP H 53 -26.75 62.66 -8.73
N SER H 54 -26.67 63.82 -9.36
CA SER H 54 -26.81 63.90 -10.81
C SER H 54 -25.44 63.70 -11.47
N LEU H 55 -25.35 62.69 -12.31
CA LEU H 55 -24.11 62.33 -12.99
C LEU H 55 -24.27 62.44 -14.49
N THR H 56 -23.34 63.13 -15.15
CA THR H 56 -23.30 63.16 -16.61
C THR H 56 -22.49 61.97 -17.09
N VAL H 57 -23.13 61.06 -17.82
CA VAL H 57 -22.50 59.82 -18.29
C VAL H 57 -22.31 59.92 -19.79
N THR H 58 -21.07 59.74 -20.25
CA THR H 58 -20.73 59.80 -21.66
C THR H 58 -20.00 58.53 -22.05
N ILE H 59 -20.50 57.85 -23.08
CA ILE H 59 -19.79 56.73 -23.69
C ILE H 59 -19.22 57.20 -25.02
N ALA H 60 -17.90 57.12 -25.17
CA ALA H 60 -17.23 57.60 -26.36
C ALA H 60 -16.38 56.51 -26.97
N SER H 61 -16.06 56.68 -28.25
CA SER H 61 -15.30 55.68 -28.98
C SER H 61 -13.81 55.83 -28.77
N SER H 62 -13.30 57.06 -28.83
CA SER H 62 -11.89 57.34 -28.56
C SER H 62 -11.81 58.67 -27.81
N LEU H 63 -10.68 58.88 -27.15
CA LEU H 63 -10.45 60.10 -26.38
C LEU H 63 -9.74 61.16 -27.21
N ASN H 64 -10.29 61.49 -28.38
CA ASN H 64 -9.64 62.46 -29.25
C ASN H 64 -10.64 63.48 -29.80
N SER H 78 -0.76 52.62 -28.98
CA SER H 78 -1.34 52.05 -27.76
C SER H 78 -1.36 53.09 -26.65
N TRP H 79 -1.40 52.64 -25.41
CA TRP H 79 -1.48 53.52 -24.26
C TRP H 79 -0.09 53.94 -23.79
N ARG H 80 0.03 55.18 -23.34
CA ARG H 80 1.24 55.73 -22.77
C ARG H 80 0.77 56.65 -21.65
N PRO H 81 1.42 56.62 -20.49
CA PRO H 81 0.98 57.48 -19.38
C PRO H 81 1.17 58.95 -19.72
N PRO H 82 0.32 59.85 -19.20
CA PRO H 82 0.21 61.20 -19.76
C PRO H 82 1.42 62.07 -19.51
N GLN H 83 2.20 62.26 -20.58
CA GLN H 83 3.28 63.23 -20.59
C GLN H 83 2.70 64.62 -20.81
N ALA H 84 3.42 65.62 -20.32
CA ALA H 84 2.86 66.96 -20.18
C ALA H 84 2.65 67.61 -21.54
N GLY H 85 1.45 68.11 -21.76
CA GLY H 85 1.09 68.76 -23.00
C GLY H 85 0.13 68.00 -23.91
N ASP H 86 -0.56 66.99 -23.39
CA ASP H 86 -1.47 66.20 -24.19
C ASP H 86 -2.91 66.66 -23.98
N ARG H 87 -3.64 66.77 -25.08
CA ARG H 87 -5.07 67.04 -25.06
C ARG H 87 -5.84 65.74 -25.13
N SER H 88 -6.98 65.69 -24.44
CA SER H 88 -7.79 64.49 -24.40
C SER H 88 -9.24 64.87 -24.19
N LEU H 89 -10.13 63.96 -24.57
CA LEU H 89 -11.55 64.17 -24.32
C LEU H 89 -11.91 63.85 -22.87
N ALA H 90 -11.01 63.17 -22.15
CA ALA H 90 -11.19 62.90 -20.73
C ALA H 90 -10.89 64.11 -19.86
N ASP H 91 -10.34 65.18 -20.42
CA ASP H 91 -9.93 66.34 -19.63
C ASP H 91 -11.11 67.11 -19.06
N ASP H 92 -12.30 66.94 -19.63
CA ASP H 92 -13.49 67.64 -19.16
C ASP H 92 -14.31 66.80 -18.17
N TYR H 93 -13.84 65.61 -17.81
CA TYR H 93 -14.56 64.68 -16.96
C TYR H 93 -13.74 64.34 -15.74
N ASP H 94 -14.43 63.87 -14.69
CA ASP H 94 -13.74 63.49 -13.46
C ASP H 94 -13.25 62.05 -13.52
N TYR H 95 -14.15 61.11 -13.79
CA TYR H 95 -13.87 59.67 -13.72
C TYR H 95 -14.13 59.07 -15.10
N VAL H 96 -13.09 58.49 -15.69
CA VAL H 96 -13.22 57.86 -17.00
C VAL H 96 -12.74 56.42 -16.90
N MET H 97 -13.27 55.56 -17.77
CA MET H 97 -12.88 54.15 -17.82
C MET H 97 -12.73 53.71 -19.26
N TYR H 98 -12.46 52.41 -19.43
CA TYR H 98 -12.27 51.80 -20.75
C TYR H 98 -12.51 50.32 -20.63
N GLY H 99 -13.41 49.78 -21.46
CA GLY H 99 -13.81 48.39 -21.37
C GLY H 99 -14.26 47.84 -22.70
N THR H 100 -15.16 46.87 -22.65
CA THR H 100 -15.51 46.09 -23.83
C THR H 100 -16.97 45.67 -23.77
N ALA H 101 -17.71 45.94 -24.84
CA ALA H 101 -19.05 45.39 -24.98
C ALA H 101 -18.99 43.90 -25.20
N TYR H 102 -19.77 43.14 -24.44
CA TYR H 102 -19.80 41.70 -24.61
C TYR H 102 -21.17 41.13 -24.92
N LYS H 103 -22.25 41.88 -24.73
CA LYS H 103 -23.57 41.29 -24.87
C LYS H 103 -24.60 42.35 -25.18
N PHE H 104 -25.41 42.10 -26.21
CA PHE H 104 -26.59 42.89 -26.53
C PHE H 104 -27.80 41.99 -26.39
N GLU H 105 -28.79 42.40 -25.61
CA GLU H 105 -30.03 41.66 -25.55
C GLU H 105 -31.20 42.59 -25.87
N GLU H 106 -32.30 41.97 -26.28
CA GLU H 106 -33.55 42.67 -26.58
C GLU H 106 -34.50 42.41 -25.42
N VAL H 107 -34.75 43.43 -24.60
CA VAL H 107 -35.62 43.27 -23.44
C VAL H 107 -37.06 43.09 -23.88
N SER H 108 -37.58 44.07 -24.61
CA SER H 108 -38.91 44.00 -25.21
C SER H 108 -38.87 44.83 -26.48
N LYS H 109 -40.04 45.21 -26.99
CA LYS H 109 -40.09 46.16 -28.08
C LYS H 109 -39.66 47.54 -27.58
N ASP H 110 -38.89 48.24 -28.42
CA ASP H 110 -38.34 49.57 -28.19
C ASP H 110 -37.40 49.64 -26.98
N LEU H 111 -36.86 48.51 -26.53
CA LEU H 111 -35.95 48.50 -25.38
C LEU H 111 -34.81 47.54 -25.66
N ILE H 112 -33.59 48.06 -25.64
CA ILE H 112 -32.37 47.28 -25.84
C ILE H 112 -31.49 47.48 -24.63
N ALA H 113 -31.00 46.39 -24.05
CA ALA H 113 -30.03 46.46 -22.97
C ALA H 113 -28.64 46.23 -23.54
N VAL H 114 -27.68 47.03 -23.09
CA VAL H 114 -26.31 46.98 -23.56
C VAL H 114 -25.40 46.75 -22.36
N TYR H 115 -24.60 45.70 -22.44
CA TYR H 115 -23.72 45.29 -21.33
C TYR H 115 -22.29 45.63 -21.69
N TYR H 116 -21.62 46.42 -20.85
CA TYR H 116 -20.18 46.60 -20.99
C TYR H 116 -19.47 45.90 -19.84
N SER H 117 -18.16 45.69 -20.02
CA SER H 117 -17.34 45.09 -18.98
C SER H 117 -16.04 45.89 -18.93
N PHE H 118 -15.89 46.68 -17.87
CA PHE H 118 -14.73 47.56 -17.73
C PHE H 118 -13.71 46.85 -16.85
N GLY H 119 -13.03 45.88 -17.46
CA GLY H 119 -12.03 45.09 -16.77
C GLY H 119 -12.55 44.25 -15.63
N GLY H 120 -13.83 43.91 -15.64
CA GLY H 120 -14.46 43.15 -14.58
C GLY H 120 -15.50 43.93 -13.80
N LEU H 121 -15.50 45.25 -13.91
CA LEU H 121 -16.53 46.08 -13.31
C LEU H 121 -17.63 46.28 -14.34
N LEU H 122 -18.77 45.62 -14.13
CA LEU H 122 -19.78 45.49 -15.15
C LEU H 122 -20.59 46.78 -15.31
N MET H 123 -21.39 46.82 -16.37
CA MET H 123 -22.27 47.96 -16.62
C MET H 123 -23.47 47.45 -17.40
N ARG H 124 -24.64 48.02 -17.13
CA ARG H 124 -25.87 47.67 -17.84
C ARG H 124 -26.60 48.94 -18.22
N LEU H 125 -26.77 49.17 -19.52
CA LEU H 125 -27.45 50.37 -20.01
C LEU H 125 -28.65 49.94 -20.85
N GLU H 126 -29.84 50.02 -20.26
CA GLU H 126 -31.08 49.69 -20.93
C GLU H 126 -31.78 50.98 -21.36
N GLY H 127 -32.36 50.97 -22.56
CA GLY H 127 -33.06 52.14 -23.06
C GLY H 127 -33.56 51.90 -24.47
N ASN H 128 -34.07 52.97 -25.06
CA ASN H 128 -34.62 52.91 -26.40
C ASN H 128 -33.51 52.77 -27.45
N TYR H 129 -33.82 52.06 -28.53
CA TYR H 129 -32.81 51.78 -29.55
C TYR H 129 -32.57 52.95 -30.49
N ARG H 130 -33.25 54.07 -30.32
CA ARG H 130 -32.86 55.28 -31.03
C ARG H 130 -31.83 56.08 -30.25
N ASN H 131 -31.73 55.86 -28.95
CA ASN H 131 -30.70 56.47 -28.13
C ASN H 131 -29.46 55.59 -28.05
N LEU H 132 -29.64 54.27 -28.05
CA LEU H 132 -28.55 53.32 -27.91
C LEU H 132 -28.14 52.72 -29.24
N ASN H 133 -28.31 53.45 -30.34
CA ASN H 133 -28.05 52.86 -31.65
C ASN H 133 -26.57 52.89 -31.99
N ASN H 134 -25.85 53.92 -31.53
CA ASN H 134 -24.43 54.05 -31.82
C ASN H 134 -23.55 53.10 -31.02
N LEU H 135 -24.11 52.43 -30.01
CA LEU H 135 -23.32 51.54 -29.17
C LEU H 135 -23.17 50.19 -29.87
N LYS H 136 -21.97 49.93 -30.38
CA LYS H 136 -21.70 48.70 -31.10
C LYS H 136 -20.84 47.78 -30.25
N GLN H 137 -20.81 46.50 -30.65
CA GLN H 137 -20.06 45.49 -29.89
C GLN H 137 -18.57 45.68 -30.13
N GLU H 138 -17.95 46.51 -29.31
CA GLU H 138 -16.54 46.88 -29.46
C GLU H 138 -16.06 47.46 -28.14
N ASN H 139 -14.84 47.98 -28.16
CA ASN H 139 -14.31 48.68 -26.99
C ASN H 139 -14.86 50.09 -26.93
N ALA H 140 -15.03 50.61 -25.72
CA ALA H 140 -15.60 51.94 -25.54
C ALA H 140 -15.09 52.57 -24.27
N TYR H 141 -14.98 53.89 -24.29
CA TYR H 141 -14.60 54.70 -23.14
C TYR H 141 -15.87 55.22 -22.47
N LEU H 142 -15.99 55.04 -21.17
CA LEU H 142 -17.11 55.59 -20.41
C LEU H 142 -16.57 56.66 -19.47
N LEU H 143 -17.28 57.79 -19.41
CA LEU H 143 -16.75 59.03 -18.85
C LEU H 143 -17.79 59.65 -17.94
N ILE H 144 -17.41 59.93 -16.68
CA ILE H 144 -18.34 60.42 -15.67
C ILE H 144 -17.95 61.85 -15.30
N ARG H 145 -18.95 62.73 -15.21
CA ARG H 145 -18.76 64.11 -14.78
C ARG H 145 -19.56 64.35 -13.51
N ARG H 146 -19.01 65.21 -12.64
CA ARG H 146 -19.61 65.71 -11.38
C ARG H 146 -19.79 64.64 -10.30
N SER I 2 -41.08 -38.53 45.58
CA SER I 2 -39.88 -38.79 44.79
C SER I 2 -40.21 -38.83 43.31
N VAL I 3 -41.31 -38.18 42.94
CA VAL I 3 -41.76 -38.12 41.56
C VAL I 3 -41.77 -36.65 41.17
N VAL I 4 -40.80 -36.24 40.35
CA VAL I 4 -40.71 -34.87 39.87
C VAL I 4 -40.57 -34.88 38.35
N GLY I 5 -41.55 -34.31 37.66
CA GLY I 5 -41.52 -34.31 36.20
C GLY I 5 -41.73 -35.71 35.65
N SER I 6 -40.96 -36.03 34.62
CA SER I 6 -41.02 -37.36 34.02
C SER I 6 -40.07 -38.36 34.67
N LEU I 7 -39.25 -37.93 35.62
CA LEU I 7 -38.27 -38.78 36.27
C LEU I 7 -38.60 -39.00 37.73
N ILE I 8 -38.13 -40.14 38.25
CA ILE I 8 -38.41 -40.58 39.61
C ILE I 8 -37.11 -40.96 40.30
N PHE I 9 -37.07 -40.76 41.61
CA PHE I 9 -35.89 -41.04 42.41
C PHE I 9 -36.20 -42.07 43.48
N CYS I 10 -35.15 -42.58 44.10
CA CYS I 10 -35.29 -43.46 45.24
C CYS I 10 -35.55 -42.64 46.49
N LEU I 11 -36.35 -43.20 47.41
CA LEU I 11 -36.66 -42.52 48.66
C LEU I 11 -35.58 -42.69 49.71
N ASP I 12 -34.53 -43.46 49.43
CA ASP I 12 -33.54 -43.78 50.45
C ASP I 12 -32.11 -43.42 50.06
N CYS I 13 -31.80 -43.33 48.78
CA CYS I 13 -30.49 -42.86 48.34
C CYS I 13 -30.55 -41.80 47.26
N GLY I 14 -31.74 -41.43 46.79
CA GLY I 14 -31.87 -40.39 45.81
C GLY I 14 -31.39 -40.75 44.43
N ASP I 15 -31.20 -42.04 44.15
CA ASP I 15 -30.70 -42.44 42.85
C ASP I 15 -31.83 -42.41 41.83
N LEU I 16 -31.49 -42.01 40.60
CA LEU I 16 -32.46 -41.93 39.52
C LEU I 16 -32.89 -43.33 39.12
N LEU I 17 -34.16 -43.66 39.36
CA LEU I 17 -34.68 -44.97 39.02
C LEU I 17 -34.80 -45.13 37.51
N GLU I 18 -35.03 -46.36 37.09
CA GLU I 18 -35.16 -46.66 35.68
C GLU I 18 -36.50 -46.18 35.15
N ASN I 19 -36.62 -46.18 33.83
CA ASN I 19 -37.89 -45.88 33.18
C ASN I 19 -38.88 -46.99 33.49
N PRO I 20 -40.05 -46.69 34.06
CA PRO I 20 -40.97 -47.75 34.49
C PRO I 20 -41.72 -48.46 33.37
N ASN I 21 -41.32 -48.31 32.11
CA ASN I 21 -41.86 -49.12 31.04
C ASN I 21 -40.79 -49.88 30.27
N ALA I 22 -39.54 -49.84 30.72
CA ALA I 22 -38.48 -50.71 30.22
C ALA I 22 -38.14 -51.81 31.20
N VAL I 23 -38.86 -51.90 32.31
CA VAL I 23 -38.61 -52.88 33.37
C VAL I 23 -39.79 -53.85 33.36
N LEU I 24 -39.53 -55.09 33.78
CA LEU I 24 -40.59 -56.08 33.97
C LEU I 24 -41.59 -55.60 35.02
N GLY I 25 -42.83 -56.10 34.90
CA GLY I 25 -43.95 -55.46 35.54
C GLY I 25 -43.99 -55.63 37.05
N SER I 26 -44.77 -54.75 37.68
CA SER I 26 -45.15 -54.67 39.09
C SER I 26 -44.02 -54.27 40.03
N ASN I 27 -42.78 -54.14 39.54
CA ASN I 27 -41.63 -53.88 40.40
C ASN I 27 -40.63 -53.00 39.68
N VAL I 28 -40.18 -51.95 40.37
CA VAL I 28 -39.09 -51.10 39.89
C VAL I 28 -38.02 -51.11 40.98
N GLU I 29 -36.82 -51.55 40.62
CA GLU I 29 -35.74 -51.77 41.58
C GLU I 29 -34.65 -50.73 41.41
N CYS I 30 -34.16 -50.21 42.53
CA CYS I 30 -33.02 -49.30 42.52
C CYS I 30 -31.75 -50.07 42.18
N SER I 31 -30.67 -49.32 41.94
CA SER I 31 -29.39 -49.93 41.62
C SER I 31 -28.34 -49.74 42.71
N GLN I 32 -28.62 -48.94 43.73
CA GLN I 32 -27.70 -48.79 44.85
C GLN I 32 -28.30 -49.30 46.15
N CYS I 33 -29.47 -48.81 46.55
CA CYS I 33 -30.17 -49.44 47.66
C CYS I 33 -30.86 -50.72 47.24
N LYS I 34 -31.16 -50.87 45.95
CA LYS I 34 -31.99 -51.94 45.39
C LYS I 34 -33.33 -52.05 46.09
N ALA I 35 -33.90 -50.91 46.44
CA ALA I 35 -35.21 -50.85 47.07
C ALA I 35 -36.26 -51.03 45.99
N ILE I 36 -36.97 -52.14 46.03
CA ILE I 36 -37.95 -52.47 45.00
C ILE I 36 -39.21 -51.65 45.25
N TYR I 37 -39.56 -50.78 44.31
CA TYR I 37 -40.78 -49.99 44.32
C TYR I 37 -41.84 -50.65 43.45
N PRO I 38 -43.10 -50.63 43.89
CA PRO I 38 -44.19 -51.14 43.05
C PRO I 38 -44.40 -50.26 41.83
N LYS I 39 -44.37 -50.89 40.64
CA LYS I 39 -44.62 -50.17 39.40
C LYS I 39 -46.04 -49.65 39.33
N SER I 40 -46.97 -50.34 39.99
CA SER I 40 -48.37 -49.89 40.05
C SER I 40 -48.47 -48.58 40.82
N GLN I 41 -49.07 -47.59 40.15
CA GLN I 41 -49.35 -46.23 40.63
C GLN I 41 -48.16 -45.56 41.32
N PHE I 42 -47.11 -45.31 40.54
CA PHE I 42 -46.25 -44.18 40.89
C PHE I 42 -47.11 -42.93 40.78
N SER I 43 -47.51 -42.63 39.56
CA SER I 43 -48.41 -41.56 39.17
C SER I 43 -48.78 -41.81 37.70
N ASN I 44 -49.38 -40.82 37.07
CA ASN I 44 -49.44 -40.74 35.61
C ASN I 44 -48.44 -39.67 35.22
N LEU I 45 -47.32 -40.08 34.63
CA LEU I 45 -46.18 -39.19 34.42
C LEU I 45 -46.47 -38.18 33.32
N LYS I 46 -46.96 -37.01 33.72
CA LYS I 46 -47.39 -35.98 32.79
C LYS I 46 -46.48 -34.77 32.93
N VAL I 47 -46.02 -34.25 31.79
CA VAL I 47 -45.24 -33.01 31.77
C VAL I 47 -45.69 -32.16 30.59
N VAL I 48 -46.10 -30.94 30.88
CA VAL I 48 -46.55 -30.00 29.86
C VAL I 48 -45.43 -28.98 29.62
N THR I 49 -45.26 -28.60 28.35
CA THR I 49 -44.15 -27.72 27.96
C THR I 49 -44.65 -26.74 26.92
N THR I 50 -44.96 -25.52 27.35
CA THR I 50 -45.29 -24.45 26.44
C THR I 50 -44.02 -24.03 25.69
N THR I 51 -44.19 -23.59 24.44
CA THR I 51 -43.08 -23.11 23.63
C THR I 51 -42.51 -21.81 24.19
N ALA I 52 -41.36 -21.41 23.65
CA ALA I 52 -40.45 -20.49 24.32
C ALA I 52 -40.90 -19.03 24.32
N ASP I 53 -41.96 -18.68 23.58
CA ASP I 53 -42.58 -17.35 23.41
C ASP I 53 -41.67 -16.38 22.65
N ASP I 54 -40.46 -16.81 22.30
CA ASP I 54 -39.60 -16.14 21.33
C ASP I 54 -39.40 -17.03 20.12
N ALA I 55 -40.04 -18.20 20.10
CA ALA I 55 -39.71 -19.23 19.13
C ALA I 55 -40.28 -18.93 17.76
N PHE I 56 -41.38 -18.21 17.69
CA PHE I 56 -42.09 -17.96 16.43
C PHE I 56 -42.19 -16.46 16.22
N PRO I 57 -41.15 -15.81 15.70
CA PRO I 57 -41.26 -14.38 15.40
C PRO I 57 -42.04 -14.16 14.13
N SER I 58 -42.88 -13.12 14.14
CA SER I 58 -43.73 -12.83 12.99
C SER I 58 -44.10 -11.37 13.02
N SER I 59 -44.80 -10.93 11.97
CA SER I 59 -45.36 -9.60 11.96
C SER I 59 -46.58 -9.48 12.86
N LEU I 60 -47.24 -10.59 13.15
CA LEU I 60 -48.47 -10.58 13.91
C LEU I 60 -48.24 -10.69 15.40
N ARG I 61 -47.11 -11.27 15.81
CA ARG I 61 -46.73 -11.32 17.22
C ARG I 61 -46.38 -9.93 17.73
N ALA I 62 -45.86 -9.06 16.86
CA ALA I 62 -45.52 -7.69 17.26
C ALA I 62 -46.76 -6.87 17.60
N LYS I 63 -47.92 -7.22 17.05
CA LYS I 63 -49.16 -6.54 17.39
C LYS I 63 -49.73 -6.95 18.74
N LYS I 64 -49.18 -7.99 19.37
CA LYS I 64 -49.73 -8.47 20.64
C LYS I 64 -49.36 -7.53 21.78
N SER I 65 -48.07 -7.25 21.95
CA SER I 65 -47.61 -6.45 23.07
C SER I 65 -47.76 -4.95 22.84
N VAL I 66 -47.87 -4.51 21.58
CA VAL I 66 -48.08 -3.10 21.32
C VAL I 66 -49.53 -2.71 21.63
N VAL I 67 -50.48 -3.45 21.09
CA VAL I 67 -51.89 -3.19 21.37
C VAL I 67 -52.31 -3.85 22.68
N MET J 1 19.91 22.87 27.07
CA MET J 1 20.78 22.37 28.11
C MET J 1 21.37 23.52 28.91
N ILE J 2 22.12 24.39 28.23
CA ILE J 2 22.65 25.61 28.81
C ILE J 2 21.97 26.78 28.09
N VAL J 3 22.05 27.97 28.68
CA VAL J 3 21.25 29.14 28.27
C VAL J 3 21.63 29.57 26.86
N PRO J 4 20.66 29.80 25.96
CA PRO J 4 20.99 30.14 24.59
C PRO J 4 21.53 31.56 24.48
N VAL J 5 22.73 31.68 23.94
CA VAL J 5 23.21 32.96 23.45
C VAL J 5 22.33 33.35 22.27
N ARG J 6 21.95 34.64 22.19
CA ARG J 6 21.40 35.24 20.98
C ARG J 6 20.10 34.61 20.50
N CYS J 7 18.98 35.01 21.13
CA CYS J 7 17.65 34.41 20.95
C CYS J 7 17.23 34.23 19.50
N PHE J 8 16.34 33.26 19.29
CA PHE J 8 16.13 32.58 18.02
C PHE J 8 15.34 33.39 17.00
N SER J 9 14.72 34.50 17.38
CA SER J 9 13.84 35.20 16.47
C SER J 9 14.44 36.50 15.94
N CYS J 10 14.88 37.40 16.82
CA CYS J 10 15.49 38.64 16.36
C CYS J 10 17.02 38.57 16.41
N GLY J 11 17.58 38.08 17.50
CA GLY J 11 19.01 37.98 17.60
C GLY J 11 19.57 38.79 18.74
N LYS J 12 18.72 39.13 19.70
CA LYS J 12 19.15 39.85 20.88
C LYS J 12 19.96 38.94 21.78
N VAL J 13 21.06 39.45 22.32
CA VAL J 13 21.89 38.68 23.23
C VAL J 13 21.13 38.44 24.52
N VAL J 14 20.97 37.16 24.86
CA VAL J 14 20.07 36.71 25.91
C VAL J 14 20.88 35.90 26.92
N GLY J 15 21.98 35.31 26.46
CA GLY J 15 22.74 34.36 27.24
C GLY J 15 23.44 34.93 28.46
N ASP J 16 23.54 36.25 28.57
CA ASP J 16 24.09 36.87 29.77
C ASP J 16 23.03 37.15 30.83
N LYS J 17 21.79 36.78 30.58
CA LYS J 17 20.68 37.19 31.44
C LYS J 17 20.09 36.03 32.24
N TRP J 18 20.72 34.86 32.23
CA TRP J 18 20.17 33.77 33.01
C TRP J 18 20.52 33.88 34.48
N GLU J 19 21.79 34.16 34.80
CA GLU J 19 22.17 34.23 36.20
C GLU J 19 21.66 35.49 36.88
N SER J 20 21.32 36.53 36.12
CA SER J 20 20.70 37.71 36.71
C SER J 20 19.23 37.47 37.00
N TYR J 21 18.58 36.66 36.16
CA TYR J 21 17.17 36.35 36.33
C TYR J 21 16.90 35.55 37.59
N LEU J 22 17.73 34.54 37.84
CA LEU J 22 17.59 33.78 39.08
C LEU J 22 17.98 34.60 40.30
N ASN J 23 18.82 35.62 40.11
CA ASN J 23 19.08 36.56 41.19
C ASN J 23 17.87 37.45 41.42
N LEU J 24 17.19 37.84 40.34
CA LEU J 24 16.02 38.72 40.43
C LEU J 24 14.73 37.97 40.71
N LEU J 25 14.78 36.65 40.92
CA LEU J 25 13.63 35.90 41.40
C LEU J 25 13.76 35.42 42.84
N GLN J 26 14.98 35.20 43.32
CA GLN J 26 15.19 34.66 44.64
C GLN J 26 15.54 35.75 45.65
N GLU J 27 16.60 36.52 45.38
CA GLU J 27 16.98 37.59 46.30
C GLU J 27 15.99 38.75 46.25
N ASP J 28 15.87 39.40 45.10
CA ASP J 28 14.81 40.38 44.91
C ASP J 28 13.53 39.63 44.59
N GLU J 29 12.59 39.60 45.54
CA GLU J 29 11.38 38.79 45.41
C GLU J 29 10.46 39.44 44.39
N LEU J 30 10.66 39.07 43.13
CA LEU J 30 9.83 39.54 42.03
C LEU J 30 9.11 38.37 41.38
N ASP J 31 8.03 38.69 40.66
CA ASP J 31 7.42 37.73 39.78
C ASP J 31 8.17 37.69 38.45
N GLU J 32 7.79 36.77 37.57
CA GLU J 32 8.55 36.58 36.34
C GLU J 32 8.30 37.67 35.31
N GLY J 33 7.17 38.37 35.41
CA GLY J 33 6.85 39.41 34.47
C GLY J 33 7.66 40.67 34.70
N THR J 34 7.86 41.02 35.97
CA THR J 34 8.66 42.20 36.27
C THR J 34 10.15 41.93 36.02
N ALA J 35 10.61 40.70 36.30
CA ALA J 35 12.02 40.39 36.16
C ALA J 35 12.45 40.33 34.70
N LEU J 36 11.56 39.92 33.80
CA LEU J 36 11.88 39.96 32.38
C LEU J 36 11.88 41.39 31.85
N SER J 37 11.10 42.28 32.48
CA SER J 37 11.09 43.66 32.05
C SER J 37 12.27 44.45 32.59
N ARG J 38 12.79 44.07 33.76
CA ARG J 38 13.93 44.78 34.32
C ARG J 38 15.23 44.42 33.62
N LEU J 39 15.33 43.20 33.10
CA LEU J 39 16.52 42.80 32.36
C LEU J 39 16.56 43.36 30.95
N GLY J 40 15.53 44.07 30.51
CA GLY J 40 15.53 44.68 29.20
C GLY J 40 14.91 43.83 28.11
N LEU J 41 14.21 42.76 28.45
CA LEU J 41 13.59 41.87 27.48
C LEU J 41 12.17 42.34 27.24
N LYS J 42 11.96 43.07 26.15
CA LYS J 42 10.67 43.67 25.85
C LYS J 42 9.86 42.86 24.84
N ARG J 43 10.47 42.47 23.73
CA ARG J 43 9.77 41.68 22.73
C ARG J 43 9.48 40.29 23.26
N TYR J 44 8.28 39.77 22.97
CA TYR J 44 7.88 38.51 23.59
C TYR J 44 8.61 37.31 23.02
N CYS J 45 9.31 37.46 21.90
CA CYS J 45 10.22 36.41 21.48
C CYS J 45 11.45 36.35 22.36
N CYS J 46 11.93 37.52 22.80
CA CYS J 46 13.03 37.56 23.75
C CYS J 46 12.59 37.11 25.13
N ARG J 47 11.32 37.35 25.47
CA ARG J 47 10.86 37.05 26.82
C ARG J 47 10.71 35.55 27.04
N ARG J 48 10.36 34.79 26.01
CA ARG J 48 10.16 33.35 26.16
C ARG J 48 11.45 32.55 26.12
N MET J 49 12.61 33.20 26.13
CA MET J 49 13.88 32.50 26.24
C MET J 49 14.29 32.28 27.68
N ILE J 50 14.22 33.34 28.47
CA ILE J 50 14.60 33.27 29.87
C ILE J 50 13.45 32.80 30.73
N LEU J 51 12.21 33.03 30.29
CA LEU J 51 11.05 32.51 31.00
C LEU J 51 10.97 30.99 30.92
N THR J 52 11.34 30.40 29.78
CA THR J 52 11.16 28.98 29.55
C THR J 52 12.47 28.24 29.37
N HIS J 53 13.56 28.71 29.96
CA HIS J 53 14.78 27.93 29.89
C HIS J 53 14.80 26.90 31.01
N VAL J 54 15.16 25.68 30.65
CA VAL J 54 15.13 24.56 31.59
C VAL J 54 16.39 24.55 32.46
N ASP J 55 17.54 24.94 31.88
CA ASP J 55 18.85 24.90 32.51
C ASP J 55 19.18 23.48 32.97
N LEU J 56 19.17 22.58 32.01
CA LEU J 56 19.31 21.16 32.27
C LEU J 56 20.76 20.75 32.39
N ILE J 57 21.70 21.68 32.16
CA ILE J 57 23.13 21.39 32.28
C ILE J 57 23.50 21.08 33.73
N GLU J 58 22.74 21.61 34.70
CA GLU J 58 23.03 21.32 36.10
C GLU J 58 22.71 19.88 36.46
N LYS J 59 21.79 19.25 35.73
CA LYS J 59 21.53 17.83 35.95
C LYS J 59 22.58 16.98 35.23
N PHE J 60 23.11 17.46 34.11
CA PHE J 60 24.21 16.77 33.43
C PHE J 60 25.49 16.78 34.25
N LEU J 61 25.78 17.89 34.94
CA LEU J 61 27.09 18.09 35.54
C LEU J 61 27.35 17.23 36.76
N ARG J 62 26.34 16.55 37.29
CA ARG J 62 26.56 15.70 38.45
C ARG J 62 27.06 14.32 38.08
N TYR J 63 27.33 14.08 36.79
CA TYR J 63 27.96 12.86 36.31
C TYR J 63 29.33 13.30 35.81
N ASN J 64 30.28 13.35 36.73
CA ASN J 64 31.63 13.78 36.42
C ASN J 64 32.53 12.56 36.49
N PRO J 65 32.95 11.99 35.36
CA PRO J 65 33.81 10.80 35.40
C PRO J 65 35.24 11.08 35.78
N LEU J 66 35.61 12.34 36.04
CA LEU J 66 36.98 12.73 36.25
C LEU J 66 37.26 13.08 37.72
N GLU J 67 36.38 12.65 38.62
CA GLU J 67 36.59 12.88 40.04
C GLU J 67 35.92 11.75 40.81
N LYS J 68 36.52 11.37 41.93
CA LYS J 68 35.95 10.37 42.82
C LYS J 68 34.68 10.90 43.50
N ARG J 69 33.87 9.97 44.00
CA ARG J 69 32.59 10.33 44.56
C ARG J 69 32.24 9.44 45.75
N GLU K 45 31.41 39.49 -15.27
CA GLU K 45 30.33 38.52 -15.37
C GLU K 45 29.22 38.83 -14.39
N LYS K 46 29.31 40.00 -13.76
CA LYS K 46 28.29 40.42 -12.80
C LYS K 46 26.98 40.76 -13.49
N ILE K 47 27.00 41.75 -14.38
CA ILE K 47 25.86 42.07 -15.23
C ILE K 47 26.08 41.37 -16.57
N LYS K 48 24.99 40.82 -17.11
CA LYS K 48 25.07 40.07 -18.37
C LYS K 48 23.78 40.28 -19.14
N LEU K 49 23.90 40.71 -20.39
CA LEU K 49 22.73 40.91 -21.24
C LEU K 49 22.31 39.56 -21.83
N LEU K 50 21.09 39.15 -21.51
CA LEU K 50 20.54 37.91 -22.04
C LEU K 50 20.23 38.09 -23.52
N THR K 51 20.99 37.39 -24.36
CA THR K 51 20.92 37.63 -25.80
C THR K 51 19.65 37.04 -26.42
N GLN K 52 19.05 36.03 -25.78
CA GLN K 52 17.86 35.42 -26.34
C GLN K 52 16.59 36.21 -26.04
N ALA K 53 16.69 37.25 -25.21
CA ALA K 53 15.55 38.06 -24.85
C ALA K 53 15.67 39.51 -25.28
N THR K 54 16.83 39.94 -25.75
CA THR K 54 16.99 41.31 -26.20
C THR K 54 16.33 41.49 -27.57
N SER K 55 16.10 42.75 -27.93
CA SER K 55 15.58 43.12 -29.23
C SER K 55 16.70 43.68 -30.09
N GLU K 56 16.48 43.64 -31.41
CA GLU K 56 17.49 44.17 -32.33
C GLU K 56 17.54 45.68 -32.28
N ASP K 57 16.40 46.33 -31.99
CA ASP K 57 16.37 47.78 -31.88
C ASP K 57 17.10 48.27 -30.65
N GLY K 58 17.25 47.42 -29.64
CA GLY K 58 17.85 47.80 -28.39
C GLY K 58 16.88 48.38 -27.38
N THR K 59 15.61 48.53 -27.74
CA THR K 59 14.63 49.08 -26.82
C THR K 59 14.20 48.07 -25.78
N SER K 60 14.07 46.80 -26.16
CA SER K 60 13.70 45.74 -25.25
C SER K 60 14.90 44.85 -25.00
N ALA K 61 15.23 44.61 -23.74
CA ALA K 61 16.36 43.78 -23.38
C ALA K 61 16.20 43.33 -21.94
N SER K 62 16.61 42.09 -21.66
CA SER K 62 16.63 41.54 -20.32
C SER K 62 18.07 41.53 -19.81
N PHE K 63 18.21 41.57 -18.50
CA PHE K 63 19.51 41.57 -17.86
C PHE K 63 19.53 40.48 -16.79
N GLN K 64 20.71 39.97 -16.50
CA GLN K 64 20.87 38.93 -15.49
C GLN K 64 22.01 39.33 -14.57
N ILE K 65 21.69 39.62 -13.32
CA ILE K 65 22.68 40.02 -12.33
C ILE K 65 22.89 38.85 -11.38
N VAL K 66 24.14 38.51 -11.13
CA VAL K 66 24.44 37.44 -10.19
C VAL K 66 24.50 38.01 -8.78
N GLU K 67 24.25 37.11 -7.81
CA GLU K 67 24.22 37.34 -6.35
C GLU K 67 23.52 38.65 -5.94
N GLU K 68 22.30 38.83 -6.44
CA GLU K 68 21.45 39.94 -6.00
C GLU K 68 20.06 39.42 -5.66
N ASP K 69 19.57 39.84 -4.51
CA ASP K 69 18.29 39.48 -3.93
C ASP K 69 17.25 40.54 -4.32
N HIS K 70 16.13 40.59 -3.60
CA HIS K 70 15.14 41.66 -3.70
C HIS K 70 15.68 43.04 -3.30
N THR K 71 16.86 43.11 -2.66
CA THR K 71 17.35 44.37 -2.10
C THR K 71 17.62 45.39 -3.21
N LEU K 72 18.37 44.99 -4.21
CA LEU K 72 18.70 45.88 -5.31
C LEU K 72 17.67 45.87 -6.40
N GLY K 73 17.05 44.72 -6.66
CA GLY K 73 16.13 44.60 -7.77
C GLY K 73 14.84 45.37 -7.59
N ASN K 74 14.36 45.49 -6.35
CA ASN K 74 13.17 46.29 -6.11
C ASN K 74 13.49 47.78 -6.11
N ALA K 75 14.67 48.14 -5.59
CA ALA K 75 15.06 49.54 -5.58
C ALA K 75 15.39 50.03 -6.98
N LEU K 76 16.01 49.19 -7.80
CA LEU K 76 16.33 49.60 -9.16
C LEU K 76 15.10 49.62 -10.05
N ARG K 77 14.10 48.79 -9.75
CA ARG K 77 12.87 48.80 -10.53
C ARG K 77 12.06 50.05 -10.26
N TYR K 78 12.06 50.52 -9.02
CA TYR K 78 11.29 51.72 -8.68
C TYR K 78 11.89 52.97 -9.31
N VAL K 79 13.21 53.08 -9.30
CA VAL K 79 13.88 54.28 -9.76
C VAL K 79 13.76 54.43 -11.27
N ILE K 80 13.75 53.31 -12.01
CA ILE K 80 13.69 53.43 -13.46
C ILE K 80 12.27 53.37 -13.99
N MET K 81 11.29 52.97 -13.18
CA MET K 81 9.91 53.25 -13.56
C MET K 81 9.53 54.71 -13.41
N LYS K 82 10.37 55.51 -12.74
CA LYS K 82 10.20 56.96 -12.71
C LYS K 82 10.67 57.63 -13.99
N ASN K 83 11.34 56.90 -14.87
CA ASN K 83 11.79 57.44 -16.14
C ASN K 83 10.60 57.54 -17.08
N PRO K 84 10.32 58.72 -17.66
CA PRO K 84 9.20 58.83 -18.60
C PRO K 84 9.45 58.26 -19.99
N ASP K 85 10.44 57.39 -20.16
CA ASP K 85 10.65 56.68 -21.41
C ASP K 85 10.53 55.18 -21.25
N VAL K 86 10.56 54.66 -20.03
CA VAL K 86 10.47 53.22 -19.80
C VAL K 86 9.03 52.77 -19.99
N GLU K 87 8.82 51.82 -20.90
CA GLU K 87 7.49 51.28 -21.14
C GLU K 87 7.18 50.16 -20.15
N PHE K 88 8.05 49.16 -20.09
CA PHE K 88 7.88 48.03 -19.20
C PHE K 88 9.13 47.90 -18.34
N CYS K 89 8.94 47.57 -17.07
CA CYS K 89 10.07 47.21 -16.23
C CYS K 89 9.60 46.31 -15.09
N GLY K 90 10.44 45.36 -14.72
CA GLY K 90 10.17 44.51 -13.58
C GLY K 90 11.36 43.62 -13.33
N TYR K 91 11.43 43.10 -12.11
CA TYR K 91 12.49 42.18 -11.73
C TYR K 91 11.87 40.81 -11.44
N SER K 92 12.69 39.78 -11.52
CA SER K 92 12.23 38.42 -11.26
C SER K 92 13.40 37.58 -10.80
N ILE K 93 13.14 36.69 -9.86
CA ILE K 93 14.10 35.68 -9.42
C ILE K 93 13.71 34.35 -10.07
N PRO K 94 14.64 33.66 -10.74
CA PRO K 94 14.29 32.39 -11.37
C PRO K 94 14.01 31.31 -10.36
N HIS K 95 14.77 31.28 -9.27
CA HIS K 95 14.57 30.34 -8.18
C HIS K 95 15.24 30.97 -6.99
N PRO K 96 14.64 30.89 -5.79
CA PRO K 96 15.24 31.55 -4.62
C PRO K 96 16.51 30.88 -4.15
N SER K 97 16.68 29.59 -4.42
CA SER K 97 17.85 28.86 -3.96
C SER K 97 19.10 29.15 -4.78
N GLU K 98 18.97 29.85 -5.90
CA GLU K 98 20.10 30.28 -6.71
C GLU K 98 20.19 31.80 -6.64
N ASN K 99 21.39 32.32 -6.41
CA ASN K 99 21.59 33.76 -6.23
C ASN K 99 21.69 34.44 -7.59
N LEU K 100 20.53 34.56 -8.24
CA LEU K 100 20.39 35.17 -9.55
C LEU K 100 19.23 36.15 -9.52
N LEU K 101 19.20 37.05 -10.51
CA LEU K 101 18.18 38.09 -10.56
C LEU K 101 18.06 38.58 -11.99
N ASN K 102 16.88 38.41 -12.59
CA ASN K 102 16.61 38.95 -13.91
C ASN K 102 15.82 40.25 -13.83
N ILE K 103 16.10 41.16 -14.75
CA ILE K 103 15.41 42.45 -14.82
C ILE K 103 15.10 42.76 -16.28
N ARG K 104 13.82 43.00 -16.58
CA ARG K 104 13.37 43.42 -17.89
C ARG K 104 13.31 44.94 -17.94
N ILE K 105 13.78 45.51 -19.05
CA ILE K 105 13.54 46.92 -19.35
C ILE K 105 13.08 47.00 -20.80
N GLN K 106 11.87 47.52 -21.01
CA GLN K 106 11.37 47.84 -22.34
C GLN K 106 11.04 49.31 -22.36
N THR K 107 11.37 49.98 -23.46
CA THR K 107 11.16 51.41 -23.56
C THR K 107 10.45 51.75 -24.86
N TYR K 108 9.96 52.99 -24.95
CA TYR K 108 9.14 53.42 -26.07
C TYR K 108 9.96 53.70 -27.33
N GLY K 109 11.25 53.90 -27.19
CA GLY K 109 12.08 54.36 -28.28
C GLY K 109 13.02 55.43 -27.77
N GLU K 110 13.79 56.01 -28.69
CA GLU K 110 14.69 57.17 -28.52
C GLU K 110 15.71 57.00 -27.38
N THR K 111 15.91 55.78 -26.89
CA THR K 111 16.79 55.39 -25.81
C THR K 111 16.88 53.88 -25.85
N THR K 112 18.08 53.32 -25.70
CA THR K 112 18.17 51.88 -25.63
C THR K 112 17.91 51.41 -24.20
N ALA K 113 17.66 50.10 -24.06
CA ALA K 113 17.38 49.55 -22.74
C ALA K 113 18.61 49.50 -21.85
N VAL K 114 19.80 49.50 -22.44
CA VAL K 114 21.02 49.63 -21.64
C VAL K 114 21.16 51.05 -21.12
N ASP K 115 20.81 52.04 -21.94
CA ASP K 115 20.88 53.43 -21.52
C ASP K 115 19.83 53.78 -20.48
N ALA K 116 18.74 53.02 -20.41
CA ALA K 116 17.81 53.18 -19.31
C ALA K 116 18.37 52.59 -18.02
N LEU K 117 19.04 51.44 -18.11
CA LEU K 117 19.63 50.81 -16.95
C LEU K 117 20.74 51.67 -16.36
N GLN K 118 21.51 52.34 -17.21
CA GLN K 118 22.58 53.21 -16.72
C GLN K 118 22.04 54.46 -16.06
N LYS K 119 20.87 54.93 -16.49
CA LYS K 119 20.26 56.09 -15.85
C LYS K 119 19.66 55.73 -14.51
N GLY K 120 18.99 54.57 -14.42
CA GLY K 120 18.43 54.12 -13.17
C GLY K 120 19.45 53.74 -12.12
N LEU K 121 20.64 53.33 -12.55
CA LEU K 121 21.72 53.08 -11.61
C LEU K 121 22.38 54.38 -11.17
N LYS K 122 22.35 55.41 -12.02
CA LYS K 122 22.86 56.72 -11.61
C LYS K 122 21.92 57.38 -10.62
N ASP K 123 20.62 57.21 -10.80
CA ASP K 123 19.65 57.88 -9.95
C ASP K 123 19.34 57.12 -8.67
N LEU K 124 19.63 55.82 -8.62
CA LEU K 124 19.61 55.11 -7.36
C LEU K 124 20.88 55.40 -6.57
N MET K 125 21.94 55.80 -7.26
CA MET K 125 23.14 56.29 -6.58
C MET K 125 22.89 57.62 -5.91
N ASP K 126 22.23 58.55 -6.61
CA ASP K 126 22.01 59.89 -6.06
C ASP K 126 20.92 59.90 -5.01
N LEU K 127 19.99 58.94 -5.07
CA LEU K 127 18.97 58.85 -4.03
C LEU K 127 19.57 58.37 -2.72
N CYS K 128 20.63 57.57 -2.78
CA CYS K 128 21.35 57.16 -1.59
C CYS K 128 22.34 58.22 -1.13
N ASP K 129 22.52 59.29 -1.90
CA ASP K 129 23.43 60.36 -1.57
C ASP K 129 22.70 61.54 -0.94
N VAL K 130 21.37 61.53 -0.96
CA VAL K 130 20.58 62.52 -0.24
C VAL K 130 19.96 61.96 1.03
N VAL K 131 19.77 60.64 1.13
CA VAL K 131 19.38 60.05 2.41
C VAL K 131 20.58 59.90 3.32
N GLU K 132 21.79 60.04 2.78
CA GLU K 132 23.02 60.04 3.54
C GLU K 132 23.35 61.41 4.10
N SER K 133 22.98 62.47 3.38
CA SER K 133 23.29 63.83 3.80
C SER K 133 22.32 64.32 4.86
N LYS K 134 21.01 64.10 4.65
CA LYS K 134 20.04 64.59 5.61
C LYS K 134 20.02 63.78 6.89
N PHE K 135 20.44 62.51 6.85
CA PHE K 135 20.64 61.79 8.09
C PHE K 135 21.87 62.29 8.83
N THR K 136 22.83 62.85 8.10
CA THR K 136 24.02 63.44 8.72
C THR K 136 23.72 64.83 9.26
N GLU K 137 22.88 65.60 8.56
CA GLU K 137 22.52 66.93 9.04
C GLU K 137 21.67 66.88 10.30
N LYS K 138 20.89 65.82 10.49
CA LYS K 138 20.09 65.69 11.70
C LYS K 138 20.83 65.01 12.83
N ILE K 139 21.90 64.27 12.54
CA ILE K 139 22.68 63.65 13.60
C ILE K 139 23.77 64.61 14.11
N LYS K 140 24.05 65.68 13.36
CA LYS K 140 24.94 66.72 13.86
C LYS K 140 24.19 67.74 14.71
N SER K 141 22.94 68.05 14.35
CA SER K 141 22.11 68.86 15.22
C SER K 141 21.72 68.09 16.47
N MET K 142 21.07 66.94 16.28
CA MET K 142 20.69 65.98 17.32
C MET K 142 19.85 66.59 18.45
N LEU L 27 49.48 8.75 31.36
CA LEU L 27 48.28 8.07 31.84
C LEU L 27 47.13 8.34 30.86
N LYS L 28 46.62 7.29 30.24
CA LYS L 28 45.67 7.44 29.15
C LYS L 28 44.30 6.85 29.45
N TYR L 29 44.08 6.34 30.66
CA TYR L 29 42.80 5.71 30.95
C TYR L 29 42.29 6.16 32.31
N ILE L 30 40.97 6.03 32.49
CA ILE L 30 40.27 6.39 33.71
C ILE L 30 39.41 5.21 34.10
N CYS L 31 39.48 4.82 35.38
CA CYS L 31 38.56 3.84 35.91
C CYS L 31 37.14 4.39 35.89
N ALA L 32 36.19 3.59 35.42
CA ALA L 32 34.81 4.04 35.40
C ALA L 32 34.20 4.11 36.80
N GLU L 33 34.73 3.33 37.74
CA GLU L 33 34.14 3.31 39.07
C GLU L 33 34.71 4.42 39.96
N CYS L 34 36.01 4.37 40.24
CA CYS L 34 36.61 5.24 41.23
C CYS L 34 37.33 6.45 40.64
N SER L 35 37.31 6.59 39.31
CA SER L 35 37.79 7.76 38.58
C SER L 35 39.27 8.05 38.82
N SER L 36 40.06 7.02 39.11
CA SER L 36 41.49 7.17 39.25
C SER L 36 42.14 6.93 37.90
N LYS L 37 43.01 7.86 37.48
CA LYS L 37 43.66 7.75 36.19
C LYS L 37 44.82 6.75 36.25
N LEU L 38 45.04 6.07 35.14
CA LEU L 38 45.97 4.94 35.10
C LEU L 38 46.43 4.70 33.68
N SER L 39 47.45 3.86 33.54
CA SER L 39 47.96 3.42 32.26
C SER L 39 47.78 1.91 32.15
N LEU L 40 48.18 1.36 30.99
CA LEU L 40 47.91 -0.04 30.71
C LEU L 40 48.93 -0.53 29.68
N SER L 41 49.88 -1.34 30.14
CA SER L 41 50.99 -1.76 29.30
C SER L 41 50.59 -2.97 28.45
N ARG L 42 51.56 -3.57 27.76
CA ARG L 42 51.28 -4.76 26.98
C ARG L 42 51.02 -5.95 27.89
N THR L 43 50.16 -6.87 27.41
CA THR L 43 49.56 -8.04 28.07
C THR L 43 49.20 -7.79 29.53
N ASP L 44 48.70 -6.61 29.84
CA ASP L 44 48.33 -6.25 31.20
C ASP L 44 46.83 -6.38 31.37
N ALA L 45 46.42 -6.74 32.58
CA ALA L 45 45.02 -7.02 32.84
C ALA L 45 44.22 -5.72 32.89
N VAL L 46 43.04 -5.74 32.29
CA VAL L 46 42.18 -4.57 32.27
C VAL L 46 41.46 -4.52 33.61
N ARG L 47 42.04 -3.77 34.54
CA ARG L 47 41.45 -3.51 35.85
C ARG L 47 42.13 -2.28 36.43
N CYS L 48 41.41 -1.58 37.29
CA CYS L 48 42.02 -0.48 38.02
C CYS L 48 42.94 -1.05 39.11
N LYS L 49 44.04 -0.35 39.36
CA LYS L 49 44.99 -0.78 40.37
C LYS L 49 44.52 -0.47 41.79
N ASP L 50 43.40 0.25 41.94
CA ASP L 50 42.90 0.63 43.25
C ASP L 50 41.61 -0.10 43.63
N CYS L 51 40.89 -0.62 42.66
CA CYS L 51 39.72 -1.45 42.91
C CYS L 51 39.52 -2.37 41.71
N GLY L 52 38.98 -3.54 41.96
CA GLY L 52 38.81 -4.51 40.89
C GLY L 52 37.64 -4.20 40.00
N HIS L 53 37.78 -3.17 39.16
CA HIS L 53 36.72 -2.79 38.23
C HIS L 53 37.23 -2.96 36.82
N ARG L 54 36.41 -3.54 35.95
CA ARG L 54 36.86 -4.05 34.67
C ARG L 54 36.62 -3.10 33.51
N ILE L 55 36.09 -1.90 33.76
CA ILE L 55 35.75 -0.98 32.67
C ILE L 55 36.65 0.24 32.79
N LEU L 56 37.45 0.48 31.75
CA LEU L 56 38.32 1.64 31.68
C LEU L 56 37.76 2.62 30.64
N LEU L 57 37.88 3.91 30.96
CA LEU L 57 37.46 5.00 30.08
C LEU L 57 38.72 5.61 29.49
N LYS L 58 38.80 5.65 28.16
CA LYS L 58 39.97 6.25 27.52
C LYS L 58 39.90 7.76 27.67
N ALA L 59 40.87 8.34 28.37
CA ALA L 59 40.88 9.77 28.63
C ALA L 59 41.23 10.55 27.38
N ARG L 60 40.89 11.84 27.39
CA ARG L 60 41.08 12.70 26.23
C ARG L 60 42.43 13.41 26.35
N THR L 61 43.35 13.07 25.47
CA THR L 61 44.65 13.69 25.41
C THR L 61 44.55 14.97 24.57
N LYS L 62 45.40 15.95 24.90
CA LYS L 62 45.43 17.22 24.20
C LYS L 62 45.84 17.09 22.73
N ARG L 63 44.91 17.30 21.82
CA ARG L 63 45.16 17.28 20.38
C ARG L 63 44.30 18.31 19.68
N LEU L 64 44.77 18.76 18.53
CA LEU L 64 44.03 19.73 17.73
C LEU L 64 42.83 19.06 17.06
N VAL L 65 41.65 19.62 17.26
CA VAL L 65 40.44 19.24 16.52
C VAL L 65 39.83 20.51 15.95
N GLN L 66 39.78 20.61 14.63
CA GLN L 66 39.39 21.83 13.94
C GLN L 66 37.89 21.85 13.73
N PHE L 67 37.24 22.90 14.21
CA PHE L 67 35.81 23.11 14.01
C PHE L 67 35.55 24.42 13.28
N GLU L 68 34.43 24.44 12.58
CA GLU L 68 33.87 25.66 12.00
C GLU L 68 32.65 26.02 12.85
N ALA L 69 32.68 27.23 13.41
CA ALA L 69 31.69 27.65 14.41
C ALA L 69 30.36 27.96 13.73
N ARG L 70 29.66 26.91 13.34
CA ARG L 70 28.39 27.03 12.63
C ARG L 70 27.40 25.96 13.10
#